data_3EUA
#
_entry.id   3EUA
#
_cell.length_a   60.857
_cell.length_b   91.822
_cell.length_c   119.041
_cell.angle_alpha   109.300
_cell.angle_beta   100.450
_cell.angle_gamma   96.550
#
_symmetry.space_group_name_H-M   'P 1'
#
loop_
_entity.id
_entity.type
_entity.pdbx_description
1 polymer 'PUTATIVE FRUCTOSE-AMINOACID-6-PHOSPHATE DEGLYCASE'
2 non-polymer 'CITRATE ANION'
3 non-polymer GLYCEROL
4 water water
#
_entity_poly.entity_id   1
_entity_poly.type   'polypeptide(L)'
_entity_poly.pdbx_seq_one_letter_code
;G(MSE)SQATAKVNREVQAFLQDLKGKTIDHVFFVACGGSSAI(MSE)YPSKYVFDRESKSINSDLYSANEFIQRNPVQL
GEKSLVILCSHSGNTPETVKAAAFARGKGALTIA(MSE)TFKPESPLAQEAQYVAQYDWGDEALAINTNYGVLYQIVFGT
LQVLENNTKFEQAIEGLDQLQAVYEKALKQEADNAKQFAKAHEKESIIYT(MSE)ASGANYGVAYSYSICIL(MSE)E
(MSE)QWIHSHAIHAGEYFHGPFEIIDESVPFIILLGLDETRPLEERALTFSKKYGKKLTVLDAASYDFTAIDDSVKGYL
APLVLNRVLRSYADELAEERNHPLSHRRY(MSE)WKVEY
;
_entity_poly.pdbx_strand_id   A,B,C,D,E,F,G,H
#
loop_
_chem_comp.id
_chem_comp.type
_chem_comp.name
_chem_comp.formula
FLC non-polymer 'CITRATE ANION' 'C6 H5 O7 -3'
GOL non-polymer GLYCEROL 'C3 H8 O3'
#
# COMPACT_ATOMS: atom_id res chain seq x y z
N ALA A 5 -4.23 -27.55 -68.67
CA ALA A 5 -3.78 -26.40 -67.83
C ALA A 5 -4.00 -25.05 -68.54
N THR A 6 -3.29 -24.83 -69.63
CA THR A 6 -3.40 -23.60 -70.42
C THR A 6 -4.85 -23.28 -70.86
N ALA A 7 -5.64 -24.33 -71.09
CA ALA A 7 -7.05 -24.17 -71.47
C ALA A 7 -7.90 -23.54 -70.38
N LYS A 8 -7.44 -23.63 -69.14
CA LYS A 8 -8.14 -23.07 -67.98
C LYS A 8 -7.67 -21.65 -67.67
N VAL A 9 -6.64 -21.16 -68.37
CA VAL A 9 -6.10 -19.83 -68.12
C VAL A 9 -6.92 -18.75 -68.80
N ASN A 10 -7.18 -17.68 -68.06
CA ASN A 10 -7.87 -16.49 -68.54
C ASN A 10 -7.28 -16.13 -69.91
N ARG A 11 -8.14 -15.91 -70.91
CA ARG A 11 -7.65 -15.60 -72.27
C ARG A 11 -6.74 -14.38 -72.36
N GLU A 12 -7.01 -13.39 -71.52
CA GLU A 12 -6.20 -12.19 -71.50
C GLU A 12 -4.81 -12.52 -70.94
N VAL A 13 -4.79 -13.38 -69.93
CA VAL A 13 -3.54 -13.84 -69.33
C VAL A 13 -2.78 -14.69 -70.37
N GLN A 14 -3.49 -15.52 -71.12
CA GLN A 14 -2.81 -16.32 -72.16
C GLN A 14 -2.15 -15.43 -73.19
N ALA A 15 -2.83 -14.37 -73.63
CA ALA A 15 -2.27 -13.43 -74.62
C ALA A 15 -1.02 -12.79 -74.06
N PHE A 16 -1.10 -12.33 -72.82
CA PHE A 16 0.08 -11.75 -72.16
C PHE A 16 1.25 -12.74 -72.14
N LEU A 17 1.00 -13.99 -71.74
CA LEU A 17 2.06 -14.99 -71.69
C LEU A 17 2.66 -15.30 -73.08
N GLN A 18 1.81 -15.29 -74.11
CA GLN A 18 2.28 -15.49 -75.47
C GLN A 18 3.24 -14.38 -75.83
N ASP A 19 2.86 -13.14 -75.54
CA ASP A 19 3.71 -11.99 -75.85
C ASP A 19 4.97 -11.93 -74.98
N LEU A 20 4.89 -12.48 -73.77
CA LEU A 20 6.01 -12.47 -72.84
C LEU A 20 7.20 -13.32 -73.33
N LYS A 21 6.91 -14.37 -74.11
CA LYS A 21 7.92 -15.26 -74.60
C LYS A 21 9.04 -14.51 -75.33
N GLY A 22 10.27 -14.78 -74.93
CA GLY A 22 11.45 -14.16 -75.55
C GLY A 22 11.83 -12.81 -74.99
N LYS A 23 11.01 -12.25 -74.11
CA LYS A 23 11.32 -10.94 -73.54
C LYS A 23 12.32 -11.10 -72.43
N THR A 24 13.06 -10.03 -72.18
CA THR A 24 14.06 -10.08 -71.12
C THR A 24 13.52 -9.28 -69.97
N ILE A 25 13.22 -9.97 -68.90
CA ILE A 25 12.68 -9.37 -67.68
C ILE A 25 13.60 -9.80 -66.56
N ASP A 26 14.10 -8.85 -65.77
CA ASP A 26 14.95 -9.21 -64.65
C ASP A 26 14.39 -8.79 -63.29
N HIS A 27 13.22 -8.17 -63.29
CA HIS A 27 12.64 -7.65 -62.04
C HIS A 27 11.13 -7.65 -62.12
N VAL A 28 10.46 -8.16 -61.09
CA VAL A 28 9.01 -8.10 -60.99
C VAL A 28 8.64 -7.15 -59.82
N PHE A 29 7.70 -6.24 -60.02
CA PHE A 29 7.20 -5.33 -58.98
C PHE A 29 5.72 -5.62 -58.77
N PHE A 30 5.33 -5.95 -57.53
CA PHE A 30 3.94 -6.17 -57.13
C PHE A 30 3.43 -4.85 -56.53
N VAL A 31 2.57 -4.16 -57.23
CA VAL A 31 2.14 -2.82 -56.83
C VAL A 31 0.63 -2.64 -56.73
N ALA A 32 0.17 -2.30 -55.55
CA ALA A 32 -1.27 -2.09 -55.33
C ALA A 32 -1.43 -1.41 -53.98
N CYS A 33 -2.68 -1.23 -53.54
CA CYS A 33 -2.98 -0.65 -52.25
C CYS A 33 -3.88 -1.52 -51.38
N GLY A 34 -3.60 -1.48 -50.08
CA GLY A 34 -4.37 -2.18 -49.06
C GLY A 34 -4.65 -3.63 -49.36
N GLY A 35 -5.93 -4.00 -49.44
CA GLY A 35 -6.36 -5.36 -49.70
C GLY A 35 -5.78 -5.92 -50.97
N SER A 36 -5.69 -5.06 -51.99
CA SER A 36 -5.13 -5.51 -53.29
C SER A 36 -3.64 -5.74 -53.23
N SER A 37 -2.95 -5.07 -52.31
CA SER A 37 -1.52 -5.29 -52.10
C SER A 37 -1.39 -6.58 -51.33
N ALA A 38 -2.26 -6.77 -50.32
CA ALA A 38 -2.16 -7.98 -49.48
C ALA A 38 -2.27 -9.28 -50.27
N ILE A 39 -3.10 -9.29 -51.32
CA ILE A 39 -3.24 -10.52 -52.12
C ILE A 39 -1.97 -10.90 -52.85
N MSE A 40 -1.00 -9.99 -52.93
CA MSE A 40 0.26 -10.26 -53.63
C MSE A 40 1.38 -10.86 -52.79
O MSE A 40 2.42 -11.26 -53.34
CB MSE A 40 0.77 -8.99 -54.29
CG MSE A 40 -0.05 -8.60 -55.53
SE MSE A 40 0.34 -6.85 -56.17
CE MSE A 40 -1.15 -6.76 -57.35
N TYR A 41 1.18 -10.93 -51.48
CA TYR A 41 2.21 -11.44 -50.60
C TYR A 41 2.57 -12.89 -50.94
N PRO A 42 1.58 -13.75 -51.18
CA PRO A 42 1.89 -15.13 -51.57
C PRO A 42 2.71 -15.20 -52.88
N SER A 43 2.41 -14.31 -53.82
CA SER A 43 3.18 -14.28 -55.09
C SER A 43 4.64 -13.90 -54.86
N LYS A 44 4.90 -13.01 -53.88
CA LYS A 44 6.28 -12.64 -53.53
C LYS A 44 6.95 -13.89 -52.94
N TYR A 45 6.24 -14.63 -52.10
CA TYR A 45 6.78 -15.85 -51.53
C TYR A 45 7.11 -16.86 -52.65
N VAL A 46 6.19 -17.02 -53.62
CA VAL A 46 6.41 -17.91 -54.77
C VAL A 46 7.68 -17.50 -55.51
N PHE A 47 7.78 -16.24 -55.87
CA PHE A 47 9.00 -15.77 -56.54
C PHE A 47 10.25 -16.04 -55.73
N ASP A 48 10.20 -15.82 -54.43
CA ASP A 48 11.38 -16.08 -53.57
C ASP A 48 11.82 -17.54 -53.58
N ARG A 49 10.85 -18.45 -53.61
CA ARG A 49 11.14 -19.89 -53.62
C ARG A 49 11.40 -20.49 -55.01
N GLU A 50 10.89 -19.84 -56.06
CA GLU A 50 10.98 -20.36 -57.42
C GLU A 50 11.85 -19.67 -58.44
N SER A 51 11.98 -18.35 -58.35
CA SER A 51 12.71 -17.61 -59.37
C SER A 51 14.19 -17.56 -59.12
N LYS A 52 14.95 -18.10 -60.07
CA LYS A 52 16.37 -18.10 -60.00
C LYS A 52 16.96 -16.84 -60.62
N SER A 53 16.23 -16.19 -61.54
CA SER A 53 16.75 -15.05 -62.27
C SER A 53 15.99 -13.73 -62.19
N ILE A 54 14.86 -13.68 -61.47
CA ILE A 54 14.07 -12.46 -61.44
C ILE A 54 13.93 -11.94 -60.02
N ASN A 55 14.36 -10.69 -59.84
CA ASN A 55 14.24 -9.95 -58.59
C ASN A 55 12.77 -9.59 -58.38
N SER A 56 12.25 -9.79 -57.19
CA SER A 56 10.86 -9.43 -56.87
C SER A 56 10.81 -8.43 -55.71
N ASP A 57 9.98 -7.41 -55.85
CA ASP A 57 9.74 -6.43 -54.80
C ASP A 57 8.23 -6.15 -54.73
N LEU A 58 7.77 -5.72 -53.56
CA LEU A 58 6.37 -5.44 -53.33
C LEU A 58 6.23 -4.15 -52.62
N TYR A 59 5.37 -3.27 -53.11
CA TYR A 59 5.16 -1.97 -52.47
C TYR A 59 3.73 -1.53 -52.58
N SER A 60 3.32 -0.69 -51.65
CA SER A 60 2.04 -0.02 -51.71
C SER A 60 2.24 0.95 -52.90
N ALA A 61 1.20 1.25 -53.65
CA ALA A 61 1.37 2.05 -54.89
C ALA A 61 2.03 3.40 -54.76
N ASN A 62 1.68 4.17 -53.73
CA ASN A 62 2.26 5.50 -53.62
C ASN A 62 3.70 5.40 -53.12
N GLU A 63 3.98 4.38 -52.30
CA GLU A 63 5.35 4.11 -51.87
C GLU A 63 6.19 3.77 -53.10
N PHE A 64 5.68 2.92 -53.99
CA PHE A 64 6.38 2.56 -55.25
C PHE A 64 6.79 3.76 -56.06
N ILE A 65 5.85 4.67 -56.27
CA ILE A 65 6.10 5.87 -57.08
C ILE A 65 7.15 6.77 -56.46
N GLN A 66 6.99 7.05 -55.17
CA GLN A 66 7.89 7.96 -54.45
C GLN A 66 9.25 7.37 -54.18
N ARG A 67 9.30 6.09 -53.79
CA ARG A 67 10.59 5.43 -53.57
C ARG A 67 11.34 5.34 -54.91
N ASN A 68 10.59 5.23 -56.01
CA ASN A 68 11.13 5.25 -57.38
C ASN A 68 12.36 4.35 -57.52
N PRO A 69 12.15 3.01 -57.41
CA PRO A 69 13.29 2.09 -57.45
C PRO A 69 14.15 2.32 -58.67
N VAL A 70 15.45 2.49 -58.45
CA VAL A 70 16.39 2.75 -59.56
C VAL A 70 16.44 1.60 -60.58
N GLN A 71 16.10 0.38 -60.16
CA GLN A 71 16.10 -0.76 -61.07
C GLN A 71 14.82 -0.88 -61.89
N LEU A 72 13.85 0.03 -61.70
CA LEU A 72 12.63 0.02 -62.50
C LEU A 72 12.95 0.53 -63.89
N GLY A 73 12.59 -0.26 -64.91
CA GLY A 73 12.86 0.14 -66.28
C GLY A 73 12.38 -0.84 -67.32
N GLU A 74 13.06 -0.83 -68.46
CA GLU A 74 12.68 -1.67 -69.61
C GLU A 74 12.73 -3.17 -69.39
N LYS A 75 13.47 -3.62 -68.38
CA LYS A 75 13.55 -5.05 -68.09
C LYS A 75 12.65 -5.38 -66.89
N SER A 76 11.73 -4.49 -66.53
CA SER A 76 10.82 -4.70 -65.40
C SER A 76 9.43 -5.12 -65.85
N LEU A 77 8.79 -5.96 -65.04
CA LEU A 77 7.42 -6.36 -65.17
C LEU A 77 6.74 -5.81 -63.92
N VAL A 78 5.66 -5.05 -64.09
CA VAL A 78 4.94 -4.50 -62.93
C VAL A 78 3.53 -5.07 -62.97
N ILE A 79 3.14 -5.74 -61.89
CA ILE A 79 1.82 -6.34 -61.80
C ILE A 79 1.04 -5.48 -60.82
N LEU A 80 -0.08 -4.93 -61.30
CA LEU A 80 -0.94 -4.06 -60.48
C LEU A 80 -2.33 -4.64 -60.30
N CYS A 81 -2.99 -4.23 -59.23
CA CYS A 81 -4.34 -4.68 -58.97
C CYS A 81 -5.16 -3.61 -58.29
N SER A 82 -6.40 -3.46 -58.73
CA SER A 82 -7.38 -2.55 -58.16
C SER A 82 -8.74 -3.11 -58.51
N HIS A 83 -9.59 -3.32 -57.53
CA HIS A 83 -10.89 -3.89 -57.80
C HIS A 83 -11.73 -3.01 -58.71
N SER A 84 -11.95 -1.78 -58.28
CA SER A 84 -12.74 -0.84 -59.05
C SER A 84 -11.98 -0.35 -60.25
N GLY A 85 -10.65 -0.40 -60.18
CA GLY A 85 -9.80 0.12 -61.24
C GLY A 85 -9.68 1.65 -61.16
N ASN A 86 -10.22 2.24 -60.09
CA ASN A 86 -10.20 3.69 -59.89
C ASN A 86 -9.17 4.17 -58.86
N THR A 87 -8.63 3.26 -58.04
CA THR A 87 -7.70 3.64 -56.98
C THR A 87 -6.64 4.55 -57.58
N PRO A 88 -6.67 5.85 -57.22
CA PRO A 88 -5.79 6.80 -57.92
C PRO A 88 -4.31 6.53 -57.86
N GLU A 89 -3.82 6.01 -56.73
CA GLU A 89 -2.39 5.72 -56.60
C GLU A 89 -1.95 4.55 -57.49
N THR A 90 -2.83 3.57 -57.63
CA THR A 90 -2.52 2.41 -58.46
C THR A 90 -2.58 2.79 -59.94
N VAL A 91 -3.53 3.66 -60.29
CA VAL A 91 -3.65 4.15 -61.65
C VAL A 91 -2.37 4.93 -62.00
N LYS A 92 -1.96 5.81 -61.11
CA LYS A 92 -0.75 6.59 -61.33
C LYS A 92 0.48 5.69 -61.36
N ALA A 93 0.52 4.65 -60.51
CA ALA A 93 1.67 3.74 -60.51
C ALA A 93 1.80 3.02 -61.86
N ALA A 94 0.67 2.68 -62.48
CA ALA A 94 0.68 2.01 -63.80
C ALA A 94 1.28 2.94 -64.84
N ALA A 95 0.83 4.20 -64.84
CA ALA A 95 1.33 5.20 -65.78
C ALA A 95 2.82 5.46 -65.55
N PHE A 96 3.20 5.57 -64.29
CA PHE A 96 4.57 5.79 -63.90
C PHE A 96 5.50 4.68 -64.40
N ALA A 97 5.13 3.43 -64.15
CA ALA A 97 5.91 2.27 -64.58
C ALA A 97 5.96 2.18 -66.10
N ARG A 98 4.82 2.38 -66.76
CA ARG A 98 4.80 2.31 -68.21
C ARG A 98 5.68 3.42 -68.82
N GLY A 99 5.66 4.61 -68.22
CA GLY A 99 6.48 5.74 -68.69
C GLY A 99 7.97 5.45 -68.60
N LYS A 100 8.36 4.57 -67.66
CA LYS A 100 9.75 4.12 -67.50
C LYS A 100 10.11 2.94 -68.43
N GLY A 101 9.21 2.52 -69.29
CA GLY A 101 9.48 1.41 -70.22
C GLY A 101 9.15 0.03 -69.67
N ALA A 102 8.57 -0.03 -68.48
CA ALA A 102 8.23 -1.33 -67.90
C ALA A 102 7.02 -1.96 -68.59
N LEU A 103 6.98 -3.29 -68.55
CA LEU A 103 5.86 -4.07 -69.04
C LEU A 103 4.86 -4.05 -67.89
N THR A 104 3.63 -3.66 -68.17
CA THR A 104 2.61 -3.55 -67.14
C THR A 104 1.39 -4.41 -67.40
N ILE A 105 0.94 -5.09 -66.35
CA ILE A 105 -0.26 -5.88 -66.42
C ILE A 105 -1.09 -5.53 -65.19
N ALA A 106 -2.35 -5.16 -65.41
CA ALA A 106 -3.23 -4.79 -64.35
C ALA A 106 -4.37 -5.78 -64.23
N MSE A 107 -4.68 -6.15 -62.98
CA MSE A 107 -5.81 -6.97 -62.68
C MSE A 107 -6.90 -6.05 -62.14
O MSE A 107 -6.60 -5.11 -61.41
CB MSE A 107 -5.46 -7.97 -61.61
CG MSE A 107 -4.34 -8.87 -61.98
SE MSE A 107 -3.98 -10.05 -60.47
CE MSE A 107 -5.55 -10.77 -60.42
N THR A 108 -8.16 -6.30 -62.52
CA THR A 108 -9.24 -5.50 -62.04
C THR A 108 -10.56 -6.24 -62.24
N PHE A 109 -11.60 -5.78 -61.55
CA PHE A 109 -12.93 -6.31 -61.73
C PHE A 109 -13.64 -5.48 -62.82
N LYS A 110 -13.09 -4.31 -63.14
CA LYS A 110 -13.71 -3.39 -64.12
C LYS A 110 -12.79 -3.05 -65.29
N PRO A 111 -12.98 -3.75 -66.44
CA PRO A 111 -12.19 -3.48 -67.64
C PRO A 111 -12.29 -2.08 -68.32
N GLU A 112 -13.30 -1.26 -68.03
CA GLU A 112 -13.41 0.06 -68.63
C GLU A 112 -12.83 1.13 -67.68
N SER A 113 -12.13 0.69 -66.64
CA SER A 113 -11.59 1.59 -65.64
C SER A 113 -10.32 2.31 -66.04
N PRO A 114 -10.01 3.43 -65.36
CA PRO A 114 -8.76 4.18 -65.56
C PRO A 114 -7.49 3.31 -65.44
N LEU A 115 -7.44 2.35 -64.51
CA LEU A 115 -6.27 1.48 -64.39
C LEU A 115 -6.10 0.64 -65.66
N ALA A 116 -7.21 0.10 -66.15
CA ALA A 116 -7.20 -0.70 -67.35
C ALA A 116 -6.71 0.15 -68.52
N GLN A 117 -7.09 1.42 -68.53
CA GLN A 117 -6.68 2.30 -69.60
C GLN A 117 -5.18 2.56 -69.58
N GLU A 118 -4.58 2.66 -68.38
CA GLU A 118 -3.15 2.93 -68.26
C GLU A 118 -2.26 1.72 -68.48
N ALA A 119 -2.70 0.54 -68.04
CA ALA A 119 -1.90 -0.67 -68.14
C ALA A 119 -1.84 -1.20 -69.56
N GLN A 120 -0.71 -1.79 -69.92
CA GLN A 120 -0.52 -2.33 -71.26
C GLN A 120 -1.35 -3.58 -71.46
N TYR A 121 -1.40 -4.44 -70.45
CA TYR A 121 -2.19 -5.66 -70.47
C TYR A 121 -3.18 -5.61 -69.30
N VAL A 122 -4.37 -6.14 -69.51
CA VAL A 122 -5.42 -6.17 -68.51
C VAL A 122 -5.98 -7.56 -68.36
N ALA A 123 -6.10 -8.03 -67.13
CA ALA A 123 -6.64 -9.33 -66.84
C ALA A 123 -7.76 -9.15 -65.82
N GLN A 124 -8.96 -9.52 -66.15
CA GLN A 124 -10.00 -9.33 -65.19
C GLN A 124 -10.11 -10.56 -64.34
N TYR A 125 -10.81 -10.42 -63.24
CA TYR A 125 -11.07 -11.55 -62.37
C TYR A 125 -12.53 -11.51 -61.98
N ASP A 126 -13.04 -12.65 -61.54
CA ASP A 126 -14.43 -12.71 -61.14
C ASP A 126 -14.52 -12.53 -59.64
N TRP A 127 -15.69 -12.08 -59.20
CA TRP A 127 -15.93 -11.76 -57.83
C TRP A 127 -17.39 -12.06 -57.47
N GLY A 128 -17.60 -12.40 -56.20
CA GLY A 128 -18.93 -12.69 -55.70
C GLY A 128 -19.14 -14.13 -55.38
N ASP A 129 -20.35 -14.43 -54.93
CA ASP A 129 -20.74 -15.77 -54.51
C ASP A 129 -20.58 -16.87 -55.58
N GLU A 130 -20.72 -16.51 -56.85
CA GLU A 130 -20.59 -17.45 -57.93
C GLU A 130 -19.13 -17.64 -58.43
N ALA A 131 -18.21 -16.80 -57.99
CA ALA A 131 -16.82 -16.88 -58.48
C ALA A 131 -16.11 -18.15 -57.99
N LEU A 132 -15.45 -18.87 -58.93
CA LEU A 132 -14.70 -20.07 -58.57
C LEU A 132 -13.25 -19.63 -58.26
N ALA A 133 -12.60 -20.33 -57.34
CA ALA A 133 -11.24 -19.97 -56.90
C ALA A 133 -10.28 -19.59 -58.02
N ILE A 134 -10.20 -20.43 -59.05
CA ILE A 134 -9.28 -20.20 -60.15
C ILE A 134 -9.49 -18.86 -60.88
N ASN A 135 -10.74 -18.37 -60.85
CA ASN A 135 -11.10 -17.11 -61.52
C ASN A 135 -11.13 -15.86 -60.63
N THR A 136 -10.85 -16.05 -59.35
CA THR A 136 -10.86 -14.95 -58.40
C THR A 136 -9.56 -14.16 -58.54
N ASN A 137 -9.49 -13.02 -57.84
CA ASN A 137 -8.29 -12.18 -57.86
C ASN A 137 -7.03 -13.03 -57.51
N TYR A 138 -7.10 -13.81 -56.45
CA TYR A 138 -5.95 -14.68 -56.13
C TYR A 138 -5.66 -15.70 -57.25
N GLY A 139 -6.71 -16.21 -57.89
CA GLY A 139 -6.57 -17.20 -58.97
C GLY A 139 -5.86 -16.64 -60.17
N VAL A 140 -6.36 -15.50 -60.63
CA VAL A 140 -5.82 -14.83 -61.82
C VAL A 140 -4.39 -14.40 -61.58
N LEU A 141 -4.10 -13.92 -60.36
CA LEU A 141 -2.76 -13.49 -60.01
C LEU A 141 -1.78 -14.66 -60.13
N TYR A 142 -2.16 -15.82 -59.62
CA TYR A 142 -1.31 -17.00 -59.76
C TYR A 142 -1.18 -17.49 -61.23
N GLN A 143 -2.22 -17.35 -62.03
CA GLN A 143 -2.09 -17.69 -63.46
C GLN A 143 -0.96 -16.85 -64.07
N ILE A 144 -0.95 -15.56 -63.76
CA ILE A 144 0.07 -14.64 -64.23
C ILE A 144 1.47 -15.00 -63.67
N VAL A 145 1.52 -15.18 -62.35
CA VAL A 145 2.79 -15.46 -61.65
C VAL A 145 3.43 -16.78 -62.08
N PHE A 146 2.69 -17.89 -62.00
CA PHE A 146 3.26 -19.18 -62.42
C PHE A 146 3.49 -19.24 -63.91
N GLY A 147 2.63 -18.55 -64.66
CA GLY A 147 2.79 -18.47 -66.11
C GLY A 147 4.07 -17.75 -66.47
N THR A 148 4.34 -16.62 -65.81
CA THR A 148 5.55 -15.80 -66.02
C THR A 148 6.81 -16.62 -65.76
N LEU A 149 6.81 -17.36 -64.66
CA LEU A 149 7.93 -18.23 -64.30
C LEU A 149 8.09 -19.37 -65.31
N GLN A 150 6.99 -19.92 -65.82
CA GLN A 150 7.09 -20.99 -66.82
C GLN A 150 7.65 -20.43 -68.15
N VAL A 151 7.12 -19.30 -68.61
CA VAL A 151 7.55 -18.68 -69.87
C VAL A 151 9.00 -18.17 -69.84
N LEU A 152 9.39 -17.50 -68.76
CA LEU A 152 10.72 -16.91 -68.68
C LEU A 152 11.81 -17.81 -68.14
N GLU A 153 11.47 -18.75 -67.27
CA GLU A 153 12.47 -19.63 -66.67
C GLU A 153 12.23 -21.11 -66.82
N ASN A 154 11.23 -21.50 -67.60
CA ASN A 154 10.89 -22.92 -67.78
C ASN A 154 10.55 -23.59 -66.44
N ASN A 155 9.96 -22.80 -65.53
CA ASN A 155 9.57 -23.32 -64.23
C ASN A 155 8.59 -24.44 -64.47
N THR A 156 8.73 -25.52 -63.73
CA THR A 156 7.89 -26.72 -63.94
C THR A 156 6.61 -26.84 -63.13
N LYS A 157 6.30 -25.87 -62.29
CA LYS A 157 5.11 -25.98 -61.44
C LYS A 157 3.77 -25.47 -62.04
N PHE A 158 3.82 -24.84 -63.21
CA PHE A 158 2.63 -24.28 -63.84
C PHE A 158 1.41 -25.23 -63.90
N GLU A 159 1.61 -26.44 -64.41
CA GLU A 159 0.52 -27.40 -64.55
C GLU A 159 -0.15 -27.75 -63.21
N GLN A 160 0.69 -27.98 -62.21
CA GLN A 160 0.21 -28.36 -60.90
C GLN A 160 -0.43 -27.15 -60.18
N ALA A 161 0.02 -25.95 -60.49
CA ALA A 161 -0.55 -24.73 -59.92
C ALA A 161 -1.95 -24.52 -60.46
N ILE A 162 -2.07 -24.60 -61.79
CA ILE A 162 -3.36 -24.43 -62.47
C ILE A 162 -4.34 -25.54 -62.09
N GLU A 163 -3.89 -26.79 -62.08
CA GLU A 163 -4.77 -27.89 -61.67
C GLU A 163 -5.18 -27.68 -60.21
N GLY A 164 -4.24 -27.24 -59.38
CA GLY A 164 -4.52 -27.01 -57.96
C GLY A 164 -5.59 -25.94 -57.79
N LEU A 165 -5.46 -24.84 -58.53
CA LEU A 165 -6.46 -23.79 -58.49
C LEU A 165 -7.85 -24.31 -58.88
N ASP A 166 -7.90 -25.15 -59.90
CA ASP A 166 -9.16 -25.71 -60.38
C ASP A 166 -9.80 -26.59 -59.30
N GLN A 167 -8.97 -27.38 -58.61
CA GLN A 167 -9.41 -28.24 -57.51
C GLN A 167 -9.64 -27.48 -56.20
N LEU A 168 -9.18 -26.23 -56.11
CA LEU A 168 -9.27 -25.48 -54.85
C LEU A 168 -10.69 -25.05 -54.48
N GLN A 169 -11.59 -24.90 -55.44
CA GLN A 169 -12.95 -24.50 -55.09
C GLN A 169 -13.58 -25.58 -54.20
N ALA A 170 -13.33 -26.86 -54.50
CA ALA A 170 -13.89 -27.94 -53.69
C ALA A 170 -13.30 -27.87 -52.27
N VAL A 171 -12.03 -27.46 -52.18
CA VAL A 171 -11.35 -27.30 -50.87
C VAL A 171 -12.07 -26.20 -50.07
N TYR A 172 -12.36 -25.08 -50.74
CA TYR A 172 -13.10 -23.97 -50.13
C TYR A 172 -14.43 -24.45 -49.56
N GLU A 173 -15.17 -25.24 -50.34
CA GLU A 173 -16.50 -25.69 -49.92
C GLU A 173 -16.45 -26.56 -48.69
N LYS A 174 -15.52 -27.48 -48.71
CA LYS A 174 -15.38 -28.37 -47.57
C LYS A 174 -14.91 -27.62 -46.35
N ALA A 175 -13.94 -26.71 -46.55
CA ALA A 175 -13.40 -25.90 -45.45
C ALA A 175 -14.47 -24.98 -44.84
N LEU A 176 -15.29 -24.35 -45.67
CA LEU A 176 -16.38 -23.47 -45.20
C LEU A 176 -17.39 -24.23 -44.35
N LYS A 177 -17.75 -25.43 -44.81
CA LYS A 177 -18.71 -26.29 -44.13
C LYS A 177 -18.16 -26.69 -42.78
N GLN A 178 -16.92 -27.13 -42.80
CA GLN A 178 -16.25 -27.56 -41.60
C GLN A 178 -16.06 -26.45 -40.57
N GLU A 179 -15.92 -25.21 -41.03
CA GLU A 179 -15.71 -24.06 -40.13
C GLU A 179 -16.94 -23.21 -39.76
N ALA A 180 -18.09 -23.55 -40.31
CA ALA A 180 -19.34 -22.79 -40.09
C ALA A 180 -19.67 -22.52 -38.62
N ASP A 181 -19.58 -23.54 -37.77
CA ASP A 181 -19.89 -23.33 -36.34
C ASP A 181 -18.80 -22.48 -35.68
N ASN A 182 -17.54 -22.71 -36.06
CA ASN A 182 -16.43 -21.89 -35.54
C ASN A 182 -16.58 -20.44 -35.90
N ALA A 183 -17.07 -20.15 -37.08
CA ALA A 183 -17.30 -18.78 -37.51
C ALA A 183 -18.33 -18.09 -36.61
N LYS A 184 -19.41 -18.80 -36.34
CA LYS A 184 -20.47 -18.27 -35.47
C LYS A 184 -19.93 -18.06 -34.07
N GLN A 185 -19.17 -19.01 -33.56
CA GLN A 185 -18.60 -18.91 -32.24
C GLN A 185 -17.65 -17.75 -32.12
N PHE A 186 -16.85 -17.55 -33.17
CA PHE A 186 -15.93 -16.44 -33.19
C PHE A 186 -16.70 -15.12 -33.10
N ALA A 187 -17.77 -14.97 -33.87
CA ALA A 187 -18.56 -13.75 -33.87
C ALA A 187 -19.13 -13.45 -32.47
N LYS A 188 -19.68 -14.48 -31.83
CA LYS A 188 -20.27 -14.36 -30.50
C LYS A 188 -19.21 -13.97 -29.47
N ALA A 189 -18.05 -14.61 -29.55
CA ALA A 189 -16.94 -14.35 -28.64
C ALA A 189 -16.26 -13.00 -28.83
N HIS A 190 -16.34 -12.43 -30.03
CA HIS A 190 -15.68 -11.17 -30.32
C HIS A 190 -16.60 -9.98 -30.58
N GLU A 191 -17.88 -10.14 -30.24
CA GLU A 191 -18.85 -9.06 -30.44
C GLU A 191 -18.40 -7.73 -29.84
N LYS A 192 -17.85 -7.77 -28.63
CA LYS A 192 -17.45 -6.55 -27.92
C LYS A 192 -15.95 -6.37 -27.68
N GLU A 193 -15.11 -7.16 -28.37
CA GLU A 193 -13.65 -7.05 -28.24
C GLU A 193 -13.22 -5.83 -29.03
N SER A 194 -12.48 -4.94 -28.39
CA SER A 194 -12.03 -3.72 -29.07
C SER A 194 -10.78 -3.91 -29.94
N ILE A 195 -9.97 -4.93 -29.60
CA ILE A 195 -8.75 -5.23 -30.34
C ILE A 195 -8.62 -6.72 -30.58
N ILE A 196 -8.23 -7.08 -31.80
CA ILE A 196 -8.04 -8.48 -32.14
C ILE A 196 -6.81 -8.55 -33.03
N TYR A 197 -5.79 -9.26 -32.55
CA TYR A 197 -4.55 -9.44 -33.31
C TYR A 197 -4.69 -10.58 -34.28
N THR A 198 -3.90 -10.54 -35.36
CA THR A 198 -3.81 -11.63 -36.28
C THR A 198 -2.31 -12.00 -36.30
N MSE A 199 -2.03 -13.21 -36.73
CA MSE A 199 -0.64 -13.68 -36.80
C MSE A 199 -0.45 -14.82 -37.81
O MSE A 199 -1.24 -15.72 -37.88
CB MSE A 199 -0.17 -14.08 -35.41
CG MSE A 199 1.18 -14.67 -35.36
SE MSE A 199 2.03 -14.56 -33.63
CE MSE A 199 3.01 -15.87 -34.16
N ALA A 200 0.63 -14.75 -38.57
CA ALA A 200 0.99 -15.76 -39.57
C ALA A 200 2.39 -15.45 -40.10
N SER A 201 2.93 -16.32 -40.95
CA SER A 201 4.26 -16.16 -41.56
C SER A 201 4.25 -16.62 -43.02
N GLY A 202 5.38 -16.47 -43.67
CA GLY A 202 5.53 -16.92 -45.05
C GLY A 202 4.47 -16.42 -46.02
N ALA A 203 3.91 -17.35 -46.79
CA ALA A 203 2.90 -17.03 -47.81
C ALA A 203 1.54 -16.68 -47.24
N ASN A 204 1.36 -16.86 -45.92
CA ASN A 204 0.09 -16.58 -45.24
C ASN A 204 0.05 -15.19 -44.59
N TYR A 205 1.19 -14.49 -44.53
CA TYR A 205 1.25 -13.21 -43.83
C TYR A 205 0.31 -12.18 -44.43
N GLY A 206 0.19 -12.10 -45.75
CA GLY A 206 -0.73 -11.12 -46.37
C GLY A 206 -2.20 -11.36 -46.01
N VAL A 207 -2.57 -12.62 -45.75
CA VAL A 207 -3.95 -12.99 -45.34
C VAL A 207 -4.26 -12.38 -43.98
N ALA A 208 -3.29 -12.49 -43.05
CA ALA A 208 -3.39 -11.90 -41.73
C ALA A 208 -3.43 -10.37 -41.85
N TYR A 209 -2.52 -9.83 -42.64
CA TYR A 209 -2.46 -8.37 -42.83
C TYR A 209 -3.79 -7.84 -43.35
N SER A 210 -4.32 -8.47 -44.39
CA SER A 210 -5.60 -8.05 -44.96
C SER A 210 -6.70 -8.14 -43.92
N TYR A 211 -6.72 -9.23 -43.17
CA TYR A 211 -7.81 -9.36 -42.17
C TYR A 211 -7.72 -8.23 -41.18
N SER A 212 -6.50 -7.88 -40.79
CA SER A 212 -6.29 -6.79 -39.84
C SER A 212 -6.70 -5.42 -40.37
N ILE A 213 -6.14 -5.06 -41.52
CA ILE A 213 -6.37 -3.72 -42.03
C ILE A 213 -7.70 -3.49 -42.76
N CYS A 214 -8.20 -4.52 -43.42
CA CYS A 214 -9.45 -4.50 -44.17
C CYS A 214 -10.66 -4.98 -43.38
N ILE A 215 -10.68 -6.22 -42.95
CA ILE A 215 -11.86 -6.69 -42.27
C ILE A 215 -12.04 -6.01 -40.91
N LEU A 216 -11.00 -6.04 -40.09
CA LEU A 216 -11.13 -5.52 -38.74
C LEU A 216 -11.16 -4.00 -38.63
N MSE A 217 -10.10 -3.34 -39.07
N MSE A 217 -10.10 -3.34 -39.05
CA MSE A 217 -10.00 -1.90 -39.01
CA MSE A 217 -10.04 -1.89 -38.99
C MSE A 217 -11.00 -1.20 -39.93
C MSE A 217 -11.04 -1.23 -39.93
O MSE A 217 -11.94 -0.56 -39.46
O MSE A 217 -12.02 -0.63 -39.48
CB MSE A 217 -8.55 -1.45 -39.31
CB MSE A 217 -8.61 -1.41 -39.24
CG MSE A 217 -7.53 -1.97 -38.29
CG MSE A 217 -7.75 -1.57 -37.99
SE MSE A 217 -5.71 -1.47 -38.65
SE MSE A 217 -5.90 -1.17 -38.24
CE MSE A 217 -5.88 0.49 -38.07
CE MSE A 217 -5.40 -2.70 -39.00
N GLU A 218 -10.84 -1.40 -41.22
CA GLU A 218 -11.71 -0.78 -42.22
C GLU A 218 -13.18 -1.10 -42.10
N MSE A 219 -13.48 -2.38 -42.04
CA MSE A 219 -14.89 -2.82 -42.12
C MSE A 219 -15.63 -3.12 -40.83
O MSE A 219 -16.80 -3.46 -40.87
CB MSE A 219 -14.91 -4.05 -43.02
CG MSE A 219 -14.27 -3.81 -44.39
SE MSE A 219 -14.41 -5.33 -45.65
CE MSE A 219 -13.01 -4.87 -46.97
N GLN A 220 -14.94 -3.00 -39.69
CA GLN A 220 -15.56 -3.25 -38.39
C GLN A 220 -15.16 -2.24 -37.34
N TRP A 221 -14.18 -1.39 -37.63
CA TRP A 221 -13.63 -0.43 -36.68
C TRP A 221 -13.17 -1.13 -35.40
N ILE A 222 -12.47 -2.26 -35.58
CA ILE A 222 -11.87 -3.03 -34.50
C ILE A 222 -10.38 -2.85 -34.66
N HIS A 223 -9.68 -2.52 -33.58
CA HIS A 223 -8.23 -2.35 -33.64
C HIS A 223 -7.59 -3.67 -33.99
N SER A 224 -6.54 -3.65 -34.81
CA SER A 224 -5.82 -4.90 -35.10
C SER A 224 -4.36 -4.59 -35.45
N HIS A 225 -3.62 -5.65 -35.71
CA HIS A 225 -2.19 -5.62 -36.04
C HIS A 225 -1.89 -7.02 -36.47
N ALA A 226 -1.26 -7.20 -37.61
CA ALA A 226 -0.88 -8.52 -38.08
C ALA A 226 0.57 -8.74 -37.67
N ILE A 227 0.76 -9.61 -36.70
CA ILE A 227 2.11 -9.92 -36.22
C ILE A 227 2.74 -11.02 -37.07
N HIS A 228 3.97 -10.83 -37.51
CA HIS A 228 4.65 -11.89 -38.22
C HIS A 228 5.07 -12.94 -37.15
N ALA A 229 4.75 -14.20 -37.41
CA ALA A 229 5.01 -15.29 -36.44
C ALA A 229 6.44 -15.43 -35.95
N GLY A 230 7.41 -15.07 -36.79
CA GLY A 230 8.84 -15.09 -36.35
C GLY A 230 9.13 -13.90 -35.43
N GLU A 231 8.75 -12.70 -35.90
CA GLU A 231 8.92 -11.45 -35.16
C GLU A 231 8.31 -11.43 -33.74
N TYR A 232 7.19 -12.14 -33.60
CA TYR A 232 6.43 -12.32 -32.35
C TYR A 232 7.30 -12.51 -31.13
N PHE A 233 8.30 -13.39 -31.25
CA PHE A 233 9.16 -13.75 -30.13
C PHE A 233 10.30 -12.74 -29.85
N HIS A 234 10.23 -11.59 -30.54
CA HIS A 234 11.23 -10.55 -30.38
C HIS A 234 10.61 -9.23 -30.00
N GLY A 235 9.47 -9.33 -29.30
CA GLY A 235 8.82 -8.18 -28.75
C GLY A 235 7.33 -8.29 -28.55
N PRO A 236 6.58 -8.44 -29.65
CA PRO A 236 5.09 -8.47 -29.58
C PRO A 236 4.46 -9.47 -28.61
N PHE A 237 5.10 -10.62 -28.42
CA PHE A 237 4.57 -11.65 -27.51
C PHE A 237 4.40 -11.18 -26.06
N GLU A 238 5.12 -10.13 -25.65
CA GLU A 238 4.92 -9.56 -24.32
C GLU A 238 3.50 -9.04 -24.08
N ILE A 239 2.79 -8.73 -25.17
CA ILE A 239 1.44 -8.21 -25.08
C ILE A 239 0.38 -9.27 -24.73
N ILE A 240 0.66 -10.54 -24.96
CA ILE A 240 -0.35 -11.55 -24.73
C ILE A 240 -0.57 -11.90 -23.27
N ASP A 241 -1.85 -12.10 -22.95
CA ASP A 241 -2.30 -12.57 -21.64
C ASP A 241 -3.66 -13.23 -21.93
N GLU A 242 -4.38 -13.73 -20.94
CA GLU A 242 -5.64 -14.45 -21.25
C GLU A 242 -6.75 -13.61 -21.84
N SER A 243 -6.64 -12.29 -21.72
CA SER A 243 -7.70 -11.44 -22.24
C SER A 243 -7.46 -10.89 -23.67
N VAL A 244 -6.28 -11.11 -24.25
CA VAL A 244 -5.99 -10.53 -25.57
C VAL A 244 -6.36 -11.49 -26.70
N PRO A 245 -7.35 -11.13 -27.54
CA PRO A 245 -7.67 -12.01 -28.65
C PRO A 245 -6.63 -12.06 -29.80
N PHE A 246 -6.30 -13.27 -30.21
CA PHE A 246 -5.39 -13.55 -31.31
C PHE A 246 -5.99 -14.52 -32.30
N ILE A 247 -5.96 -14.16 -33.59
CA ILE A 247 -6.35 -15.04 -34.66
C ILE A 247 -5.02 -15.53 -35.21
N ILE A 248 -4.82 -16.84 -35.19
CA ILE A 248 -3.56 -17.44 -35.60
C ILE A 248 -3.74 -18.37 -36.79
N LEU A 249 -2.96 -18.12 -37.84
CA LEU A 249 -3.05 -18.92 -39.05
C LEU A 249 -1.87 -19.84 -39.21
N LEU A 250 -2.14 -21.09 -39.53
CA LEU A 250 -1.09 -22.05 -39.77
C LEU A 250 -1.28 -22.53 -41.19
N GLY A 251 -0.27 -22.33 -42.02
CA GLY A 251 -0.33 -22.70 -43.43
C GLY A 251 0.38 -24.01 -43.69
N LEU A 252 0.70 -24.23 -44.94
CA LEU A 252 1.36 -25.47 -45.38
C LEU A 252 2.69 -25.19 -46.10
N ASP A 253 3.19 -23.97 -45.95
CA ASP A 253 4.45 -23.62 -46.59
C ASP A 253 5.62 -23.97 -45.66
N GLU A 254 6.82 -23.68 -46.14
CA GLU A 254 8.03 -23.96 -45.43
C GLU A 254 8.16 -23.25 -44.08
N THR A 255 7.40 -22.17 -43.87
CA THR A 255 7.46 -21.40 -42.65
C THR A 255 6.48 -21.83 -41.58
N ARG A 256 5.69 -22.88 -41.84
CA ARG A 256 4.77 -23.37 -40.84
C ARG A 256 5.41 -23.57 -39.43
N PRO A 257 6.68 -24.06 -39.35
CA PRO A 257 7.27 -24.15 -37.99
C PRO A 257 7.23 -22.84 -37.20
N LEU A 258 7.32 -21.69 -37.87
CA LEU A 258 7.25 -20.39 -37.18
C LEU A 258 5.88 -20.24 -36.56
N GLU A 259 4.84 -20.63 -37.30
CA GLU A 259 3.44 -20.54 -36.88
C GLU A 259 3.17 -21.52 -35.72
N GLU A 260 3.70 -22.72 -35.84
CA GLU A 260 3.57 -23.74 -34.80
C GLU A 260 4.18 -23.29 -33.48
N ARG A 261 5.36 -22.66 -33.55
CA ARG A 261 6.04 -22.20 -32.35
C ARG A 261 5.21 -21.10 -31.67
N ALA A 262 4.71 -20.18 -32.48
CA ALA A 262 3.88 -19.05 -32.01
C ALA A 262 2.60 -19.55 -31.34
N LEU A 263 1.94 -20.53 -31.96
CA LEU A 263 0.72 -21.11 -31.41
C LEU A 263 1.00 -21.77 -30.09
N THR A 264 2.06 -22.56 -30.03
CA THR A 264 2.42 -23.25 -28.80
C THR A 264 2.52 -22.27 -27.62
N PHE A 265 3.27 -21.18 -27.82
CA PHE A 265 3.42 -20.20 -26.78
C PHE A 265 2.09 -19.56 -26.40
N SER A 266 1.34 -19.13 -27.43
CA SER A 266 0.07 -18.44 -27.25
C SER A 266 -0.96 -19.28 -26.49
N LYS A 267 -0.95 -20.60 -26.70
CA LYS A 267 -1.83 -21.50 -25.98
C LYS A 267 -1.48 -21.60 -24.49
N LYS A 268 -0.21 -21.41 -24.15
CA LYS A 268 0.21 -21.46 -22.75
C LYS A 268 -0.08 -20.17 -22.00
N TYR A 269 0.16 -19.03 -22.63
CA TYR A 269 -0.01 -17.71 -22.00
C TYR A 269 -1.22 -16.89 -22.40
N GLY A 270 -1.87 -17.31 -23.48
CA GLY A 270 -3.07 -16.64 -23.94
C GLY A 270 -4.23 -17.56 -23.64
N LYS A 271 -5.39 -17.17 -24.15
CA LYS A 271 -6.62 -17.96 -23.99
C LYS A 271 -7.63 -17.69 -25.11
N LYS A 272 -7.88 -16.43 -25.43
CA LYS A 272 -8.85 -16.08 -26.48
C LYS A 272 -8.20 -16.24 -27.84
N LEU A 273 -7.96 -17.49 -28.22
CA LEU A 273 -7.27 -17.81 -29.49
C LEU A 273 -8.24 -18.37 -30.51
N THR A 274 -8.13 -17.87 -31.75
CA THR A 274 -8.97 -18.36 -32.84
C THR A 274 -7.96 -18.88 -33.81
N VAL A 275 -7.89 -20.20 -33.91
CA VAL A 275 -6.86 -20.84 -34.73
C VAL A 275 -7.41 -21.44 -36.03
N LEU A 276 -6.82 -21.05 -37.15
CA LEU A 276 -7.21 -21.63 -38.45
C LEU A 276 -5.99 -22.35 -38.95
N ASP A 277 -6.09 -23.67 -39.01
CA ASP A 277 -4.96 -24.49 -39.44
C ASP A 277 -5.30 -25.16 -40.76
N ALA A 278 -4.58 -24.78 -41.81
CA ALA A 278 -4.77 -25.32 -43.15
C ALA A 278 -4.60 -26.84 -43.21
N ALA A 279 -3.81 -27.37 -42.30
CA ALA A 279 -3.62 -28.82 -42.24
C ALA A 279 -4.92 -29.56 -41.92
N SER A 280 -5.90 -28.87 -41.34
CA SER A 280 -7.21 -29.47 -41.02
C SER A 280 -8.14 -29.51 -42.23
N TYR A 281 -7.76 -28.89 -43.35
CA TYR A 281 -8.55 -28.89 -44.57
C TYR A 281 -8.09 -30.01 -45.49
N ASP A 282 -8.85 -30.26 -46.54
CA ASP A 282 -8.56 -31.35 -47.48
C ASP A 282 -7.80 -30.91 -48.73
N PHE A 283 -6.49 -31.12 -48.72
CA PHE A 283 -5.62 -30.79 -49.85
C PHE A 283 -5.17 -32.05 -50.58
N THR A 284 -5.91 -33.14 -50.42
CA THR A 284 -5.56 -34.43 -51.03
C THR A 284 -5.54 -34.43 -52.56
N ALA A 285 -6.30 -33.52 -53.20
CA ALA A 285 -6.32 -33.41 -54.66
C ALA A 285 -5.34 -32.32 -55.16
N ILE A 286 -4.59 -31.72 -54.25
CA ILE A 286 -3.62 -30.69 -54.62
C ILE A 286 -2.24 -31.30 -54.55
N ASP A 287 -1.40 -31.02 -55.56
CA ASP A 287 -0.03 -31.54 -55.59
C ASP A 287 0.82 -30.94 -54.46
N ASP A 288 1.66 -31.77 -53.85
CA ASP A 288 2.57 -31.33 -52.79
C ASP A 288 3.45 -30.14 -53.20
N SER A 289 3.82 -30.07 -54.47
CA SER A 289 4.67 -28.99 -54.96
C SER A 289 4.05 -27.59 -54.82
N VAL A 290 2.73 -27.52 -54.71
CA VAL A 290 2.03 -26.24 -54.63
C VAL A 290 1.06 -26.10 -53.44
N LYS A 291 0.91 -27.10 -52.55
CA LYS A 291 0.01 -26.98 -51.37
C LYS A 291 0.32 -25.74 -50.51
N GLY A 292 1.60 -25.48 -50.33
CA GLY A 292 2.03 -24.34 -49.51
C GLY A 292 1.69 -23.02 -50.13
N TYR A 293 1.68 -22.98 -51.47
CA TYR A 293 1.35 -21.75 -52.17
C TYR A 293 -0.15 -21.51 -52.23
N LEU A 294 -0.94 -22.58 -52.18
CA LEU A 294 -2.41 -22.48 -52.27
C LEU A 294 -3.16 -22.36 -50.93
N ALA A 295 -2.55 -22.85 -49.86
CA ALA A 295 -3.19 -22.80 -48.53
C ALA A 295 -3.65 -21.40 -48.13
N PRO A 296 -2.85 -20.35 -48.42
CA PRO A 296 -3.33 -19.02 -48.01
C PRO A 296 -4.69 -18.60 -48.62
N LEU A 297 -4.95 -19.05 -49.84
CA LEU A 297 -6.24 -18.76 -50.52
C LEU A 297 -7.39 -19.38 -49.74
N VAL A 298 -7.19 -20.59 -49.28
CA VAL A 298 -8.21 -21.28 -48.49
C VAL A 298 -8.42 -20.61 -47.13
N LEU A 299 -7.30 -20.26 -46.46
CA LEU A 299 -7.35 -19.59 -45.16
C LEU A 299 -8.11 -18.26 -45.32
N ASN A 300 -7.80 -17.55 -46.39
CA ASN A 300 -8.47 -16.30 -46.68
C ASN A 300 -9.98 -16.46 -46.88
N ARG A 301 -10.37 -17.50 -47.61
CA ARG A 301 -11.80 -17.74 -47.86
C ARG A 301 -12.54 -18.07 -46.58
N VAL A 302 -11.94 -18.91 -45.74
CA VAL A 302 -12.57 -19.26 -44.45
C VAL A 302 -12.75 -18.03 -43.57
N LEU A 303 -11.71 -17.18 -43.53
CA LEU A 303 -11.73 -15.94 -42.76
C LEU A 303 -12.87 -15.01 -43.20
N ARG A 304 -13.20 -15.04 -44.49
CA ARG A 304 -14.31 -14.23 -44.95
C ARG A 304 -15.61 -14.68 -44.30
N SER A 305 -15.80 -15.97 -44.04
CA SER A 305 -17.02 -16.45 -43.41
C SER A 305 -17.05 -15.99 -41.95
N TYR A 306 -15.87 -15.90 -41.32
CA TYR A 306 -15.76 -15.42 -39.95
C TYR A 306 -16.16 -13.95 -39.92
N ALA A 307 -15.70 -13.19 -40.91
CA ALA A 307 -16.02 -11.76 -41.05
C ALA A 307 -17.51 -11.52 -41.19
N ASP A 308 -18.16 -12.32 -42.03
CA ASP A 308 -19.61 -12.24 -42.27
C ASP A 308 -20.41 -12.43 -40.99
N GLU A 309 -20.04 -13.44 -40.20
CA GLU A 309 -20.69 -13.71 -38.91
C GLU A 309 -20.46 -12.58 -37.88
N LEU A 310 -19.24 -12.07 -37.86
CA LEU A 310 -18.86 -11.01 -36.95
C LEU A 310 -19.67 -9.75 -37.25
N ALA A 311 -19.72 -9.37 -38.53
CA ALA A 311 -20.46 -8.18 -38.98
C ALA A 311 -21.96 -8.25 -38.57
N GLU A 312 -22.54 -9.43 -38.71
CA GLU A 312 -23.91 -9.67 -38.34
C GLU A 312 -24.09 -9.55 -36.83
N GLU A 313 -23.22 -10.20 -36.07
CA GLU A 313 -23.28 -10.17 -34.60
C GLU A 313 -23.13 -8.75 -34.04
N ARG A 314 -22.27 -7.96 -34.66
CA ARG A 314 -22.01 -6.58 -34.24
C ARG A 314 -22.91 -5.52 -34.90
N ASN A 315 -23.80 -6.00 -35.75
N ASN A 315 -23.88 -5.95 -35.71
CA ASN A 315 -24.74 -5.18 -36.50
CA ASN A 315 -24.76 -5.02 -36.43
C ASN A 315 -23.98 -4.01 -37.14
C ASN A 315 -23.94 -3.94 -37.11
N HIS A 316 -22.83 -4.36 -37.72
CA HIS A 316 -21.94 -3.45 -38.38
C HIS A 316 -21.67 -4.04 -39.76
N PRO A 317 -22.43 -3.62 -40.79
CA PRO A 317 -22.18 -4.19 -42.10
C PRO A 317 -20.77 -3.98 -42.62
N LEU A 318 -20.23 -4.97 -43.29
CA LEU A 318 -18.87 -4.86 -43.85
C LEU A 318 -18.73 -3.75 -44.87
N SER A 319 -19.83 -3.32 -45.48
CA SER A 319 -19.85 -2.22 -46.44
C SER A 319 -19.85 -0.84 -45.78
N HIS A 320 -20.04 -0.77 -44.47
CA HIS A 320 -20.11 0.50 -43.79
C HIS A 320 -18.77 1.23 -43.75
N ARG A 321 -18.79 2.56 -43.96
CA ARG A 321 -17.61 3.40 -43.91
C ARG A 321 -18.01 4.76 -43.40
N ARG A 322 -17.07 5.46 -42.77
CA ARG A 322 -17.29 6.81 -42.34
C ARG A 322 -16.43 7.77 -43.11
N TYR A 323 -15.37 7.27 -43.75
CA TYR A 323 -14.45 8.14 -44.52
C TYR A 323 -14.34 7.74 -45.98
N MSE A 324 -14.04 6.47 -46.23
CA MSE A 324 -13.89 6.00 -47.60
C MSE A 324 -15.20 6.20 -48.35
O MSE A 324 -16.31 5.88 -47.85
CB MSE A 324 -13.48 4.54 -47.65
CG MSE A 324 -13.11 4.04 -49.03
SE MSE A 324 -12.71 2.13 -49.04
CE MSE A 324 -11.49 2.09 -47.59
N TRP A 325 -15.02 6.76 -49.53
CA TRP A 325 -16.11 7.11 -50.44
C TRP A 325 -17.03 8.21 -49.90
N LYS A 326 -16.71 8.79 -48.74
CA LYS A 326 -17.58 9.82 -48.14
C LYS A 326 -16.96 11.16 -47.91
N VAL A 327 -15.66 11.22 -47.68
CA VAL A 327 -14.98 12.49 -47.47
C VAL A 327 -13.78 12.58 -48.40
N GLU A 328 -13.22 13.77 -48.47
CA GLU A 328 -12.10 14.09 -49.32
C GLU A 328 -10.82 13.82 -48.53
N TYR A 329 -9.82 13.15 -49.14
CA TYR A 329 -8.57 12.86 -48.43
C TYR A 329 -7.42 12.53 -49.37
N THR B 6 36.59 7.93 -44.93
CA THR B 6 37.22 6.61 -44.68
C THR B 6 37.85 6.53 -43.29
N ALA B 7 38.49 7.62 -42.86
CA ALA B 7 39.16 7.71 -41.55
C ALA B 7 38.21 7.60 -40.37
N LYS B 8 36.93 7.88 -40.62
CA LYS B 8 35.87 7.79 -39.62
C LYS B 8 35.21 6.42 -39.55
N VAL B 9 35.49 5.60 -40.55
CA VAL B 9 34.84 4.31 -40.67
C VAL B 9 35.44 3.33 -39.69
N ASN B 10 34.56 2.57 -39.06
CA ASN B 10 34.91 1.49 -38.17
C ASN B 10 36.00 0.63 -38.82
N ARG B 11 37.07 0.33 -38.10
CA ARG B 11 38.21 -0.42 -38.67
C ARG B 11 37.81 -1.81 -39.21
N GLU B 12 36.85 -2.46 -38.57
CA GLU B 12 36.40 -3.78 -39.04
C GLU B 12 35.59 -3.62 -40.35
N VAL B 13 34.78 -2.56 -40.43
CA VAL B 13 34.02 -2.29 -41.66
C VAL B 13 35.03 -1.92 -42.77
N GLN B 14 36.06 -1.14 -42.46
CA GLN B 14 37.07 -0.82 -43.48
C GLN B 14 37.69 -2.10 -44.05
N ALA B 15 38.08 -3.05 -43.20
CA ALA B 15 38.69 -4.32 -43.66
C ALA B 15 37.74 -5.05 -44.57
N PHE B 16 36.47 -5.11 -44.17
CA PHE B 16 35.42 -5.74 -44.96
C PHE B 16 35.31 -5.09 -46.32
N LEU B 17 35.28 -3.75 -46.35
CA LEU B 17 35.17 -3.02 -47.63
C LEU B 17 36.41 -3.21 -48.53
N GLN B 18 37.60 -3.30 -47.93
CA GLN B 18 38.82 -3.56 -48.69
C GLN B 18 38.75 -4.94 -49.33
N ASP B 19 38.29 -5.93 -48.57
CA ASP B 19 38.13 -7.30 -49.10
C ASP B 19 37.01 -7.44 -50.13
N LEU B 20 35.99 -6.59 -50.00
CA LEU B 20 34.84 -6.63 -50.89
C LEU B 20 35.18 -6.18 -52.31
N LYS B 21 36.18 -5.32 -52.45
CA LYS B 21 36.59 -4.80 -53.75
C LYS B 21 36.87 -5.91 -54.74
N GLY B 22 36.24 -5.81 -55.90
CA GLY B 22 36.39 -6.77 -56.99
C GLY B 22 35.46 -7.97 -56.93
N LYS B 23 34.76 -8.17 -55.82
CA LYS B 23 33.91 -9.34 -55.69
C LYS B 23 32.64 -9.17 -56.46
N THR B 24 32.07 -10.30 -56.86
CA THR B 24 30.83 -10.32 -57.61
C THR B 24 29.68 -10.58 -56.66
N ILE B 25 28.89 -9.55 -56.39
CA ILE B 25 27.74 -9.61 -55.51
C ILE B 25 26.54 -9.11 -56.30
N ASP B 26 25.48 -9.90 -56.37
CA ASP B 26 24.27 -9.47 -57.08
C ASP B 26 23.03 -9.40 -56.17
N HIS B 27 23.17 -9.69 -54.88
CA HIS B 27 22.00 -9.72 -53.98
C HIS B 27 22.47 -9.46 -52.56
N VAL B 28 21.73 -8.65 -51.81
CA VAL B 28 22.00 -8.37 -50.42
C VAL B 28 20.75 -8.73 -49.67
N PHE B 29 20.95 -9.39 -48.53
CA PHE B 29 19.86 -9.81 -47.67
C PHE B 29 20.07 -9.17 -46.31
N PHE B 30 19.09 -8.41 -45.82
CA PHE B 30 19.10 -7.77 -44.52
C PHE B 30 18.34 -8.71 -43.60
N VAL B 31 19.08 -9.39 -42.71
CA VAL B 31 18.51 -10.44 -41.86
C VAL B 31 18.75 -10.23 -40.35
N ALA B 32 17.67 -10.11 -39.59
CA ALA B 32 17.74 -9.89 -38.16
C ALA B 32 16.38 -10.14 -37.58
N CYS B 33 16.22 -9.93 -36.28
CA CYS B 33 14.94 -10.08 -35.60
C CYS B 33 14.51 -8.84 -34.85
N GLY B 34 13.21 -8.58 -34.87
CA GLY B 34 12.57 -7.47 -34.17
C GLY B 34 13.20 -6.13 -34.36
N GLY B 35 13.63 -5.52 -33.27
CA GLY B 35 14.28 -4.22 -33.30
C GLY B 35 15.48 -4.14 -34.22
N SER B 36 16.25 -5.23 -34.26
CA SER B 36 17.44 -5.33 -35.12
C SER B 36 17.10 -5.46 -36.56
N SER B 37 15.91 -5.97 -36.86
CA SER B 37 15.41 -6.02 -38.22
C SER B 37 14.94 -4.63 -38.61
N ALA B 38 14.24 -3.97 -37.69
CA ALA B 38 13.69 -2.64 -37.89
C ALA B 38 14.76 -1.62 -38.30
N ILE B 39 15.94 -1.69 -37.72
CA ILE B 39 17.00 -0.73 -38.04
C ILE B 39 17.51 -0.87 -39.49
N MSE B 40 17.14 -1.96 -40.16
CA MSE B 40 17.58 -2.20 -41.54
C MSE B 40 16.63 -1.68 -42.62
O MSE B 40 16.97 -1.67 -43.79
CB MSE B 40 17.79 -3.71 -41.76
CG MSE B 40 18.98 -4.23 -40.98
SE MSE B 40 19.27 -6.17 -41.09
CE MSE B 40 20.71 -6.11 -40.03
N TYR B 41 15.44 -1.21 -42.22
CA TYR B 41 14.46 -0.70 -43.19
C TYR B 41 15.02 0.48 -43.96
N PRO B 42 15.69 1.44 -43.28
CA PRO B 42 16.25 2.55 -44.02
C PRO B 42 17.30 2.09 -45.05
N SER B 43 18.07 1.07 -44.72
CA SER B 43 19.08 0.54 -45.65
C SER B 43 18.46 -0.10 -46.88
N LYS B 44 17.31 -0.77 -46.73
CA LYS B 44 16.59 -1.31 -47.87
C LYS B 44 16.11 -0.12 -48.71
N TYR B 45 15.58 0.95 -48.09
CA TYR B 45 15.19 2.15 -48.86
C TYR B 45 16.40 2.71 -49.63
N VAL B 46 17.56 2.84 -48.97
CA VAL B 46 18.78 3.33 -49.63
C VAL B 46 19.13 2.47 -50.86
N PHE B 47 19.17 1.16 -50.68
CA PHE B 47 19.44 0.28 -51.80
C PHE B 47 18.43 0.47 -52.92
N ASP B 48 17.14 0.57 -52.60
CA ASP B 48 16.12 0.77 -53.64
C ASP B 48 16.36 2.07 -54.41
N ARG B 49 16.82 3.13 -53.75
CA ARG B 49 17.08 4.41 -54.41
C ARG B 49 18.42 4.55 -55.06
N GLU B 50 19.39 3.75 -54.63
CA GLU B 50 20.78 3.89 -55.09
C GLU B 50 21.41 2.77 -55.89
N SER B 51 21.00 1.52 -55.63
CA SER B 51 21.63 0.40 -56.29
C SER B 51 21.05 0.07 -57.64
N LYS B 52 21.89 0.15 -58.66
CA LYS B 52 21.48 -0.14 -60.01
C LYS B 52 21.66 -1.63 -60.34
N SER B 53 22.54 -2.32 -59.64
CA SER B 53 22.83 -3.72 -59.98
C SER B 53 22.70 -4.75 -58.88
N ILE B 54 22.29 -4.37 -57.66
CA ILE B 54 22.17 -5.33 -56.58
C ILE B 54 20.73 -5.38 -56.06
N ASN B 55 20.20 -6.59 -56.04
CA ASN B 55 18.87 -6.93 -55.54
C ASN B 55 18.96 -6.88 -54.03
N SER B 56 17.97 -6.27 -53.37
CA SER B 56 17.93 -6.20 -51.91
C SER B 56 16.62 -6.80 -51.37
N ASP B 57 16.74 -7.60 -50.32
CA ASP B 57 15.57 -8.18 -49.65
C ASP B 57 15.80 -8.09 -48.15
N LEU B 58 14.71 -8.00 -47.39
CA LEU B 58 14.80 -7.91 -45.95
C LEU B 58 13.85 -8.92 -45.38
N TYR B 59 14.32 -9.69 -44.42
CA TYR B 59 13.49 -10.68 -43.77
C TYR B 59 13.84 -10.86 -42.31
N SER B 60 12.85 -11.26 -41.51
CA SER B 60 13.07 -11.65 -40.13
C SER B 60 13.95 -12.94 -40.24
N ALA B 61 14.84 -13.17 -39.29
CA ALA B 61 15.80 -14.30 -39.38
C ALA B 61 15.23 -15.68 -39.63
N ASN B 62 14.18 -16.07 -38.93
CA ASN B 62 13.65 -17.40 -39.12
C ASN B 62 12.85 -17.45 -40.44
N GLU B 63 12.23 -16.35 -40.83
CA GLU B 63 11.55 -16.27 -42.13
C GLU B 63 12.58 -16.51 -43.21
N PHE B 64 13.72 -15.83 -43.11
CA PHE B 64 14.81 -15.98 -44.10
C PHE B 64 15.24 -17.43 -44.30
N ILE B 65 15.47 -18.11 -43.18
CA ILE B 65 15.91 -19.50 -43.22
C ILE B 65 14.88 -20.42 -43.88
N GLN B 66 13.63 -20.32 -43.42
CA GLN B 66 12.57 -21.18 -43.89
C GLN B 66 12.10 -20.84 -45.31
N ARG B 67 12.02 -19.55 -45.65
CA ARG B 67 11.64 -19.14 -46.99
C ARG B 67 12.73 -19.59 -47.95
N ASN B 68 13.97 -19.67 -47.48
CA ASN B 68 15.09 -20.17 -48.27
C ASN B 68 15.16 -19.60 -49.69
N PRO B 69 15.37 -18.28 -49.83
CA PRO B 69 15.38 -17.70 -51.17
C PRO B 69 16.31 -18.44 -52.12
N VAL B 70 15.77 -18.88 -53.27
CA VAL B 70 16.55 -19.58 -54.31
C VAL B 70 17.73 -18.74 -54.81
N GLN B 71 17.64 -17.42 -54.74
CA GLN B 71 18.77 -16.58 -55.18
C GLN B 71 19.88 -16.44 -54.15
N LEU B 72 19.72 -17.02 -52.95
CA LEU B 72 20.76 -16.98 -51.94
C LEU B 72 21.89 -17.89 -52.35
N GLY B 73 23.10 -17.36 -52.42
CA GLY B 73 24.26 -18.20 -52.80
C GLY B 73 25.59 -17.48 -52.75
N GLU B 74 26.51 -17.92 -53.60
CA GLU B 74 27.87 -17.37 -53.68
C GLU B 74 27.97 -15.93 -54.10
N LYS B 75 26.96 -15.38 -54.76
CA LYS B 75 26.95 -13.97 -55.16
C LYS B 75 26.10 -13.11 -54.23
N SER B 76 25.79 -13.63 -53.05
CA SER B 76 25.00 -12.93 -52.05
C SER B 76 25.85 -12.37 -50.91
N LEU B 77 25.40 -11.24 -50.38
CA LEU B 77 25.94 -10.59 -49.21
C LEU B 77 24.79 -10.60 -48.19
N VAL B 78 25.04 -11.12 -46.99
CA VAL B 78 23.99 -11.15 -45.97
C VAL B 78 24.50 -10.30 -44.81
N ILE B 79 23.71 -9.32 -44.41
CA ILE B 79 24.05 -8.44 -43.34
C ILE B 79 23.13 -8.80 -42.23
N LEU B 80 23.72 -9.16 -41.08
CA LEU B 80 23.00 -9.60 -39.88
C LEU B 80 23.25 -8.68 -38.70
N CYS B 81 22.33 -8.67 -37.75
CA CYS B 81 22.49 -7.85 -36.58
C CYS B 81 21.76 -8.46 -35.37
N SER B 82 22.45 -8.41 -34.24
CA SER B 82 21.94 -8.87 -32.95
C SER B 82 22.71 -8.13 -31.90
N HIS B 83 22.02 -7.44 -30.98
CA HIS B 83 22.69 -6.67 -29.94
C HIS B 83 23.58 -7.56 -29.06
N SER B 84 22.97 -8.58 -28.45
CA SER B 84 23.66 -9.51 -27.59
C SER B 84 24.52 -10.49 -28.39
N GLY B 85 24.14 -10.76 -29.63
CA GLY B 85 24.85 -11.70 -30.46
C GLY B 85 24.44 -13.14 -30.14
N ASN B 86 23.41 -13.28 -29.30
CA ASN B 86 22.91 -14.58 -28.87
C ASN B 86 21.57 -14.99 -29.54
N THR B 87 20.85 -14.03 -30.14
CA THR B 87 19.53 -14.29 -30.76
C THR B 87 19.68 -15.55 -31.62
N PRO B 88 19.09 -16.67 -31.17
CA PRO B 88 19.34 -17.92 -31.88
C PRO B 88 18.97 -17.95 -33.35
N GLU B 89 17.85 -17.33 -33.74
CA GLU B 89 17.44 -17.35 -35.15
C GLU B 89 18.45 -16.57 -36.03
N THR B 90 19.01 -15.49 -35.49
CA THR B 90 19.98 -14.70 -36.26
C THR B 90 21.32 -15.45 -36.37
N VAL B 91 21.70 -16.16 -35.28
CA VAL B 91 22.93 -16.97 -35.28
C VAL B 91 22.78 -18.07 -36.32
N LYS B 92 21.64 -18.76 -36.29
CA LYS B 92 21.37 -19.82 -37.26
C LYS B 92 21.31 -19.25 -38.70
N ALA B 93 20.72 -18.07 -38.89
CA ALA B 93 20.66 -17.43 -40.19
C ALA B 93 22.06 -17.19 -40.75
N ALA B 94 23.00 -16.77 -39.89
CA ALA B 94 24.36 -16.51 -40.33
C ALA B 94 25.03 -17.80 -40.81
N ALA B 95 24.85 -18.87 -40.04
CA ALA B 95 25.43 -20.16 -40.40
C ALA B 95 24.81 -20.69 -41.70
N PHE B 96 23.49 -20.52 -41.83
CA PHE B 96 22.76 -20.94 -43.01
C PHE B 96 23.25 -20.22 -44.27
N ALA B 97 23.37 -18.91 -44.19
CA ALA B 97 23.87 -18.11 -45.31
C ALA B 97 25.29 -18.49 -45.63
N ARG B 98 26.12 -18.61 -44.62
CA ARG B 98 27.53 -18.95 -44.87
C ARG B 98 27.68 -20.34 -45.51
N GLY B 99 26.85 -21.28 -45.07
CA GLY B 99 26.82 -22.63 -45.63
C GLY B 99 26.46 -22.67 -47.13
N LYS B 100 25.68 -21.68 -47.57
CA LYS B 100 25.28 -21.54 -48.97
C LYS B 100 26.34 -20.79 -49.79
N GLY B 101 27.46 -20.41 -49.20
CA GLY B 101 28.51 -19.69 -49.91
C GLY B 101 28.38 -18.18 -49.92
N ALA B 102 27.41 -17.65 -49.17
CA ALA B 102 27.22 -16.22 -49.09
C ALA B 102 28.32 -15.55 -48.24
N LEU B 103 28.57 -14.26 -48.54
CA LEU B 103 29.48 -13.41 -47.80
C LEU B 103 28.61 -12.88 -46.67
N THR B 104 29.08 -13.03 -45.43
CA THR B 104 28.33 -12.63 -44.26
C THR B 104 29.06 -11.63 -43.40
N ILE B 105 28.32 -10.63 -42.93
CA ILE B 105 28.86 -9.65 -42.02
C ILE B 105 27.81 -9.45 -40.94
N ALA B 106 28.21 -9.56 -39.68
CA ALA B 106 27.29 -9.39 -38.56
C ALA B 106 27.66 -8.18 -37.74
N MSE B 107 26.66 -7.55 -37.16
CA MSE B 107 26.90 -6.43 -36.33
C MSE B 107 26.40 -6.84 -34.98
O MSE B 107 25.41 -7.54 -34.89
CB MSE B 107 26.14 -5.21 -36.80
CG MSE B 107 26.51 -4.75 -38.17
SE MSE B 107 25.20 -3.36 -38.55
CE MSE B 107 25.54 -2.28 -37.29
N THR B 108 27.10 -6.42 -33.95
CA THR B 108 26.72 -6.77 -32.61
C THR B 108 27.39 -5.83 -31.61
N PHE B 109 26.85 -5.84 -30.40
CA PHE B 109 27.44 -5.09 -29.32
C PHE B 109 28.46 -6.01 -28.62
N LYS B 110 28.38 -7.33 -28.87
CA LYS B 110 29.26 -8.30 -28.21
C LYS B 110 30.11 -9.11 -29.18
N PRO B 111 31.40 -8.84 -29.21
CA PRO B 111 32.32 -9.52 -30.15
C PRO B 111 32.63 -11.01 -29.92
N GLU B 112 32.43 -11.53 -28.70
CA GLU B 112 32.72 -12.96 -28.44
C GLU B 112 31.44 -13.80 -28.52
N SER B 113 30.37 -13.24 -29.06
CA SER B 113 29.07 -13.91 -29.14
C SER B 113 28.99 -14.97 -30.24
N PRO B 114 28.01 -15.90 -30.12
CA PRO B 114 27.80 -16.91 -31.15
C PRO B 114 27.62 -16.35 -32.55
N LEU B 115 26.90 -15.22 -32.70
CA LEU B 115 26.70 -14.62 -34.02
C LEU B 115 28.06 -14.23 -34.60
N ALA B 116 28.89 -13.62 -33.78
CA ALA B 116 30.23 -13.24 -34.21
C ALA B 116 31.00 -14.45 -34.66
N GLN B 117 30.83 -15.56 -33.96
CA GLN B 117 31.56 -16.77 -34.30
C GLN B 117 31.10 -17.35 -35.63
N GLU B 118 29.82 -17.24 -35.96
CA GLU B 118 29.29 -17.76 -37.24
C GLU B 118 29.57 -16.88 -38.45
N ALA B 119 29.49 -15.57 -38.28
CA ALA B 119 29.66 -14.63 -39.37
C ALA B 119 31.11 -14.53 -39.81
N GLN B 120 31.32 -14.28 -41.09
CA GLN B 120 32.67 -14.18 -41.63
C GLN B 120 33.34 -12.88 -41.20
N TYR B 121 32.57 -11.80 -41.23
CA TYR B 121 33.02 -10.48 -40.83
C TYR B 121 32.16 -10.02 -39.67
N VAL B 122 32.78 -9.30 -38.73
CA VAL B 122 32.09 -8.80 -37.56
C VAL B 122 32.41 -7.32 -37.35
N ALA B 123 31.37 -6.50 -37.15
CA ALA B 123 31.56 -5.09 -36.85
C ALA B 123 30.81 -4.80 -35.55
N GLN B 124 31.51 -4.29 -34.56
CA GLN B 124 30.85 -3.91 -33.31
C GLN B 124 30.39 -2.45 -33.34
N TYR B 125 29.27 -2.15 -32.69
CA TYR B 125 28.78 -0.78 -32.62
C TYR B 125 28.77 -0.34 -31.15
N ASP B 126 28.71 0.96 -30.95
CA ASP B 126 28.68 1.56 -29.62
C ASP B 126 27.23 1.67 -29.20
N TRP B 127 27.01 1.67 -27.90
CA TRP B 127 25.71 1.72 -27.35
C TRP B 127 25.75 2.40 -25.98
N GLY B 128 24.68 3.10 -25.65
CA GLY B 128 24.61 3.80 -24.36
C GLY B 128 24.64 5.31 -24.50
N ASP B 129 24.56 5.97 -23.36
CA ASP B 129 24.54 7.43 -23.28
C ASP B 129 25.72 8.12 -23.95
N GLU B 130 26.89 7.50 -23.95
CA GLU B 130 28.09 8.06 -24.56
C GLU B 130 28.27 7.81 -26.05
N ALA B 131 27.49 6.90 -26.63
CA ALA B 131 27.66 6.56 -28.05
C ALA B 131 27.34 7.72 -29.00
N LEU B 132 28.22 7.93 -29.98
CA LEU B 132 28.03 8.96 -30.99
C LEU B 132 27.26 8.34 -32.14
N ALA B 133 26.34 9.09 -32.75
CA ALA B 133 25.51 8.59 -33.86
C ALA B 133 26.25 7.73 -34.91
N ILE B 134 27.37 8.23 -35.39
CA ILE B 134 28.15 7.50 -36.40
C ILE B 134 28.57 6.09 -35.97
N ASN B 135 28.75 5.88 -34.67
CA ASN B 135 29.21 4.61 -34.16
C ASN B 135 28.11 3.71 -33.64
N THR B 136 26.87 4.17 -33.66
CA THR B 136 25.74 3.39 -33.21
C THR B 136 25.36 2.29 -34.20
N ASN B 137 24.43 1.44 -33.81
CA ASN B 137 23.96 0.38 -34.71
C ASN B 137 23.56 0.93 -36.08
N TYR B 138 22.72 1.99 -36.09
CA TYR B 138 22.35 2.65 -37.35
C TYR B 138 23.55 3.26 -38.10
N GLY B 139 24.51 3.83 -37.35
CA GLY B 139 25.68 4.44 -37.93
C GLY B 139 26.55 3.42 -38.62
N VAL B 140 26.83 2.32 -37.94
CA VAL B 140 27.69 1.27 -38.49
C VAL B 140 27.02 0.56 -39.67
N LEU B 141 25.71 0.39 -39.59
CA LEU B 141 24.98 -0.23 -40.68
C LEU B 141 25.09 0.63 -41.92
N TYR B 142 24.98 1.95 -41.79
CA TYR B 142 25.16 2.83 -42.96
C TYR B 142 26.62 2.86 -43.49
N GLN B 143 27.59 2.71 -42.59
CA GLN B 143 28.97 2.62 -43.08
C GLN B 143 29.10 1.42 -44.01
N ILE B 144 28.52 0.30 -43.60
CA ILE B 144 28.53 -0.95 -44.41
C ILE B 144 27.74 -0.78 -45.72
N VAL B 145 26.54 -0.21 -45.60
CA VAL B 145 25.64 -0.05 -46.74
C VAL B 145 26.20 0.93 -47.79
N PHE B 146 26.49 2.15 -47.38
CA PHE B 146 27.04 3.12 -48.32
C PHE B 146 28.43 2.71 -48.84
N GLY B 147 29.21 2.04 -48.01
CA GLY B 147 30.52 1.54 -48.34
C GLY B 147 30.40 0.50 -49.43
N THR B 148 29.49 -0.45 -49.25
CA THR B 148 29.22 -1.50 -50.25
C THR B 148 28.85 -0.95 -51.60
N LEU B 149 27.94 0.03 -51.60
CA LEU B 149 27.53 0.69 -52.82
C LEU B 149 28.70 1.42 -53.47
N GLN B 150 29.56 2.03 -52.66
CA GLN B 150 30.71 2.72 -53.22
C GLN B 150 31.72 1.74 -53.82
N VAL B 151 32.03 0.68 -53.09
CA VAL B 151 33.02 -0.31 -53.55
C VAL B 151 32.53 -1.12 -54.76
N LEU B 152 31.27 -1.55 -54.74
CA LEU B 152 30.72 -2.37 -55.84
C LEU B 152 30.13 -1.61 -57.00
N GLU B 153 29.62 -0.41 -56.78
CA GLU B 153 29.00 0.35 -57.88
C GLU B 153 29.54 1.75 -58.10
N ASN B 154 30.60 2.13 -57.38
CA ASN B 154 31.18 3.48 -57.47
C ASN B 154 30.11 4.55 -57.13
N ASN B 155 29.23 4.19 -56.20
CA ASN B 155 28.20 5.09 -55.73
C ASN B 155 28.92 6.29 -55.12
N THR B 156 28.46 7.50 -55.46
CA THR B 156 29.11 8.72 -55.03
C THR B 156 28.64 9.33 -53.70
N LYS B 157 27.73 8.69 -52.99
CA LYS B 157 27.21 9.31 -51.76
C LYS B 157 27.94 8.98 -50.46
N PHE B 158 28.94 8.12 -50.51
CA PHE B 158 29.65 7.67 -49.32
C PHE B 158 30.23 8.77 -48.43
N GLU B 159 30.90 9.74 -49.02
CA GLU B 159 31.52 10.81 -48.25
C GLU B 159 30.47 11.64 -47.51
N GLN B 160 29.41 11.96 -48.23
CA GLN B 160 28.34 12.78 -47.64
C GLN B 160 27.56 11.98 -46.58
N ALA B 161 27.47 10.66 -46.76
CA ALA B 161 26.79 9.83 -45.75
C ALA B 161 27.62 9.79 -44.50
N ILE B 162 28.93 9.59 -44.64
CA ILE B 162 29.82 9.52 -43.46
C ILE B 162 29.94 10.90 -42.76
N GLU B 163 30.14 11.96 -43.54
CA GLU B 163 30.22 13.31 -42.95
C GLU B 163 28.86 13.65 -42.30
N GLY B 164 27.76 13.22 -42.92
CA GLY B 164 26.42 13.43 -42.37
C GLY B 164 26.27 12.75 -41.02
N LEU B 165 26.70 11.49 -40.94
CA LEU B 165 26.66 10.74 -39.69
C LEU B 165 27.48 11.43 -38.59
N ASP B 166 28.66 11.94 -38.96
CA ASP B 166 29.51 12.62 -38.01
C ASP B 166 28.79 13.87 -37.48
N GLN B 167 28.16 14.61 -38.36
CA GLN B 167 27.39 15.80 -37.98
C GLN B 167 26.08 15.48 -37.29
N LEU B 168 25.59 14.25 -37.41
CA LEU B 168 24.27 13.87 -36.88
C LEU B 168 24.17 13.88 -35.36
N GLN B 169 25.29 13.71 -34.67
CA GLN B 169 25.27 13.73 -33.20
C GLN B 169 24.78 15.10 -32.67
N ALA B 170 25.25 16.18 -33.29
CA ALA B 170 24.82 17.52 -32.94
C ALA B 170 23.32 17.70 -33.18
N VAL B 171 22.82 17.08 -34.26
CA VAL B 171 21.42 17.15 -34.62
C VAL B 171 20.62 16.43 -33.51
N TYR B 172 21.09 15.26 -33.09
CA TYR B 172 20.49 14.50 -31.99
C TYR B 172 20.34 15.34 -30.77
N GLU B 173 21.45 15.97 -30.37
CA GLU B 173 21.50 16.76 -29.13
C GLU B 173 20.56 17.98 -29.19
N LYS B 174 20.51 18.69 -30.33
CA LYS B 174 19.58 19.82 -30.52
C LYS B 174 18.10 19.36 -30.54
N ALA B 175 17.83 18.28 -31.27
CA ALA B 175 16.50 17.69 -31.40
C ALA B 175 15.96 17.25 -30.05
N LEU B 176 16.82 16.59 -29.28
CA LEU B 176 16.46 16.12 -27.95
C LEU B 176 16.06 17.28 -27.00
N LYS B 177 16.82 18.37 -27.06
CA LYS B 177 16.56 19.55 -26.23
C LYS B 177 15.24 20.20 -26.66
N GLN B 178 15.04 20.32 -27.97
CA GLN B 178 13.84 20.91 -28.52
C GLN B 178 12.55 20.14 -28.22
N GLU B 179 12.68 18.83 -28.08
CA GLU B 179 11.53 17.95 -27.84
C GLU B 179 11.29 17.50 -26.40
N ALA B 180 12.13 17.95 -25.47
CA ALA B 180 12.04 17.57 -24.05
C ALA B 180 10.66 17.79 -23.43
N ASP B 181 10.09 18.98 -23.64
CA ASP B 181 8.77 19.27 -23.08
C ASP B 181 7.70 18.41 -23.75
N ASN B 182 7.83 18.21 -25.07
CA ASN B 182 6.90 17.35 -25.83
C ASN B 182 6.92 15.90 -25.34
N ALA B 183 8.13 15.40 -25.03
CA ALA B 183 8.27 14.05 -24.52
C ALA B 183 7.52 13.91 -23.17
N LYS B 184 7.64 14.91 -22.30
CA LYS B 184 6.96 14.88 -21.01
C LYS B 184 5.44 14.94 -21.19
N GLN B 185 4.99 15.79 -22.11
CA GLN B 185 3.56 15.95 -22.39
C GLN B 185 2.97 14.68 -22.95
N PHE B 186 3.75 14.00 -23.79
CA PHE B 186 3.35 12.73 -24.37
C PHE B 186 3.15 11.70 -23.27
N ALA B 187 4.10 11.61 -22.35
CA ALA B 187 3.98 10.66 -21.25
C ALA B 187 2.70 10.91 -20.42
N LYS B 188 2.47 12.18 -20.12
CA LYS B 188 1.31 12.61 -19.32
C LYS B 188 0.00 12.27 -20.01
N ALA B 189 -0.05 12.55 -21.30
CA ALA B 189 -1.21 12.30 -22.12
C ALA B 189 -1.49 10.83 -22.42
N HIS B 190 -0.46 9.98 -22.37
CA HIS B 190 -0.62 8.56 -22.68
C HIS B 190 -0.42 7.58 -21.51
N GLU B 191 -0.42 8.11 -20.29
CA GLU B 191 -0.28 7.31 -19.09
C GLU B 191 -1.23 6.13 -19.05
N LYS B 192 -2.50 6.33 -19.43
CA LYS B 192 -3.50 5.28 -19.35
C LYS B 192 -4.08 4.85 -20.69
N GLU B 193 -3.47 5.22 -21.82
CA GLU B 193 -3.98 4.81 -23.13
C GLU B 193 -3.57 3.37 -23.37
N SER B 194 -4.52 2.50 -23.69
CA SER B 194 -4.22 1.10 -23.89
C SER B 194 -3.71 0.78 -25.32
N ILE B 195 -4.01 1.65 -26.29
CA ILE B 195 -3.54 1.46 -27.66
C ILE B 195 -3.01 2.78 -28.22
N ILE B 196 -1.85 2.71 -28.87
CA ILE B 196 -1.24 3.87 -29.50
C ILE B 196 -0.71 3.41 -30.84
N TYR B 197 -1.23 3.96 -31.93
CA TYR B 197 -0.73 3.61 -33.26
C TYR B 197 0.47 4.48 -33.62
N THR B 198 1.29 3.97 -34.54
CA THR B 198 2.39 4.70 -35.12
C THR B 198 2.16 4.69 -36.65
N MSE B 199 2.76 5.65 -37.32
CA MSE B 199 2.60 5.77 -38.76
C MSE B 199 3.76 6.51 -39.35
O MSE B 199 4.27 7.51 -38.79
CB MSE B 199 1.24 6.48 -39.07
CG MSE B 199 1.00 6.83 -40.57
SE MSE B 199 -0.90 6.77 -40.95
CE MSE B 199 -0.86 5.10 -41.32
N ALA B 200 4.17 6.00 -40.51
CA ALA B 200 5.27 6.58 -41.26
C ALA B 200 5.33 5.87 -42.65
N SER B 201 6.25 6.30 -43.51
CA SER B 201 6.46 5.73 -44.82
C SER B 201 7.92 5.78 -45.17
N GLY B 202 8.28 5.22 -46.32
CA GLY B 202 9.64 5.23 -46.83
C GLY B 202 10.70 4.76 -45.88
N ALA B 203 11.75 5.56 -45.73
CA ALA B 203 12.87 5.25 -44.88
C ALA B 203 12.56 5.32 -43.40
N ASN B 204 11.39 5.86 -43.04
CA ASN B 204 10.97 6.06 -41.67
C ASN B 204 10.07 4.99 -41.14
N TYR B 205 9.60 4.08 -42.02
CA TYR B 205 8.67 3.03 -41.60
C TYR B 205 9.23 2.06 -40.49
N GLY B 206 10.48 1.68 -40.58
CA GLY B 206 11.08 0.84 -39.56
C GLY B 206 11.17 1.54 -38.20
N VAL B 207 11.27 2.87 -38.17
CA VAL B 207 11.32 3.56 -36.89
C VAL B 207 9.93 3.40 -36.21
N ALA B 208 8.86 3.60 -36.98
CA ALA B 208 7.52 3.43 -36.47
C ALA B 208 7.28 1.96 -36.05
N TYR B 209 7.73 1.02 -36.87
CA TYR B 209 7.58 -0.41 -36.58
C TYR B 209 8.28 -0.78 -35.27
N SER B 210 9.51 -0.35 -35.12
CA SER B 210 10.26 -0.62 -33.87
C SER B 210 9.58 0.02 -32.64
N TYR B 211 9.09 1.23 -32.80
CA TYR B 211 8.42 1.88 -31.68
C TYR B 211 7.18 1.09 -31.27
N SER B 212 6.44 0.61 -32.27
CA SER B 212 5.24 -0.21 -32.03
C SER B 212 5.56 -1.57 -31.40
N ILE B 213 6.45 -2.33 -32.00
CA ILE B 213 6.70 -3.69 -31.47
C ILE B 213 7.64 -3.78 -30.29
N CYS B 214 8.62 -2.88 -30.23
CA CYS B 214 9.60 -2.89 -29.13
C CYS B 214 9.28 -1.89 -27.99
N ILE B 215 9.12 -0.62 -28.29
CA ILE B 215 8.87 0.28 -27.17
C ILE B 215 7.48 0.06 -26.57
N LEU B 216 6.47 0.11 -27.40
CA LEU B 216 5.12 0.03 -26.91
C LEU B 216 4.67 -1.38 -26.47
N MSE B 217 4.74 -2.37 -27.34
N MSE B 217 4.77 -2.36 -27.35
CA MSE B 217 4.25 -3.70 -26.96
CA MSE B 217 4.27 -3.71 -27.01
C MSE B 217 5.18 -4.43 -26.02
C MSE B 217 5.19 -4.38 -26.02
O MSE B 217 4.76 -4.87 -24.93
O MSE B 217 4.77 -4.69 -24.89
CB MSE B 217 3.97 -4.55 -28.19
CB MSE B 217 4.09 -4.65 -28.25
CG MSE B 217 2.88 -3.97 -29.06
CG MSE B 217 3.10 -4.15 -29.32
SE MSE B 217 2.65 -4.99 -30.69
SE MSE B 217 2.69 -5.35 -30.87
CE MSE B 217 1.95 -6.61 -29.87
CE MSE B 217 1.49 -6.47 -29.87
N GLU B 218 6.43 -4.57 -26.42
CA GLU B 218 7.41 -5.28 -25.60
C GLU B 218 7.75 -4.63 -24.30
N MSE B 219 8.07 -3.35 -24.36
CA MSE B 219 8.56 -2.66 -23.15
C MSE B 219 7.54 -1.84 -22.34
O MSE B 219 7.90 -1.29 -21.31
CB MSE B 219 9.75 -1.80 -23.56
CG MSE B 219 10.82 -2.58 -24.26
SE MSE B 219 12.39 -1.47 -24.70
CE MSE B 219 13.12 -2.54 -25.97
N GLN B 220 6.30 -1.75 -22.81
CA GLN B 220 5.25 -1.06 -22.08
C GLN B 220 3.93 -1.83 -21.99
N TRP B 221 3.79 -2.91 -22.73
CA TRP B 221 2.54 -3.67 -22.82
C TRP B 221 1.39 -2.78 -23.27
N ILE B 222 1.70 -1.90 -24.22
CA ILE B 222 0.71 -1.02 -24.84
C ILE B 222 0.43 -1.60 -26.24
N HIS B 223 -0.83 -1.76 -26.60
CA HIS B 223 -1.17 -2.26 -27.94
C HIS B 223 -0.70 -1.26 -28.98
N SER B 224 -0.17 -1.74 -30.08
CA SER B 224 0.25 -0.83 -31.12
C SER B 224 0.19 -1.55 -32.48
N HIS B 225 0.48 -0.78 -33.51
CA HIS B 225 0.46 -1.20 -34.90
C HIS B 225 1.06 -0.05 -35.66
N ALA B 226 2.07 -0.34 -36.47
CA ALA B 226 2.71 0.67 -37.30
C ALA B 226 2.03 0.65 -38.68
N ILE B 227 1.25 1.68 -38.93
CA ILE B 227 0.53 1.81 -40.17
C ILE B 227 1.43 2.50 -41.19
N HIS B 228 1.52 1.94 -42.39
CA HIS B 228 2.24 2.59 -43.46
C HIS B 228 1.35 3.75 -43.94
N ALA B 229 1.94 4.93 -44.04
CA ALA B 229 1.21 6.15 -44.40
C ALA B 229 0.44 6.09 -45.74
N GLY B 230 0.91 5.31 -46.69
CA GLY B 230 0.21 5.10 -47.97
C GLY B 230 -0.98 4.16 -47.78
N GLU B 231 -0.72 3.02 -47.15
CA GLU B 231 -1.75 2.00 -46.85
C GLU B 231 -2.91 2.52 -45.98
N TYR B 232 -2.62 3.53 -45.16
CA TYR B 232 -3.59 4.21 -44.29
C TYR B 232 -4.91 4.52 -44.93
N PHE B 233 -4.84 5.07 -46.13
CA PHE B 233 -6.05 5.51 -46.87
C PHE B 233 -6.80 4.40 -47.61
N HIS B 234 -6.40 3.16 -47.38
CA HIS B 234 -7.01 2.00 -48.01
C HIS B 234 -7.51 1.01 -46.99
N GLY B 235 -7.88 1.55 -45.83
CA GLY B 235 -8.48 0.73 -44.80
C GLY B 235 -8.33 1.21 -43.38
N PRO B 236 -7.08 1.18 -42.86
CA PRO B 236 -6.78 1.60 -41.48
C PRO B 236 -7.36 2.92 -41.03
N PHE B 237 -7.40 3.94 -41.89
CA PHE B 237 -7.91 5.27 -41.52
C PHE B 237 -9.35 5.27 -40.98
N GLU B 238 -10.12 4.24 -41.30
CA GLU B 238 -11.47 4.12 -40.76
C GLU B 238 -11.50 3.99 -39.23
N ILE B 239 -10.38 3.59 -38.63
CA ILE B 239 -10.27 3.41 -37.16
C ILE B 239 -10.14 4.75 -36.41
N ILE B 240 -9.70 5.80 -37.09
CA ILE B 240 -9.44 7.03 -36.37
C ILE B 240 -10.69 7.82 -35.99
N ASP B 241 -10.63 8.41 -34.79
CA ASP B 241 -11.64 9.29 -34.24
C ASP B 241 -10.86 10.16 -33.24
N GLU B 242 -11.51 11.13 -32.58
CA GLU B 242 -10.77 11.99 -31.66
C GLU B 242 -10.18 11.28 -30.43
N SER B 243 -10.58 10.05 -30.12
CA SER B 243 -10.02 9.34 -28.96
C SER B 243 -8.84 8.39 -29.28
N VAL B 244 -8.60 8.10 -30.55
CA VAL B 244 -7.55 7.14 -30.90
C VAL B 244 -6.16 7.80 -31.04
N PRO B 245 -5.23 7.40 -30.16
CA PRO B 245 -3.92 8.03 -30.27
C PRO B 245 -3.07 7.54 -31.44
N PHE B 246 -2.49 8.49 -32.15
CA PHE B 246 -1.56 8.22 -33.27
C PHE B 246 -0.28 9.01 -33.12
N ILE B 247 0.85 8.31 -33.29
CA ILE B 247 2.17 8.91 -33.32
C ILE B 247 2.49 8.96 -34.80
N ILE B 248 2.67 10.15 -35.37
CA ILE B 248 2.88 10.31 -36.81
C ILE B 248 4.26 10.89 -37.06
N LEU B 249 5.04 10.18 -37.86
CA LEU B 249 6.41 10.59 -38.22
C LEU B 249 6.47 11.17 -39.65
N LEU B 250 7.10 12.33 -39.78
CA LEU B 250 7.34 12.91 -41.09
C LEU B 250 8.83 13.05 -41.27
N GLY B 251 9.35 12.41 -42.30
CA GLY B 251 10.77 12.42 -42.58
C GLY B 251 11.15 13.41 -43.64
N LEU B 252 12.32 13.21 -44.21
CA LEU B 252 12.83 14.11 -45.26
C LEU B 252 13.12 13.37 -46.54
N ASP B 253 12.57 12.17 -46.69
CA ASP B 253 12.80 11.40 -47.88
C ASP B 253 11.70 11.68 -48.93
N GLU B 254 11.82 11.02 -50.08
CA GLU B 254 10.88 11.21 -51.20
C GLU B 254 9.44 10.84 -50.89
N THR B 255 9.22 10.08 -49.84
CA THR B 255 7.87 9.66 -49.48
C THR B 255 7.18 10.60 -48.50
N ARG B 256 7.84 11.71 -48.14
CA ARG B 256 7.24 12.66 -47.18
C ARG B 256 5.79 13.06 -47.55
N PRO B 257 5.48 13.24 -48.85
CA PRO B 257 4.09 13.55 -49.22
C PRO B 257 3.05 12.56 -48.70
N LEU B 258 3.41 11.29 -48.61
CA LEU B 258 2.52 10.28 -48.06
C LEU B 258 2.21 10.58 -46.59
N GLU B 259 3.25 10.94 -45.84
CA GLU B 259 3.13 11.26 -44.41
C GLU B 259 2.34 12.56 -44.23
N GLU B 260 2.61 13.54 -45.07
CA GLU B 260 1.87 14.80 -45.04
C GLU B 260 0.36 14.58 -45.26
N ARG B 261 0.03 13.73 -46.24
CA ARG B 261 -1.35 13.45 -46.56
C ARG B 261 -2.05 12.80 -45.36
N ALA B 262 -1.36 11.84 -44.76
CA ALA B 262 -1.88 11.11 -43.57
C ALA B 262 -2.08 12.05 -42.39
N LEU B 263 -1.13 12.95 -42.17
CA LEU B 263 -1.22 13.93 -41.10
C LEU B 263 -2.43 14.84 -41.30
N THR B 264 -2.56 15.39 -42.50
CA THR B 264 -3.67 16.30 -42.81
C THR B 264 -5.03 15.68 -42.51
N PHE B 265 -5.23 14.44 -42.94
CA PHE B 265 -6.48 13.74 -42.67
C PHE B 265 -6.67 13.51 -41.17
N SER B 266 -5.62 13.04 -40.51
CA SER B 266 -5.67 12.74 -39.06
C SER B 266 -5.98 13.97 -38.23
N LYS B 267 -5.47 15.14 -38.63
CA LYS B 267 -5.78 16.37 -37.89
C LYS B 267 -7.24 16.75 -37.98
N LYS B 268 -7.85 16.39 -39.09
CA LYS B 268 -9.25 16.65 -39.33
C LYS B 268 -10.21 15.74 -38.59
N TYR B 269 -9.91 14.45 -38.58
CA TYR B 269 -10.82 13.49 -37.94
C TYR B 269 -10.32 12.90 -36.64
N GLY B 270 -9.04 13.11 -36.34
CA GLY B 270 -8.47 12.64 -35.08
C GLY B 270 -8.20 13.82 -34.21
N LYS B 271 -7.58 13.57 -33.08
CA LYS B 271 -7.24 14.66 -32.14
C LYS B 271 -6.02 14.35 -31.28
N LYS B 272 -5.94 13.12 -30.78
CA LYS B 272 -4.84 12.74 -29.93
C LYS B 272 -3.64 12.34 -30.79
N LEU B 273 -3.05 13.34 -31.42
CA LEU B 273 -1.93 13.17 -32.34
C LEU B 273 -0.60 13.62 -31.74
N THR B 274 0.42 12.80 -31.89
CA THR B 274 1.76 13.10 -31.46
C THR B 274 2.58 13.12 -32.75
N VAL B 275 2.96 14.31 -33.19
CA VAL B 275 3.65 14.44 -34.46
C VAL B 275 5.12 14.73 -34.28
N LEU B 276 5.98 13.92 -34.92
CA LEU B 276 7.42 14.18 -34.93
C LEU B 276 7.76 14.47 -36.37
N ASP B 277 8.15 15.70 -36.64
CA ASP B 277 8.45 16.13 -37.98
C ASP B 277 9.93 16.50 -38.06
N ALA B 278 10.67 15.70 -38.86
CA ALA B 278 12.10 15.92 -39.05
C ALA B 278 12.42 17.32 -39.61
N ALA B 279 11.47 17.89 -40.35
CA ALA B 279 11.67 19.24 -40.89
C ALA B 279 11.87 20.25 -39.78
N SER B 280 11.39 19.95 -38.57
CA SER B 280 11.55 20.87 -37.47
C SER B 280 12.95 20.80 -36.82
N TYR B 281 13.78 19.84 -37.23
CA TYR B 281 15.13 19.71 -36.70
C TYR B 281 16.12 20.39 -37.65
N ASP B 282 17.37 20.55 -37.19
CA ASP B 282 18.39 21.28 -37.97
C ASP B 282 19.35 20.37 -38.74
N PHE B 283 19.05 20.23 -40.03
CA PHE B 283 19.86 19.40 -40.92
C PHE B 283 20.69 20.28 -41.84
N THR B 284 20.98 21.52 -41.44
CA THR B 284 21.73 22.41 -42.32
C THR B 284 23.18 21.96 -42.57
N ALA B 285 23.75 21.17 -41.67
CA ALA B 285 25.10 20.64 -41.83
C ALA B 285 25.14 19.31 -42.57
N ILE B 286 23.97 18.80 -42.95
CA ILE B 286 23.84 17.52 -43.64
C ILE B 286 23.57 17.80 -45.11
N ASP B 287 24.27 17.09 -45.99
CA ASP B 287 24.10 17.25 -47.42
C ASP B 287 22.73 16.79 -47.88
N ASP B 288 22.11 17.56 -48.76
CA ASP B 288 20.78 17.24 -49.29
C ASP B 288 20.71 15.87 -49.93
N SER B 289 21.82 15.38 -50.47
CA SER B 289 21.85 14.05 -51.08
C SER B 289 21.56 12.92 -50.08
N VAL B 290 21.74 13.19 -48.79
CA VAL B 290 21.53 12.15 -47.78
C VAL B 290 20.63 12.48 -46.58
N LYS B 291 20.06 13.68 -46.50
N LYS B 291 20.06 13.68 -46.54
CA LYS B 291 19.24 14.04 -45.33
CA LYS B 291 19.16 14.11 -45.46
C LYS B 291 17.95 13.20 -45.20
C LYS B 291 18.00 13.18 -45.22
N GLY B 292 17.42 12.70 -46.32
CA GLY B 292 16.26 11.80 -46.25
C GLY B 292 16.64 10.45 -45.68
N TYR B 293 17.89 10.04 -45.93
CA TYR B 293 18.38 8.76 -45.42
C TYR B 293 18.75 8.86 -43.95
N LEU B 294 19.13 10.06 -43.47
CA LEU B 294 19.54 10.23 -42.06
C LEU B 294 18.42 10.66 -41.10
N ALA B 295 17.38 11.29 -41.64
CA ALA B 295 16.26 11.74 -40.80
C ALA B 295 15.65 10.60 -39.92
N PRO B 296 15.52 9.36 -40.46
CA PRO B 296 14.99 8.36 -39.54
C PRO B 296 15.81 8.16 -38.26
N LEU B 297 17.12 8.30 -38.35
CA LEU B 297 17.97 8.13 -37.17
C LEU B 297 17.67 9.17 -36.09
N VAL B 298 17.41 10.40 -36.50
CA VAL B 298 17.09 11.46 -35.55
C VAL B 298 15.71 11.19 -34.99
N LEU B 299 14.74 10.85 -35.83
CA LEU B 299 13.38 10.57 -35.36
C LEU B 299 13.39 9.45 -34.33
N ASN B 300 14.15 8.42 -34.60
CA ASN B 300 14.28 7.30 -33.69
C ASN B 300 14.90 7.72 -32.33
N ARG B 301 15.95 8.54 -32.38
CA ARG B 301 16.59 9.00 -31.16
C ARG B 301 15.61 9.85 -30.33
N VAL B 302 14.87 10.76 -30.97
CA VAL B 302 13.89 11.57 -30.26
C VAL B 302 12.84 10.66 -29.61
N LEU B 303 12.35 9.68 -30.36
CA LEU B 303 11.35 8.76 -29.84
C LEU B 303 11.81 8.06 -28.58
N ARG B 304 13.10 7.82 -28.47
CA ARG B 304 13.65 7.22 -27.29
C ARG B 304 13.38 8.03 -26.04
N SER B 305 13.49 9.35 -26.17
CA SER B 305 13.26 10.25 -25.04
C SER B 305 11.76 10.23 -24.66
N TYR B 306 10.89 10.04 -25.66
CA TYR B 306 9.45 9.92 -25.45
C TYR B 306 9.18 8.64 -24.66
N ALA B 307 9.85 7.54 -25.05
CA ALA B 307 9.74 6.26 -24.38
C ALA B 307 10.18 6.35 -22.90
N ASP B 308 11.31 7.01 -22.65
CA ASP B 308 11.81 7.16 -21.29
C ASP B 308 10.81 7.87 -20.42
N GLU B 309 10.20 8.94 -20.92
CA GLU B 309 9.21 9.70 -20.14
C GLU B 309 7.95 8.88 -19.90
N LEU B 310 7.54 8.13 -20.92
CA LEU B 310 6.38 7.28 -20.81
C LEU B 310 6.57 6.22 -19.74
N ALA B 311 7.71 5.54 -19.78
CA ALA B 311 8.04 4.49 -18.81
C ALA B 311 7.98 5.01 -17.37
N GLU B 312 8.54 6.20 -17.16
CA GLU B 312 8.54 6.79 -15.84
C GLU B 312 7.12 7.12 -15.39
N GLU B 313 6.35 7.75 -16.29
CA GLU B 313 4.96 8.16 -16.00
C GLU B 313 4.05 6.97 -15.73
N ARG B 314 4.28 5.86 -16.43
CA ARG B 314 3.46 4.67 -16.24
C ARG B 314 4.03 3.72 -15.19
N ASN B 315 5.16 4.03 -14.59
CA ASN B 315 5.79 3.16 -13.59
C ASN B 315 5.98 1.75 -14.11
N HIS B 316 6.47 1.69 -15.35
CA HIS B 316 6.70 0.45 -16.07
C HIS B 316 8.06 0.61 -16.72
N PRO B 317 9.14 0.16 -16.02
CA PRO B 317 10.47 0.31 -16.61
C PRO B 317 10.59 -0.37 -17.96
N LEU B 318 11.37 0.24 -18.86
CA LEU B 318 11.56 -0.32 -20.19
C LEU B 318 12.22 -1.71 -20.16
N SER B 319 12.94 -2.04 -19.09
CA SER B 319 13.60 -3.34 -18.95
C SER B 319 12.67 -4.44 -18.48
N HIS B 320 11.45 -4.08 -18.07
CA HIS B 320 10.51 -5.03 -17.54
C HIS B 320 10.00 -6.02 -18.60
N ARG B 321 9.95 -7.31 -18.26
CA ARG B 321 9.46 -8.36 -19.17
C ARG B 321 8.76 -9.39 -18.34
N ARG B 322 7.79 -10.08 -18.96
CA ARG B 322 7.13 -11.21 -18.30
C ARG B 322 7.49 -12.52 -18.98
N TYR B 323 7.95 -12.46 -20.23
CA TYR B 323 8.29 -13.67 -21.00
C TYR B 323 9.73 -13.69 -21.54
N MSE B 324 10.16 -12.62 -22.20
N MSE B 324 10.15 -12.61 -22.20
CA MSE B 324 11.51 -12.57 -22.78
CA MSE B 324 11.51 -12.43 -22.74
C MSE B 324 12.53 -12.78 -21.67
C MSE B 324 12.55 -12.75 -21.66
O MSE B 324 12.46 -12.14 -20.64
O MSE B 324 12.50 -12.15 -20.61
CB MSE B 324 11.75 -11.26 -23.51
CB MSE B 324 11.63 -10.96 -23.19
CG MSE B 324 13.09 -11.14 -24.21
CG MSE B 324 13.01 -10.34 -23.58
SE MSE B 324 13.20 -9.35 -25.02
SE MSE B 324 13.65 -10.19 -25.43
CE MSE B 324 11.87 -9.63 -26.32
CE MSE B 324 12.07 -9.56 -26.26
N TRP B 325 13.48 -13.70 -21.92
CA TRP B 325 14.54 -14.10 -20.95
C TRP B 325 14.02 -14.77 -19.67
N LYS B 326 12.72 -15.04 -19.59
CA LYS B 326 12.15 -15.54 -18.33
C LYS B 326 11.46 -16.88 -18.40
N VAL B 327 10.91 -17.21 -19.58
CA VAL B 327 10.26 -18.49 -19.83
C VAL B 327 10.82 -19.09 -21.11
N GLU B 328 10.48 -20.35 -21.33
CA GLU B 328 10.95 -21.11 -22.47
C GLU B 328 9.99 -20.86 -23.64
N TYR B 329 10.51 -20.67 -24.84
CA TYR B 329 9.64 -20.42 -25.99
C TYR B 329 10.31 -20.69 -27.30
N THR C 6 -2.55 31.56 -6.84
CA THR C 6 -1.92 30.22 -6.64
C THR C 6 -1.29 30.09 -5.24
N ALA C 7 -0.76 31.20 -4.75
CA ALA C 7 -0.13 31.27 -3.45
C ALA C 7 -1.07 30.99 -2.30
N LYS C 8 -2.35 31.23 -2.54
CA LYS C 8 -3.37 31.01 -1.54
C LYS C 8 -4.01 29.62 -1.65
N VAL C 9 -3.61 28.85 -2.66
CA VAL C 9 -4.16 27.52 -2.88
C VAL C 9 -3.48 26.50 -1.99
N ASN C 10 -4.31 25.64 -1.40
CA ASN C 10 -3.89 24.55 -0.58
C ASN C 10 -2.77 23.82 -1.32
N ARG C 11 -1.68 23.52 -0.62
CA ARG C 11 -0.52 22.88 -1.28
C ARG C 11 -0.84 21.53 -1.90
N GLU C 12 -1.71 20.75 -1.27
CA GLU C 12 -2.08 19.44 -1.80
C GLU C 12 -2.88 19.62 -3.08
N VAL C 13 -3.73 20.65 -3.10
CA VAL C 13 -4.52 20.96 -4.31
C VAL C 13 -3.56 21.43 -5.40
N GLN C 14 -2.58 22.24 -5.07
CA GLN C 14 -1.57 22.69 -6.07
C GLN C 14 -0.84 21.51 -6.71
N ALA C 15 -0.40 20.54 -5.91
CA ALA C 15 0.29 19.35 -6.42
C ALA C 15 -0.63 18.59 -7.38
N PHE C 16 -1.89 18.42 -6.98
CA PHE C 16 -2.89 17.80 -7.80
C PHE C 16 -3.01 18.54 -9.12
N LEU C 17 -3.15 19.86 -9.07
CA LEU C 17 -3.30 20.65 -10.31
C LEU C 17 -2.08 20.59 -11.22
N GLN C 18 -0.89 20.52 -10.62
CA GLN C 18 0.35 20.39 -11.40
C GLN C 18 0.37 19.06 -12.16
N ASP C 19 -0.01 17.99 -11.46
CA ASP C 19 -0.04 16.67 -12.07
C ASP C 19 -1.16 16.54 -13.10
N LEU C 20 -2.24 17.30 -12.92
CA LEU C 20 -3.38 17.23 -13.83
C LEU C 20 -3.04 17.78 -15.22
N LYS C 21 -2.08 18.70 -15.30
CA LYS C 21 -1.68 19.30 -16.57
C LYS C 21 -1.37 18.24 -17.61
N GLY C 22 -1.98 18.39 -18.77
CA GLY C 22 -1.74 17.48 -19.90
C GLY C 22 -2.57 16.22 -19.88
N LYS C 23 -3.32 15.96 -18.81
CA LYS C 23 -4.11 14.75 -18.77
C LYS C 23 -5.41 14.90 -19.58
N THR C 24 -5.95 13.76 -20.00
CA THR C 24 -7.20 13.70 -20.73
C THR C 24 -8.35 13.33 -19.79
N ILE C 25 -9.18 14.32 -19.48
CA ILE C 25 -10.33 14.14 -18.59
C ILE C 25 -11.57 14.63 -19.33
N ASP C 26 -12.57 13.77 -19.46
CA ASP C 26 -13.83 14.15 -20.15
C ASP C 26 -15.06 14.10 -19.25
N HIS C 27 -14.89 13.70 -17.99
CA HIS C 27 -16.05 13.55 -17.11
C HIS C 27 -15.62 13.74 -15.70
N VAL C 28 -16.41 14.50 -14.96
CA VAL C 28 -16.14 14.69 -13.52
C VAL C 28 -17.37 14.15 -12.78
N PHE C 29 -17.09 13.43 -11.69
CA PHE C 29 -18.12 12.87 -10.83
C PHE C 29 -17.95 13.41 -9.42
N PHE C 30 -19.00 14.05 -8.90
CA PHE C 30 -19.04 14.61 -7.56
C PHE C 30 -19.70 13.54 -6.70
N VAL C 31 -18.90 12.90 -5.84
CA VAL C 31 -19.40 11.76 -5.06
C VAL C 31 -19.15 11.87 -3.57
N ALA C 32 -20.24 11.84 -2.81
CA ALA C 32 -20.19 11.96 -1.36
C ALA C 32 -21.56 11.65 -0.81
N CYS C 33 -21.73 11.73 0.51
CA CYS C 33 -22.98 11.42 1.18
C CYS C 33 -23.50 12.55 2.03
N GLY C 34 -24.83 12.71 2.01
CA GLY C 34 -25.56 13.74 2.77
C GLY C 34 -25.00 15.14 2.67
N GLY C 35 -24.65 15.71 3.83
CA GLY C 35 -24.09 17.05 3.91
C GLY C 35 -22.86 17.24 3.02
N SER C 36 -22.05 16.20 2.90
CA SER C 36 -20.85 16.28 2.03
C SER C 36 -21.19 16.24 0.55
N SER C 37 -22.33 15.68 0.18
CA SER C 37 -22.80 15.71 -1.20
C SER C 37 -23.40 17.10 -1.46
N ALA C 38 -24.13 17.62 -0.50
CA ALA C 38 -24.77 18.89 -0.59
C ALA C 38 -23.77 20.04 -0.94
N ILE C 39 -22.59 20.00 -0.34
CA ILE C 39 -21.60 21.04 -0.61
C ILE C 39 -21.10 21.03 -2.08
N MSE C 40 -21.37 19.96 -2.84
CA MSE C 40 -20.93 19.87 -4.24
C MSE C 40 -21.91 20.40 -5.28
O MSE C 40 -21.58 20.56 -6.46
CB MSE C 40 -20.61 18.42 -4.59
CG MSE C 40 -19.44 17.89 -3.78
SE MSE C 40 -19.03 16.00 -4.09
CE MSE C 40 -17.67 15.87 -2.93
N TYR C 41 -23.13 20.72 -4.84
CA TYR C 41 -24.14 21.25 -5.76
C TYR C 41 -23.68 22.54 -6.44
N PRO C 42 -23.07 23.50 -5.71
CA PRO C 42 -22.60 24.70 -6.41
C PRO C 42 -21.55 24.35 -7.45
N SER C 43 -20.67 23.39 -7.14
CA SER C 43 -19.63 22.96 -8.09
C SER C 43 -20.21 22.39 -9.38
N LYS C 44 -21.31 21.65 -9.28
CA LYS C 44 -22.04 21.15 -10.46
C LYS C 44 -22.58 22.36 -11.26
N TYR C 45 -23.12 23.36 -10.57
CA TYR C 45 -23.60 24.56 -11.23
C TYR C 45 -22.45 25.25 -11.97
N VAL C 46 -21.31 25.39 -11.30
CA VAL C 46 -20.12 25.99 -11.94
C VAL C 46 -19.73 25.24 -13.22
N PHE C 47 -19.60 23.92 -13.13
CA PHE C 47 -19.27 23.12 -14.33
C PHE C 47 -20.27 23.34 -15.43
N ASP C 48 -21.57 23.35 -15.09
CA ASP C 48 -22.61 23.57 -16.10
C ASP C 48 -22.47 24.91 -16.81
N ARG C 49 -22.07 25.96 -16.08
CA ARG C 49 -21.92 27.29 -16.67
C ARG C 49 -20.57 27.52 -17.30
N GLU C 50 -19.54 26.79 -16.88
CA GLU C 50 -18.17 27.07 -17.31
C GLU C 50 -17.48 26.07 -18.18
N SER C 51 -17.80 24.80 -18.05
CA SER C 51 -17.10 23.73 -18.78
C SER C 51 -17.64 23.47 -20.18
N LYS C 52 -16.79 23.65 -21.17
CA LYS C 52 -17.16 23.43 -22.54
C LYS C 52 -16.89 21.97 -22.95
N SER C 53 -15.97 21.31 -22.26
CA SER C 53 -15.56 19.96 -22.66
C SER C 53 -15.68 18.83 -21.65
N ILE C 54 -16.11 19.12 -20.42
CA ILE C 54 -16.19 18.08 -19.41
C ILE C 54 -17.61 17.87 -18.87
N ASN C 55 -18.05 16.63 -18.95
CA ASN C 55 -19.33 16.17 -18.48
C ASN C 55 -19.26 16.14 -16.95
N SER C 56 -20.29 16.63 -16.27
CA SER C 56 -20.31 16.60 -14.82
C SER C 56 -21.55 15.89 -14.34
N ASP C 57 -21.41 15.01 -13.35
CA ASP C 57 -22.51 14.32 -12.73
C ASP C 57 -22.28 14.36 -11.21
N LEU C 58 -23.36 14.29 -10.44
CA LEU C 58 -23.28 14.28 -8.99
C LEU C 58 -24.20 13.20 -8.48
N TYR C 59 -23.69 12.37 -7.56
CA TYR C 59 -24.44 11.27 -7.01
C TYR C 59 -24.07 11.00 -5.56
N SER C 60 -25.01 10.44 -4.81
CA SER C 60 -24.74 10.03 -3.46
C SER C 60 -23.77 8.86 -3.68
N ALA C 61 -22.86 8.62 -2.74
CA ALA C 61 -21.84 7.58 -2.90
C ALA C 61 -22.32 6.16 -3.27
N ASN C 62 -23.35 5.66 -2.59
CA ASN C 62 -23.79 4.30 -2.85
C ASN C 62 -24.60 4.26 -4.18
N GLU C 63 -25.27 5.37 -4.55
CA GLU C 63 -25.95 5.47 -5.82
C GLU C 63 -24.90 5.42 -6.94
N PHE C 64 -23.81 6.16 -6.77
CA PHE C 64 -22.72 6.18 -7.76
C PHE C 64 -22.18 4.78 -8.00
N ILE C 65 -21.92 4.04 -6.92
CA ILE C 65 -21.38 2.69 -7.08
C ILE C 65 -22.34 1.72 -7.78
N GLN C 66 -23.61 1.74 -7.36
CA GLN C 66 -24.61 0.83 -7.91
C GLN C 66 -25.07 1.21 -9.30
N ARG C 67 -25.30 2.51 -9.54
CA ARG C 67 -25.69 2.97 -10.86
C ARG C 67 -24.57 2.66 -11.85
N ASN C 68 -23.33 2.64 -11.36
CA ASN C 68 -22.15 2.29 -12.14
C ASN C 68 -22.15 2.93 -13.53
N PRO C 69 -22.00 4.25 -13.59
CA PRO C 69 -22.05 4.93 -14.87
C PRO C 69 -21.08 4.31 -15.89
N VAL C 70 -21.59 3.97 -17.07
CA VAL C 70 -20.78 3.39 -18.14
C VAL C 70 -19.64 4.32 -18.56
N GLN C 71 -19.81 5.64 -18.39
CA GLN C 71 -18.78 6.58 -18.78
C GLN C 71 -17.66 6.70 -17.74
N LEU C 72 -17.78 6.04 -16.59
CA LEU C 72 -16.77 6.06 -15.54
C LEU C 72 -15.56 5.24 -15.99
N GLY C 73 -14.39 5.88 -16.04
CA GLY C 73 -13.18 5.19 -16.44
C GLY C 73 -11.91 6.02 -16.37
N GLU C 74 -10.98 5.68 -17.26
CA GLU C 74 -9.67 6.32 -17.31
C GLU C 74 -9.64 7.80 -17.65
N LYS C 75 -10.72 8.29 -18.26
CA LYS C 75 -10.84 9.72 -18.61
C LYS C 75 -11.74 10.46 -17.60
N SER C 76 -11.99 9.84 -16.45
CA SER C 76 -12.80 10.44 -15.39
C SER C 76 -11.98 10.99 -14.24
N LEU C 77 -12.52 12.03 -13.59
CA LEU C 77 -11.99 12.63 -12.41
C LEU C 77 -13.12 12.43 -11.43
N VAL C 78 -12.86 11.86 -10.26
CA VAL C 78 -13.89 11.65 -9.23
C VAL C 78 -13.47 12.47 -8.02
N ILE C 79 -14.33 13.39 -7.57
CA ILE C 79 -14.04 14.24 -6.44
C ILE C 79 -14.92 13.73 -5.31
N LEU C 80 -14.29 13.36 -4.18
CA LEU C 80 -14.99 12.82 -3.02
C LEU C 80 -14.80 13.63 -1.75
N CYS C 81 -15.75 13.52 -0.83
CA CYS C 81 -15.63 14.27 0.40
C CYS C 81 -16.30 13.51 1.55
N SER C 82 -15.61 13.48 2.68
CA SER C 82 -16.08 12.91 3.94
C SER C 82 -15.34 13.65 5.04
N HIS C 83 -16.08 14.19 6.00
CA HIS C 83 -15.48 14.95 7.07
C HIS C 83 -14.51 14.09 7.91
N SER C 84 -15.05 13.01 8.43
CA SER C 84 -14.32 12.05 9.21
C SER C 84 -13.40 11.19 8.37
N GLY C 85 -13.75 10.99 7.10
CA GLY C 85 -12.96 10.13 6.23
C GLY C 85 -13.30 8.66 6.43
N ASN C 86 -14.29 8.38 7.28
CA ASN C 86 -14.72 7.03 7.59
C ASN C 86 -16.03 6.59 6.91
N THR C 87 -16.81 7.53 6.34
CA THR C 87 -18.14 7.25 5.72
C THR C 87 -17.92 6.08 4.78
N PRO C 88 -18.44 4.90 5.16
CA PRO C 88 -18.13 3.70 4.40
C PRO C 88 -18.45 3.71 2.92
N GLU C 89 -19.57 4.34 2.54
CA GLU C 89 -19.97 4.38 1.14
C GLU C 89 -19.05 5.25 0.32
N THR C 90 -18.54 6.31 0.93
CA THR C 90 -17.64 7.21 0.26
C THR C 90 -16.28 6.58 0.09
N VAL C 91 -15.82 5.85 1.12
CA VAL C 91 -14.54 5.11 1.07
C VAL C 91 -14.62 4.06 -0.02
N LYS C 92 -15.73 3.34 -0.06
CA LYS C 92 -15.92 2.33 -1.09
C LYS C 92 -16.02 2.94 -2.50
N ALA C 93 -16.66 4.11 -2.62
CA ALA C 93 -16.78 4.80 -3.91
C ALA C 93 -15.40 5.22 -4.44
N ALA C 94 -14.50 5.61 -3.55
CA ALA C 94 -13.14 5.99 -3.95
C ALA C 94 -12.37 4.79 -4.51
N ALA C 95 -12.50 3.64 -3.84
CA ALA C 95 -11.86 2.44 -4.28
C ALA C 95 -12.44 1.95 -5.60
N PHE C 96 -13.75 2.06 -5.71
CA PHE C 96 -14.47 1.66 -6.90
C PHE C 96 -14.02 2.48 -8.11
N ALA C 97 -13.99 3.79 -7.97
CA ALA C 97 -13.55 4.66 -9.06
C ALA C 97 -12.09 4.43 -9.42
N ARG C 98 -11.24 4.28 -8.40
CA ARG C 98 -9.82 4.09 -8.66
C ARG C 98 -9.60 2.76 -9.37
N GLY C 99 -10.37 1.75 -8.99
CA GLY C 99 -10.31 0.44 -9.64
C GLY C 99 -10.67 0.50 -11.11
N LYS C 100 -11.54 1.43 -11.51
CA LYS C 100 -11.93 1.65 -12.90
C LYS C 100 -10.93 2.50 -13.68
N GLY C 101 -9.84 2.94 -13.04
CA GLY C 101 -8.83 3.75 -13.72
C GLY C 101 -9.05 5.24 -13.59
N ALA C 102 -10.05 5.66 -12.82
CA ALA C 102 -10.33 7.07 -12.64
C ALA C 102 -9.30 7.77 -11.77
N LEU C 103 -9.13 9.08 -12.01
CA LEU C 103 -8.29 9.94 -11.20
C LEU C 103 -9.17 10.32 -10.01
N THR C 104 -8.68 10.13 -8.78
CA THR C 104 -9.49 10.41 -7.59
C THR C 104 -8.84 11.41 -6.65
N ILE C 105 -9.65 12.35 -6.15
CA ILE C 105 -9.19 13.30 -5.16
C ILE C 105 -10.25 13.36 -4.08
N ALA C 106 -9.82 13.14 -2.84
CA ALA C 106 -10.72 13.16 -1.69
C ALA C 106 -10.40 14.33 -0.78
N MSE C 107 -11.46 14.94 -0.25
CA MSE C 107 -11.37 16.01 0.69
C MSE C 107 -11.86 15.45 1.99
O MSE C 107 -12.82 14.70 2.04
CB MSE C 107 -12.28 17.15 0.30
CG MSE C 107 -12.02 17.72 -1.02
SE MSE C 107 -13.30 19.09 -1.25
CE MSE C 107 -12.93 20.16 -0.01
N THR C 108 -11.15 15.78 3.07
CA THR C 108 -11.48 15.34 4.39
C THR C 108 -10.87 16.24 5.47
N PHE C 109 -11.38 16.12 6.68
CA PHE C 109 -10.83 16.84 7.81
C PHE C 109 -9.78 15.94 8.46
N LYS C 110 -9.79 14.63 8.12
CA LYS C 110 -8.85 13.64 8.69
C LYS C 110 -7.96 12.94 7.65
N PRO C 111 -6.69 13.38 7.55
CA PRO C 111 -5.77 12.81 6.57
C PRO C 111 -5.29 11.35 6.77
N GLU C 112 -5.43 10.75 7.95
CA GLU C 112 -5.03 9.35 8.13
C GLU C 112 -6.27 8.42 8.07
N SER C 113 -7.37 8.93 7.50
CA SER C 113 -8.62 8.20 7.36
C SER C 113 -8.65 7.21 6.20
N PRO C 114 -9.54 6.20 6.29
CA PRO C 114 -9.73 5.23 5.21
C PRO C 114 -9.97 5.88 3.84
N LEU C 115 -10.73 6.97 3.78
CA LEU C 115 -10.96 7.65 2.49
C LEU C 115 -9.65 8.18 1.93
N ALA C 116 -8.84 8.77 2.82
CA ALA C 116 -7.54 9.28 2.44
C ALA C 116 -6.66 8.16 1.93
N GLN C 117 -6.79 6.99 2.52
CA GLN C 117 -5.98 5.85 2.08
C GLN C 117 -6.39 5.37 0.69
N GLU C 118 -7.68 5.40 0.38
CA GLU C 118 -8.15 4.92 -0.93
C GLU C 118 -7.94 5.89 -2.07
N ALA C 119 -8.09 7.19 -1.81
CA ALA C 119 -7.98 8.19 -2.86
C ALA C 119 -6.55 8.41 -3.28
N GLN C 120 -6.34 8.74 -4.55
CA GLN C 120 -5.00 8.96 -5.07
C GLN C 120 -4.43 10.29 -4.55
N TYR C 121 -5.27 11.32 -4.53
CA TYR C 121 -4.90 12.63 -4.01
C TYR C 121 -5.81 12.94 -2.84
N VAL C 122 -5.27 13.65 -1.84
CA VAL C 122 -6.00 14.02 -0.64
C VAL C 122 -5.81 15.50 -0.32
N ALA C 123 -6.91 16.22 -0.11
CA ALA C 123 -6.83 17.64 0.29
C ALA C 123 -7.56 17.82 1.61
N GLN C 124 -6.89 18.33 2.64
CA GLN C 124 -7.58 18.54 3.90
C GLN C 124 -8.16 19.92 3.92
N TYR C 125 -9.25 20.10 4.65
CA TYR C 125 -9.83 21.41 4.80
C TYR C 125 -9.87 21.76 6.28
N ASP C 126 -10.01 23.06 6.56
CA ASP C 126 -10.12 23.53 7.94
C ASP C 126 -11.58 23.55 8.37
N TRP C 127 -11.76 23.46 9.66
CA TRP C 127 -13.06 23.42 10.23
C TRP C 127 -13.07 24.00 11.64
N GLY C 128 -14.20 24.58 12.01
CA GLY C 128 -14.37 25.17 13.35
C GLY C 128 -14.40 26.68 13.32
N ASP C 129 -14.51 27.28 14.50
CA ASP C 129 -14.62 28.75 14.63
C ASP C 129 -13.47 29.54 14.02
N GLU C 130 -12.26 28.99 14.00
CA GLU C 130 -11.12 29.70 13.42
C GLU C 130 -10.92 29.52 11.91
N ALA C 131 -11.66 28.61 11.30
CA ALA C 131 -11.50 28.34 9.86
C ALA C 131 -11.86 29.55 9.02
N LEU C 132 -11.03 29.88 8.03
CA LEU C 132 -11.30 30.95 7.12
C LEU C 132 -12.02 30.34 5.90
N ALA C 133 -12.96 31.09 5.32
CA ALA C 133 -13.77 30.62 4.18
C ALA C 133 -12.99 29.89 3.08
N ILE C 134 -11.89 30.49 2.65
CA ILE C 134 -11.05 29.92 1.59
C ILE C 134 -10.53 28.51 1.92
N ASN C 135 -10.35 28.24 3.21
CA ASN C 135 -9.82 26.95 3.64
C ASN C 135 -10.84 25.96 4.09
N THR C 136 -12.11 26.35 4.07
CA THR C 136 -13.16 25.43 4.49
C THR C 136 -13.46 24.40 3.40
N ASN C 137 -14.33 23.46 3.73
CA ASN C 137 -14.73 22.44 2.78
C ASN C 137 -15.20 23.09 1.45
N TYR C 138 -16.08 24.08 1.53
CA TYR C 138 -16.53 24.78 0.32
C TYR C 138 -15.40 25.50 -0.40
N GLY C 139 -14.46 26.06 0.36
CA GLY C 139 -13.32 26.77 -0.22
C GLY C 139 -12.38 25.86 -0.98
N VAL C 140 -11.99 24.77 -0.33
CA VAL C 140 -11.07 23.80 -0.91
C VAL C 140 -11.69 23.17 -2.14
N LEU C 141 -12.99 22.85 -2.07
CA LEU C 141 -13.68 22.26 -3.21
C LEU C 141 -13.63 23.22 -4.39
N TYR C 142 -13.89 24.50 -4.16
CA TYR C 142 -13.76 25.45 -5.27
C TYR C 142 -12.32 25.62 -5.78
N GLN C 143 -11.32 25.48 -4.92
CA GLN C 143 -9.92 25.53 -5.39
C GLN C 143 -9.68 24.39 -6.41
N ILE C 144 -10.19 23.21 -6.09
CA ILE C 144 -10.09 22.04 -6.98
C ILE C 144 -10.89 22.23 -8.26
N VAL C 145 -12.13 22.71 -8.11
CA VAL C 145 -13.05 22.92 -9.22
C VAL C 145 -12.60 23.99 -10.22
N PHE C 146 -12.34 25.20 -9.74
CA PHE C 146 -11.85 26.27 -10.63
C PHE C 146 -10.43 25.96 -11.15
N GLY C 147 -9.63 25.30 -10.34
CA GLY C 147 -8.27 24.91 -10.76
C GLY C 147 -8.33 23.93 -11.89
N THR C 148 -9.19 22.93 -11.77
CA THR C 148 -9.37 21.91 -12.81
C THR C 148 -9.79 22.53 -14.13
N LEU C 149 -10.74 23.45 -14.09
CA LEU C 149 -11.21 24.17 -15.27
C LEU C 149 -10.09 25.05 -15.88
N GLN C 150 -9.25 25.65 -15.03
CA GLN C 150 -8.14 26.46 -15.50
C GLN C 150 -7.10 25.57 -16.18
N VAL C 151 -6.70 24.49 -15.51
CA VAL C 151 -5.70 23.57 -16.03
C VAL C 151 -6.11 22.83 -17.29
N LEU C 152 -7.33 22.31 -17.32
CA LEU C 152 -7.80 21.55 -18.48
C LEU C 152 -8.45 22.35 -19.59
N GLU C 153 -9.03 23.51 -19.30
CA GLU C 153 -9.71 24.27 -20.36
C GLU C 153 -9.27 25.72 -20.49
N ASN C 154 -8.26 26.11 -19.74
CA ASN C 154 -7.78 27.47 -19.76
C ASN C 154 -8.91 28.43 -19.33
N ASN C 155 -9.76 27.99 -18.40
CA ASN C 155 -10.83 28.82 -17.89
C ASN C 155 -10.18 30.01 -17.21
N THR C 156 -10.78 31.18 -17.43
CA THR C 156 -10.23 32.45 -16.95
C THR C 156 -10.74 32.94 -15.61
N LYS C 157 -11.59 32.19 -14.92
CA LYS C 157 -12.15 32.68 -13.67
C LYS C 157 -11.41 32.31 -12.38
N PHE C 158 -10.36 31.48 -12.51
CA PHE C 158 -9.58 31.00 -11.37
C PHE C 158 -9.09 32.10 -10.41
N GLU C 159 -8.51 33.14 -10.98
CA GLU C 159 -7.98 34.17 -10.14
C GLU C 159 -9.05 34.86 -9.33
N GLN C 160 -10.15 35.26 -9.99
CA GLN C 160 -11.22 35.97 -9.28
C GLN C 160 -11.94 35.04 -8.30
N ALA C 161 -11.94 33.73 -8.59
CA ALA C 161 -12.58 32.77 -7.71
C ALA C 161 -11.78 32.68 -6.43
N ILE C 162 -10.45 32.62 -6.56
CA ILE C 162 -9.57 32.55 -5.37
C ILE C 162 -9.57 33.84 -4.57
N GLU C 163 -9.45 34.98 -5.25
CA GLU C 163 -9.48 36.27 -4.59
C GLU C 163 -10.82 36.42 -3.87
N GLY C 164 -11.87 35.97 -4.52
CA GLY C 164 -13.20 36.05 -3.96
C GLY C 164 -13.30 35.23 -2.70
N LEU C 165 -12.77 34.01 -2.72
CA LEU C 165 -12.76 33.16 -1.53
C LEU C 165 -11.99 33.82 -0.39
N ASP C 166 -10.86 34.47 -0.71
CA ASP C 166 -10.05 35.16 0.30
C ASP C 166 -10.83 36.32 0.90
N GLN C 167 -11.56 37.07 0.08
CA GLN C 167 -12.39 38.18 0.57
C GLN C 167 -13.69 37.73 1.22
N LEU C 168 -14.07 36.47 1.03
CA LEU C 168 -15.37 36.01 1.51
C LEU C 168 -15.47 35.92 3.04
N GLN C 169 -14.34 35.76 3.74
CA GLN C 169 -14.40 35.64 5.20
C GLN C 169 -14.95 36.94 5.82
N ALA C 170 -14.53 38.09 5.29
CA ALA C 170 -15.05 39.37 5.76
C ALA C 170 -16.56 39.48 5.48
N VAL C 171 -17.00 38.87 4.38
CA VAL C 171 -18.42 38.89 4.00
C VAL C 171 -19.18 38.04 5.02
N TYR C 172 -18.62 36.89 5.40
CA TYR C 172 -19.21 36.04 6.45
C TYR C 172 -19.42 36.81 7.74
N GLU C 173 -18.34 37.45 8.22
CA GLU C 173 -18.38 38.20 9.47
C GLU C 173 -19.44 39.32 9.45
N LYS C 174 -19.47 40.11 8.38
CA LYS C 174 -20.46 41.17 8.22
C LYS C 174 -21.91 40.62 8.17
N ALA C 175 -22.08 39.55 7.39
CA ALA C 175 -23.38 38.87 7.24
C ALA C 175 -23.89 38.31 8.57
N LEU C 176 -22.98 37.66 9.30
CA LEU C 176 -23.35 37.11 10.61
C LEU C 176 -23.84 38.17 11.59
N LYS C 177 -23.14 39.30 11.60
CA LYS C 177 -23.45 40.40 12.49
C LYS C 177 -24.80 41.00 12.09
N GLN C 178 -25.00 41.22 10.80
CA GLN C 178 -26.24 41.76 10.28
C GLN C 178 -27.46 40.86 10.55
N GLU C 179 -27.22 39.56 10.56
CA GLU C 179 -28.30 38.55 10.76
C GLU C 179 -28.52 38.01 12.18
N ALA C 180 -27.71 38.46 13.14
CA ALA C 180 -27.78 37.97 14.52
C ALA C 180 -29.17 38.05 15.14
N ASP C 181 -29.84 39.20 15.02
CA ASP C 181 -31.19 39.36 15.57
C ASP C 181 -32.18 38.45 14.85
N ASN C 182 -32.06 38.36 13.52
CA ASN C 182 -32.93 37.51 12.73
C ASN C 182 -32.78 36.05 13.13
N ALA C 183 -31.55 35.64 13.42
CA ALA C 183 -31.29 34.27 13.82
C ALA C 183 -32.02 33.97 15.13
N LYS C 184 -31.98 34.91 16.08
CA LYS C 184 -32.65 34.71 17.37
C LYS C 184 -34.16 34.69 17.18
N GLN C 185 -34.68 35.58 16.34
CA GLN C 185 -36.10 35.64 16.07
C GLN C 185 -36.57 34.34 15.41
N PHE C 186 -35.75 33.83 14.50
CA PHE C 186 -36.06 32.57 13.82
C PHE C 186 -36.21 31.46 14.84
N ALA C 187 -35.28 31.40 15.80
CA ALA C 187 -35.32 30.37 16.84
C ALA C 187 -36.57 30.46 17.65
N LYS C 188 -36.89 31.67 18.10
CA LYS C 188 -38.09 31.91 18.92
C LYS C 188 -39.37 31.53 18.17
N ALA C 189 -39.46 31.94 16.91
CA ALA C 189 -40.62 31.67 16.06
C ALA C 189 -40.80 30.21 15.65
N HIS C 190 -39.72 29.43 15.64
CA HIS C 190 -39.80 28.01 15.20
C HIS C 190 -39.53 26.99 16.27
N GLU C 191 -39.52 27.41 17.53
CA GLU C 191 -39.30 26.53 18.67
C GLU C 191 -40.18 25.28 18.64
N LYS C 192 -41.47 25.43 18.34
CA LYS C 192 -42.39 24.29 18.33
C LYS C 192 -42.97 23.93 16.94
N GLU C 193 -42.39 24.45 15.86
CA GLU C 193 -42.87 24.15 14.51
C GLU C 193 -42.38 22.75 14.17
N SER C 194 -43.30 21.84 13.82
CA SER C 194 -42.91 20.46 13.51
C SER C 194 -42.38 20.28 12.09
N ILE C 195 -42.73 21.18 11.18
CA ILE C 195 -42.26 21.14 9.80
C ILE C 195 -41.83 22.51 9.34
N ILE C 196 -40.68 22.55 8.68
CA ILE C 196 -40.15 23.76 8.13
C ILE C 196 -39.56 23.46 6.78
N TYR C 197 -40.12 24.05 5.73
CA TYR C 197 -39.60 23.81 4.38
C TYR C 197 -38.47 24.76 4.09
N THR C 198 -37.62 24.38 3.13
CA THR C 198 -36.56 25.27 2.62
C THR C 198 -36.80 25.40 1.11
N MSE C 199 -36.25 26.45 0.51
CA MSE C 199 -36.44 26.70 -0.91
C MSE C 199 -35.30 27.53 -1.49
O MSE C 199 -34.82 28.50 -0.87
CB MSE C 199 -37.83 27.33 -1.14
CG MSE C 199 -38.14 27.89 -2.55
SE MSE C 199 -39.99 27.55 -3.09
CE MSE C 199 -39.47 26.17 -3.70
N ALA C 200 -34.84 27.09 -2.67
CA ALA C 200 -33.77 27.77 -3.40
C ALA C 200 -33.64 27.17 -4.80
N SER C 201 -32.82 27.77 -5.64
CA SER C 201 -32.58 27.26 -6.98
C SER C 201 -31.08 27.39 -7.33
N GLY C 202 -30.70 26.95 -8.53
CA GLY C 202 -29.34 27.13 -9.04
C GLY C 202 -28.29 26.63 -8.10
N ALA C 203 -27.27 27.44 -7.90
CA ALA C 203 -26.13 27.14 -7.06
C ALA C 203 -26.45 27.10 -5.59
N ASN C 204 -27.65 27.52 -5.20
CA ASN C 204 -28.05 27.61 -3.82
C ASN C 204 -28.90 26.47 -3.35
N TYR C 205 -29.30 25.59 -4.28
CA TYR C 205 -30.18 24.46 -3.93
C TYR C 205 -29.56 23.47 -2.90
N GLY C 206 -28.27 23.21 -3.02
CA GLY C 206 -27.60 22.35 -2.06
C GLY C 206 -27.58 22.89 -0.67
N VAL C 207 -27.54 24.22 -0.54
CA VAL C 207 -27.57 24.85 0.79
C VAL C 207 -28.95 24.59 1.45
N ALA C 208 -30.00 24.71 0.67
CA ALA C 208 -31.35 24.41 1.15
C ALA C 208 -31.44 22.94 1.52
N TYR C 209 -30.98 22.08 0.61
CA TYR C 209 -31.02 20.63 0.81
C TYR C 209 -30.32 20.22 2.09
N SER C 210 -29.10 20.72 2.28
CA SER C 210 -28.34 20.40 3.50
C SER C 210 -29.09 20.88 4.74
N TYR C 211 -29.64 22.11 4.69
CA TYR C 211 -30.37 22.64 5.85
C TYR C 211 -31.54 21.76 6.20
N SER C 212 -32.24 21.27 5.19
CA SER C 212 -33.36 20.37 5.40
C SER C 212 -32.94 19.00 5.95
N ILE C 213 -32.02 18.32 5.26
CA ILE C 213 -31.67 16.95 5.71
C ILE C 213 -30.72 16.86 6.89
N CYS C 214 -29.80 17.80 7.01
CA CYS C 214 -28.81 17.83 8.09
C CYS C 214 -29.21 18.65 9.28
N ILE C 215 -29.45 19.93 9.10
CA ILE C 215 -29.77 20.73 10.25
C ILE C 215 -31.14 20.37 10.80
N LEU C 216 -32.15 20.38 9.96
CA LEU C 216 -33.50 20.15 10.49
C LEU C 216 -33.86 18.71 10.81
N MSE C 217 -33.73 17.81 9.84
N MSE C 217 -33.71 17.79 9.87
CA MSE C 217 -34.05 16.38 10.02
CA MSE C 217 -34.07 16.40 10.12
C MSE C 217 -33.09 15.67 10.96
C MSE C 217 -33.07 15.67 11.00
O MSE C 217 -33.48 15.15 12.00
O MSE C 217 -33.42 15.16 12.07
CB MSE C 217 -34.07 15.60 8.68
CB MSE C 217 -34.25 15.64 8.81
CG MSE C 217 -35.12 16.03 7.64
CG MSE C 217 -35.48 16.11 8.08
SE MSE C 217 -35.40 14.82 6.11
SE MSE C 217 -35.81 15.31 6.35
CE MSE C 217 -36.45 13.49 7.05
CE MSE C 217 -36.09 13.50 6.89
N GLU C 218 -31.82 15.66 10.59
CA GLU C 218 -30.80 14.99 11.37
C GLU C 218 -30.53 15.60 12.74
N MSE C 219 -30.31 16.93 12.79
CA MSE C 219 -29.87 17.56 14.04
C MSE C 219 -30.92 18.21 14.89
O MSE C 219 -30.59 18.67 15.98
CB MSE C 219 -28.72 18.52 13.75
CG MSE C 219 -27.56 17.77 13.08
SE MSE C 219 -26.15 19.00 12.54
CE MSE C 219 -25.30 17.91 11.38
N GLN C 220 -32.17 18.24 14.43
CA GLN C 220 -33.25 18.81 15.25
C GLN C 220 -34.52 17.96 15.30
N TRP C 221 -34.59 16.91 14.48
CA TRP C 221 -35.77 16.06 14.31
C TRP C 221 -36.98 16.90 13.94
N ILE C 222 -36.77 17.85 13.03
CA ILE C 222 -37.85 18.69 12.50
C ILE C 222 -38.06 18.25 11.05
N HIS C 223 -39.30 17.98 10.68
CA HIS C 223 -39.59 17.56 9.30
C HIS C 223 -39.21 18.69 8.34
N SER C 224 -38.64 18.32 7.20
CA SER C 224 -38.29 19.33 6.21
C SER C 224 -38.32 18.72 4.80
N HIS C 225 -38.09 19.58 3.83
CA HIS C 225 -38.08 19.26 2.40
C HIS C 225 -37.55 20.47 1.73
N ALA C 226 -36.56 20.31 0.87
CA ALA C 226 -35.98 21.41 0.13
C ALA C 226 -36.65 21.46 -1.23
N ILE C 227 -37.47 22.48 -1.42
CA ILE C 227 -38.22 22.65 -2.66
C ILE C 227 -37.40 23.46 -3.66
N HIS C 228 -37.26 22.95 -4.86
CA HIS C 228 -36.56 23.69 -5.87
C HIS C 228 -37.50 24.82 -6.32
N ALA C 229 -37.00 26.05 -6.31
CA ALA C 229 -37.79 27.25 -6.61
C ALA C 229 -38.60 27.24 -7.91
N GLY C 230 -38.07 26.58 -8.95
CA GLY C 230 -38.78 26.40 -10.22
C GLY C 230 -39.89 25.38 -10.04
N GLU C 231 -39.54 24.20 -9.50
CA GLU C 231 -40.51 23.11 -9.27
C GLU C 231 -41.70 23.50 -8.39
N TYR C 232 -41.47 24.42 -7.47
CA TYR C 232 -42.48 24.96 -6.55
C TYR C 232 -43.83 25.22 -7.20
N PHE C 233 -43.81 25.88 -8.37
CA PHE C 233 -45.03 26.24 -9.09
C PHE C 233 -45.67 25.16 -9.94
N HIS C 234 -45.21 23.94 -9.74
CA HIS C 234 -45.71 22.78 -10.48
C HIS C 234 -46.15 21.71 -9.52
N GLY C 235 -46.55 22.15 -8.33
CA GLY C 235 -47.08 21.23 -7.37
C GLY C 235 -46.97 21.64 -5.91
N PRO C 236 -45.72 21.70 -5.40
CA PRO C 236 -45.49 22.00 -4.00
C PRO C 236 -46.15 23.24 -3.44
N PHE C 237 -46.26 24.31 -4.25
CA PHE C 237 -46.86 25.57 -3.77
C PHE C 237 -48.29 25.44 -3.25
N GLU C 238 -49.02 24.41 -3.65
CA GLU C 238 -50.36 24.17 -3.12
C GLU C 238 -50.37 23.96 -1.62
N ILE C 239 -49.23 23.53 -1.05
CA ILE C 239 -49.12 23.28 0.39
C ILE C 239 -49.11 24.56 1.24
N ILE C 240 -48.74 25.70 0.66
CA ILE C 240 -48.55 26.88 1.47
C ILE C 240 -49.83 27.57 1.92
N ASP C 241 -49.78 28.01 3.17
CA ASP C 241 -50.85 28.80 3.76
C ASP C 241 -50.16 29.65 4.81
N GLU C 242 -50.91 30.49 5.51
CA GLU C 242 -50.27 31.35 6.49
C GLU C 242 -49.53 30.63 7.62
N SER C 243 -49.87 29.38 7.92
CA SER C 243 -49.23 28.63 9.01
C SER C 243 -47.99 27.78 8.65
N VAL C 244 -47.67 27.63 7.37
CA VAL C 244 -46.60 26.77 6.95
C VAL C 244 -45.30 27.52 6.88
N PRO C 245 -44.33 27.13 7.73
CA PRO C 245 -43.07 27.82 7.65
C PRO C 245 -42.18 27.48 6.44
N PHE C 246 -41.67 28.51 5.81
CA PHE C 246 -40.74 28.37 4.68
C PHE C 246 -39.50 29.21 4.86
N ILE C 247 -38.34 28.59 4.67
CA ILE C 247 -37.07 29.30 4.65
C ILE C 247 -36.75 29.48 3.17
N ILE C 248 -36.66 30.72 2.69
CA ILE C 248 -36.43 30.98 1.27
C ILE C 248 -35.11 31.71 1.09
N LEU C 249 -34.27 31.12 0.25
CA LEU C 249 -32.95 31.66 -0.05
C LEU C 249 -32.96 32.28 -1.43
N LEU C 250 -32.37 33.47 -1.54
CA LEU C 250 -32.20 34.19 -2.81
C LEU C 250 -30.73 34.46 -2.96
N GLY C 251 -30.13 33.91 -4.00
CA GLY C 251 -28.73 34.03 -4.23
C GLY C 251 -28.41 35.11 -5.23
N LEU C 252 -27.24 35.01 -5.85
CA LEU C 252 -26.85 36.02 -6.82
C LEU C 252 -26.49 35.40 -8.17
N ASP C 253 -26.92 34.17 -8.40
CA ASP C 253 -26.61 33.51 -9.66
C ASP C 253 -27.72 33.75 -10.67
N GLU C 254 -27.59 33.15 -11.84
CA GLU C 254 -28.54 33.36 -12.96
C GLU C 254 -29.96 32.93 -12.66
N THR C 255 -30.14 32.04 -11.68
CA THR C 255 -31.46 31.55 -11.38
C THR C 255 -32.18 32.33 -10.30
N ARG C 256 -31.62 33.46 -9.87
CA ARG C 256 -32.26 34.30 -8.84
C ARG C 256 -33.73 34.62 -9.19
N PRO C 257 -34.06 34.87 -10.49
CA PRO C 257 -35.46 35.14 -10.87
C PRO C 257 -36.44 34.06 -10.42
N LEU C 258 -36.00 32.79 -10.40
CA LEU C 258 -36.84 31.72 -9.92
C LEU C 258 -37.17 31.92 -8.46
N GLU C 259 -36.16 32.28 -7.66
CA GLU C 259 -36.29 32.50 -6.23
C GLU C 259 -37.14 33.72 -5.96
N GLU C 260 -36.93 34.77 -6.74
CA GLU C 260 -37.75 35.98 -6.61
C GLU C 260 -39.22 35.70 -6.89
N ARG C 261 -39.49 34.90 -7.90
CA ARG C 261 -40.87 34.54 -8.26
C ARG C 261 -41.52 33.76 -7.12
N ALA C 262 -40.79 32.78 -6.56
CA ALA C 262 -41.26 31.96 -5.43
C ALA C 262 -41.55 32.80 -4.21
N LEU C 263 -40.64 33.74 -3.89
CA LEU C 263 -40.85 34.61 -2.75
C LEU C 263 -42.10 35.47 -2.92
N THR C 264 -42.28 36.06 -4.11
CA THR C 264 -43.44 36.90 -4.36
C THR C 264 -44.74 36.19 -4.08
N PHE C 265 -44.86 34.97 -4.59
CA PHE C 265 -46.03 34.18 -4.32
C PHE C 265 -46.18 33.87 -2.83
N SER C 266 -45.10 33.39 -2.22
CA SER C 266 -45.10 33.00 -0.80
C SER C 266 -45.51 34.16 0.11
N LYS C 267 -45.10 35.38 -0.20
CA LYS C 267 -45.49 36.54 0.60
C LYS C 267 -46.98 36.83 0.52
N LYS C 268 -47.59 36.48 -0.60
CA LYS C 268 -49.00 36.75 -0.80
C LYS C 268 -49.89 35.68 -0.16
N TYR C 269 -49.51 34.40 -0.25
CA TYR C 269 -50.32 33.31 0.29
C TYR C 269 -49.78 32.64 1.56
N GLY C 270 -48.51 32.90 1.89
CA GLY C 270 -47.91 32.37 3.09
C GLY C 270 -47.77 33.52 4.06
N LYS C 271 -47.10 33.26 5.17
CA LYS C 271 -46.88 34.28 6.19
C LYS C 271 -45.63 34.00 7.01
N LYS C 272 -45.46 32.75 7.46
CA LYS C 272 -44.31 32.38 8.28
C LYS C 272 -43.08 32.14 7.42
N LEU C 273 -42.54 33.22 6.89
CA LEU C 273 -41.42 33.15 5.97
C LEU C 273 -40.14 33.70 6.60
N THR C 274 -39.05 32.96 6.39
CA THR C 274 -37.75 33.34 6.85
C THR C 274 -36.97 33.49 5.57
N VAL C 275 -36.65 34.73 5.20
CA VAL C 275 -36.00 34.99 3.95
C VAL C 275 -34.54 35.40 4.11
N LEU C 276 -33.64 34.71 3.41
CA LEU C 276 -32.20 35.05 3.43
C LEU C 276 -31.86 35.44 2.03
N ASP C 277 -31.58 36.72 1.85
CA ASP C 277 -31.30 37.27 0.57
C ASP C 277 -29.84 37.73 0.49
N ALA C 278 -29.05 37.02 -0.30
CA ALA C 278 -27.64 37.35 -0.48
C ALA C 278 -27.45 38.80 -0.99
N ALA C 279 -28.44 39.34 -1.69
CA ALA C 279 -28.35 40.75 -2.16
C ALA C 279 -28.21 41.72 -1.00
N SER C 280 -28.66 41.32 0.19
CA SER C 280 -28.53 42.20 1.34
C SER C 280 -27.14 42.18 1.99
N TYR C 281 -26.25 41.27 1.57
CA TYR C 281 -24.89 41.19 2.11
C TYR C 281 -23.98 42.00 1.21
N ASP C 282 -22.74 42.21 1.67
CA ASP C 282 -21.75 43.05 0.98
C ASP C 282 -20.73 42.22 0.15
N PHE C 283 -20.98 42.15 -1.17
CA PHE C 283 -20.11 41.45 -2.09
C PHE C 283 -19.33 42.45 -2.95
N THR C 284 -19.14 43.67 -2.45
CA THR C 284 -18.44 44.72 -3.23
C THR C 284 -16.98 44.39 -3.54
N ALA C 285 -16.36 43.53 -2.71
CA ALA C 285 -14.98 43.11 -2.91
C ALA C 285 -14.87 41.86 -3.75
N ILE C 286 -16.01 41.30 -4.18
CA ILE C 286 -16.07 40.06 -4.95
C ILE C 286 -16.36 40.41 -6.42
N ASP C 287 -15.60 39.81 -7.34
CA ASP C 287 -15.80 40.10 -8.75
C ASP C 287 -17.18 39.60 -9.20
N ASP C 288 -17.82 40.35 -10.08
CA ASP C 288 -19.12 40.02 -10.62
C ASP C 288 -19.08 38.69 -11.35
N SER C 289 -17.95 38.28 -11.92
CA SER C 289 -17.84 36.98 -12.61
C SER C 289 -18.05 35.76 -11.70
N VAL C 290 -17.86 35.92 -10.39
CA VAL C 290 -18.00 34.79 -9.46
C VAL C 290 -18.91 35.02 -8.26
N LYS C 291 -19.62 36.14 -8.14
CA LYS C 291 -20.42 36.29 -6.90
C LYS C 291 -21.61 35.37 -6.81
N GLY C 292 -22.16 34.98 -7.97
CA GLY C 292 -23.25 34.03 -8.01
C GLY C 292 -22.76 32.66 -7.52
N TYR C 293 -21.50 32.33 -7.81
CA TYR C 293 -20.93 31.06 -7.37
C TYR C 293 -20.53 31.07 -5.88
N LEU C 294 -20.27 32.25 -5.33
CA LEU C 294 -19.84 32.39 -3.92
C LEU C 294 -20.97 32.69 -2.95
N ALA C 295 -22.06 33.25 -3.43
CA ALA C 295 -23.20 33.59 -2.56
C ALA C 295 -23.68 32.40 -1.74
N PRO C 296 -23.75 31.20 -2.32
CA PRO C 296 -24.22 30.05 -1.52
C PRO C 296 -23.42 29.81 -0.27
N LEU C 297 -22.12 30.07 -0.34
CA LEU C 297 -21.23 29.89 0.80
C LEU C 297 -21.62 30.79 1.96
N VAL C 298 -21.96 32.03 1.64
CA VAL C 298 -22.36 33.00 2.64
C VAL C 298 -23.71 32.62 3.20
N LEU C 299 -24.67 32.27 2.32
CA LEU C 299 -26.00 31.86 2.77
C LEU C 299 -25.92 30.70 3.78
N ASN C 300 -25.07 29.75 3.42
CA ASN C 300 -24.82 28.57 4.24
C ASN C 300 -24.22 28.93 5.62
N ARG C 301 -23.28 29.87 5.64
CA ARG C 301 -22.68 30.30 6.88
C ARG C 301 -23.70 30.99 7.77
N VAL C 302 -24.53 31.84 7.19
CA VAL C 302 -25.55 32.55 7.98
C VAL C 302 -26.54 31.55 8.55
N LEU C 303 -26.94 30.58 7.74
CA LEU C 303 -27.87 29.54 8.18
C LEU C 303 -27.33 28.75 9.39
N ARG C 304 -26.02 28.60 9.46
CA ARG C 304 -25.44 27.90 10.60
C ARG C 304 -25.75 28.69 11.86
N SER C 305 -25.76 30.02 11.81
CA SER C 305 -26.04 30.82 13.02
C SER C 305 -27.51 30.67 13.40
N TYR C 306 -28.39 30.46 12.40
CA TYR C 306 -29.83 30.26 12.66
C TYR C 306 -30.01 28.93 13.39
N ALA C 307 -29.28 27.92 12.91
CA ALA C 307 -29.25 26.56 13.46
C ALA C 307 -28.84 26.55 14.94
N ASP C 308 -27.76 27.27 15.24
CA ASP C 308 -27.23 27.38 16.60
C ASP C 308 -28.27 27.97 17.54
N GLU C 309 -28.96 29.03 17.10
CA GLU C 309 -29.99 29.66 17.93
C GLU C 309 -31.20 28.76 18.10
N LEU C 310 -31.60 28.05 17.04
CA LEU C 310 -32.74 27.14 17.09
C LEU C 310 -32.45 26.01 18.07
N ALA C 311 -31.26 25.42 17.97
CA ALA C 311 -30.85 24.32 18.87
C ALA C 311 -30.90 24.73 20.33
N GLU C 312 -30.42 25.94 20.62
CA GLU C 312 -30.44 26.47 21.96
C GLU C 312 -31.88 26.64 22.43
N GLU C 313 -32.71 27.29 21.61
CA GLU C 313 -34.09 27.54 21.98
C GLU C 313 -34.89 26.27 22.21
N ARG C 314 -34.62 25.22 21.42
CA ARG C 314 -35.38 23.98 21.52
C ARG C 314 -34.73 23.01 22.48
N ASN C 315 -33.62 23.41 23.09
CA ASN C 315 -32.87 22.53 23.97
C ASN C 315 -32.66 21.17 23.32
N HIS C 316 -32.18 21.23 22.10
CA HIS C 316 -31.91 20.05 21.30
C HIS C 316 -30.55 20.34 20.67
N PRO C 317 -29.47 19.87 21.31
CA PRO C 317 -28.15 20.14 20.76
C PRO C 317 -27.96 19.56 19.36
N LEU C 318 -27.25 20.30 18.51
CA LEU C 318 -26.99 19.84 17.15
C LEU C 318 -26.23 18.53 17.08
N SER C 319 -25.50 18.18 18.14
CA SER C 319 -24.76 16.93 18.18
C SER C 319 -25.61 15.72 18.56
N HIS C 320 -26.84 15.96 19.03
CA HIS C 320 -27.72 14.89 19.48
C HIS C 320 -28.14 13.96 18.32
N ARG C 321 -28.07 12.66 18.57
CA ARG C 321 -28.50 11.65 17.60
C ARG C 321 -29.12 10.51 18.36
N ARG C 322 -30.03 9.80 17.73
CA ARG C 322 -30.61 8.60 18.30
C ARG C 322 -30.17 7.35 17.54
N TYR C 323 -29.71 7.53 16.29
CA TYR C 323 -29.29 6.42 15.43
C TYR C 323 -27.83 6.52 14.90
N MSE C 324 -27.50 7.67 14.29
N MSE C 324 -27.49 7.63 14.25
CA MSE C 324 -26.13 7.97 13.81
CA MSE C 324 -26.14 7.79 13.70
C MSE C 324 -25.10 7.62 14.86
C MSE C 324 -25.12 7.61 14.80
O MSE C 324 -25.19 8.09 15.98
O MSE C 324 -25.24 8.19 15.86
CB MSE C 324 -25.97 9.50 13.61
CB MSE C 324 -25.98 9.16 13.06
CG MSE C 324 -26.12 10.11 12.22
CG MSE C 324 -24.65 9.41 12.33
SE MSE C 324 -24.45 10.75 11.33
SE MSE C 324 -24.66 11.29 11.76
CE MSE C 324 -25.31 11.01 9.63
CE MSE C 324 -26.06 11.14 10.52
N TRP C 325 -24.12 6.79 14.53
CA TRP C 325 -23.05 6.41 15.47
C TRP C 325 -23.51 5.63 16.71
N LYS C 326 -24.80 5.36 16.86
N LYS C 326 -24.80 5.41 16.86
CA LYS C 326 -25.30 4.73 18.08
CA LYS C 326 -25.33 4.75 18.07
C LYS C 326 -25.85 3.32 17.86
C LYS C 326 -25.84 3.32 17.85
N VAL C 327 -26.43 3.07 16.68
CA VAL C 327 -26.98 1.73 16.34
C VAL C 327 -26.40 1.21 15.02
N GLU C 328 -26.69 -0.03 14.71
CA GLU C 328 -26.16 -0.68 13.52
C GLU C 328 -27.14 -0.46 12.38
N TYR C 329 -26.66 -0.16 11.17
CA TYR C 329 -27.57 0.05 10.04
C TYR C 329 -26.91 -0.01 8.69
N THR D 6 -39.92 -2.24 -33.92
CA THR D 6 -40.11 -0.95 -34.68
C THR D 6 -41.57 -0.71 -35.10
N ALA D 7 -42.32 -1.78 -35.39
CA ALA D 7 -43.73 -1.67 -35.78
C ALA D 7 -44.66 -1.17 -34.66
N LYS D 8 -44.19 -1.33 -33.41
CA LYS D 8 -44.90 -0.94 -32.20
C LYS D 8 -44.53 0.47 -31.77
N VAL D 9 -43.55 1.06 -32.43
CA VAL D 9 -43.09 2.39 -32.10
C VAL D 9 -44.02 3.45 -32.69
N ASN D 10 -44.34 4.44 -31.88
CA ASN D 10 -45.13 5.56 -32.26
C ASN D 10 -44.60 6.08 -33.60
N ARG D 11 -45.47 6.34 -34.56
CA ARG D 11 -45.03 6.80 -35.89
C ARG D 11 -44.21 8.10 -35.88
N GLU D 12 -44.57 9.02 -35.01
CA GLU D 12 -43.85 10.28 -34.88
C GLU D 12 -42.42 9.99 -34.36
N VAL D 13 -42.33 9.08 -33.39
CA VAL D 13 -41.03 8.68 -32.84
C VAL D 13 -40.21 8.01 -33.95
N GLN D 14 -40.83 7.14 -34.75
CA GLN D 14 -40.07 6.50 -35.84
C GLN D 14 -39.53 7.53 -36.83
N ALA D 15 -40.31 8.56 -37.20
CA ALA D 15 -39.84 9.61 -38.13
C ALA D 15 -38.62 10.31 -37.53
N PHE D 16 -38.74 10.66 -36.25
CA PHE D 16 -37.65 11.27 -35.50
C PHE D 16 -36.41 10.36 -35.53
N LEU D 17 -36.57 9.08 -35.27
CA LEU D 17 -35.43 8.15 -35.28
C LEU D 17 -34.81 7.99 -36.68
N GLN D 18 -35.63 8.01 -37.71
CA GLN D 18 -35.13 7.91 -39.07
C GLN D 18 -34.26 9.12 -39.39
N ASP D 19 -34.73 10.31 -39.02
CA ASP D 19 -34.00 11.57 -39.23
C ASP D 19 -32.74 11.67 -38.34
N LEU D 20 -32.77 11.03 -37.17
CA LEU D 20 -31.65 11.05 -36.25
C LEU D 20 -30.40 10.33 -36.79
N LYS D 21 -30.62 9.34 -37.62
CA LYS D 21 -29.53 8.56 -38.19
C LYS D 21 -28.47 9.46 -38.83
N GLY D 22 -27.22 9.24 -38.46
CA GLY D 22 -26.13 10.00 -39.03
C GLY D 22 -25.84 11.33 -38.39
N LYS D 23 -26.68 11.75 -37.45
CA LYS D 23 -26.48 13.03 -36.77
C LYS D 23 -25.44 12.88 -35.67
N THR D 24 -24.77 13.99 -35.34
CA THR D 24 -23.79 13.97 -34.27
C THR D 24 -24.46 14.64 -33.09
N ILE D 25 -24.68 13.84 -32.05
CA ILE D 25 -25.30 14.28 -30.81
C ILE D 25 -24.34 13.83 -29.70
N ASP D 26 -23.90 14.77 -28.87
CA ASP D 26 -23.01 14.43 -27.74
C ASP D 26 -23.63 14.72 -26.37
N HIS D 27 -24.84 15.27 -26.33
CA HIS D 27 -25.47 15.60 -25.06
C HIS D 27 -27.00 15.49 -25.16
N VAL D 28 -27.62 14.90 -24.13
N VAL D 28 -27.64 14.89 -24.14
CA VAL D 28 -29.08 14.81 -24.04
CA VAL D 28 -29.10 14.86 -24.09
C VAL D 28 -29.55 15.59 -22.80
C VAL D 28 -29.53 15.62 -22.82
N PHE D 29 -30.52 16.48 -22.98
CA PHE D 29 -31.08 17.27 -21.86
C PHE D 29 -32.54 16.86 -21.68
N PHE D 30 -32.88 16.42 -20.49
CA PHE D 30 -34.26 16.04 -20.13
C PHE D 30 -34.88 17.27 -19.45
N VAL D 31 -35.75 17.99 -20.16
CA VAL D 31 -36.28 19.28 -19.66
C VAL D 31 -37.81 19.35 -19.55
N ALA D 32 -38.31 19.57 -18.35
CA ALA D 32 -39.76 19.65 -18.10
C ALA D 32 -39.99 20.15 -16.68
N CYS D 33 -41.24 20.23 -16.24
CA CYS D 33 -41.54 20.71 -14.90
C CYS D 33 -42.37 19.74 -14.10
N GLY D 34 -42.10 19.69 -12.80
CA GLY D 34 -42.82 18.88 -11.84
C GLY D 34 -42.99 17.44 -12.23
N GLY D 35 -44.25 16.98 -12.30
CA GLY D 35 -44.55 15.60 -12.71
C GLY D 35 -43.93 15.18 -14.02
N SER D 36 -43.90 16.12 -14.98
CA SER D 36 -43.33 15.84 -16.30
C SER D 36 -41.83 15.71 -16.25
N SER D 37 -41.20 16.35 -15.29
CA SER D 37 -39.76 16.20 -15.08
C SER D 37 -39.52 14.85 -14.40
N ALA D 38 -40.38 14.53 -13.44
CA ALA D 38 -40.27 13.29 -12.68
C ALA D 38 -40.26 12.03 -13.55
N ILE D 39 -41.08 12.00 -14.59
CA ILE D 39 -41.15 10.88 -15.49
C ILE D 39 -39.82 10.66 -16.25
N MSE D 40 -38.92 11.63 -16.28
CA MSE D 40 -37.64 11.49 -17.00
C MSE D 40 -36.50 10.92 -16.18
O MSE D 40 -35.46 10.58 -16.73
CB MSE D 40 -37.22 12.84 -17.65
CG MSE D 40 -37.96 13.15 -18.97
SE MSE D 40 -37.87 15.03 -19.35
CE MSE D 40 -38.51 14.91 -20.91
N TYR D 41 -36.69 10.76 -14.87
CA TYR D 41 -35.62 10.24 -14.01
C TYR D 41 -35.16 8.85 -14.44
N PRO D 42 -36.10 7.94 -14.77
CA PRO D 42 -35.64 6.62 -15.23
C PRO D 42 -34.81 6.69 -16.51
N SER D 43 -35.15 7.62 -17.41
CA SER D 43 -34.40 7.80 -18.63
C SER D 43 -32.98 8.30 -18.37
N LYS D 44 -32.80 9.17 -17.38
CA LYS D 44 -31.46 9.61 -16.99
C LYS D 44 -30.69 8.38 -16.48
N TYR D 45 -31.33 7.52 -15.69
CA TYR D 45 -30.72 6.31 -15.20
C TYR D 45 -30.27 5.41 -16.39
N VAL D 46 -31.16 5.20 -17.36
CA VAL D 46 -30.90 4.41 -18.55
C VAL D 46 -29.68 4.96 -19.29
N PHE D 47 -29.67 6.26 -19.55
CA PHE D 47 -28.48 6.83 -20.18
C PHE D 47 -27.22 6.57 -19.35
N ASP D 48 -27.28 6.78 -18.04
CA ASP D 48 -26.07 6.53 -17.20
C ASP D 48 -25.54 5.08 -17.29
N ARG D 49 -26.45 4.13 -17.39
CA ARG D 49 -26.06 2.71 -17.52
C ARG D 49 -25.75 2.26 -18.94
N GLU D 50 -26.28 2.95 -19.95
CA GLU D 50 -26.14 2.50 -21.35
C GLU D 50 -25.35 3.35 -22.32
N SER D 51 -25.34 4.67 -22.14
CA SER D 51 -24.66 5.52 -23.09
C SER D 51 -23.14 5.66 -22.83
N LYS D 52 -22.35 5.27 -23.82
CA LYS D 52 -20.92 5.38 -23.72
C LYS D 52 -20.44 6.73 -24.25
N SER D 53 -21.21 7.38 -25.11
CA SER D 53 -20.77 8.62 -25.76
C SER D 53 -21.66 9.85 -25.62
N ILE D 54 -22.78 9.74 -24.92
CA ILE D 54 -23.65 10.91 -24.79
C ILE D 54 -23.80 11.30 -23.33
N ASN D 55 -23.54 12.56 -23.07
CA ASN D 55 -23.71 13.16 -21.77
C ASN D 55 -25.22 13.37 -21.56
N SER D 56 -25.73 13.11 -20.38
CA SER D 56 -27.13 13.35 -20.08
C SER D 56 -27.29 14.20 -18.82
N ASP D 57 -28.15 15.22 -18.89
CA ASP D 57 -28.47 16.07 -17.76
C ASP D 57 -29.99 16.23 -17.69
N LEU D 58 -30.49 16.46 -16.49
CA LEU D 58 -31.90 16.64 -16.27
C LEU D 58 -32.13 17.90 -15.44
N TYR D 59 -33.00 18.78 -15.90
CA TYR D 59 -33.33 20.02 -15.19
C TYR D 59 -34.79 20.39 -15.30
N SER D 60 -35.28 21.11 -14.30
CA SER D 60 -36.61 21.65 -14.35
C SER D 60 -36.47 22.74 -15.42
N ALA D 61 -37.53 23.03 -16.17
CA ALA D 61 -37.46 23.94 -17.32
C ALA D 61 -36.86 25.32 -17.10
N ASN D 62 -37.29 26.00 -16.04
CA ASN D 62 -36.80 27.36 -15.83
C ASN D 62 -35.36 27.32 -15.31
N GLU D 63 -34.98 26.26 -14.60
CA GLU D 63 -33.59 26.06 -14.16
C GLU D 63 -32.72 25.85 -15.39
N PHE D 64 -33.17 25.01 -16.33
CA PHE D 64 -32.48 24.81 -17.59
C PHE D 64 -32.14 26.13 -18.31
N ILE D 65 -33.16 26.95 -18.50
CA ILE D 65 -33.03 28.24 -19.21
C ILE D 65 -32.05 29.16 -18.52
N GLN D 66 -32.22 29.34 -17.22
CA GLN D 66 -31.38 30.24 -16.44
C GLN D 66 -30.01 29.73 -16.18
N ARG D 67 -29.87 28.42 -15.88
CA ARG D 67 -28.56 27.82 -15.69
C ARG D 67 -27.78 27.90 -17.01
N ASN D 68 -28.49 27.88 -18.14
CA ASN D 68 -27.92 28.03 -19.48
C ASN D 68 -26.64 27.21 -19.72
N PRO D 69 -26.76 25.87 -19.67
CA PRO D 69 -25.56 25.04 -19.80
C PRO D 69 -24.74 25.41 -21.04
N VAL D 70 -23.46 25.66 -20.82
CA VAL D 70 -22.56 26.08 -21.90
C VAL D 70 -22.40 24.99 -22.97
N GLN D 71 -22.65 23.73 -22.63
CA GLN D 71 -22.56 22.66 -23.60
C GLN D 71 -23.83 22.49 -24.45
N LEU D 72 -24.85 23.31 -24.22
CA LEU D 72 -26.07 23.28 -25.00
C LEU D 72 -25.80 23.91 -26.36
N GLY D 73 -26.06 23.16 -27.43
CA GLY D 73 -25.82 23.69 -28.76
C GLY D 73 -26.25 22.76 -29.87
N GLU D 74 -25.57 22.86 -31.00
CA GLU D 74 -25.90 22.07 -32.18
C GLU D 74 -25.72 20.57 -32.07
N LYS D 75 -24.95 20.10 -31.09
CA LYS D 75 -24.78 18.65 -30.92
C LYS D 75 -25.61 18.17 -29.75
N SER D 76 -26.62 18.96 -29.36
CA SER D 76 -27.49 18.59 -28.26
C SER D 76 -28.86 18.13 -28.74
N LEU D 77 -29.44 17.21 -27.96
CA LEU D 77 -30.79 16.71 -28.11
C LEU D 77 -31.52 17.13 -26.83
N VAL D 78 -32.66 17.80 -26.96
CA VAL D 78 -33.42 18.25 -25.77
C VAL D 78 -34.77 17.59 -25.87
N ILE D 79 -35.11 16.80 -24.86
CA ILE D 79 -36.37 16.09 -24.80
C ILE D 79 -37.23 16.79 -23.77
N LEU D 80 -38.40 17.28 -24.19
CA LEU D 80 -39.31 17.99 -23.33
C LEU D 80 -40.63 17.26 -23.21
N CYS D 81 -41.34 17.56 -22.12
CA CYS D 81 -42.63 16.98 -21.90
C CYS D 81 -43.56 17.93 -21.15
N SER D 82 -44.80 18.00 -21.61
CA SER D 82 -45.85 18.77 -20.97
C SER D 82 -47.15 18.15 -21.41
N HIS D 83 -48.00 17.80 -20.45
CA HIS D 83 -49.26 17.16 -20.80
C HIS D 83 -50.15 18.08 -21.66
N SER D 84 -50.45 19.26 -21.14
CA SER D 84 -51.28 20.23 -21.81
C SER D 84 -50.55 20.88 -22.97
N GLY D 85 -49.23 20.93 -22.87
CA GLY D 85 -48.40 21.60 -23.86
C GLY D 85 -48.42 23.11 -23.68
N ASN D 86 -48.98 23.57 -22.57
CA ASN D 86 -49.08 25.00 -22.24
C ASN D 86 -48.10 25.47 -21.19
N THR D 87 -47.48 24.55 -20.45
CA THR D 87 -46.58 24.91 -19.32
C THR D 87 -45.60 25.97 -19.82
N PRO D 88 -45.76 27.22 -19.34
CA PRO D 88 -44.97 28.28 -20.00
C PRO D 88 -43.48 28.14 -19.96
N GLU D 89 -42.94 27.58 -18.89
CA GLU D 89 -41.49 27.37 -18.74
C GLU D 89 -40.95 26.31 -19.70
N THR D 90 -41.73 25.25 -19.91
CA THR D 90 -41.33 24.17 -20.82
C THR D 90 -41.41 24.66 -22.27
N VAL D 91 -42.43 25.46 -22.60
CA VAL D 91 -42.60 26.05 -23.93
C VAL D 91 -41.39 26.93 -24.21
N LYS D 92 -41.07 27.79 -23.26
CA LYS D 92 -39.95 28.69 -23.36
C LYS D 92 -38.65 27.94 -23.49
N ALA D 93 -38.53 26.83 -22.76
CA ALA D 93 -37.33 26.00 -22.80
C ALA D 93 -37.12 25.40 -24.18
N ALA D 94 -38.21 24.98 -24.82
CA ALA D 94 -38.15 24.43 -26.19
C ALA D 94 -37.63 25.47 -27.19
N ALA D 95 -38.16 26.69 -27.11
CA ALA D 95 -37.74 27.77 -27.98
C ALA D 95 -36.28 28.12 -27.74
N PHE D 96 -35.89 28.17 -26.47
CA PHE D 96 -34.53 28.49 -26.05
C PHE D 96 -33.53 27.48 -26.62
N ALA D 97 -33.82 26.20 -26.45
CA ALA D 97 -32.97 25.13 -26.95
C ALA D 97 -32.87 25.18 -28.46
N ARG D 98 -34.02 25.36 -29.10
CA ARG D 98 -34.06 25.41 -30.57
C ARG D 98 -33.26 26.59 -31.10
N GLY D 99 -33.35 27.72 -30.43
CA GLY D 99 -32.61 28.93 -30.80
C GLY D 99 -31.11 28.73 -30.77
N LYS D 100 -30.65 27.84 -29.90
CA LYS D 100 -29.26 27.49 -29.73
C LYS D 100 -28.79 26.44 -30.71
N GLY D 101 -29.68 25.97 -31.60
CA GLY D 101 -29.33 24.96 -32.62
C GLY D 101 -29.55 23.53 -32.17
N ALA D 102 -30.11 23.34 -30.98
CA ALA D 102 -30.36 21.99 -30.48
C ALA D 102 -31.52 21.28 -31.20
N LEU D 103 -31.44 19.95 -31.24
CA LEU D 103 -32.49 19.13 -31.78
C LEU D 103 -33.49 18.99 -30.67
N THR D 104 -34.75 19.31 -30.93
CA THR D 104 -35.77 19.26 -29.91
C THR D 104 -36.93 18.34 -30.25
N ILE D 105 -37.33 17.56 -29.25
CA ILE D 105 -38.47 16.68 -29.38
C ILE D 105 -39.31 16.85 -28.13
N ALA D 106 -40.59 17.15 -28.32
CA ALA D 106 -41.51 17.35 -27.23
C ALA D 106 -42.61 16.31 -27.20
N MSE D 107 -42.87 15.73 -26.03
CA MSE D 107 -44.00 14.84 -25.84
C MSE D 107 -45.13 15.66 -25.23
O MSE D 107 -44.92 16.40 -24.27
CB MSE D 107 -43.71 13.71 -24.88
CG MSE D 107 -42.81 12.59 -25.34
SE MSE D 107 -43.17 11.02 -24.09
CE MSE D 107 -44.83 10.73 -24.54
N THR D 108 -46.34 15.47 -25.72
CA THR D 108 -47.48 16.18 -25.20
C THR D 108 -48.76 15.41 -25.57
N PHE D 109 -49.84 15.64 -24.83
CA PHE D 109 -51.08 15.01 -25.18
C PHE D 109 -51.83 15.91 -26.17
N LYS D 110 -51.42 17.18 -26.25
CA LYS D 110 -52.11 18.13 -27.08
C LYS D 110 -51.25 18.64 -28.27
N PRO D 111 -51.57 18.19 -29.49
CA PRO D 111 -50.75 18.44 -30.69
C PRO D 111 -50.77 19.85 -31.22
N GLU D 112 -51.80 20.61 -30.87
CA GLU D 112 -51.89 21.99 -31.32
C GLU D 112 -51.39 22.99 -30.25
N SER D 113 -50.75 22.49 -29.21
CA SER D 113 -50.30 23.32 -28.10
C SER D 113 -49.07 24.18 -28.42
N PRO D 114 -48.82 25.23 -27.59
CA PRO D 114 -47.62 26.04 -27.81
C PRO D 114 -46.31 25.23 -27.78
N LEU D 115 -46.22 24.24 -26.90
CA LEU D 115 -45.01 23.38 -26.86
C LEU D 115 -44.80 22.67 -28.17
N ALA D 116 -45.89 22.08 -28.71
CA ALA D 116 -45.87 21.41 -30.01
C ALA D 116 -45.41 22.33 -31.11
N GLN D 117 -45.86 23.58 -31.05
CA GLN D 117 -45.50 24.56 -32.04
C GLN D 117 -44.01 24.94 -31.98
N GLU D 118 -43.44 24.99 -30.79
CA GLU D 118 -42.02 25.37 -30.62
C GLU D 118 -41.03 24.26 -30.93
N ALA D 119 -41.38 23.05 -30.57
CA ALA D 119 -40.51 21.90 -30.76
C ALA D 119 -40.40 21.48 -32.24
N GLN D 120 -39.24 20.96 -32.61
CA GLN D 120 -39.02 20.52 -33.97
C GLN D 120 -39.76 19.23 -34.25
N TYR D 121 -39.72 18.32 -33.29
CA TYR D 121 -40.42 17.05 -33.39
C TYR D 121 -41.42 16.96 -32.27
N VAL D 122 -42.56 16.36 -32.53
CA VAL D 122 -43.60 16.19 -31.53
C VAL D 122 -44.04 14.74 -31.50
N ALA D 123 -44.14 14.18 -30.30
CA ALA D 123 -44.59 12.81 -30.10
C ALA D 123 -45.76 12.85 -29.12
N GLN D 124 -46.85 12.25 -29.49
CA GLN D 124 -48.04 12.28 -28.68
C GLN D 124 -48.25 10.94 -28.01
N TYR D 125 -48.67 10.97 -26.78
CA TYR D 125 -48.89 9.73 -26.06
C TYR D 125 -50.38 9.56 -25.79
N ASP D 126 -50.73 8.36 -25.36
CA ASP D 126 -52.10 8.01 -24.98
C ASP D 126 -52.22 8.22 -23.46
N TRP D 127 -53.42 8.60 -23.00
CA TRP D 127 -53.69 8.95 -21.63
C TRP D 127 -55.08 8.47 -21.25
N GLY D 128 -55.30 8.12 -19.98
CA GLY D 128 -56.61 7.70 -19.53
C GLY D 128 -56.70 6.23 -19.28
N ASP D 129 -57.88 5.82 -18.81
CA ASP D 129 -58.20 4.47 -18.44
C ASP D 129 -57.89 3.41 -19.50
N GLU D 130 -58.06 3.73 -20.77
CA GLU D 130 -57.77 2.73 -21.80
C GLU D 130 -56.32 2.71 -22.29
N ALA D 131 -55.49 3.69 -21.92
CA ALA D 131 -54.11 3.74 -22.44
C ALA D 131 -53.32 2.49 -22.07
N LEU D 132 -52.56 1.97 -23.05
CA LEU D 132 -51.69 0.81 -22.80
C LEU D 132 -50.29 1.30 -22.45
N ALA D 133 -49.61 0.63 -21.52
CA ALA D 133 -48.29 1.10 -21.04
C ALA D 133 -47.33 1.57 -22.13
N ILE D 134 -47.19 0.76 -23.16
CA ILE D 134 -46.27 1.09 -24.23
C ILE D 134 -46.57 2.44 -24.89
N ASN D 135 -47.82 2.90 -24.86
CA ASN D 135 -48.26 4.13 -25.51
C ASN D 135 -48.47 5.29 -24.57
N THR D 136 -48.22 5.10 -23.27
CA THR D 136 -48.32 6.17 -22.28
C THR D 136 -47.10 7.06 -22.37
N ASN D 137 -47.11 8.15 -21.60
CA ASN D 137 -46.00 9.08 -21.55
C ASN D 137 -44.69 8.35 -21.22
N TYR D 138 -44.70 7.51 -20.20
CA TYR D 138 -43.51 6.74 -19.88
C TYR D 138 -43.05 5.82 -21.03
N GLY D 139 -44.02 5.23 -21.72
CA GLY D 139 -43.78 4.31 -22.81
C GLY D 139 -43.12 5.00 -23.99
N VAL D 140 -43.72 6.13 -24.42
CA VAL D 140 -43.24 6.91 -25.56
C VAL D 140 -41.88 7.48 -25.24
N LEU D 141 -41.66 7.92 -24.00
CA LEU D 141 -40.37 8.45 -23.61
C LEU D 141 -39.29 7.41 -23.78
N TYR D 142 -39.54 6.19 -23.33
CA TYR D 142 -38.57 5.11 -23.55
C TYR D 142 -38.38 4.73 -25.00
N GLN D 143 -39.42 4.83 -25.82
CA GLN D 143 -39.25 4.58 -27.25
C GLN D 143 -38.19 5.54 -27.80
N ILE D 144 -38.30 6.80 -27.41
CA ILE D 144 -37.36 7.82 -27.84
C ILE D 144 -35.98 7.57 -27.31
N VAL D 145 -35.90 7.23 -26.02
CA VAL D 145 -34.61 7.03 -25.32
C VAL D 145 -33.86 5.81 -25.84
N PHE D 146 -34.52 4.66 -25.82
CA PHE D 146 -33.86 3.46 -26.32
C PHE D 146 -33.59 3.55 -27.83
N GLY D 147 -34.47 4.23 -28.55
CA GLY D 147 -34.33 4.42 -29.99
C GLY D 147 -33.12 5.27 -30.30
N THR D 148 -32.95 6.35 -29.54
CA THR D 148 -31.81 7.25 -29.70
C THR D 148 -30.50 6.49 -29.48
N LEU D 149 -30.46 5.69 -28.42
CA LEU D 149 -29.28 4.88 -28.12
C LEU D 149 -28.99 3.83 -29.22
N GLN D 150 -30.04 3.24 -29.77
CA GLN D 150 -29.90 2.26 -30.85
C GLN D 150 -29.37 2.95 -32.10
N VAL D 151 -30.00 4.06 -32.49
CA VAL D 151 -29.60 4.78 -33.71
C VAL D 151 -28.21 5.40 -33.63
N LEU D 152 -27.90 6.07 -32.52
CA LEU D 152 -26.61 6.75 -32.41
C LEU D 152 -25.48 5.89 -31.87
N GLU D 153 -25.77 4.89 -31.03
CA GLU D 153 -24.67 4.06 -30.49
C GLU D 153 -24.75 2.57 -30.78
N ASN D 154 -25.73 2.15 -31.59
CA ASN D 154 -25.92 0.74 -31.89
C ASN D 154 -26.18 -0.04 -30.59
N ASN D 155 -26.86 0.60 -29.65
CA ASN D 155 -27.19 -0.05 -28.42
C ASN D 155 -28.09 -1.23 -28.76
N THR D 156 -27.89 -2.36 -28.08
CA THR D 156 -28.61 -3.58 -28.36
C THR D 156 -29.86 -3.88 -27.52
N LYS D 157 -30.29 -2.97 -26.65
CA LYS D 157 -31.48 -3.27 -25.82
C LYS D 157 -32.84 -2.83 -26.37
N PHE D 158 -32.85 -2.12 -27.50
CA PHE D 158 -34.09 -1.61 -28.09
C PHE D 158 -35.19 -2.64 -28.24
N GLU D 159 -34.82 -3.79 -28.81
CA GLU D 159 -35.76 -4.88 -29.08
C GLU D 159 -36.45 -5.37 -27.78
N GLN D 160 -35.67 -5.56 -26.74
CA GLN D 160 -36.16 -6.05 -25.47
C GLN D 160 -36.91 -4.96 -24.68
N ALA D 161 -36.52 -3.70 -24.86
CA ALA D 161 -37.19 -2.55 -24.22
C ALA D 161 -38.61 -2.42 -24.76
N ILE D 162 -38.72 -2.45 -26.08
CA ILE D 162 -40.01 -2.36 -26.76
C ILE D 162 -40.93 -3.54 -26.43
N GLU D 163 -40.39 -4.74 -26.52
CA GLU D 163 -41.16 -5.94 -26.20
C GLU D 163 -41.54 -5.95 -24.71
N GLY D 164 -40.66 -5.41 -23.87
CA GLY D 164 -40.91 -5.30 -22.43
C GLY D 164 -42.08 -4.34 -22.20
N LEU D 165 -42.06 -3.20 -22.87
CA LEU D 165 -43.16 -2.22 -22.78
C LEU D 165 -44.50 -2.85 -23.24
N ASP D 166 -44.46 -3.60 -24.32
CA ASP D 166 -45.65 -4.26 -24.87
C ASP D 166 -46.23 -5.27 -23.86
N GLN D 167 -45.36 -5.98 -23.18
CA GLN D 167 -45.74 -6.94 -22.13
C GLN D 167 -46.06 -6.28 -20.78
N LEU D 168 -45.72 -5.00 -20.62
CA LEU D 168 -45.89 -4.34 -19.31
C LEU D 168 -47.34 -4.02 -18.93
N GLN D 169 -48.23 -3.89 -19.89
CA GLN D 169 -49.63 -3.61 -19.57
C GLN D 169 -50.23 -4.76 -18.75
N ALA D 170 -49.88 -5.99 -19.09
CA ALA D 170 -50.34 -7.15 -18.34
C ALA D 170 -49.78 -7.13 -16.92
N VAL D 171 -48.56 -6.61 -16.77
CA VAL D 171 -47.90 -6.52 -15.46
C VAL D 171 -48.67 -5.48 -14.62
N TYR D 172 -49.03 -4.37 -15.25
CA TYR D 172 -49.85 -3.33 -14.61
C TYR D 172 -51.14 -3.89 -14.07
N GLU D 173 -51.88 -4.59 -14.94
CA GLU D 173 -53.17 -5.15 -14.57
C GLU D 173 -53.08 -6.15 -13.40
N LYS D 174 -52.10 -7.03 -13.45
CA LYS D 174 -51.88 -8.00 -12.38
C LYS D 174 -51.49 -7.29 -11.07
N ALA D 175 -50.58 -6.34 -11.19
CA ALA D 175 -50.09 -5.60 -10.04
C ALA D 175 -51.21 -4.81 -9.33
N LEU D 176 -52.08 -4.20 -10.14
CA LEU D 176 -53.20 -3.43 -9.60
C LEU D 176 -54.18 -4.31 -8.82
N LYS D 177 -54.44 -5.50 -9.35
CA LYS D 177 -55.33 -6.45 -8.74
C LYS D 177 -54.75 -6.91 -7.42
N GLN D 178 -53.47 -7.27 -7.43
CA GLN D 178 -52.73 -7.73 -6.25
C GLN D 178 -52.68 -6.70 -5.13
N GLU D 179 -52.61 -5.44 -5.52
CA GLU D 179 -52.48 -4.31 -4.59
C GLU D 179 -53.78 -3.58 -4.22
N ALA D 180 -54.93 -4.01 -4.73
CA ALA D 180 -56.20 -3.33 -4.47
C ALA D 180 -56.52 -3.18 -2.98
N ASP D 181 -56.36 -4.25 -2.21
CA ASP D 181 -56.64 -4.20 -0.76
C ASP D 181 -55.67 -3.27 -0.06
N ASN D 182 -54.39 -3.42 -0.40
CA ASN D 182 -53.36 -2.56 0.15
C ASN D 182 -53.65 -1.09 -0.08
N ALA D 183 -54.13 -0.76 -1.27
CA ALA D 183 -54.44 0.63 -1.61
C ALA D 183 -55.56 1.15 -0.69
N LYS D 184 -56.58 0.32 -0.44
CA LYS D 184 -57.67 0.72 0.46
C LYS D 184 -57.17 0.87 1.90
N GLN D 185 -56.32 -0.07 2.35
CA GLN D 185 -55.79 -0.01 3.71
C GLN D 185 -54.92 1.25 3.88
N PHE D 186 -54.14 1.55 2.85
CA PHE D 186 -53.31 2.73 2.87
C PHE D 186 -54.16 3.97 3.07
N ALA D 187 -55.24 4.08 2.31
CA ALA D 187 -56.12 5.25 2.38
C ALA D 187 -56.73 5.39 3.77
N LYS D 188 -57.18 4.29 4.36
CA LYS D 188 -57.75 4.31 5.71
C LYS D 188 -56.71 4.73 6.74
N ALA D 189 -55.52 4.16 6.63
CA ALA D 189 -54.45 4.43 7.58
C ALA D 189 -53.91 5.83 7.48
N HIS D 190 -54.04 6.48 6.34
CA HIS D 190 -53.48 7.81 6.17
C HIS D 190 -54.48 8.91 5.97
N GLU D 191 -55.73 8.64 6.31
CA GLU D 191 -56.78 9.64 6.17
C GLU D 191 -56.42 10.97 6.83
N LYS D 192 -55.87 10.91 8.04
CA LYS D 192 -55.55 12.13 8.81
C LYS D 192 -54.06 12.40 9.05
N GLU D 193 -53.18 11.69 8.35
CA GLU D 193 -51.74 11.92 8.49
C GLU D 193 -51.38 13.22 7.80
N SER D 194 -50.71 14.13 8.51
CA SER D 194 -50.37 15.40 7.94
C SER D 194 -49.09 15.36 7.09
N ILE D 195 -48.21 14.39 7.36
CA ILE D 195 -46.95 14.25 6.60
C ILE D 195 -46.70 12.80 6.29
N ILE D 196 -46.34 12.53 5.04
CA ILE D 196 -46.05 11.18 4.58
C ILE D 196 -44.83 11.27 3.73
N TYR D 197 -43.75 10.59 4.11
CA TYR D 197 -42.52 10.60 3.33
C TYR D 197 -42.54 9.51 2.27
N THR D 198 -41.73 9.68 1.25
CA THR D 198 -41.55 8.66 0.22
C THR D 198 -40.05 8.37 0.17
N MSE D 199 -39.70 7.19 -0.32
N MSE D 199 -39.70 7.19 -0.32
CA MSE D 199 -38.28 6.82 -0.42
CA MSE D 199 -38.28 6.78 -0.40
C MSE D 199 -38.03 5.79 -1.53
C MSE D 199 -37.99 5.75 -1.48
O MSE D 199 -38.78 4.83 -1.70
O MSE D 199 -38.69 4.73 -1.60
CB MSE D 199 -37.77 6.20 0.89
CB MSE D 199 -37.81 6.25 0.98
CG MSE D 199 -36.28 6.45 1.07
CG MSE D 199 -36.35 5.84 1.06
SE MSE D 199 -35.39 5.54 2.47
SE MSE D 199 -35.62 6.18 2.87
CE MSE D 199 -36.84 5.45 3.74
CE MSE D 199 -36.58 4.61 3.79
N ALA D 200 -36.93 6.01 -2.24
CA ALA D 200 -36.50 5.12 -3.32
C ALA D 200 -35.10 5.52 -3.77
N SER D 201 -34.52 4.76 -4.70
CA SER D 201 -33.20 5.06 -5.26
C SER D 201 -33.19 4.69 -6.75
N GLY D 202 -32.06 4.95 -7.41
CA GLY D 202 -31.90 4.56 -8.82
C GLY D 202 -32.96 5.08 -9.76
N ALA D 203 -33.46 4.20 -10.63
CA ALA D 203 -34.48 4.53 -11.59
C ALA D 203 -35.86 4.78 -10.98
N ASN D 204 -36.00 4.51 -9.68
CA ASN D 204 -37.28 4.62 -8.99
C ASN D 204 -37.43 5.92 -8.24
N TYR D 205 -36.38 6.71 -8.13
CA TYR D 205 -36.44 7.96 -7.36
C TYR D 205 -37.47 8.98 -7.90
N GLY D 206 -37.57 9.14 -9.21
CA GLY D 206 -38.57 10.04 -9.79
C GLY D 206 -40.00 9.65 -9.42
N VAL D 207 -40.26 8.36 -9.28
CA VAL D 207 -41.60 7.91 -8.90
C VAL D 207 -41.95 8.41 -7.50
N ALA D 208 -41.00 8.29 -6.57
CA ALA D 208 -41.18 8.78 -5.20
C ALA D 208 -41.30 10.32 -5.23
N TYR D 209 -40.44 10.95 -5.98
CA TYR D 209 -40.49 12.40 -6.06
C TYR D 209 -41.85 12.88 -6.55
N SER D 210 -42.33 12.30 -7.61
CA SER D 210 -43.64 12.68 -8.16
C SER D 210 -44.76 12.43 -7.17
N TYR D 211 -44.71 11.31 -6.49
CA TYR D 211 -45.77 11.02 -5.52
C TYR D 211 -45.75 12.08 -4.42
N SER D 212 -44.57 12.49 -4.02
CA SER D 212 -44.44 13.50 -2.97
C SER D 212 -44.93 14.87 -3.42
N ILE D 213 -44.38 15.37 -4.52
CA ILE D 213 -44.75 16.73 -4.93
C ILE D 213 -46.09 16.90 -5.65
N CYS D 214 -46.50 15.88 -6.42
CA CYS D 214 -47.74 15.90 -7.18
C CYS D 214 -48.90 15.29 -6.45
N ILE D 215 -48.83 14.01 -6.10
CA ILE D 215 -49.97 13.42 -5.45
C ILE D 215 -50.21 14.01 -4.05
N LEU D 216 -49.19 13.94 -3.22
CA LEU D 216 -49.36 14.38 -1.84
C LEU D 216 -49.45 15.89 -1.61
N MSE D 217 -48.44 16.64 -2.02
N MSE D 217 -48.44 16.65 -1.99
CA MSE D 217 -48.45 18.07 -1.78
CA MSE D 217 -48.50 18.10 -1.77
C MSE D 217 -49.47 18.81 -2.67
C MSE D 217 -49.51 18.79 -2.67
O MSE D 217 -50.35 19.51 -2.17
O MSE D 217 -50.44 19.46 -2.19
CB MSE D 217 -47.04 18.64 -1.97
CB MSE D 217 -47.11 18.72 -1.95
CG MSE D 217 -45.98 18.05 -1.03
CG MSE D 217 -46.26 18.68 -0.69
SE MSE D 217 -44.20 18.78 -1.38
SE MSE D 217 -44.38 19.13 -1.04
CE MSE D 217 -44.51 20.61 -0.60
CE MSE D 217 -43.93 17.41 -1.58
N GLU D 218 -49.36 18.63 -3.99
CA GLU D 218 -50.27 19.30 -4.94
C GLU D 218 -51.72 18.86 -4.88
N MSE D 219 -51.94 17.54 -4.90
CA MSE D 219 -53.30 16.99 -5.03
C MSE D 219 -53.98 16.55 -3.76
O MSE D 219 -55.13 16.14 -3.82
CB MSE D 219 -53.27 15.84 -6.05
CG MSE D 219 -52.68 16.31 -7.38
SE MSE D 219 -52.65 14.89 -8.71
CE MSE D 219 -51.37 15.52 -9.79
N GLN D 220 -53.27 16.59 -2.62
CA GLN D 220 -53.88 16.25 -1.32
C GLN D 220 -53.56 17.24 -0.19
N TRP D 221 -52.68 18.20 -0.47
CA TRP D 221 -52.20 19.12 0.53
C TRP D 221 -51.66 18.40 1.78
N ILE D 222 -50.93 17.31 1.55
CA ILE D 222 -50.28 16.53 2.57
C ILE D 222 -48.78 16.83 2.41
N HIS D 223 -48.10 17.11 3.52
CA HIS D 223 -46.67 17.39 3.48
C HIS D 223 -45.94 16.12 3.11
N SER D 224 -44.89 16.26 2.31
CA SER D 224 -44.11 15.11 1.93
C SER D 224 -42.70 15.56 1.58
N HIS D 225 -41.87 14.58 1.27
CA HIS D 225 -40.44 14.76 0.90
C HIS D 225 -40.00 13.41 0.40
N ALA D 226 -39.39 13.35 -0.79
CA ALA D 226 -38.88 12.08 -1.35
C ALA D 226 -37.44 11.93 -0.94
N ILE D 227 -37.17 10.99 -0.04
CA ILE D 227 -35.83 10.76 0.49
C ILE D 227 -35.10 9.76 -0.40
N HIS D 228 -33.90 10.08 -0.84
CA HIS D 228 -33.12 9.14 -1.62
C HIS D 228 -32.66 8.06 -0.64
N ALA D 229 -32.84 6.79 -1.02
CA ALA D 229 -32.52 5.64 -0.13
C ALA D 229 -31.08 5.59 0.36
N GLY D 230 -30.14 6.07 -0.44
CA GLY D 230 -28.73 6.16 -0.03
C GLY D 230 -28.53 7.31 0.99
N GLU D 231 -28.98 8.48 0.60
CA GLU D 231 -28.92 9.68 1.42
C GLU D 231 -29.56 9.54 2.84
N TYR D 232 -30.60 8.72 2.93
CA TYR D 232 -31.33 8.43 4.18
C TYR D 232 -30.45 8.20 5.38
N PHE D 233 -29.39 7.42 5.21
CA PHE D 233 -28.49 7.05 6.31
C PHE D 233 -27.45 8.11 6.63
N HIS D 234 -27.60 9.31 6.07
CA HIS D 234 -26.67 10.38 6.34
C HIS D 234 -27.39 11.61 6.81
N GLY D 235 -28.52 11.40 7.47
CA GLY D 235 -29.24 12.49 8.06
C GLY D 235 -30.70 12.22 8.26
N PRO D 236 -31.47 12.14 7.16
CA PRO D 236 -32.92 11.96 7.18
C PRO D 236 -33.46 10.88 8.10
N PHE D 237 -32.75 9.74 8.20
CA PHE D 237 -33.22 8.62 9.05
C PHE D 237 -33.41 8.99 10.52
N GLU D 238 -32.76 10.06 10.99
CA GLU D 238 -32.99 10.51 12.39
C GLU D 238 -34.47 10.91 12.67
N ILE D 239 -35.23 11.21 11.63
CA ILE D 239 -36.62 11.61 11.76
C ILE D 239 -37.58 10.45 12.07
N ILE D 240 -37.19 9.23 11.70
CA ILE D 240 -38.14 8.11 11.81
C ILE D 240 -38.36 7.65 13.24
N ASP D 241 -39.62 7.38 13.53
CA ASP D 241 -40.01 6.79 14.80
C ASP D 241 -41.29 6.07 14.43
N GLU D 242 -41.90 5.37 15.38
CA GLU D 242 -43.11 4.63 15.10
C GLU D 242 -44.26 5.41 14.45
N SER D 243 -44.34 6.73 14.69
CA SER D 243 -45.47 7.53 14.19
C SER D 243 -45.29 8.21 12.84
N VAL D 244 -44.10 8.15 12.26
CA VAL D 244 -43.84 8.83 10.98
C VAL D 244 -44.12 7.93 9.78
N PRO D 245 -45.13 8.30 8.96
CA PRO D 245 -45.40 7.45 7.81
C PRO D 245 -44.34 7.58 6.69
N PHE D 246 -43.93 6.42 6.17
CA PHE D 246 -43.01 6.31 5.04
C PHE D 246 -43.56 5.35 4.00
N ILE D 247 -43.55 5.79 2.75
CA ILE D 247 -43.88 4.95 1.61
C ILE D 247 -42.51 4.56 1.06
N ILE D 248 -42.21 3.26 0.97
CA ILE D 248 -40.91 2.81 0.51
C ILE D 248 -41.04 1.99 -0.74
N LEU D 249 -40.30 2.39 -1.77
CA LEU D 249 -40.30 1.68 -3.02
C LEU D 249 -39.03 0.82 -3.22
N LEU D 250 -39.20 -0.41 -3.66
CA LEU D 250 -38.08 -1.29 -3.98
C LEU D 250 -38.25 -1.68 -5.43
N GLY D 251 -37.25 -1.33 -6.25
CA GLY D 251 -37.28 -1.64 -7.66
C GLY D 251 -36.46 -2.88 -8.00
N LEU D 252 -36.11 -3.00 -9.26
CA LEU D 252 -35.37 -4.14 -9.77
C LEU D 252 -34.07 -3.70 -10.41
N ASP D 253 -33.67 -2.45 -10.21
CA ASP D 253 -32.42 -1.99 -10.82
C ASP D 253 -31.24 -2.30 -9.88
N GLU D 254 -30.06 -1.89 -10.32
CA GLU D 254 -28.82 -2.13 -9.60
C GLU D 254 -28.77 -1.50 -8.21
N THR D 255 -29.60 -0.49 -7.97
CA THR D 255 -29.61 0.19 -6.69
C THR D 255 -30.57 -0.40 -5.68
N ARG D 256 -31.22 -1.51 -6.01
CA ARG D 256 -32.13 -2.13 -5.09
C ARG D 256 -31.52 -2.37 -3.69
N PRO D 257 -30.23 -2.74 -3.59
CA PRO D 257 -29.65 -2.91 -2.25
C PRO D 257 -29.77 -1.69 -1.34
N LEU D 258 -29.73 -0.50 -1.91
CA LEU D 258 -29.91 0.74 -1.14
C LEU D 258 -31.30 0.77 -0.51
N GLU D 259 -32.31 0.42 -1.29
CA GLU D 259 -33.72 0.38 -0.86
C GLU D 259 -33.92 -0.70 0.19
N GLU D 260 -33.31 -1.84 -0.03
CA GLU D 260 -33.36 -2.94 0.93
C GLU D 260 -32.78 -2.54 2.28
N ARG D 261 -31.65 -1.84 2.26
CA ARG D 261 -31.01 -1.40 3.48
C ARG D 261 -31.91 -0.44 4.23
N ALA D 262 -32.49 0.53 3.49
CA ALA D 262 -33.39 1.55 4.04
C ALA D 262 -34.62 0.91 4.65
N LEU D 263 -35.17 -0.09 3.97
CA LEU D 263 -36.35 -0.80 4.47
C LEU D 263 -36.05 -1.55 5.76
N THR D 264 -34.92 -2.24 5.79
CA THR D 264 -34.52 -3.00 6.97
C THR D 264 -34.45 -2.10 8.21
N PHE D 265 -33.83 -0.94 8.09
CA PHE D 265 -33.74 -0.01 9.19
C PHE D 265 -35.12 0.54 9.60
N SER D 266 -35.89 0.93 8.60
CA SER D 266 -37.21 1.50 8.82
C SER D 266 -38.15 0.51 9.52
N LYS D 267 -38.05 -0.77 9.21
CA LYS D 267 -38.90 -1.77 9.89
C LYS D 267 -38.55 -1.91 11.37
N LYS D 268 -37.29 -1.66 11.69
CA LYS D 268 -36.83 -1.79 13.07
C LYS D 268 -37.18 -0.55 13.90
N TYR D 269 -37.02 0.64 13.34
CA TYR D 269 -37.26 1.87 14.11
C TYR D 269 -38.53 2.62 13.77
N GLY D 270 -39.16 2.28 12.65
CA GLY D 270 -40.40 2.90 12.23
C GLY D 270 -41.51 1.87 12.41
N LYS D 271 -42.69 2.20 11.90
CA LYS D 271 -43.83 1.29 12.01
C LYS D 271 -44.90 1.53 10.94
N LYS D 272 -45.25 2.81 10.71
CA LYS D 272 -46.25 3.16 9.69
C LYS D 272 -45.59 3.14 8.34
N LEU D 273 -45.28 1.93 7.85
CA LEU D 273 -44.59 1.76 6.58
C LEU D 273 -45.51 1.22 5.53
N THR D 274 -45.45 1.78 4.33
CA THR D 274 -46.23 1.33 3.19
C THR D 274 -45.16 0.94 2.19
N VAL D 275 -45.00 -0.35 1.97
CA VAL D 275 -43.94 -0.82 1.10
C VAL D 275 -44.47 -1.37 -0.23
N LEU D 276 -43.92 -0.87 -1.33
CA LEU D 276 -44.26 -1.38 -2.65
C LEU D 276 -42.99 -1.98 -3.20
N ASP D 277 -42.98 -3.29 -3.34
CA ASP D 277 -41.83 -4.01 -3.83
C ASP D 277 -42.11 -4.58 -5.22
N ALA D 278 -41.38 -4.08 -6.21
CA ALA D 278 -41.53 -4.53 -7.59
C ALA D 278 -41.22 -6.01 -7.76
N ALA D 279 -40.40 -6.57 -6.87
CA ALA D 279 -40.13 -8.01 -6.90
C ALA D 279 -41.38 -8.85 -6.67
N SER D 280 -42.42 -8.30 -6.06
CA SER D 280 -43.66 -9.02 -5.79
C SER D 280 -44.57 -9.06 -7.02
N TYR D 281 -44.21 -8.32 -8.08
CA TYR D 281 -44.99 -8.28 -9.31
C TYR D 281 -44.44 -9.31 -10.33
N ASP D 282 -45.19 -9.56 -11.39
CA ASP D 282 -44.80 -10.56 -12.41
C ASP D 282 -44.03 -9.98 -13.60
N PHE D 283 -42.70 -10.08 -13.57
CA PHE D 283 -41.86 -9.62 -14.68
C PHE D 283 -41.28 -10.81 -15.44
N THR D 284 -41.93 -11.96 -15.39
CA THR D 284 -41.42 -13.14 -16.06
C THR D 284 -41.42 -13.06 -17.61
N ALA D 285 -42.26 -12.20 -18.21
CA ALA D 285 -42.30 -11.99 -19.66
C ALA D 285 -41.38 -10.83 -20.07
N ILE D 286 -40.69 -10.22 -19.11
CA ILE D 286 -39.79 -9.10 -19.36
C ILE D 286 -38.36 -9.59 -19.34
N ASP D 287 -37.56 -9.15 -20.30
CA ASP D 287 -36.16 -9.59 -20.34
C ASP D 287 -35.38 -8.97 -19.20
N ASP D 288 -34.49 -9.76 -18.61
CA ASP D 288 -33.66 -9.29 -17.50
C ASP D 288 -32.83 -8.07 -17.84
N SER D 289 -32.46 -7.89 -19.10
CA SER D 289 -31.68 -6.73 -19.51
C SER D 289 -32.42 -5.39 -19.32
N VAL D 290 -33.75 -5.41 -19.22
CA VAL D 290 -34.55 -4.19 -19.07
C VAL D 290 -35.51 -4.19 -17.88
N LYS D 291 -35.55 -5.25 -17.08
CA LYS D 291 -36.52 -5.29 -15.97
C LYS D 291 -36.34 -4.10 -15.00
N GLY D 292 -35.10 -3.73 -14.72
CA GLY D 292 -34.83 -2.64 -13.79
C GLY D 292 -35.26 -1.29 -14.32
N TYR D 293 -35.23 -1.15 -15.63
CA TYR D 293 -35.64 0.08 -16.27
C TYR D 293 -37.17 0.20 -16.34
N LEU D 294 -37.86 -0.94 -16.40
CA LEU D 294 -39.35 -0.96 -16.49
C LEU D 294 -40.08 -1.00 -15.15
N ALA D 295 -39.44 -1.49 -14.11
CA ALA D 295 -40.06 -1.55 -12.78
C ALA D 295 -40.63 -0.20 -12.27
N PRO D 296 -39.91 0.95 -12.48
CA PRO D 296 -40.50 2.20 -12.01
C PRO D 296 -41.89 2.49 -12.60
N LEU D 297 -42.10 2.09 -13.85
CA LEU D 297 -43.38 2.32 -14.53
C LEU D 297 -44.51 1.58 -13.84
N VAL D 298 -44.24 0.36 -13.40
CA VAL D 298 -45.24 -0.41 -12.67
C VAL D 298 -45.49 0.17 -11.27
N LEU D 299 -44.42 0.52 -10.57
CA LEU D 299 -44.54 1.10 -9.21
C LEU D 299 -45.40 2.35 -9.26
N ASN D 300 -45.15 3.18 -10.27
CA ASN D 300 -45.88 4.40 -10.46
C ASN D 300 -47.36 4.16 -10.73
N ARG D 301 -47.67 3.14 -11.54
CA ARG D 301 -49.06 2.80 -11.86
C ARG D 301 -49.80 2.37 -10.62
N VAL D 302 -49.16 1.52 -9.82
CA VAL D 302 -49.75 1.03 -8.58
C VAL D 302 -49.99 2.18 -7.63
N LEU D 303 -49.01 3.08 -7.52
CA LEU D 303 -49.15 4.23 -6.64
C LEU D 303 -50.34 5.09 -6.99
N ARG D 304 -50.68 5.15 -8.27
CA ARG D 304 -51.86 5.91 -8.68
C ARG D 304 -53.16 5.32 -8.10
N SER D 305 -53.25 4.00 -7.92
CA SER D 305 -54.43 3.39 -7.31
C SER D 305 -54.47 3.73 -5.83
N TYR D 306 -53.29 3.87 -5.18
CA TYR D 306 -53.22 4.26 -3.78
C TYR D 306 -53.72 5.71 -3.64
N ALA D 307 -53.30 6.55 -4.58
CA ALA D 307 -53.70 7.95 -4.64
C ALA D 307 -55.24 8.09 -4.78
N ASP D 308 -55.85 7.30 -5.66
CA ASP D 308 -57.28 7.34 -5.88
C ASP D 308 -58.01 6.98 -4.59
N GLU D 309 -57.56 5.94 -3.90
CA GLU D 309 -58.22 5.54 -2.66
C GLU D 309 -58.05 6.60 -1.56
N LEU D 310 -56.86 7.18 -1.48
CA LEU D 310 -56.56 8.23 -0.50
C LEU D 310 -57.48 9.45 -0.71
N ALA D 311 -57.60 9.90 -1.96
CA ALA D 311 -58.43 11.05 -2.33
C ALA D 311 -59.91 10.82 -1.95
N GLU D 312 -60.39 9.59 -2.18
CA GLU D 312 -61.76 9.23 -1.85
C GLU D 312 -61.92 9.26 -0.33
N GLU D 313 -61.02 8.61 0.39
CA GLU D 313 -61.08 8.56 1.86
C GLU D 313 -61.04 9.96 2.54
N ARG D 314 -60.29 10.91 1.95
N ARG D 314 -60.29 10.90 1.94
CA ARG D 314 -60.15 12.27 2.49
CA ARG D 314 -60.13 12.26 2.46
C ARG D 314 -61.17 13.26 1.89
C ARG D 314 -61.10 13.28 1.83
N ASN D 315 -61.92 12.83 0.88
CA ASN D 315 -62.91 13.67 0.21
C ASN D 315 -62.23 14.89 -0.38
N HIS D 316 -61.01 14.63 -0.85
CA HIS D 316 -60.18 15.65 -1.42
C HIS D 316 -59.88 15.17 -2.82
N PRO D 317 -60.70 15.57 -3.80
CA PRO D 317 -60.46 15.11 -5.14
C PRO D 317 -59.07 15.48 -5.63
N LEU D 318 -58.43 14.56 -6.35
CA LEU D 318 -57.10 14.80 -6.92
C LEU D 318 -57.06 15.99 -7.83
N SER D 319 -58.19 16.36 -8.44
CA SER D 319 -58.25 17.52 -9.33
C SER D 319 -58.35 18.86 -8.58
N HIS D 320 -58.57 18.82 -7.27
CA HIS D 320 -58.75 20.06 -6.52
C HIS D 320 -57.47 20.87 -6.37
N ARG D 321 -57.59 22.19 -6.53
CA ARG D 321 -56.47 23.12 -6.39
C ARG D 321 -56.96 24.40 -5.79
N ARG D 322 -56.07 25.12 -5.10
CA ARG D 322 -56.42 26.46 -4.59
C ARG D 322 -55.61 27.54 -5.31
N TYR D 323 -54.51 27.18 -5.97
CA TYR D 323 -53.67 28.19 -6.65
C TYR D 323 -53.50 27.90 -8.13
N MSE D 324 -53.09 26.70 -8.45
CA MSE D 324 -52.94 26.32 -9.84
C MSE D 324 -54.26 26.54 -10.61
O MSE D 324 -55.34 26.17 -10.13
CB MSE D 324 -52.52 24.88 -9.96
CG MSE D 324 -52.18 24.47 -11.40
SE MSE D 324 -51.39 22.70 -11.52
CE MSE D 324 -49.88 23.16 -10.35
N TRP D 325 -54.12 27.10 -11.79
CA TRP D 325 -55.23 27.45 -12.69
C TRP D 325 -56.23 28.44 -12.07
N LYS D 326 -55.96 28.95 -10.85
CA LYS D 326 -56.87 29.83 -10.14
C LYS D 326 -56.35 31.21 -9.86
N VAL D 327 -55.06 31.33 -9.60
CA VAL D 327 -54.48 32.61 -9.30
C VAL D 327 -53.27 32.87 -10.19
N GLU D 328 -52.83 34.11 -10.17
CA GLU D 328 -51.72 34.54 -10.99
C GLU D 328 -50.43 34.29 -10.27
N TYR D 329 -49.38 33.82 -10.95
CA TYR D 329 -48.09 33.59 -10.27
C TYR D 329 -46.91 33.41 -11.21
N THR E 6 7.36 4.70 -2.13
CA THR E 6 6.48 3.49 -2.21
C THR E 6 6.04 3.21 -3.66
N ALA E 7 5.79 4.27 -4.43
CA ALA E 7 5.36 4.13 -5.83
C ALA E 7 6.43 3.47 -6.71
N LYS E 8 7.70 3.60 -6.34
CA LYS E 8 8.80 2.96 -7.10
C LYS E 8 9.09 1.53 -6.67
N VAL E 9 8.43 1.07 -5.60
CA VAL E 9 8.66 -0.28 -5.11
C VAL E 9 7.99 -1.32 -5.98
N ASN E 10 8.73 -2.38 -6.25
CA ASN E 10 8.23 -3.52 -6.98
C ASN E 10 6.85 -3.91 -6.42
N ARG E 11 5.86 -4.10 -7.29
CA ARG E 11 4.47 -4.38 -6.84
C ARG E 11 4.37 -5.61 -5.94
N GLU E 12 5.14 -6.65 -6.25
CA GLU E 12 5.11 -7.88 -5.42
C GLU E 12 5.72 -7.58 -4.04
N VAL E 13 6.75 -6.75 -4.00
CA VAL E 13 7.33 -6.37 -2.72
C VAL E 13 6.30 -5.53 -1.91
N GLN E 14 5.59 -4.64 -2.59
CA GLN E 14 4.58 -3.83 -1.92
C GLN E 14 3.53 -4.71 -1.26
N ALA E 15 3.06 -5.74 -1.95
CA ALA E 15 2.03 -6.63 -1.40
C ALA E 15 2.58 -7.37 -0.17
N PHE E 16 3.82 -7.84 -0.28
CA PHE E 16 4.49 -8.47 0.84
C PHE E 16 4.53 -7.54 2.02
N LEU E 17 4.91 -6.27 1.80
CA LEU E 17 5.04 -5.30 2.91
C LEU E 17 3.68 -4.96 3.52
N GLN E 18 2.65 -4.93 2.69
CA GLN E 18 1.30 -4.70 3.16
C GLN E 18 0.89 -5.83 4.10
N ASP E 19 1.16 -7.07 3.70
CA ASP E 19 0.84 -8.23 4.50
C ASP E 19 1.69 -8.37 5.75
N LEU E 20 2.91 -7.86 5.69
CA LEU E 20 3.86 -7.91 6.81
C LEU E 20 3.38 -7.12 8.02
N LYS E 21 2.61 -6.07 7.77
CA LYS E 21 2.13 -5.20 8.83
C LYS E 21 1.39 -5.96 9.93
N GLY E 22 1.86 -5.76 11.17
CA GLY E 22 1.25 -6.38 12.33
C GLY E 22 1.78 -7.77 12.63
N LYS E 23 2.64 -8.32 11.78
CA LYS E 23 3.21 -9.62 12.02
C LYS E 23 4.34 -9.55 13.01
N THR E 24 4.55 -10.68 13.69
N THR E 24 4.56 -10.64 13.74
CA THR E 24 5.61 -10.83 14.68
CA THR E 24 5.64 -10.69 14.71
C THR E 24 6.74 -11.58 14.00
C THR E 24 6.75 -11.56 14.14
N ILE E 25 7.85 -10.88 13.82
CA ILE E 25 9.03 -11.45 13.22
C ILE E 25 10.21 -11.06 14.12
N ASP E 26 10.95 -12.04 14.62
CA ASP E 26 12.10 -11.73 15.46
C ASP E 26 13.44 -12.17 14.86
N HIS E 27 13.41 -12.79 13.69
CA HIS E 27 14.63 -13.29 13.09
C HIS E 27 14.53 -13.25 11.58
N VAL E 28 15.56 -12.76 10.88
CA VAL E 28 15.60 -12.82 9.43
C VAL E 28 16.80 -13.68 9.03
N PHE E 29 16.59 -14.57 8.04
CA PHE E 29 17.62 -15.45 7.53
C PHE E 29 17.82 -15.15 6.05
N PHE E 30 19.05 -14.80 5.68
CA PHE E 30 19.40 -14.53 4.29
C PHE E 30 19.98 -15.85 3.75
N VAL E 31 19.23 -16.53 2.88
CA VAL E 31 19.60 -17.86 2.38
C VAL E 31 19.68 -17.96 0.86
N ALA E 32 20.85 -18.30 0.34
CA ALA E 32 21.04 -18.45 -1.09
C ALA E 32 22.41 -19.13 -1.31
N CYS E 33 22.81 -19.24 -2.57
CA CYS E 33 24.08 -19.84 -2.92
C CYS E 33 24.97 -18.96 -3.79
N GLY E 34 26.28 -19.05 -3.53
CA GLY E 34 27.30 -18.38 -4.31
C GLY E 34 27.03 -16.91 -4.49
N GLY E 35 27.00 -16.48 -5.75
CA GLY E 35 26.74 -15.10 -6.09
C GLY E 35 25.47 -14.52 -5.49
N SER E 36 24.42 -15.34 -5.43
CA SER E 36 23.14 -14.93 -4.85
C SER E 36 23.22 -14.79 -3.34
N SER E 37 24.14 -15.50 -2.68
CA SER E 37 24.37 -15.33 -1.26
C SER E 37 25.18 -14.02 -1.05
N ALA E 38 26.16 -13.78 -1.94
CA ALA E 38 27.03 -12.63 -1.82
C ALA E 38 26.26 -11.32 -1.87
N ILE E 39 25.22 -11.26 -2.69
CA ILE E 39 24.45 -10.02 -2.80
C ILE E 39 23.73 -9.68 -1.49
N MSE E 40 23.63 -10.64 -0.58
CA MSE E 40 22.95 -10.41 0.69
C MSE E 40 23.82 -9.90 1.82
O MSE E 40 23.30 -9.48 2.88
CB MSE E 40 22.23 -11.69 1.10
CG MSE E 40 21.15 -12.03 0.13
SE MSE E 40 20.38 -13.80 0.60
CE MSE E 40 19.36 -14.04 -0.91
N TYR E 41 25.13 -9.84 1.59
CA TYR E 41 26.05 -9.37 2.63
C TYR E 41 25.76 -7.93 3.07
N PRO E 42 25.52 -6.99 2.15
CA PRO E 42 25.21 -5.67 2.59
C PRO E 42 23.93 -5.61 3.43
N SER E 43 22.92 -6.43 3.09
CA SER E 43 21.66 -6.44 3.84
C SER E 43 21.87 -6.92 5.30
N LYS E 44 22.80 -7.85 5.50
CA LYS E 44 23.16 -8.28 6.84
C LYS E 44 23.80 -7.09 7.55
N TYR E 45 24.63 -6.31 6.86
CA TYR E 45 25.27 -5.14 7.46
C TYR E 45 24.18 -4.10 7.83
N VAL E 46 23.22 -3.85 6.92
CA VAL E 46 22.10 -2.94 7.19
C VAL E 46 21.35 -3.39 8.46
N PHE E 47 20.98 -4.66 8.54
CA PHE E 47 20.30 -5.13 9.76
C PHE E 47 21.14 -4.92 11.01
N ASP E 48 22.44 -5.20 10.92
CA ASP E 48 23.33 -5.02 12.07
C ASP E 48 23.34 -3.56 12.56
N ARG E 49 23.32 -2.60 11.64
CA ARG E 49 23.33 -1.19 11.98
C ARG E 49 21.95 -0.58 12.27
N GLU E 50 20.89 -1.17 11.75
CA GLU E 50 19.54 -0.61 11.85
C GLU E 50 18.52 -1.30 12.71
N SER E 51 18.58 -2.62 12.80
CA SER E 51 17.53 -3.34 13.51
C SER E 51 17.78 -3.47 15.00
N LYS E 52 16.85 -2.94 15.79
CA LYS E 52 16.98 -3.05 17.23
C LYS E 52 16.32 -4.32 17.76
N SER E 53 15.38 -4.91 17.02
CA SER E 53 14.61 -6.06 17.50
C SER E 53 14.63 -7.36 16.68
N ILE E 54 15.34 -7.39 15.55
CA ILE E 54 15.34 -8.55 14.69
C ILE E 54 16.75 -9.12 14.54
N ASN E 55 16.88 -10.40 14.89
CA ASN E 55 18.12 -11.14 14.75
C ASN E 55 18.32 -11.42 13.27
N SER E 56 19.53 -11.24 12.73
CA SER E 56 19.79 -11.56 11.32
C SER E 56 20.93 -12.53 11.21
N ASP E 57 20.77 -13.54 10.36
CA ASP E 57 21.81 -14.51 10.05
C ASP E 57 21.86 -14.74 8.55
N LEU E 58 23.04 -15.12 8.04
CA LEU E 58 23.20 -15.37 6.61
C LEU E 58 23.92 -16.71 6.43
N TYR E 59 23.38 -17.58 5.58
CA TYR E 59 23.97 -18.88 5.35
C TYR E 59 23.84 -19.29 3.89
N SER E 60 24.78 -20.10 3.41
CA SER E 60 24.66 -20.70 2.11
C SER E 60 23.46 -21.66 2.29
N ALA E 61 22.69 -21.90 1.24
CA ALA E 61 21.44 -22.70 1.32
C ALA E 61 21.52 -24.09 1.98
N ASN E 62 22.51 -24.89 1.59
CA ASN E 62 22.63 -26.25 2.15
C ASN E 62 23.16 -26.18 3.59
N GLU E 63 23.99 -25.17 3.89
CA GLU E 63 24.46 -24.93 5.28
C GLU E 63 23.23 -24.61 6.14
N PHE E 64 22.38 -23.71 5.65
CA PHE E 64 21.13 -23.38 6.36
C PHE E 64 20.27 -24.58 6.72
N ILE E 65 20.02 -25.45 5.75
CA ILE E 65 19.19 -26.64 5.93
C ILE E 65 19.80 -27.60 6.94
N GLN E 66 21.10 -27.92 6.77
CA GLN E 66 21.78 -28.89 7.64
C GLN E 66 22.10 -28.31 9.00
N ARG E 67 22.55 -27.05 9.09
CA ARG E 67 22.80 -26.43 10.40
C ARG E 67 21.47 -26.34 11.17
N ASN E 68 20.35 -26.19 10.46
CA ASN E 68 19.01 -26.24 11.07
C ASN E 68 18.91 -25.35 12.33
N PRO E 69 19.01 -24.01 12.15
CA PRO E 69 19.00 -23.11 13.29
C PRO E 69 17.74 -23.34 14.16
N VAL E 70 17.94 -23.55 15.45
N VAL E 70 17.94 -23.56 15.45
CA VAL E 70 16.84 -23.87 16.36
CA VAL E 70 16.84 -23.83 16.38
C VAL E 70 15.87 -22.69 16.51
C VAL E 70 15.84 -22.69 16.44
N GLN E 71 16.31 -21.48 16.20
CA GLN E 71 15.43 -20.32 16.25
C GLN E 71 14.59 -20.16 14.99
N LEU E 72 14.75 -21.04 14.00
CA LEU E 72 13.97 -20.97 12.76
C LEU E 72 12.54 -21.45 13.04
N GLY E 73 11.56 -20.62 12.73
CA GLY E 73 10.19 -20.98 12.99
C GLY E 73 9.18 -19.96 12.53
N GLU E 74 8.07 -19.93 13.24
CA GLU E 74 6.94 -19.08 12.92
C GLU E 74 7.19 -17.58 12.99
N LYS E 75 8.17 -17.16 13.77
CA LYS E 75 8.50 -15.76 13.90
C LYS E 75 9.71 -15.37 13.02
N SER E 76 10.05 -16.22 12.06
CA SER E 76 11.16 -16.01 11.16
C SER E 76 10.73 -15.56 9.79
N LEU E 77 11.56 -14.73 9.20
CA LEU E 77 11.41 -14.27 7.82
C LEU E 77 12.65 -14.82 7.11
N VAL E 78 12.47 -15.56 6.01
CA VAL E 78 13.60 -16.12 5.27
C VAL E 78 13.56 -15.48 3.87
N ILE E 79 14.65 -14.83 3.49
CA ILE E 79 14.71 -14.18 2.20
C ILE E 79 15.67 -15.02 1.38
N LEU E 80 15.20 -15.48 0.22
CA LEU E 80 16.00 -16.32 -0.65
C LEU E 80 16.18 -15.69 -2.02
N CYS E 81 17.20 -16.14 -2.72
CA CYS E 81 17.47 -15.63 -4.05
C CYS E 81 18.12 -16.68 -4.92
N SER E 82 17.65 -16.78 -6.16
CA SER E 82 18.21 -17.68 -7.16
C SER E 82 17.85 -17.05 -8.49
N HIS E 83 18.84 -16.82 -9.35
CA HIS E 83 18.54 -16.17 -10.64
C HIS E 83 17.61 -17.00 -11.50
N SER E 84 18.03 -18.23 -11.74
CA SER E 84 17.27 -19.17 -12.56
C SER E 84 16.03 -19.67 -11.82
N GLY E 85 16.12 -19.71 -10.49
CA GLY E 85 15.05 -20.24 -9.64
C GLY E 85 15.09 -21.77 -9.55
N ASN E 86 16.15 -22.37 -10.12
CA ASN E 86 16.33 -23.79 -10.16
C ASN E 86 17.36 -24.32 -9.20
N THR E 87 18.20 -23.44 -8.64
CA THR E 87 19.29 -23.88 -7.75
C THR E 87 18.69 -24.84 -6.72
N PRO E 88 18.99 -26.16 -6.84
CA PRO E 88 18.30 -27.07 -5.95
C PRO E 88 18.34 -26.82 -4.46
N GLU E 89 19.48 -26.39 -3.95
CA GLU E 89 19.65 -26.15 -2.53
C GLU E 89 18.76 -25.02 -2.05
N THR E 90 18.63 -23.99 -2.86
CA THR E 90 17.84 -22.84 -2.50
C THR E 90 16.35 -23.15 -2.53
N VAL E 91 15.94 -23.93 -3.53
CA VAL E 91 14.56 -24.37 -3.67
C VAL E 91 14.22 -25.22 -2.44
N LYS E 92 15.11 -26.15 -2.10
CA LYS E 92 14.90 -27.00 -0.92
C LYS E 92 14.89 -26.16 0.38
N ALA E 93 15.73 -25.14 0.45
CA ALA E 93 15.78 -24.29 1.63
C ALA E 93 14.45 -23.52 1.81
N ALA E 94 13.84 -23.09 0.70
CA ALA E 94 12.56 -22.40 0.74
C ALA E 94 11.51 -23.32 1.34
N ALA E 95 11.47 -24.56 0.85
CA ALA E 95 10.51 -25.57 1.32
C ALA E 95 10.73 -25.92 2.81
N PHE E 96 11.99 -26.06 3.18
CA PHE E 96 12.40 -26.34 4.54
C PHE E 96 11.95 -25.23 5.49
N ALA E 97 12.23 -23.98 5.14
CA ALA E 97 11.81 -22.87 5.97
C ALA E 97 10.28 -22.78 6.05
N ARG E 98 9.60 -22.93 4.92
CA ARG E 98 8.14 -22.82 4.91
C ARG E 98 7.53 -23.94 5.76
N GLY E 99 8.11 -25.14 5.69
CA GLY E 99 7.66 -26.27 6.48
C GLY E 99 7.75 -26.06 8.00
N LYS E 100 8.69 -25.22 8.42
CA LYS E 100 8.86 -24.81 9.81
C LYS E 100 7.94 -23.62 10.22
N GLY E 101 7.10 -23.16 9.31
CA GLY E 101 6.19 -22.05 9.59
C GLY E 101 6.75 -20.67 9.31
N ALA E 102 7.96 -20.58 8.76
CA ALA E 102 8.58 -19.32 8.44
C ALA E 102 7.88 -18.60 7.29
N LEU E 103 7.97 -17.28 7.29
CA LEU E 103 7.46 -16.42 6.21
C LEU E 103 8.61 -16.41 5.22
N THR E 104 8.33 -16.72 3.95
CA THR E 104 9.35 -16.82 2.94
C THR E 104 9.10 -15.91 1.76
N ILE E 105 10.15 -15.24 1.31
CA ILE E 105 10.07 -14.40 0.13
C ILE E 105 11.29 -14.76 -0.70
N ALA E 106 11.06 -15.11 -1.97
CA ALA E 106 12.13 -15.47 -2.85
C ALA E 106 12.22 -14.47 -3.97
N MSE E 107 13.45 -14.16 -4.34
N MSE E 107 13.45 -14.17 -4.37
CA MSE E 107 13.72 -13.30 -5.47
CA MSE E 107 13.70 -13.24 -5.45
C MSE E 107 14.23 -14.21 -6.57
C MSE E 107 14.32 -14.08 -6.57
O MSE E 107 14.93 -15.20 -6.32
O MSE E 107 15.24 -14.86 -6.33
CB MSE E 107 14.80 -12.29 -5.16
CB MSE E 107 14.63 -12.16 -4.93
CG MSE E 107 14.39 -11.16 -4.27
CG MSE E 107 14.40 -10.79 -5.51
SE MSE E 107 16.02 -10.16 -3.87
SE MSE E 107 15.79 -9.58 -4.95
CE MSE E 107 16.78 -10.00 -5.63
CE MSE E 107 16.13 -10.51 -2.99
N THR E 108 13.84 -13.92 -7.80
CA THR E 108 14.32 -14.68 -8.93
C THR E 108 14.05 -13.90 -10.20
N PHE E 109 14.74 -14.28 -11.27
CA PHE E 109 14.49 -13.65 -12.55
C PHE E 109 13.45 -14.49 -13.30
N LYS E 110 13.19 -15.70 -12.81
CA LYS E 110 12.25 -16.59 -13.47
C LYS E 110 11.03 -16.95 -12.60
N PRO E 111 9.84 -16.43 -12.99
CA PRO E 111 8.60 -16.53 -12.19
C PRO E 111 8.00 -17.87 -12.11
N GLU E 112 8.21 -18.68 -13.14
CA GLU E 112 7.64 -20.03 -13.17
C GLU E 112 8.58 -21.09 -12.62
N SER E 113 9.66 -20.66 -11.98
CA SER E 113 10.65 -21.60 -11.52
C SER E 113 10.26 -22.38 -10.25
N PRO E 114 10.96 -23.50 -9.98
CA PRO E 114 10.69 -24.24 -8.74
C PRO E 114 10.79 -23.42 -7.47
N LEU E 115 11.74 -22.48 -7.39
CA LEU E 115 11.86 -21.64 -6.20
C LEU E 115 10.58 -20.80 -6.03
N ALA E 116 10.11 -20.22 -7.13
CA ALA E 116 8.89 -19.40 -7.14
C ALA E 116 7.68 -20.20 -6.67
N GLN E 117 7.68 -21.49 -7.00
CA GLN E 117 6.60 -22.37 -6.56
C GLN E 117 6.70 -22.72 -5.07
N GLU E 118 7.88 -22.78 -4.49
CA GLU E 118 7.99 -23.09 -3.06
C GLU E 118 7.77 -21.90 -2.12
N ALA E 119 8.24 -20.73 -2.52
CA ALA E 119 8.17 -19.53 -1.69
C ALA E 119 6.76 -18.99 -1.58
N GLN E 120 6.46 -18.41 -0.44
CA GLN E 120 5.15 -17.83 -0.21
C GLN E 120 4.99 -16.57 -1.03
N TYR E 121 6.03 -15.76 -1.05
CA TYR E 121 6.07 -14.53 -1.81
C TYR E 121 7.20 -14.61 -2.82
N VAL E 122 6.98 -13.98 -3.97
CA VAL E 122 7.98 -13.95 -5.04
C VAL E 122 8.14 -12.54 -5.57
N ALA E 123 9.38 -12.08 -5.67
CA ALA E 123 9.68 -10.77 -6.21
C ALA E 123 10.64 -11.02 -7.36
N GLN E 124 10.34 -10.53 -8.54
CA GLN E 124 11.22 -10.73 -9.66
C GLN E 124 11.96 -9.43 -9.90
N TYR E 125 13.22 -9.54 -10.28
CA TYR E 125 14.03 -8.37 -10.54
C TYR E 125 14.38 -8.30 -12.03
N ASP E 126 14.84 -7.14 -12.47
CA ASP E 126 15.25 -6.95 -13.85
C ASP E 126 16.73 -7.27 -13.94
N TRP E 127 17.16 -7.64 -15.14
CA TRP E 127 18.50 -8.07 -15.39
C TRP E 127 18.92 -7.69 -16.82
N GLY E 128 20.20 -7.45 -17.04
CA GLY E 128 20.70 -7.11 -18.37
C GLY E 128 21.09 -5.67 -18.52
N ASP E 129 21.51 -5.31 -19.73
CA ASP E 129 21.99 -3.97 -20.05
C ASP E 129 21.00 -2.86 -19.78
N GLU E 130 19.71 -3.11 -19.95
CA GLU E 130 18.73 -2.08 -19.72
C GLU E 130 18.20 -1.98 -18.29
N ALA E 131 18.57 -2.90 -17.41
CA ALA E 131 18.07 -2.87 -16.03
C ALA E 131 18.57 -1.64 -15.26
N LEU E 132 17.66 -0.92 -14.60
CA LEU E 132 18.03 0.23 -13.77
C LEU E 132 18.33 -0.29 -12.36
N ALA E 133 19.31 0.31 -11.68
CA ALA E 133 19.74 -0.15 -10.34
C ALA E 133 18.63 -0.48 -9.38
N ILE E 134 17.66 0.41 -9.26
CA ILE E 134 16.56 0.19 -8.31
C ILE E 134 15.79 -1.14 -8.53
N ASN E 135 15.78 -1.61 -9.80
CA ASN E 135 15.07 -2.79 -10.22
C ASN E 135 15.91 -4.06 -10.35
N THR E 136 17.22 -3.95 -10.07
CA THR E 136 18.12 -5.09 -10.15
C THR E 136 17.96 -5.93 -8.90
N ASN E 137 18.62 -7.08 -8.88
CA ASN E 137 18.56 -7.95 -7.72
C ASN E 137 18.94 -7.20 -6.41
N TYR E 138 20.03 -6.42 -6.43
CA TYR E 138 20.42 -5.62 -5.29
C TYR E 138 19.36 -4.61 -4.89
N GLY E 139 18.77 -3.96 -5.89
CA GLY E 139 17.71 -2.96 -5.69
C GLY E 139 16.50 -3.58 -5.04
N VAL E 140 16.04 -4.70 -5.59
CA VAL E 140 14.83 -5.32 -5.05
C VAL E 140 15.07 -5.87 -3.65
N LEU E 141 16.29 -6.35 -3.40
CA LEU E 141 16.62 -6.87 -2.06
C LEU E 141 16.55 -5.73 -1.04
N TYR E 142 17.09 -4.57 -1.38
CA TYR E 142 16.97 -3.41 -0.49
C TYR E 142 15.53 -2.91 -0.31
N GLN E 143 14.69 -3.06 -1.31
CA GLN E 143 13.30 -2.68 -1.17
C GLN E 143 12.67 -3.54 -0.07
N ILE E 144 12.96 -4.83 -0.12
CA ILE E 144 12.48 -5.78 0.89
C ILE E 144 13.04 -5.52 2.25
N VAL E 145 14.34 -5.34 2.31
CA VAL E 145 15.07 -5.11 3.59
C VAL E 145 14.68 -3.81 4.27
N PHE E 146 14.80 -2.68 3.58
CA PHE E 146 14.41 -1.41 4.19
C PHE E 146 12.90 -1.32 4.44
N GLY E 147 12.11 -1.94 3.58
CA GLY E 147 10.67 -1.96 3.76
C GLY E 147 10.33 -2.75 5.01
N THR E 148 10.95 -3.90 5.20
CA THR E 148 10.74 -4.74 6.40
C THR E 148 11.05 -4.00 7.70
N LEU E 149 12.18 -3.31 7.71
CA LEU E 149 12.58 -2.49 8.85
C LEU E 149 11.58 -1.34 9.08
N GLN E 150 11.06 -0.77 8.00
CA GLN E 150 10.09 0.30 8.15
C GLN E 150 8.77 -0.21 8.72
N VAL E 151 8.26 -1.31 8.18
CA VAL E 151 6.99 -1.88 8.60
C VAL E 151 7.04 -2.44 10.02
N LEU E 152 8.10 -3.19 10.32
CA LEU E 152 8.18 -3.83 11.61
C LEU E 152 8.77 -2.96 12.71
N GLU E 153 9.67 -2.02 12.39
CA GLU E 153 10.32 -1.21 13.44
C GLU E 153 10.15 0.30 13.30
N ASN E 154 9.40 0.75 12.31
CA ASN E 154 9.20 2.16 12.02
C ASN E 154 10.54 2.81 11.71
N ASN E 155 11.43 2.04 11.08
CA ASN E 155 12.72 2.54 10.68
C ASN E 155 12.48 3.72 9.75
N THR E 156 13.27 4.75 9.89
CA THR E 156 13.06 5.97 9.13
C THR E 156 13.82 6.10 7.82
N LYS E 157 14.65 5.11 7.46
CA LYS E 157 15.48 5.27 6.26
C LYS E 157 14.87 4.84 4.91
N PHE E 158 13.71 4.23 4.95
CA PHE E 158 13.09 3.70 3.72
C PHE E 158 13.00 4.70 2.57
N GLU E 159 12.47 5.89 2.84
CA GLU E 159 12.33 6.88 1.79
C GLU E 159 13.69 7.24 1.17
N GLN E 160 14.73 7.47 1.98
CA GLN E 160 16.06 7.82 1.45
C GLN E 160 16.72 6.60 0.76
N ALA E 161 16.45 5.39 1.23
CA ALA E 161 17.00 4.21 0.57
C ALA E 161 16.41 4.07 -0.82
N ILE E 162 15.11 4.27 -0.95
CA ILE E 162 14.42 4.15 -2.26
C ILE E 162 14.81 5.28 -3.19
N GLU E 163 14.86 6.50 -2.67
CA GLU E 163 15.28 7.62 -3.50
C GLU E 163 16.73 7.42 -3.91
N GLY E 164 17.52 6.84 -3.01
CA GLY E 164 18.94 6.57 -3.27
C GLY E 164 19.08 5.58 -4.40
N LEU E 165 18.33 4.48 -4.34
CA LEU E 165 18.38 3.49 -5.41
C LEU E 165 17.98 4.08 -6.74
N ASP E 166 16.99 4.96 -6.73
CA ASP E 166 16.51 5.61 -7.97
C ASP E 166 17.61 6.50 -8.56
N GLN E 167 18.34 7.18 -7.69
CA GLN E 167 19.45 8.02 -8.11
C GLN E 167 20.73 7.27 -8.43
N LEU E 168 20.80 6.00 -8.03
CA LEU E 168 22.01 5.22 -8.16
C LEU E 168 22.38 4.83 -9.57
N GLN E 169 21.39 4.76 -10.48
CA GLN E 169 21.73 4.42 -11.87
C GLN E 169 22.63 5.50 -12.49
N ALA E 170 22.37 6.76 -12.20
CA ALA E 170 23.23 7.84 -12.71
C ALA E 170 24.66 7.72 -12.13
N VAL E 171 24.77 7.25 -10.89
CA VAL E 171 26.05 7.01 -10.24
C VAL E 171 26.80 5.87 -10.96
N TYR E 172 26.08 4.81 -11.33
CA TYR E 172 26.65 3.70 -12.10
C TYR E 172 27.22 4.18 -13.39
N GLU E 173 26.43 4.96 -14.11
CA GLU E 173 26.87 5.41 -15.40
C GLU E 173 28.11 6.29 -15.31
N LYS E 174 28.11 7.26 -14.41
CA LYS E 174 29.27 8.13 -14.24
C LYS E 174 30.51 7.35 -13.84
N ALA E 175 30.32 6.42 -12.89
CA ALA E 175 31.41 5.55 -12.41
C ALA E 175 32.01 4.67 -13.52
N LEU E 176 31.15 4.07 -14.33
CA LEU E 176 31.60 3.21 -15.43
C LEU E 176 32.42 4.00 -16.45
N LYS E 177 31.95 5.22 -16.74
CA LYS E 177 32.65 6.07 -17.70
C LYS E 177 34.00 6.46 -17.13
N GLN E 178 34.05 6.82 -15.86
CA GLN E 178 35.34 7.25 -15.30
C GLN E 178 36.33 6.11 -15.11
N GLU E 179 35.80 4.89 -15.00
CA GLU E 179 36.63 3.69 -14.81
C GLU E 179 36.96 2.88 -16.08
N ALA E 180 36.42 3.28 -17.23
CA ALA E 180 36.64 2.56 -18.49
C ALA E 180 38.11 2.26 -18.83
N ASP E 181 38.98 3.29 -18.75
CA ASP E 181 40.42 3.08 -19.04
C ASP E 181 41.04 2.17 -18.01
N ASN E 182 40.70 2.35 -16.74
CA ASN E 182 41.18 1.47 -15.68
C ASN E 182 40.85 0.02 -15.91
N ALA E 183 39.61 -0.25 -16.35
CA ALA E 183 39.16 -1.62 -16.62
C ALA E 183 40.04 -2.25 -17.68
N LYS E 184 40.32 -1.49 -18.75
CA LYS E 184 41.19 -2.00 -19.82
C LYS E 184 42.62 -2.27 -19.35
N GLN E 185 43.13 -1.37 -18.53
CA GLN E 185 44.47 -1.48 -17.95
C GLN E 185 44.54 -2.70 -17.05
N PHE E 186 43.46 -2.92 -16.28
CA PHE E 186 43.38 -4.08 -15.40
C PHE E 186 43.47 -5.34 -16.23
N ALA E 187 42.70 -5.43 -17.32
CA ALA E 187 42.70 -6.62 -18.15
C ALA E 187 44.08 -6.94 -18.75
N LYS E 188 44.72 -5.91 -19.24
CA LYS E 188 46.02 -6.03 -19.86
C LYS E 188 47.04 -6.51 -18.81
N ALA E 189 47.00 -5.88 -17.63
CA ALA E 189 47.91 -6.19 -16.56
C ALA E 189 47.69 -7.57 -15.95
N HIS E 190 46.49 -8.11 -16.04
CA HIS E 190 46.20 -9.38 -15.40
C HIS E 190 45.91 -10.55 -16.35
N GLU E 191 46.22 -10.37 -17.62
CA GLU E 191 46.00 -11.39 -18.64
C GLU E 191 46.57 -12.78 -18.26
N LYS E 192 47.77 -12.78 -17.71
CA LYS E 192 48.42 -14.01 -17.35
C LYS E 192 48.67 -14.25 -15.87
N GLU E 193 48.00 -13.47 -14.99
CA GLU E 193 48.17 -13.66 -13.55
C GLU E 193 47.36 -14.84 -13.17
N SER E 194 47.96 -15.80 -12.46
CA SER E 194 47.26 -17.02 -12.07
C SER E 194 46.47 -16.88 -10.77
N ILE E 195 46.83 -15.89 -9.94
CA ILE E 195 46.15 -15.62 -8.68
C ILE E 195 45.93 -14.12 -8.48
N ILE E 196 44.73 -13.74 -8.11
CA ILE E 196 44.39 -12.35 -7.82
C ILE E 196 43.53 -12.34 -6.57
N TYR E 197 44.02 -11.69 -5.52
CA TYR E 197 43.27 -11.55 -4.30
C TYR E 197 42.33 -10.36 -4.36
N THR E 198 41.26 -10.42 -3.55
CA THR E 198 40.35 -9.27 -3.42
C THR E 198 40.33 -8.95 -1.92
N MSE E 199 39.89 -7.73 -1.57
CA MSE E 199 39.88 -7.32 -0.17
C MSE E 199 38.92 -6.16 0.05
O MSE E 199 38.88 -5.24 -0.75
CB MSE E 199 41.29 -6.93 0.30
CG MSE E 199 41.37 -6.63 1.74
SE MSE E 199 43.13 -6.74 2.48
CE MSE E 199 43.74 -8.26 1.87
N ALA E 200 38.16 -6.26 1.14
CA ALA E 200 37.19 -5.27 1.52
C ALA E 200 36.68 -5.63 2.92
N SER E 201 35.81 -4.78 3.47
CA SER E 201 35.24 -5.01 4.79
C SER E 201 33.81 -4.51 4.78
N GLY E 202 33.14 -4.61 5.93
CA GLY E 202 31.77 -4.10 6.10
C GLY E 202 30.80 -4.53 5.05
N ALA E 203 30.04 -3.56 4.55
CA ALA E 203 29.02 -3.83 3.55
C ALA E 203 29.55 -4.20 2.18
N ASN E 204 30.86 -4.09 2.01
CA ASN E 204 31.53 -4.29 0.76
C ASN E 204 32.17 -5.67 0.64
N TYR E 205 32.22 -6.43 1.73
CA TYR E 205 32.88 -7.71 1.67
C TYR E 205 32.23 -8.68 0.69
N GLY E 206 30.92 -8.69 0.58
CA GLY E 206 30.26 -9.59 -0.36
C GLY E 206 30.65 -9.32 -1.81
N VAL E 207 30.90 -8.06 -2.12
CA VAL E 207 31.28 -7.72 -3.47
C VAL E 207 32.64 -8.35 -3.76
N ALA E 208 33.55 -8.31 -2.79
CA ALA E 208 34.89 -8.87 -2.98
C ALA E 208 34.76 -10.38 -3.03
N TYR E 209 33.94 -10.94 -2.17
CA TYR E 209 33.72 -12.41 -2.18
C TYR E 209 33.16 -12.88 -3.53
N SER E 210 32.14 -12.18 -4.06
CA SER E 210 31.55 -12.59 -5.35
C SER E 210 32.58 -12.43 -6.47
N TYR E 211 33.37 -11.38 -6.42
CA TYR E 211 34.38 -11.21 -7.47
C TYR E 211 35.38 -12.35 -7.44
N SER E 212 35.72 -12.81 -6.24
CA SER E 212 36.66 -13.92 -6.10
C SER E 212 36.07 -15.25 -6.51
N ILE E 213 34.93 -15.63 -5.94
CA ILE E 213 34.39 -16.95 -6.26
C ILE E 213 33.65 -17.07 -7.62
N CYS E 214 33.00 -15.99 -8.06
CA CYS E 214 32.23 -16.03 -9.29
C CYS E 214 33.02 -15.49 -10.50
N ILE E 215 33.47 -14.26 -10.46
CA ILE E 215 34.16 -13.75 -11.64
C ILE E 215 35.49 -14.47 -11.84
N LEU E 216 36.32 -14.46 -10.81
CA LEU E 216 37.66 -15.00 -10.99
C LEU E 216 37.75 -16.50 -11.08
N MSE E 217 37.29 -17.24 -10.07
CA MSE E 217 37.38 -18.66 -10.07
C MSE E 217 36.41 -19.32 -11.03
O MSE E 217 36.80 -20.10 -11.89
CB MSE E 217 37.17 -19.26 -8.65
CG MSE E 217 38.22 -18.77 -7.63
SE MSE E 217 37.93 -19.49 -5.86
CE MSE E 217 38.54 -21.16 -6.16
N GLU E 218 35.13 -19.03 -10.88
CA GLU E 218 34.14 -19.69 -11.74
C GLU E 218 34.23 -19.29 -13.23
N MSE E 219 34.27 -17.99 -13.47
CA MSE E 219 34.18 -17.49 -14.84
C MSE E 219 35.52 -17.23 -15.55
O MSE E 219 35.53 -16.91 -16.74
CB MSE E 219 33.26 -16.24 -14.87
CG MSE E 219 31.87 -16.58 -14.32
SE MSE E 219 30.83 -15.00 -14.41
CE MSE E 219 29.80 -15.21 -13.03
N GLN E 220 36.63 -17.30 -14.84
CA GLN E 220 37.95 -17.11 -15.51
C GLN E 220 39.00 -18.19 -15.19
N TRP E 221 38.70 -19.06 -14.25
CA TRP E 221 39.61 -20.06 -13.72
C TRP E 221 40.91 -19.44 -13.19
N ILE E 222 40.77 -18.29 -12.52
CA ILE E 222 41.87 -17.56 -11.85
C ILE E 222 41.70 -17.78 -10.35
N HIS E 223 42.76 -18.24 -9.70
CA HIS E 223 42.74 -18.44 -8.25
C HIS E 223 42.47 -17.12 -7.54
N SER E 224 41.65 -17.16 -6.49
CA SER E 224 41.37 -15.95 -5.73
C SER E 224 41.00 -16.31 -4.31
N HIS E 225 40.75 -15.27 -3.52
CA HIS E 225 40.42 -15.42 -2.11
C HIS E 225 40.05 -13.99 -1.72
N ALA E 226 38.89 -13.78 -1.07
CA ALA E 226 38.49 -12.43 -0.61
C ALA E 226 38.92 -12.30 0.85
N ILE E 227 39.93 -11.47 1.09
CA ILE E 227 40.44 -11.24 2.40
C ILE E 227 39.65 -10.12 3.07
N HIS E 228 39.18 -10.36 4.29
CA HIS E 228 38.50 -9.31 5.03
C HIS E 228 39.59 -8.29 5.47
N ALA E 229 39.34 -7.01 5.23
CA ALA E 229 40.36 -5.98 5.50
C ALA E 229 40.87 -5.93 6.93
N GLY E 230 40.04 -6.27 7.89
CA GLY E 230 40.46 -6.36 9.29
C GLY E 230 41.36 -7.57 9.54
N GLU E 231 40.88 -8.74 9.11
CA GLU E 231 41.58 -9.99 9.22
C GLU E 231 42.96 -10.00 8.56
N TYR E 232 43.10 -9.20 7.51
CA TYR E 232 44.37 -9.10 6.75
C TYR E 232 45.60 -8.95 7.64
N PHE E 233 45.49 -8.12 8.66
CA PHE E 233 46.63 -7.83 9.51
C PHE E 233 46.91 -8.85 10.57
N HIS E 234 46.20 -9.98 10.50
CA HIS E 234 46.35 -11.08 11.47
C HIS E 234 46.71 -12.38 10.81
N GLY E 235 47.37 -12.27 9.65
CA GLY E 235 47.89 -13.43 8.95
C GLY E 235 48.10 -13.26 7.46
N PRO E 236 47.00 -13.10 6.70
CA PRO E 236 47.05 -13.00 5.23
C PRO E 236 48.06 -12.00 4.68
N PHE E 237 48.26 -10.87 5.37
CA PHE E 237 49.18 -9.84 4.88
C PHE E 237 50.62 -10.32 4.65
N GLU E 238 51.02 -11.39 5.32
CA GLU E 238 52.35 -11.96 5.08
C GLU E 238 52.55 -12.43 3.62
N ILE E 239 51.47 -12.67 2.90
CA ILE E 239 51.57 -13.18 1.54
C ILE E 239 51.95 -12.10 0.53
N ILE E 240 51.72 -10.84 0.86
CA ILE E 240 51.93 -9.80 -0.12
C ILE E 240 53.42 -9.50 -0.36
N ASP E 241 53.71 -9.28 -1.63
CA ASP E 241 55.01 -8.87 -2.08
C ASP E 241 54.76 -8.17 -3.40
N GLU E 242 55.83 -7.72 -4.05
CA GLU E 242 55.79 -7.01 -5.35
C GLU E 242 55.03 -7.69 -6.51
N SER E 243 54.97 -9.00 -6.43
CA SER E 243 54.36 -9.77 -7.47
C SER E 243 52.96 -10.29 -7.21
N VAL E 244 52.38 -10.10 -6.02
CA VAL E 244 51.04 -10.63 -5.76
C VAL E 244 49.94 -9.61 -6.05
N PRO E 245 49.07 -9.91 -7.04
CA PRO E 245 48.01 -8.95 -7.36
C PRO E 245 46.89 -8.92 -6.30
N PHE E 246 46.46 -7.71 -5.91
CA PHE E 246 45.36 -7.47 -4.99
C PHE E 246 44.40 -6.46 -5.57
N ILE E 247 43.11 -6.78 -5.51
CA ILE E 247 42.05 -5.85 -5.86
C ILE E 247 41.53 -5.38 -4.51
N ILE E 248 41.61 -4.08 -4.23
CA ILE E 248 41.21 -3.57 -2.96
C ILE E 248 40.07 -2.59 -3.12
N LEU E 249 39.00 -2.84 -2.37
CA LEU E 249 37.82 -2.02 -2.42
C LEU E 249 37.69 -1.14 -1.19
N LEU E 250 37.34 0.12 -1.39
CA LEU E 250 37.10 1.03 -0.28
C LEU E 250 35.69 1.59 -0.48
N GLY E 251 34.84 1.36 0.51
CA GLY E 251 33.46 1.82 0.42
C GLY E 251 33.28 3.10 1.23
N LEU E 252 32.04 3.35 1.61
CA LEU E 252 31.68 4.58 2.32
C LEU E 252 30.96 4.26 3.62
N ASP E 253 31.07 3.03 4.08
CA ASP E 253 30.40 2.67 5.34
C ASP E 253 31.32 2.91 6.52
N GLU E 254 30.83 2.58 7.71
CA GLU E 254 31.60 2.81 8.93
C GLU E 254 32.92 2.07 8.99
N THR E 255 33.08 1.01 8.20
CA THR E 255 34.32 0.19 8.21
C THR E 255 35.35 0.65 7.24
N ARG E 256 35.12 1.77 6.56
CA ARG E 256 36.13 2.23 5.61
C ARG E 256 37.55 2.38 6.21
N PRO E 257 37.68 2.78 7.51
CA PRO E 257 39.04 2.86 8.10
C PRO E 257 39.81 1.53 8.03
N LEU E 258 39.12 0.40 8.10
CA LEU E 258 39.75 -0.89 7.95
C LEU E 258 40.38 -1.03 6.56
N GLU E 259 39.62 -0.61 5.54
CA GLU E 259 40.04 -0.69 4.12
C GLU E 259 41.20 0.29 3.86
N GLU E 260 41.11 1.47 4.43
CA GLU E 260 42.16 2.47 4.33
C GLU E 260 43.49 1.99 4.92
N ARG E 261 43.40 1.33 6.07
CA ARG E 261 44.59 0.78 6.75
C ARG E 261 45.23 -0.29 5.87
N ALA E 262 44.41 -1.18 5.34
CA ALA E 262 44.84 -2.26 4.44
C ALA E 262 45.50 -1.71 3.20
N LEU E 263 44.89 -0.67 2.60
CA LEU E 263 45.47 -0.07 1.38
C LEU E 263 46.84 0.53 1.67
N THR E 264 46.94 1.28 2.77
CA THR E 264 48.20 1.93 3.19
C THR E 264 49.34 0.93 3.25
N PHE E 265 49.10 -0.18 3.93
CA PHE E 265 50.11 -1.20 4.02
C PHE E 265 50.43 -1.82 2.64
N SER E 266 49.38 -2.15 1.88
CA SER E 266 49.54 -2.81 0.58
C SER E 266 50.33 -1.97 -0.40
N LYS E 267 50.15 -0.66 -0.36
CA LYS E 267 50.89 0.25 -1.25
C LYS E 267 52.37 0.29 -0.90
N LYS E 268 52.70 0.03 0.36
CA LYS E 268 54.09 0.04 0.76
C LYS E 268 54.78 -1.27 0.43
N TYR E 269 54.12 -2.40 0.68
CA TYR E 269 54.77 -3.72 0.47
C TYR E 269 54.36 -4.47 -0.80
N GLY E 270 53.31 -4.00 -1.44
CA GLY E 270 52.85 -4.55 -2.67
C GLY E 270 53.11 -3.60 -3.81
N LYS E 271 52.67 -4.00 -4.98
CA LYS E 271 52.81 -3.18 -6.18
C LYS E 271 51.68 -3.40 -7.21
N LYS E 272 51.30 -4.67 -7.43
CA LYS E 272 50.24 -4.97 -8.38
C LYS E 272 48.91 -4.77 -7.70
N LEU E 273 48.53 -3.52 -7.46
CA LEU E 273 47.31 -3.20 -6.75
C LEU E 273 46.30 -2.56 -7.70
N THR E 274 45.06 -3.00 -7.60
CA THR E 274 43.95 -2.45 -8.38
C THR E 274 43.01 -1.94 -7.29
N VAL E 275 42.89 -0.62 -7.19
CA VAL E 275 42.09 0.01 -6.14
C VAL E 275 40.80 0.63 -6.68
N LEU E 276 39.67 0.25 -6.10
CA LEU E 276 38.39 0.83 -6.46
C LEU E 276 37.92 1.51 -5.20
N ASP E 277 37.86 2.85 -5.24
CA ASP E 277 37.45 3.64 -4.12
C ASP E 277 36.15 4.35 -4.42
N ALA E 278 35.11 3.97 -3.68
CA ALA E 278 33.78 4.56 -3.83
C ALA E 278 33.81 6.07 -3.61
N ALA E 279 34.77 6.56 -2.81
CA ALA E 279 34.91 8.00 -2.53
C ALA E 279 35.25 8.77 -3.81
N SER E 280 35.71 8.09 -4.85
CA SER E 280 35.99 8.75 -6.14
C SER E 280 34.73 8.84 -7.03
N TYR E 281 33.60 8.27 -6.59
CA TYR E 281 32.37 8.32 -7.36
C TYR E 281 31.47 9.44 -6.83
N ASP E 282 30.40 9.75 -7.55
CA ASP E 282 29.50 10.84 -7.21
C ASP E 282 28.23 10.40 -6.46
N PHE E 283 28.27 10.52 -5.14
CA PHE E 283 27.11 10.19 -4.33
C PHE E 283 26.41 11.45 -3.83
N THR E 284 26.58 12.58 -4.52
CA THR E 284 26.00 13.81 -4.03
C THR E 284 24.44 13.80 -4.02
N ALA E 285 23.82 12.99 -4.87
CA ALA E 285 22.35 12.89 -4.88
C ALA E 285 21.85 11.84 -3.90
N ILE E 286 22.76 11.15 -3.20
CA ILE E 286 22.41 10.09 -2.25
C ILE E 286 22.53 10.63 -0.82
N ASP E 287 21.52 10.36 0.02
CA ASP E 287 21.51 10.81 1.41
C ASP E 287 22.60 10.12 2.21
N ASP E 288 23.30 10.89 3.06
CA ASP E 288 24.35 10.31 3.87
C ASP E 288 23.83 9.19 4.78
N SER E 289 22.55 9.22 5.12
CA SER E 289 21.97 8.18 5.93
C SER E 289 22.05 6.77 5.28
N VAL E 290 22.20 6.69 3.97
CA VAL E 290 22.27 5.38 3.32
C VAL E 290 23.39 5.19 2.32
N LYS E 291 24.24 6.19 2.11
CA LYS E 291 25.26 6.02 1.09
C LYS E 291 26.25 4.87 1.38
N GLY E 292 26.56 4.62 2.64
CA GLY E 292 27.44 3.50 3.01
C GLY E 292 26.84 2.18 2.58
N TYR E 293 25.50 2.10 2.61
CA TYR E 293 24.78 0.92 2.24
C TYR E 293 24.68 0.78 0.69
N LEU E 294 24.71 1.88 -0.04
CA LEU E 294 24.57 1.83 -1.49
C LEU E 294 25.89 1.77 -2.24
N ALA E 295 26.98 2.22 -1.63
CA ALA E 295 28.30 2.16 -2.26
C ALA E 295 28.74 0.75 -2.74
N PRO E 296 28.41 -0.35 -1.99
CA PRO E 296 28.79 -1.67 -2.52
C PRO E 296 28.16 -2.01 -3.89
N LEU E 297 26.96 -1.49 -4.15
CA LEU E 297 26.28 -1.69 -5.43
C LEU E 297 27.05 -1.06 -6.56
N VAL E 298 27.56 0.15 -6.34
CA VAL E 298 28.33 0.82 -7.37
C VAL E 298 29.68 0.11 -7.59
N LEU E 299 30.37 -0.22 -6.50
CA LEU E 299 31.65 -0.97 -6.59
C LEU E 299 31.45 -2.27 -7.40
N ASN E 300 30.38 -2.97 -7.13
CA ASN E 300 30.06 -4.22 -7.84
C ASN E 300 29.82 -3.98 -9.33
N ARG E 301 29.08 -2.93 -9.67
CA ARG E 301 28.78 -2.60 -11.06
C ARG E 301 30.07 -2.25 -11.80
N VAL E 302 30.96 -1.50 -11.16
CA VAL E 302 32.23 -1.12 -11.80
C VAL E 302 33.09 -2.38 -12.03
N LEU E 303 33.14 -3.23 -11.02
CA LEU E 303 33.88 -4.49 -11.16
C LEU E 303 33.40 -5.37 -12.31
N ARG E 304 32.13 -5.29 -12.65
CA ARG E 304 31.65 -6.07 -13.80
C ARG E 304 32.31 -5.60 -15.09
N SER E 305 32.55 -4.30 -15.23
CA SER E 305 33.19 -3.78 -16.45
C SER E 305 34.65 -4.22 -16.50
N TYR E 306 35.26 -4.42 -15.32
CA TYR E 306 36.63 -4.93 -15.23
C TYR E 306 36.63 -6.38 -15.69
N ALA E 307 35.66 -7.17 -15.20
CA ALA E 307 35.51 -8.58 -15.59
C ALA E 307 35.31 -8.75 -17.10
N ASP E 308 34.47 -7.90 -17.70
CA ASP E 308 34.24 -7.92 -19.16
C ASP E 308 35.51 -7.73 -19.94
N GLU E 309 36.32 -6.73 -19.56
CA GLU E 309 37.60 -6.49 -20.24
C GLU E 309 38.58 -7.63 -20.00
N LEU E 310 38.61 -8.19 -18.80
CA LEU E 310 39.53 -9.30 -18.50
C LEU E 310 39.20 -10.53 -19.37
N ALA E 311 37.91 -10.86 -19.44
CA ALA E 311 37.44 -12.01 -20.21
C ALA E 311 37.83 -11.86 -21.68
N GLU E 312 37.65 -10.66 -22.22
CA GLU E 312 38.01 -10.39 -23.61
C GLU E 312 39.52 -10.53 -23.80
N GLU E 313 40.32 -9.93 -22.93
CA GLU E 313 41.78 -9.98 -23.05
C GLU E 313 42.32 -11.42 -22.89
N ARG E 314 41.64 -12.21 -22.08
CA ARG E 314 42.06 -13.59 -21.84
C ARG E 314 41.41 -14.63 -22.77
N ASN E 315 40.55 -14.17 -23.69
CA ASN E 315 39.84 -15.04 -24.62
C ASN E 315 39.15 -16.16 -23.86
N HIS E 316 38.58 -15.80 -22.72
CA HIS E 316 37.89 -16.73 -21.85
C HIS E 316 36.55 -16.09 -21.51
N PRO E 317 35.51 -16.42 -22.29
CA PRO E 317 34.21 -15.81 -22.06
C PRO E 317 33.70 -16.05 -20.68
N LEU E 318 33.02 -15.07 -20.09
CA LEU E 318 32.50 -15.25 -18.73
C LEU E 318 31.46 -16.34 -18.65
N SER E 319 30.82 -16.69 -19.77
CA SER E 319 29.82 -17.75 -19.82
C SER E 319 30.42 -19.15 -19.87
N HIS E 320 31.72 -19.25 -20.10
CA HIS E 320 32.39 -20.57 -20.20
C HIS E 320 32.47 -21.33 -18.87
N ARG E 321 32.23 -22.64 -18.95
CA ARG E 321 32.26 -23.52 -17.80
C ARG E 321 32.75 -24.87 -18.28
N ARG E 322 33.39 -25.61 -17.40
CA ARG E 322 33.80 -27.00 -17.70
C ARG E 322 32.98 -27.96 -16.83
N TYR E 323 32.33 -27.49 -15.77
CA TYR E 323 31.56 -28.36 -14.89
C TYR E 323 30.13 -27.89 -14.75
N MSE E 324 29.95 -26.61 -14.45
CA MSE E 324 28.61 -26.07 -14.25
C MSE E 324 27.77 -26.23 -15.50
O MSE E 324 28.20 -25.85 -16.61
CB MSE E 324 28.66 -24.61 -13.80
CG MSE E 324 27.35 -24.05 -13.55
SE MSE E 324 27.35 -22.35 -12.87
CE MSE E 324 28.10 -22.68 -11.11
N TRP E 325 26.59 -26.84 -15.29
CA TRP E 325 25.66 -27.14 -16.38
C TRP E 325 26.19 -28.17 -17.38
N LYS E 326 27.42 -28.70 -17.20
CA LYS E 326 27.99 -29.70 -18.12
C LYS E 326 28.14 -31.11 -17.56
N VAL E 327 28.32 -31.29 -16.23
CA VAL E 327 28.51 -32.62 -15.59
C VAL E 327 27.59 -32.71 -14.36
N GLU E 328 27.45 -33.93 -13.82
CA GLU E 328 26.61 -34.20 -12.67
C GLU E 328 27.43 -33.99 -11.42
N TYR E 329 26.83 -33.47 -10.36
CA TYR E 329 27.56 -33.24 -9.12
C TYR E 329 26.65 -32.98 -7.94
N GLY F 1 27.57 -36.77 36.79
CA GLY F 1 26.56 -35.68 36.74
C GLY F 1 27.20 -34.30 36.71
N MSE F 2 26.39 -33.28 37.02
CA MSE F 2 26.80 -31.85 37.07
C MSE F 2 27.98 -31.52 37.98
O MSE F 2 28.82 -30.66 37.65
CB MSE F 2 25.65 -30.95 37.53
CG MSE F 2 24.60 -30.63 36.49
SE MSE F 2 25.41 -29.79 34.89
CE MSE F 2 26.51 -28.44 35.72
N SER F 3 28.02 -32.15 39.15
CA SER F 3 29.05 -31.90 40.14
C SER F 3 30.39 -32.32 39.57
N GLN F 4 30.40 -33.43 38.84
CA GLN F 4 31.62 -33.95 38.24
C GLN F 4 32.04 -33.11 37.03
N ALA F 5 31.09 -32.74 36.17
CA ALA F 5 31.43 -31.87 35.01
C ALA F 5 31.99 -30.52 35.49
N THR F 6 31.32 -29.93 36.46
CA THR F 6 31.75 -28.64 37.00
C THR F 6 33.16 -28.66 37.62
N ALA F 7 33.56 -29.80 38.20
CA ALA F 7 34.86 -29.93 38.85
C ALA F 7 36.02 -29.84 37.85
N LYS F 8 35.75 -30.11 36.57
CA LYS F 8 36.77 -30.04 35.54
C LYS F 8 36.81 -28.66 34.87
N VAL F 9 35.87 -27.79 35.22
CA VAL F 9 35.83 -26.45 34.63
C VAL F 9 36.88 -25.52 35.24
N ASN F 10 37.50 -24.73 34.36
CA ASN F 10 38.43 -23.71 34.73
C ASN F 10 37.83 -22.87 35.85
N ARG F 11 38.58 -22.64 36.94
CA ARG F 11 38.03 -21.90 38.10
C ARG F 11 37.52 -20.50 37.76
N GLU F 12 38.19 -19.82 36.86
CA GLU F 12 37.74 -18.50 36.46
C GLU F 12 36.43 -18.59 35.66
N VAL F 13 36.31 -19.61 34.80
CA VAL F 13 35.07 -19.80 34.05
C VAL F 13 33.95 -20.16 35.06
N GLN F 14 34.21 -21.01 36.05
CA GLN F 14 33.21 -21.34 37.07
C GLN F 14 32.69 -20.08 37.76
N ALA F 15 33.58 -19.18 38.17
CA ALA F 15 33.17 -17.93 38.84
C ALA F 15 32.29 -17.07 37.90
N PHE F 16 32.69 -17.00 36.64
CA PHE F 16 31.90 -16.34 35.62
C PHE F 16 30.50 -16.94 35.51
N LEU F 17 30.42 -18.27 35.45
CA LEU F 17 29.15 -18.98 35.32
C LEU F 17 28.24 -18.79 36.55
N GLN F 18 28.85 -18.72 37.73
CA GLN F 18 28.08 -18.49 38.96
C GLN F 18 27.50 -17.10 38.95
N ASP F 19 28.29 -16.12 38.52
CA ASP F 19 27.84 -14.74 38.42
C ASP F 19 26.79 -14.57 37.34
N LEU F 20 26.88 -15.36 36.28
CA LEU F 20 25.97 -15.27 35.14
C LEU F 20 24.52 -15.66 35.48
N LYS F 21 24.36 -16.50 36.50
CA LYS F 21 23.05 -16.99 36.89
C LYS F 21 22.08 -15.85 37.19
N GLY F 22 20.93 -15.89 36.52
CA GLY F 22 19.86 -14.90 36.71
C GLY F 22 19.98 -13.68 35.84
N LYS F 23 21.12 -13.52 35.15
CA LYS F 23 21.32 -12.37 34.29
C LYS F 23 20.51 -12.42 33.02
N THR F 24 20.16 -11.22 32.53
CA THR F 24 19.41 -11.01 31.32
C THR F 24 20.41 -10.86 30.18
N ILE F 25 20.53 -11.89 29.33
CA ILE F 25 21.42 -11.87 28.19
C ILE F 25 20.61 -12.32 26.96
N ASP F 26 20.57 -11.50 25.92
CA ASP F 26 19.83 -11.89 24.71
C ASP F 26 20.71 -11.92 23.46
N HIS F 27 22.00 -11.66 23.61
CA HIS F 27 22.87 -11.66 22.45
C HIS F 27 24.30 -11.99 22.87
N VAL F 28 24.96 -12.85 22.09
CA VAL F 28 26.38 -13.15 22.33
C VAL F 28 27.16 -12.76 21.11
N PHE F 29 28.28 -12.09 21.32
CA PHE F 29 29.16 -11.66 20.25
C PHE F 29 30.49 -12.37 20.42
N PHE F 30 30.94 -13.05 19.39
CA PHE F 30 32.22 -13.74 19.37
C PHE F 30 33.19 -12.80 18.67
N VAL F 31 34.12 -12.18 19.42
CA VAL F 31 35.01 -11.13 18.87
C VAL F 31 36.51 -11.40 19.08
N ALA F 32 37.25 -11.46 17.98
CA ALA F 32 38.66 -11.69 18.06
C ALA F 32 39.21 -11.46 16.68
N CYS F 33 40.50 -11.74 16.50
CA CYS F 33 41.18 -11.56 15.23
C CYS F 33 41.89 -12.82 14.76
N GLY F 34 41.89 -13.01 13.43
CA GLY F 34 42.55 -14.12 12.73
C GLY F 34 42.31 -15.49 13.31
N GLY F 35 43.40 -16.17 13.69
CA GLY F 35 43.30 -17.48 14.30
C GLY F 35 42.42 -17.53 15.55
N SER F 36 42.43 -16.46 16.36
CA SER F 36 41.60 -16.39 17.57
C SER F 36 40.12 -16.20 17.22
N SER F 37 39.82 -15.64 16.06
CA SER F 37 38.44 -15.52 15.57
C SER F 37 38.02 -16.89 15.06
N ALA F 38 38.95 -17.56 14.34
CA ALA F 38 38.68 -18.89 13.73
C ALA F 38 38.25 -19.91 14.74
N ILE F 39 38.88 -19.90 15.91
CA ILE F 39 38.51 -20.88 16.92
C ILE F 39 37.07 -20.72 17.42
N MSE F 40 36.44 -19.59 17.15
CA MSE F 40 35.07 -19.34 17.63
C MSE F 40 33.99 -19.82 16.67
O MSE F 40 32.81 -19.83 17.02
CB MSE F 40 34.90 -17.86 17.98
CG MSE F 40 35.75 -17.42 19.24
SE MSE F 40 35.61 -15.53 19.34
CE MSE F 40 36.85 -15.19 20.67
N TYR F 41 34.37 -20.23 15.45
CA TYR F 41 33.38 -20.67 14.44
C TYR F 41 32.54 -21.83 14.95
N PRO F 42 33.14 -22.86 15.56
CA PRO F 42 32.38 -23.96 16.11
C PRO F 42 31.40 -23.53 17.18
N SER F 43 31.76 -22.55 18.01
CA SER F 43 30.86 -22.03 19.07
C SER F 43 29.63 -21.34 18.48
N LYS F 44 29.79 -20.62 17.36
CA LYS F 44 28.67 -20.05 16.65
C LYS F 44 27.77 -21.17 16.12
N TYR F 45 28.37 -22.24 15.60
CA TYR F 45 27.60 -23.41 15.15
C TYR F 45 26.79 -23.98 16.35
N VAL F 46 27.45 -24.15 17.50
CA VAL F 46 26.77 -24.65 18.73
C VAL F 46 25.60 -23.77 19.09
N PHE F 47 25.81 -22.46 19.15
CA PHE F 47 24.70 -21.52 19.44
C PHE F 47 23.55 -21.66 18.45
N ASP F 48 23.87 -21.79 17.16
CA ASP F 48 22.85 -21.95 16.13
C ASP F 48 22.01 -23.22 16.31
N ARG F 49 22.65 -24.30 16.75
CA ARG F 49 21.97 -25.57 16.98
C ARG F 49 21.32 -25.71 18.37
N GLU F 50 21.81 -24.98 19.36
CA GLU F 50 21.35 -25.13 20.75
C GLU F 50 20.56 -24.00 21.41
N SER F 51 20.84 -22.76 21.02
CA SER F 51 20.22 -21.62 21.68
C SER F 51 18.87 -21.22 21.12
N LYS F 52 17.86 -21.32 21.97
CA LYS F 52 16.52 -20.97 21.61
C LYS F 52 16.27 -19.48 21.84
N SER F 53 17.02 -18.86 22.74
CA SER F 53 16.73 -17.47 23.11
C SER F 53 17.86 -16.44 22.98
N ILE F 54 19.03 -16.85 22.52
CA ILE F 54 20.15 -15.93 22.44
C ILE F 54 20.69 -15.85 21.03
N ASN F 55 20.70 -14.62 20.55
CA ASN F 55 21.21 -14.27 19.24
C ASN F 55 22.73 -14.35 19.31
N SER F 56 23.35 -14.93 18.29
CA SER F 56 24.81 -15.03 18.28
C SER F 56 25.36 -14.46 16.98
N ASP F 57 26.43 -13.66 17.07
CA ASP F 57 27.10 -13.09 15.92
C ASP F 57 28.59 -13.20 16.13
N LEU F 58 29.34 -13.23 15.04
CA LEU F 58 30.79 -13.36 15.11
C LEU F 58 31.38 -12.34 14.15
N TYR F 59 32.38 -11.61 14.63
CA TYR F 59 33.04 -10.61 13.85
C TYR F 59 34.51 -10.52 14.21
N SER F 60 35.34 -10.11 13.26
CA SER F 60 36.71 -9.81 13.46
C SER F 60 36.62 -8.57 14.37
N ALA F 61 37.58 -8.36 15.29
CA ALA F 61 37.50 -7.26 16.26
C ALA F 61 37.30 -5.86 15.71
N ASN F 62 38.05 -5.46 14.67
CA ASN F 62 37.88 -4.09 14.17
C ASN F 62 36.56 -3.96 13.39
N GLU F 63 36.09 -5.04 12.76
CA GLU F 63 34.80 -5.04 12.10
C GLU F 63 33.69 -4.83 13.17
N PHE F 64 33.78 -5.56 14.28
CA PHE F 64 32.81 -5.43 15.38
C PHE F 64 32.70 -3.96 15.86
N ILE F 65 33.85 -3.30 16.08
CA ILE F 65 33.86 -1.96 16.59
C ILE F 65 33.22 -0.97 15.60
N GLN F 66 33.66 -1.07 14.36
CA GLN F 66 33.19 -0.14 13.31
C GLN F 66 31.78 -0.44 12.86
N ARG F 67 31.41 -1.71 12.73
CA ARG F 67 30.05 -2.05 12.34
C ARG F 67 29.11 -1.62 13.46
N ASN F 68 29.62 -1.63 14.69
CA ASN F 68 28.87 -1.15 15.85
C ASN F 68 27.41 -1.65 15.90
N PRO F 69 27.23 -2.95 16.06
CA PRO F 69 25.88 -3.47 16.03
C PRO F 69 24.94 -2.73 16.98
N VAL F 70 23.81 -2.28 16.45
CA VAL F 70 22.85 -1.54 17.25
C VAL F 70 22.32 -2.38 18.43
N GLN F 71 22.34 -3.70 18.35
CA GLN F 71 21.88 -4.56 19.45
C GLN F 71 22.92 -4.81 20.57
N LEU F 72 24.12 -4.23 20.43
CA LEU F 72 25.15 -4.36 21.43
C LEU F 72 24.79 -3.47 22.60
N GLY F 73 24.71 -4.04 23.79
CA GLY F 73 24.37 -3.25 24.97
C GLY F 73 24.38 -4.01 26.27
N GLU F 74 23.54 -3.59 27.20
CA GLU F 74 23.45 -4.16 28.53
C GLU F 74 23.01 -5.60 28.62
N LYS F 75 22.33 -6.11 27.59
CA LYS F 75 21.89 -7.50 27.55
C LYS F 75 22.80 -8.37 26.68
N SER F 76 23.99 -7.86 26.37
CA SER F 76 24.94 -8.57 25.53
C SER F 76 26.06 -9.21 26.32
N LEU F 77 26.54 -10.33 25.81
CA LEU F 77 27.72 -11.00 26.31
C LEU F 77 28.73 -10.98 25.19
N VAL F 78 29.94 -10.53 25.45
CA VAL F 78 30.95 -10.50 24.41
C VAL F 78 32.09 -11.38 24.85
N ILE F 79 32.44 -12.37 24.01
CA ILE F 79 33.50 -13.33 24.28
C ILE F 79 34.67 -12.97 23.37
N LEU F 80 35.80 -12.64 23.99
CA LEU F 80 37.00 -12.21 23.27
C LEU F 80 38.14 -13.19 23.49
N CYS F 81 39.08 -13.20 22.56
CA CYS F 81 40.21 -14.08 22.68
C CYS F 81 41.43 -13.49 22.00
N SER F 82 42.57 -13.56 22.69
CA SER F 82 43.90 -13.12 22.17
C SER F 82 44.94 -13.93 22.89
N HIS F 83 45.82 -14.56 22.15
CA HIS F 83 46.83 -15.42 22.78
C HIS F 83 47.78 -14.63 23.68
N SER F 84 48.38 -13.60 23.12
CA SER F 84 49.29 -12.76 23.87
C SER F 84 48.54 -11.80 24.78
N GLY F 85 47.31 -11.44 24.42
CA GLY F 85 46.53 -10.48 25.17
C GLY F 85 46.81 -9.04 24.77
N ASN F 86 47.67 -8.85 23.75
CA ASN F 86 48.10 -7.55 23.26
C ASN F 86 47.47 -7.09 21.96
N THR F 87 46.78 -7.99 21.24
CA THR F 87 46.17 -7.68 19.93
C THR F 87 45.37 -6.42 20.11
N PRO F 88 45.84 -5.32 19.51
CA PRO F 88 45.20 -4.06 19.80
C PRO F 88 43.71 -3.98 19.51
N GLU F 89 43.28 -4.52 18.39
CA GLU F 89 41.90 -4.44 17.99
C GLU F 89 41.02 -5.18 18.97
N THR F 90 41.50 -6.30 19.46
CA THR F 90 40.71 -7.09 20.42
C THR F 90 40.63 -6.39 21.79
N VAL F 91 41.73 -5.79 22.21
CA VAL F 91 41.80 -5.02 23.45
C VAL F 91 40.80 -3.85 23.34
N LYS F 92 40.86 -3.14 22.22
CA LYS F 92 39.93 -2.05 21.97
C LYS F 92 38.46 -2.54 21.92
N ALA F 93 38.23 -3.71 21.32
CA ALA F 93 36.90 -4.32 21.25
C ALA F 93 36.35 -4.61 22.63
N ALA F 94 37.19 -5.12 23.51
CA ALA F 94 36.79 -5.40 24.90
C ALA F 94 36.34 -4.11 25.64
N ALA F 95 37.11 -3.02 25.48
CA ALA F 95 36.80 -1.72 26.10
C ALA F 95 35.52 -1.13 25.53
N PHE F 96 35.38 -1.23 24.21
CA PHE F 96 34.20 -0.75 23.50
C PHE F 96 32.93 -1.45 23.98
N ALA F 97 32.96 -2.76 24.03
CA ALA F 97 31.82 -3.54 24.49
C ALA F 97 31.49 -3.22 25.96
N ARG F 98 32.54 -3.14 26.78
CA ARG F 98 32.33 -2.89 28.22
C ARG F 98 31.75 -1.51 28.42
N GLY F 99 32.19 -0.54 27.62
CA GLY F 99 31.66 0.83 27.67
C GLY F 99 30.18 0.93 27.32
N LYS F 100 29.71 -0.01 26.52
CA LYS F 100 28.31 -0.11 26.12
C LYS F 100 27.44 -0.83 27.14
N GLY F 101 28.03 -1.31 28.23
CA GLY F 101 27.29 -2.03 29.28
C GLY F 101 27.29 -3.53 29.11
N ALA F 102 27.98 -4.05 28.11
CA ALA F 102 28.02 -5.48 27.86
C ALA F 102 28.86 -6.23 28.89
N LEU F 103 28.50 -7.49 29.12
CA LEU F 103 29.26 -8.38 29.98
C LEU F 103 30.37 -8.91 29.08
N THR F 104 31.60 -8.82 29.52
CA THR F 104 32.75 -9.23 28.75
C THR F 104 33.59 -10.29 29.45
N ILE F 105 33.99 -11.29 28.67
CA ILE F 105 34.87 -12.34 29.15
C ILE F 105 35.91 -12.55 28.08
N ALA F 106 37.19 -12.47 28.48
CA ALA F 106 38.31 -12.66 27.57
C ALA F 106 39.13 -13.91 27.92
N MSE F 107 39.60 -14.58 26.89
N MSE F 107 39.63 -14.57 26.89
CA MSE F 107 40.46 -15.72 27.02
CA MSE F 107 40.41 -15.77 27.01
C MSE F 107 41.80 -15.30 26.52
C MSE F 107 41.79 -15.44 26.43
O MSE F 107 41.90 -14.56 25.54
O MSE F 107 41.90 -14.91 25.33
CB MSE F 107 40.01 -16.87 26.14
CB MSE F 107 39.69 -16.87 26.25
CG MSE F 107 38.73 -17.50 26.54
CG MSE F 107 40.22 -18.25 26.42
SE MSE F 107 38.11 -18.46 25.02
SE MSE F 107 39.19 -19.60 25.53
CE MSE F 107 39.74 -19.45 24.47
CE MSE F 107 37.59 -19.18 26.22
N THR F 108 42.85 -15.73 27.20
CA THR F 108 44.19 -15.44 26.79
C THR F 108 45.14 -16.43 27.40
N PHE F 109 46.37 -16.41 26.91
CA PHE F 109 47.46 -17.21 27.42
C PHE F 109 48.22 -16.37 28.48
N LYS F 110 48.02 -15.03 28.49
CA LYS F 110 48.69 -14.08 29.39
C LYS F 110 47.75 -13.21 30.28
N PRO F 111 47.62 -13.56 31.58
CA PRO F 111 46.71 -12.86 32.53
C PRO F 111 47.07 -11.41 32.96
N GLU F 112 48.30 -10.96 32.72
CA GLU F 112 48.69 -9.58 33.05
C GLU F 112 48.57 -8.68 31.79
N SER F 113 47.95 -9.18 30.72
CA SER F 113 47.83 -8.45 29.47
C SER F 113 46.83 -7.30 29.42
N PRO F 114 46.99 -6.42 28.42
CA PRO F 114 46.02 -5.34 28.23
C PRO F 114 44.58 -5.87 28.03
N LEU F 115 44.40 -6.99 27.32
CA LEU F 115 43.07 -7.56 27.13
C LEU F 115 42.44 -7.97 28.46
N ALA F 116 43.25 -8.62 29.28
CA ALA F 116 42.82 -9.03 30.61
C ALA F 116 42.44 -7.81 31.44
N GLN F 117 43.16 -6.70 31.30
CA GLN F 117 42.83 -5.49 32.06
C GLN F 117 41.50 -4.88 31.63
N GLU F 118 41.18 -4.93 30.33
CA GLU F 118 39.93 -4.33 29.84
C GLU F 118 38.69 -5.21 30.04
N ALA F 119 38.83 -6.53 29.94
CA ALA F 119 37.71 -7.47 30.09
C ALA F 119 37.30 -7.59 31.52
N GLN F 120 36.00 -7.79 31.77
CA GLN F 120 35.51 -7.90 33.13
C GLN F 120 35.88 -9.26 33.73
N TYR F 121 35.77 -10.31 32.92
CA TYR F 121 36.15 -11.66 33.34
C TYR F 121 37.29 -12.08 32.47
N VAL F 122 38.21 -12.87 33.05
CA VAL F 122 39.36 -13.37 32.30
C VAL F 122 39.55 -14.86 32.58
N ALA F 123 39.73 -15.65 31.53
CA ALA F 123 39.99 -17.10 31.66
C ALA F 123 41.28 -17.38 30.92
N GLN F 124 42.24 -18.04 31.54
CA GLN F 124 43.45 -18.39 30.83
C GLN F 124 43.33 -19.81 30.35
N TYR F 125 43.97 -20.09 29.24
CA TYR F 125 44.00 -21.45 28.70
C TYR F 125 45.45 -21.89 28.63
N ASP F 126 45.62 -23.19 28.50
CA ASP F 126 46.93 -23.78 28.41
C ASP F 126 47.33 -23.93 26.99
N TRP F 127 48.62 -23.93 26.78
CA TRP F 127 49.15 -24.04 25.45
C TRP F 127 50.51 -24.75 25.50
N GLY F 128 50.82 -25.44 24.42
CA GLY F 128 52.09 -26.15 24.32
C GLY F 128 51.92 -27.64 24.28
N ASP F 129 53.06 -28.34 24.19
CA ASP F 129 53.05 -29.80 24.09
C ASP F 129 52.40 -30.53 25.26
N GLU F 130 52.39 -29.95 26.44
CA GLU F 130 51.75 -30.61 27.57
C GLU F 130 50.28 -30.24 27.83
N ALA F 131 49.72 -29.30 27.09
CA ALA F 131 48.35 -28.89 27.29
C ALA F 131 47.39 -30.02 26.93
N LEU F 132 46.38 -30.22 27.78
CA LEU F 132 45.35 -31.21 27.53
C LEU F 132 44.20 -30.49 26.83
N ALA F 133 43.55 -31.18 25.88
CA ALA F 133 42.46 -30.60 25.08
C ALA F 133 41.45 -29.78 25.88
N ILE F 134 40.98 -30.30 27.01
CA ILE F 134 39.95 -29.56 27.81
C ILE F 134 40.39 -28.18 28.28
N ASN F 135 41.71 -27.99 28.44
CA ASN F 135 42.29 -26.76 28.93
C ASN F 135 42.87 -25.87 27.85
N THR F 136 42.77 -26.30 26.60
CA THR F 136 43.27 -25.48 25.49
C THR F 136 42.28 -24.36 25.16
N ASN F 137 42.70 -23.49 24.26
CA ASN F 137 41.83 -22.41 23.84
C ASN F 137 40.44 -22.92 23.43
N TYR F 138 40.43 -23.93 22.58
CA TYR F 138 39.15 -24.54 22.17
C TYR F 138 38.39 -25.11 23.35
N GLY F 139 39.12 -25.73 24.29
CA GLY F 139 38.49 -26.34 25.45
C GLY F 139 37.84 -25.34 26.36
N VAL F 140 38.58 -24.29 26.71
CA VAL F 140 38.07 -23.25 27.61
C VAL F 140 36.90 -22.51 26.97
N LEU F 141 36.97 -22.29 25.66
CA LEU F 141 35.91 -21.61 24.94
C LEU F 141 34.63 -22.41 25.02
N TYR F 142 34.69 -23.74 24.84
CA TYR F 142 33.52 -24.58 25.01
C TYR F 142 33.03 -24.63 26.46
N GLN F 143 33.94 -24.54 27.43
CA GLN F 143 33.50 -24.50 28.81
C GLN F 143 32.58 -23.31 29.01
N ILE F 144 33.00 -22.18 28.45
CA ILE F 144 32.26 -20.94 28.53
C ILE F 144 30.96 -20.99 27.75
N VAL F 145 31.01 -21.51 26.53
CA VAL F 145 29.85 -21.58 25.65
C VAL F 145 28.76 -22.56 26.14
N PHE F 146 29.15 -23.79 26.39
CA PHE F 146 28.18 -24.75 26.93
C PHE F 146 27.69 -24.35 28.31
N GLY F 147 28.58 -23.77 29.10
CA GLY F 147 28.22 -23.30 30.45
C GLY F 147 27.18 -22.20 30.38
N THR F 148 27.39 -21.24 29.47
CA THR F 148 26.47 -20.12 29.24
C THR F 148 25.09 -20.64 28.89
N LEU F 149 25.03 -21.64 28.00
CA LEU F 149 23.75 -22.25 27.58
C LEU F 149 23.09 -23.01 28.74
N GLN F 150 23.89 -23.69 29.53
CA GLN F 150 23.35 -24.42 30.68
C GLN F 150 22.77 -23.44 31.72
N VAL F 151 23.53 -22.42 32.07
CA VAL F 151 23.11 -21.43 33.08
C VAL F 151 21.91 -20.59 32.65
N LEU F 152 21.93 -20.10 31.42
CA LEU F 152 20.88 -19.23 30.94
C LEU F 152 19.69 -19.92 30.32
N GLU F 153 19.85 -21.11 29.74
CA GLU F 153 18.73 -21.80 29.10
C GLU F 153 18.47 -23.22 29.60
N ASN F 154 19.21 -23.66 30.63
CA ASN F 154 19.07 -25.01 31.17
C ASN F 154 19.36 -26.03 30.07
N ASN F 155 20.29 -25.67 29.18
CA ASN F 155 20.70 -26.56 28.10
C ASN F 155 21.23 -27.83 28.73
N THR F 156 20.87 -28.97 28.15
CA THR F 156 21.19 -30.28 28.68
C THR F 156 22.49 -30.93 28.21
N LYS F 157 23.27 -30.27 27.37
CA LYS F 157 24.48 -30.90 26.86
C LYS F 157 25.79 -30.60 27.60
N PHE F 158 25.76 -29.74 28.61
CA PHE F 158 26.94 -29.38 29.37
C PHE F 158 27.79 -30.55 29.90
N GLU F 159 27.14 -31.51 30.57
N GLU F 159 27.15 -31.51 30.56
CA GLU F 159 27.88 -32.65 31.14
CA GLU F 159 27.89 -32.63 31.14
C GLU F 159 28.62 -33.47 30.06
C GLU F 159 28.61 -33.48 30.06
N GLN F 160 27.92 -33.74 28.96
CA GLN F 160 28.51 -34.53 27.88
C GLN F 160 29.56 -33.74 27.12
N ALA F 161 29.43 -32.42 27.07
CA ALA F 161 30.43 -31.57 26.40
C ALA F 161 31.73 -31.58 27.20
N ILE F 162 31.61 -31.45 28.52
CA ILE F 162 32.76 -31.44 29.44
C ILE F 162 33.43 -32.79 29.49
N GLU F 163 32.64 -33.85 29.62
CA GLU F 163 33.19 -35.22 29.61
C GLU F 163 33.87 -35.49 28.25
N GLY F 164 33.23 -35.04 27.18
CA GLY F 164 33.78 -35.19 25.85
C GLY F 164 35.13 -34.52 25.78
N LEU F 165 35.23 -33.28 26.27
CA LEU F 165 36.51 -32.53 26.27
C LEU F 165 37.59 -33.30 27.04
N ASP F 166 37.21 -33.87 28.18
CA ASP F 166 38.13 -34.65 29.02
C ASP F 166 38.65 -35.88 28.25
N GLN F 167 37.75 -36.57 27.56
CA GLN F 167 38.07 -37.75 26.79
C GLN F 167 38.77 -37.42 25.47
N LEU F 168 38.72 -36.15 25.03
CA LEU F 168 39.24 -35.80 23.70
C LEU F 168 40.75 -35.84 23.60
N GLN F 169 41.45 -35.73 24.72
CA GLN F 169 42.92 -35.75 24.68
C GLN F 169 43.41 -37.10 24.16
N ALA F 170 42.76 -38.18 24.59
CA ALA F 170 43.10 -39.52 24.13
C ALA F 170 42.78 -39.68 22.65
N VAL F 171 41.76 -38.97 22.16
CA VAL F 171 41.42 -38.99 20.73
C VAL F 171 42.52 -38.25 19.96
N TYR F 172 42.97 -37.11 20.48
CA TYR F 172 44.09 -36.38 19.86
C TYR F 172 45.30 -37.30 19.68
N GLU F 173 45.67 -37.95 20.76
CA GLU F 173 46.85 -38.81 20.81
C GLU F 173 46.77 -39.93 19.78
N LYS F 174 45.66 -40.65 19.75
CA LYS F 174 45.44 -41.76 18.77
C LYS F 174 45.40 -41.23 17.33
N ALA F 175 44.71 -40.10 17.11
CA ALA F 175 44.59 -39.51 15.77
C ALA F 175 45.95 -39.06 15.26
N LEU F 176 46.73 -38.44 16.12
CA LEU F 176 48.10 -38.01 15.73
C LEU F 176 49.01 -39.18 15.31
N LYS F 177 48.91 -40.27 16.06
CA LYS F 177 49.69 -41.44 15.76
C LYS F 177 49.24 -42.05 14.41
N GLN F 178 47.94 -42.17 14.22
CA GLN F 178 47.38 -42.71 13.00
C GLN F 178 47.73 -41.88 11.75
N GLU F 179 47.86 -40.57 11.92
CA GLU F 179 48.11 -39.62 10.82
C GLU F 179 49.58 -39.21 10.60
N ALA F 180 50.49 -39.76 11.40
CA ALA F 180 51.90 -39.37 11.33
C ALA F 180 52.56 -39.56 9.95
N ASP F 181 52.30 -40.69 9.30
CA ASP F 181 52.85 -40.94 7.95
C ASP F 181 52.20 -40.03 6.91
N ASN F 182 50.89 -39.82 7.05
CA ASN F 182 50.15 -38.92 6.18
C ASN F 182 50.69 -37.51 6.25
N ALA F 183 51.01 -37.07 7.46
CA ALA F 183 51.58 -35.75 7.71
C ALA F 183 52.88 -35.60 6.95
N LYS F 184 53.73 -36.64 7.01
CA LYS F 184 55.00 -36.59 6.28
C LYS F 184 54.81 -36.61 4.78
N GLN F 185 53.87 -37.41 4.30
CA GLN F 185 53.56 -37.51 2.87
C GLN F 185 53.02 -36.17 2.37
N PHE F 186 52.18 -35.54 3.18
CA PHE F 186 51.65 -34.24 2.84
C PHE F 186 52.79 -33.24 2.60
N ALA F 187 53.73 -33.18 3.54
CA ALA F 187 54.86 -32.28 3.48
C ALA F 187 55.67 -32.52 2.20
N LYS F 188 55.97 -33.78 1.92
CA LYS F 188 56.72 -34.19 0.73
C LYS F 188 56.00 -33.73 -0.54
N ALA F 189 54.70 -34.01 -0.58
CA ALA F 189 53.87 -33.70 -1.75
C ALA F 189 53.59 -32.23 -1.97
N HIS F 190 53.75 -31.43 -0.92
CA HIS F 190 53.48 -30.00 -1.03
C HIS F 190 54.65 -29.08 -0.81
N GLU F 191 55.86 -29.62 -0.82
CA GLU F 191 57.08 -28.82 -0.66
C GLU F 191 57.11 -27.59 -1.58
N LYS F 192 56.76 -27.76 -2.85
CA LYS F 192 56.85 -26.69 -3.83
C LYS F 192 55.51 -26.21 -4.41
N GLU F 193 54.40 -26.57 -3.77
CA GLU F 193 53.10 -26.09 -4.26
C GLU F 193 52.87 -24.64 -3.81
N SER F 194 52.63 -23.73 -4.75
CA SER F 194 52.46 -22.33 -4.42
C SER F 194 51.05 -22.00 -3.88
N ILE F 195 50.05 -22.83 -4.19
CA ILE F 195 48.66 -22.64 -3.70
C ILE F 195 48.07 -23.94 -3.20
N ILE F 196 47.42 -23.84 -2.06
CA ILE F 196 46.78 -25.00 -1.49
C ILE F 196 45.45 -24.52 -0.90
N TYR F 197 44.37 -25.02 -1.43
CA TYR F 197 43.03 -24.68 -0.95
C TYR F 197 42.66 -25.57 0.22
N THR F 198 41.72 -25.10 1.04
CA THR F 198 41.15 -25.91 2.12
C THR F 198 39.64 -25.85 1.90
N MSE F 199 38.91 -26.78 2.49
N MSE F 199 38.93 -26.90 2.34
CA MSE F 199 37.47 -26.84 2.32
CA MSE F 199 37.44 -27.01 2.24
C MSE F 199 36.79 -27.66 3.39
C MSE F 199 36.84 -27.61 3.49
O MSE F 199 37.21 -28.76 3.71
O MSE F 199 37.41 -28.54 4.07
CB MSE F 199 37.15 -27.40 0.90
CB MSE F 199 36.93 -27.97 1.13
CG MSE F 199 35.67 -27.61 0.61
CG MSE F 199 37.20 -27.76 -0.35
SE MSE F 199 35.32 -27.65 -1.22
SE MSE F 199 36.13 -28.99 -1.57
CE MSE F 199 33.82 -28.21 -1.09
CE MSE F 199 35.92 -30.44 -0.41
N ALA F 200 35.68 -27.11 3.90
CA ALA F 200 34.90 -27.70 4.99
C ALA F 200 33.56 -26.97 5.09
N SER F 201 32.70 -27.43 5.99
CA SER F 201 31.40 -26.81 6.24
C SER F 201 31.08 -26.89 7.73
N GLY F 202 29.95 -26.30 8.10
CA GLY F 202 29.43 -26.31 9.45
C GLY F 202 30.41 -25.92 10.52
N ALA F 203 30.54 -26.74 11.56
CA ALA F 203 31.44 -26.50 12.69
C ALA F 203 32.93 -26.62 12.35
N ASN F 204 33.26 -27.06 11.15
CA ASN F 204 34.62 -27.29 10.74
C ASN F 204 35.19 -26.23 9.87
N TYR F 205 34.35 -25.25 9.48
CA TYR F 205 34.79 -24.20 8.53
C TYR F 205 35.91 -23.35 9.12
N GLY F 206 35.83 -23.02 10.41
CA GLY F 206 36.88 -22.26 11.11
C GLY F 206 38.22 -22.94 11.09
N VAL F 207 38.23 -24.25 11.15
CA VAL F 207 39.50 -25.01 11.09
C VAL F 207 40.18 -24.85 9.72
N ALA F 208 39.39 -24.89 8.65
CA ALA F 208 39.90 -24.70 7.32
C ALA F 208 40.35 -23.26 7.14
N TYR F 209 39.55 -22.31 7.61
CA TYR F 209 39.88 -20.89 7.47
C TYR F 209 41.23 -20.57 8.19
N SER F 210 41.38 -21.07 9.41
CA SER F 210 42.59 -20.88 10.16
C SER F 210 43.76 -21.49 9.47
N TYR F 211 43.60 -22.70 8.98
CA TYR F 211 44.72 -23.33 8.28
C TYR F 211 45.14 -22.51 7.08
N SER F 212 44.18 -21.93 6.38
CA SER F 212 44.48 -21.14 5.19
C SER F 212 45.15 -19.83 5.55
N ILE F 213 44.54 -19.04 6.45
CA ILE F 213 45.09 -17.71 6.76
C ILE F 213 46.31 -17.71 7.68
N CYS F 214 46.33 -18.63 8.63
CA CYS F 214 47.41 -18.73 9.62
C CYS F 214 48.53 -19.69 9.24
N ILE F 215 48.25 -20.96 9.05
CA ILE F 215 49.31 -21.85 8.73
C ILE F 215 49.89 -21.58 7.35
N LEU F 216 49.04 -21.61 6.33
CA LEU F 216 49.55 -21.51 4.97
C LEU F 216 50.03 -20.13 4.59
N MSE F 217 49.13 -19.17 4.65
CA MSE F 217 49.49 -17.83 4.28
C MSE F 217 50.49 -17.20 5.27
O MSE F 217 51.60 -16.89 4.93
CB MSE F 217 48.21 -16.95 4.05
CG MSE F 217 47.29 -17.39 2.84
SE MSE F 217 45.79 -16.26 2.69
CE MSE F 217 46.59 -14.78 1.84
N GLU F 218 50.10 -17.03 6.50
CA GLU F 218 50.95 -16.37 7.48
C GLU F 218 52.27 -17.05 7.76
N MSE F 219 52.20 -18.34 8.04
CA MSE F 219 53.37 -19.07 8.49
C MSE F 219 54.15 -19.86 7.45
O MSE F 219 55.13 -20.43 7.79
CB MSE F 219 52.95 -20.03 9.61
CG MSE F 219 52.28 -19.29 10.71
SE MSE F 219 51.89 -20.39 12.25
CE MSE F 219 50.41 -19.34 12.92
N GLN F 220 53.69 -19.89 6.21
CA GLN F 220 54.43 -20.57 5.13
C GLN F 220 54.51 -19.76 3.84
N TRP F 221 53.81 -18.63 3.77
CA TRP F 221 53.72 -17.84 2.55
C TRP F 221 53.27 -18.69 1.38
N ILE F 222 52.25 -19.52 1.62
CA ILE F 222 51.63 -20.34 0.57
C ILE F 222 50.25 -19.74 0.38
N HIS F 223 49.87 -19.51 -0.88
CA HIS F 223 48.55 -19.01 -1.20
C HIS F 223 47.47 -20.00 -0.77
N SER F 224 46.36 -19.48 -0.24
CA SER F 224 45.28 -20.37 0.17
C SER F 224 43.97 -19.62 0.12
N HIS F 225 42.91 -20.37 0.37
CA HIS F 225 41.55 -19.92 0.37
C HIS F 225 40.77 -21.06 0.98
N ALA F 226 39.97 -20.77 2.02
CA ALA F 226 39.12 -21.79 2.62
C ALA F 226 37.74 -21.71 1.95
N ILE F 227 37.42 -22.73 1.18
CA ILE F 227 36.16 -22.81 0.45
C ILE F 227 35.10 -23.47 1.28
N HIS F 228 33.94 -22.85 1.43
CA HIS F 228 32.84 -23.46 2.15
C HIS F 228 32.29 -24.55 1.24
N ALA F 229 32.20 -25.77 1.77
CA ALA F 229 31.80 -26.96 0.98
C ALA F 229 30.49 -26.87 0.21
N GLY F 230 29.54 -26.13 0.75
CA GLY F 230 28.27 -25.85 0.06
C GLY F 230 28.50 -24.88 -1.11
N GLU F 231 29.11 -23.73 -0.79
CA GLU F 231 29.47 -22.71 -1.79
C GLU F 231 30.29 -23.19 -2.97
N TYR F 232 31.11 -24.21 -2.74
CA TYR F 232 31.99 -24.83 -3.78
C TYR F 232 31.29 -25.09 -5.11
N PHE F 233 30.09 -25.64 -5.06
CA PHE F 233 29.35 -25.97 -6.27
C PHE F 233 28.65 -24.81 -6.97
N HIS F 234 28.92 -23.60 -6.52
CA HIS F 234 28.33 -22.42 -7.08
C HIS F 234 29.37 -21.47 -7.55
N GLY F 235 30.50 -22.03 -7.93
CA GLY F 235 31.54 -21.26 -8.54
C GLY F 235 32.94 -21.79 -8.37
N PRO F 236 33.44 -21.80 -7.14
CA PRO F 236 34.82 -22.24 -6.89
C PRO F 236 35.22 -23.57 -7.52
N PHE F 237 34.31 -24.54 -7.58
CA PHE F 237 34.67 -25.88 -8.14
C PHE F 237 35.23 -25.83 -9.56
N GLU F 238 34.94 -24.76 -10.32
CA GLU F 238 35.50 -24.63 -11.66
C GLU F 238 37.01 -24.55 -11.67
N ILE F 239 37.62 -24.17 -10.55
CA ILE F 239 39.07 -24.04 -10.49
C ILE F 239 39.81 -25.41 -10.42
N ILE F 240 39.11 -26.45 -9.98
CA ILE F 240 39.82 -27.71 -9.79
C ILE F 240 40.19 -28.41 -11.09
N ASP F 241 41.36 -29.04 -11.04
CA ASP F 241 41.88 -29.88 -12.09
C ASP F 241 42.83 -30.83 -11.35
N GLU F 242 43.48 -31.77 -12.05
N GLU F 242 43.46 -31.79 -12.04
CA GLU F 242 44.36 -32.73 -11.33
CA GLU F 242 44.35 -32.73 -11.34
C GLU F 242 45.55 -32.08 -10.60
C GLU F 242 45.63 -32.13 -10.71
N SER F 243 45.96 -30.88 -11.03
CA SER F 243 47.12 -30.24 -10.45
C SER F 243 46.84 -29.32 -9.26
N VAL F 244 45.58 -29.00 -8.95
CA VAL F 244 45.26 -28.06 -7.88
C VAL F 244 45.12 -28.76 -6.54
N PRO F 245 46.02 -28.46 -5.59
CA PRO F 245 45.91 -29.11 -4.31
C PRO F 245 44.73 -28.59 -3.46
N PHE F 246 44.03 -29.54 -2.86
CA PHE F 246 42.91 -29.28 -1.94
C PHE F 246 43.04 -30.11 -0.67
N ILE F 247 42.92 -29.46 0.48
CA ILE F 247 42.85 -30.14 1.78
C ILE F 247 41.36 -30.15 2.12
N ILE F 248 40.76 -31.32 2.28
CA ILE F 248 39.34 -31.40 2.51
C ILE F 248 39.07 -32.02 3.85
N LEU F 249 38.27 -31.33 4.66
CA LEU F 249 37.91 -31.79 5.98
C LEU F 249 36.47 -32.33 6.06
N LEU F 250 36.32 -33.52 6.65
CA LEU F 250 35.00 -34.12 6.80
C LEU F 250 34.79 -34.31 8.30
N GLY F 251 33.79 -33.62 8.84
CA GLY F 251 33.51 -33.67 10.28
C GLY F 251 32.42 -34.64 10.61
N LEU F 252 31.84 -34.47 11.79
CA LEU F 252 30.80 -35.35 12.26
C LEU F 252 29.53 -34.57 12.61
N ASP F 253 29.42 -33.33 12.15
CA ASP F 253 28.23 -32.55 12.42
C ASP F 253 27.18 -32.80 11.32
N GLU F 254 26.09 -32.05 11.42
CA GLU F 254 24.96 -32.22 10.49
C GLU F 254 25.29 -31.84 9.05
N THR F 255 26.35 -31.07 8.86
CA THR F 255 26.70 -30.62 7.51
C THR F 255 27.69 -31.55 6.82
N ARG F 256 27.98 -32.71 7.41
CA ARG F 256 28.92 -33.63 6.77
C ARG F 256 28.53 -33.95 5.32
N PRO F 257 27.21 -34.08 5.02
CA PRO F 257 26.85 -34.36 3.62
C PRO F 257 27.39 -33.36 2.61
N LEU F 258 27.49 -32.08 2.99
CA LEU F 258 28.04 -31.08 2.11
C LEU F 258 29.48 -31.42 1.78
N GLU F 259 30.25 -31.83 2.80
CA GLU F 259 31.67 -32.16 2.67
C GLU F 259 31.85 -33.40 1.83
N GLU F 260 30.97 -34.37 2.05
CA GLU F 260 30.99 -35.61 1.27
C GLU F 260 30.69 -35.37 -0.22
N ARG F 261 29.77 -34.46 -0.49
CA ARG F 261 29.45 -34.15 -1.90
C ARG F 261 30.66 -33.49 -2.57
N ALA F 262 31.29 -32.55 -1.85
CA ALA F 262 32.46 -31.83 -2.32
C ALA F 262 33.62 -32.76 -2.56
N LEU F 263 33.83 -33.71 -1.67
CA LEU F 263 34.91 -34.69 -1.82
C LEU F 263 34.67 -35.59 -3.05
N THR F 264 33.46 -36.07 -3.19
CA THR F 264 33.12 -36.94 -4.31
C THR F 264 33.47 -36.24 -5.64
N PHE F 265 33.05 -34.99 -5.79
CA PHE F 265 33.35 -34.28 -7.00
C PHE F 265 34.86 -34.07 -7.19
N SER F 266 35.52 -33.71 -6.09
CA SER F 266 36.95 -33.41 -6.11
C SER F 266 37.80 -34.64 -6.49
N LYS F 267 37.38 -35.81 -6.06
CA LYS F 267 38.11 -37.04 -6.43
C LYS F 267 37.99 -37.35 -7.92
N LYS F 268 36.88 -36.96 -8.52
CA LYS F 268 36.67 -37.24 -9.95
C LYS F 268 37.43 -36.28 -10.83
N TYR F 269 37.39 -34.98 -10.51
CA TYR F 269 38.05 -34.00 -11.36
C TYR F 269 39.37 -33.47 -10.84
N GLY F 270 39.66 -33.75 -9.56
CA GLY F 270 40.92 -33.36 -8.97
C GLY F 270 41.78 -34.59 -8.77
N LYS F 271 42.89 -34.44 -8.08
CA LYS F 271 43.78 -35.54 -7.82
C LYS F 271 44.67 -35.28 -6.60
N LYS F 272 45.23 -34.09 -6.48
CA LYS F 272 46.10 -33.78 -5.34
C LYS F 272 45.26 -33.38 -4.16
N LEU F 273 44.63 -34.38 -3.56
CA LEU F 273 43.72 -34.17 -2.46
C LEU F 273 44.27 -34.68 -1.15
N THR F 274 44.13 -33.90 -0.09
CA THR F 274 44.58 -34.30 1.25
C THR F 274 43.29 -34.30 2.05
N VAL F 275 42.83 -35.50 2.38
CA VAL F 275 41.56 -35.66 3.06
C VAL F 275 41.76 -36.06 4.52
N LEU F 276 41.12 -35.32 5.42
CA LEU F 276 41.12 -35.60 6.84
C LEU F 276 39.66 -35.84 7.21
N ASP F 277 39.36 -37.07 7.54
CA ASP F 277 38.02 -37.48 7.84
C ASP F 277 37.92 -37.88 9.29
N ALA F 278 37.19 -37.07 10.05
CA ALA F 278 36.99 -37.31 11.49
C ALA F 278 36.35 -38.66 11.76
N ALA F 279 35.59 -39.20 10.79
CA ALA F 279 35.00 -40.53 10.98
C ALA F 279 36.10 -41.59 11.10
N SER F 280 37.32 -41.28 10.67
CA SER F 280 38.39 -42.27 10.80
C SER F 280 39.01 -42.28 12.21
N TYR F 281 38.65 -41.32 13.05
CA TYR F 281 39.20 -41.25 14.39
C TYR F 281 38.22 -41.93 15.35
N ASP F 282 38.69 -42.12 16.58
CA ASP F 282 37.93 -42.86 17.59
C ASP F 282 37.14 -41.97 18.54
N PHE F 283 35.87 -41.81 18.25
CA PHE F 283 35.00 -40.99 19.10
C PHE F 283 34.07 -41.86 19.92
N THR F 284 34.44 -43.14 20.14
CA THR F 284 33.57 -44.04 20.88
C THR F 284 33.35 -43.64 22.35
N ALA F 285 34.26 -42.85 22.95
CA ALA F 285 34.10 -42.40 24.34
C ALA F 285 33.37 -41.07 24.41
N ILE F 286 33.04 -40.51 23.24
CA ILE F 286 32.37 -39.22 23.15
C ILE F 286 30.89 -39.42 22.90
N ASP F 287 30.05 -38.69 23.61
CA ASP F 287 28.61 -38.81 23.44
C ASP F 287 28.16 -38.31 22.05
N ASP F 288 27.23 -39.05 21.44
CA ASP F 288 26.70 -38.67 20.13
C ASP F 288 26.13 -37.25 20.13
N SER F 289 25.59 -36.79 21.26
CA SER F 289 25.02 -35.44 21.33
C SER F 289 26.04 -34.31 21.06
N VAL F 290 27.33 -34.60 21.24
CA VAL F 290 28.36 -33.59 21.08
C VAL F 290 29.50 -33.95 20.18
N LYS F 291 29.52 -35.13 19.56
CA LYS F 291 30.69 -35.44 18.72
C LYS F 291 30.89 -34.56 17.49
N GLY F 292 29.81 -34.01 16.95
CA GLY F 292 29.89 -33.11 15.82
C GLY F 292 30.49 -31.80 16.26
N TYR F 293 30.26 -31.42 17.51
CA TYR F 293 30.81 -30.18 18.01
C TYR F 293 32.29 -30.31 18.37
N LEU F 294 32.72 -31.54 18.71
CA LEU F 294 34.12 -31.77 19.14
C LEU F 294 35.07 -32.19 18.01
N ALA F 295 34.52 -32.71 16.92
CA ALA F 295 35.33 -33.17 15.77
C ALA F 295 36.25 -32.11 15.23
N PRO F 296 35.79 -30.85 15.12
CA PRO F 296 36.73 -29.81 14.62
C PRO F 296 38.01 -29.67 15.42
N LEU F 297 37.92 -29.86 16.75
CA LEU F 297 39.07 -29.79 17.66
C LEU F 297 40.12 -30.84 17.29
N VAL F 298 39.67 -32.05 17.00
CA VAL F 298 40.59 -33.11 16.61
C VAL F 298 41.17 -32.85 15.22
N LEU F 299 40.33 -32.43 14.27
CA LEU F 299 40.80 -32.12 12.93
C LEU F 299 41.88 -31.04 12.97
N ASN F 300 41.63 -30.03 13.78
CA ASN F 300 42.58 -28.94 13.98
C ASN F 300 43.90 -29.40 14.55
N ARG F 301 43.83 -30.29 15.54
CA ARG F 301 45.05 -30.82 16.16
C ARG F 301 45.87 -31.62 15.16
N VAL F 302 45.20 -32.45 14.36
CA VAL F 302 45.90 -33.28 13.38
C VAL F 302 46.53 -32.37 12.32
N LEU F 303 45.81 -31.33 11.90
CA LEU F 303 46.36 -30.38 10.92
C LEU F 303 47.65 -29.69 11.42
N ARG F 304 47.74 -29.44 12.73
CA ARG F 304 48.99 -28.86 13.26
C ARG F 304 50.19 -29.79 13.01
N SER F 305 50.01 -31.12 13.10
CA SER F 305 51.11 -32.04 12.83
C SER F 305 51.49 -31.98 11.35
N TYR F 306 50.50 -31.76 10.46
CA TYR F 306 50.73 -31.61 9.01
C TYR F 306 51.57 -30.37 8.80
N ALA F 307 51.19 -29.28 9.48
CA ALA F 307 51.91 -27.99 9.42
C ALA F 307 53.38 -28.17 9.86
N ASP F 308 53.59 -28.86 10.98
CA ASP F 308 54.97 -29.06 11.49
C ASP F 308 55.85 -29.76 10.45
N GLU F 309 55.31 -30.78 9.80
CA GLU F 309 56.08 -31.51 8.78
C GLU F 309 56.33 -30.64 7.54
N LEU F 310 55.32 -29.89 7.13
CA LEU F 310 55.44 -29.02 5.98
C LEU F 310 56.54 -27.97 6.20
N ALA F 311 56.52 -27.33 7.38
CA ALA F 311 57.52 -26.31 7.74
C ALA F 311 58.92 -26.88 7.66
N GLU F 312 59.09 -28.09 8.19
CA GLU F 312 60.39 -28.72 8.16
C GLU F 312 60.82 -29.02 6.72
N GLU F 313 59.92 -29.62 5.94
CA GLU F 313 60.22 -29.98 4.53
C GLU F 313 60.55 -28.77 3.69
N ARG F 314 59.84 -27.67 3.93
CA ARG F 314 60.06 -26.45 3.16
C ARG F 314 61.14 -25.55 3.74
N ASN F 315 61.74 -25.92 4.88
CA ASN F 315 62.77 -25.07 5.52
C ASN F 315 62.25 -23.68 5.74
N HIS F 316 61.04 -23.60 6.27
CA HIS F 316 60.34 -22.36 6.51
C HIS F 316 59.72 -22.50 7.87
N PRO F 317 60.43 -22.07 8.92
CA PRO F 317 59.87 -22.22 10.27
C PRO F 317 58.52 -21.50 10.46
N LEU F 318 57.62 -22.12 11.21
CA LEU F 318 56.30 -21.52 11.44
C LEU F 318 56.39 -20.18 12.13
N SER F 319 57.46 -19.95 12.87
CA SER F 319 57.66 -18.69 13.57
C SER F 319 58.12 -17.56 12.68
N HIS F 320 58.54 -17.87 11.45
CA HIS F 320 59.08 -16.88 10.55
C HIS F 320 58.04 -15.87 10.06
N ARG F 321 58.45 -14.59 10.04
CA ARG F 321 57.61 -13.49 9.57
C ARG F 321 58.42 -12.43 8.88
N ARG F 322 57.81 -11.71 7.96
CA ARG F 322 58.47 -10.57 7.34
C ARG F 322 57.80 -9.26 7.74
N TYR F 323 56.53 -9.31 8.18
CA TYR F 323 55.79 -8.09 8.56
C TYR F 323 55.29 -8.08 10.01
N MSE F 324 54.54 -9.10 10.38
CA MSE F 324 53.99 -9.16 11.73
C MSE F 324 55.08 -9.00 12.79
O MSE F 324 56.05 -9.69 12.73
CB MSE F 324 53.29 -10.51 11.93
CG MSE F 324 52.57 -10.59 13.24
SE MSE F 324 51.67 -12.29 13.37
CE MSE F 324 50.46 -12.09 12.00
N TRP F 325 54.88 -8.14 13.78
CA TRP F 325 55.84 -7.83 14.86
C TRP F 325 57.10 -7.13 14.40
N LYS F 326 57.18 -6.76 13.12
CA LYS F 326 58.46 -6.28 12.59
C LYS F 326 58.42 -4.94 11.92
N VAL F 327 57.28 -4.64 11.35
CA VAL F 327 57.11 -3.35 10.74
C VAL F 327 55.84 -2.72 11.26
N GLU F 328 55.70 -1.46 10.95
CA GLU F 328 54.58 -0.67 11.40
C GLU F 328 53.38 -0.88 10.49
N TYR F 329 52.20 -1.06 11.04
CA TYR F 329 51.02 -1.23 10.17
C TYR F 329 49.70 -0.97 10.88
N MSE G 2 -33.80 28.63 37.71
CA MSE G 2 -33.91 27.12 37.60
C MSE G 2 -34.69 26.30 36.56
O MSE G 2 -34.33 25.14 36.31
CB MSE G 2 -33.78 26.35 38.92
CG MSE G 2 -32.37 25.87 39.07
SE MSE G 2 -32.48 24.30 40.11
CE MSE G 2 -32.92 25.09 41.88
N SER G 3 -35.75 26.88 36.00
CA SER G 3 -36.49 26.20 34.96
C SER G 3 -35.53 26.15 33.77
N GLN G 4 -34.78 27.25 33.57
CA GLN G 4 -33.79 27.36 32.50
C GLN G 4 -32.70 26.31 32.63
N ALA G 5 -32.12 26.19 33.83
CA ALA G 5 -31.04 25.24 34.15
C ALA G 5 -31.50 23.83 33.90
N THR G 6 -32.57 23.46 34.59
CA THR G 6 -33.18 22.15 34.43
C THR G 6 -33.50 21.89 32.95
N ALA G 7 -33.83 22.96 32.20
CA ALA G 7 -34.13 22.84 30.78
C ALA G 7 -32.92 22.33 29.93
N LYS G 8 -31.70 22.56 30.43
CA LYS G 8 -30.49 22.14 29.74
C LYS G 8 -30.09 20.71 30.14
N VAL G 9 -30.77 20.14 31.12
CA VAL G 9 -30.42 18.80 31.57
C VAL G 9 -30.94 17.72 30.62
N ASN G 10 -30.10 16.72 30.38
CA ASN G 10 -30.43 15.56 29.58
C ASN G 10 -31.79 15.01 30.05
N ARG G 11 -32.71 14.79 29.11
CA ARG G 11 -34.08 14.36 29.42
C ARG G 11 -34.14 13.10 30.24
N GLU G 12 -33.22 12.17 29.97
CA GLU G 12 -33.15 10.90 30.73
C GLU G 12 -32.68 11.16 32.16
N VAL G 13 -31.73 12.09 32.31
CA VAL G 13 -31.28 12.49 33.66
C VAL G 13 -32.44 13.19 34.39
N GLN G 14 -33.19 14.06 33.72
CA GLN G 14 -34.35 14.72 34.32
C GLN G 14 -35.36 13.69 34.88
N ALA G 15 -35.66 12.65 34.10
CA ALA G 15 -36.62 11.62 34.53
C ALA G 15 -36.10 10.88 35.76
N PHE G 16 -34.80 10.57 35.72
CA PHE G 16 -34.11 9.94 36.85
C PHE G 16 -34.22 10.79 38.10
N LEU G 17 -33.93 12.10 37.97
CA LEU G 17 -33.98 13.03 39.12
C LEU G 17 -35.41 13.19 39.65
N GLN G 18 -36.41 13.16 38.77
CA GLN G 18 -37.81 13.24 39.20
C GLN G 18 -38.18 12.01 40.01
N ASP G 19 -37.74 10.86 39.55
CA ASP G 19 -38.00 9.59 40.24
C ASP G 19 -37.20 9.45 41.55
N LEU G 20 -36.06 10.13 41.63
CA LEU G 20 -35.21 10.09 42.83
C LEU G 20 -35.85 10.81 44.02
N LYS G 21 -36.66 11.83 43.76
CA LYS G 21 -37.30 12.62 44.80
C LYS G 21 -38.02 11.73 45.81
N GLY G 22 -37.72 11.94 47.09
CA GLY G 22 -38.35 11.18 48.17
C GLY G 22 -37.67 9.85 48.49
N LYS G 23 -36.68 9.44 47.70
CA LYS G 23 -35.99 8.17 47.97
C LYS G 23 -34.95 8.35 49.04
N THR G 24 -34.63 7.25 49.70
CA THR G 24 -33.62 7.26 50.73
C THR G 24 -32.39 6.57 50.15
N ILE G 25 -31.37 7.37 50.02
CA ILE G 25 -30.10 6.94 49.50
C ILE G 25 -29.06 7.37 50.50
N ASP G 26 -28.26 6.45 50.99
CA ASP G 26 -27.22 6.85 51.92
C ASP G 26 -25.81 6.55 51.38
N HIS G 27 -25.69 6.00 50.19
CA HIS G 27 -24.36 5.64 49.67
C HIS G 27 -24.39 5.68 48.16
N VAL G 28 -23.36 6.28 47.56
CA VAL G 28 -23.21 6.34 46.12
C VAL G 28 -21.88 5.62 45.78
N PHE G 29 -21.96 4.77 44.77
CA PHE G 29 -20.79 4.03 44.26
C PHE G 29 -20.55 4.38 42.82
N PHE G 30 -19.35 4.88 42.53
CA PHE G 30 -18.93 5.22 41.19
C PHE G 30 -18.19 3.99 40.64
N VAL G 31 -18.80 3.32 39.66
CA VAL G 31 -18.26 2.04 39.17
C VAL G 31 -18.15 1.97 37.65
N ALA G 32 -16.93 1.74 37.19
CA ALA G 32 -16.64 1.65 35.76
C ALA G 32 -15.21 1.16 35.63
N CYS G 33 -14.69 1.11 34.40
CA CYS G 33 -13.31 0.65 34.16
C CYS G 33 -12.46 1.62 33.37
N GLY G 34 -11.19 1.66 33.70
CA GLY G 34 -10.21 2.44 32.99
C GLY G 34 -10.60 3.87 32.85
N GLY G 35 -10.62 4.36 31.61
CA GLY G 35 -10.98 5.74 31.29
C GLY G 35 -12.34 6.16 31.82
N SER G 36 -13.28 5.23 31.80
CA SER G 36 -14.64 5.50 32.30
C SER G 36 -14.69 5.62 33.80
N SER G 37 -13.75 4.97 34.50
CA SER G 37 -13.62 5.13 35.94
C SER G 37 -12.94 6.48 36.21
N ALA G 38 -11.90 6.78 35.43
CA ALA G 38 -11.15 8.02 35.62
C ALA G 38 -12.03 9.26 35.57
N ILE G 39 -13.05 9.28 34.71
CA ILE G 39 -13.93 10.47 34.59
C ILE G 39 -14.76 10.70 35.83
N MSE G 40 -14.84 9.71 36.71
CA MSE G 40 -15.64 9.85 37.92
C MSE G 40 -14.88 10.38 39.15
O MSE G 40 -15.51 10.62 40.21
CB MSE G 40 -16.27 8.51 38.24
CG MSE G 40 -17.27 8.07 37.20
SE MSE G 40 -17.88 6.25 37.58
CE MSE G 40 -19.05 6.10 36.04
N TYR G 41 -13.56 10.56 39.02
CA TYR G 41 -12.76 11.04 40.15
C TYR G 41 -13.21 12.41 40.61
N PRO G 42 -13.48 13.35 39.67
CA PRO G 42 -13.96 14.64 40.09
C PRO G 42 -15.31 14.58 40.86
N SER G 43 -16.21 13.69 40.44
CA SER G 43 -17.51 13.53 41.12
C SER G 43 -17.32 13.01 42.55
N LYS G 44 -16.30 12.16 42.79
CA LYS G 44 -15.99 11.72 44.16
C LYS G 44 -15.54 12.95 44.97
N TYR G 45 -14.71 13.79 44.37
CA TYR G 45 -14.25 14.99 45.05
C TYR G 45 -15.44 15.87 45.36
N VAL G 46 -16.37 16.03 44.41
CA VAL G 46 -17.57 16.83 44.62
C VAL G 46 -18.38 16.28 45.81
N PHE G 47 -18.61 14.97 45.84
CA PHE G 47 -19.32 14.38 46.96
C PHE G 47 -18.61 14.65 48.29
N ASP G 48 -17.29 14.49 48.30
CA ASP G 48 -16.51 14.76 49.51
C ASP G 48 -16.64 16.16 50.03
N ARG G 49 -16.72 17.13 49.13
CA ARG G 49 -16.86 18.55 49.51
C ARG G 49 -18.28 19.01 49.73
N GLU G 50 -19.27 18.30 49.17
CA GLU G 50 -20.67 18.74 49.21
C GLU G 50 -21.70 17.90 49.94
N SER G 51 -21.49 16.60 49.99
CA SER G 51 -22.48 15.74 50.62
C SER G 51 -22.33 15.59 52.11
N LYS G 52 -23.35 15.99 52.84
CA LYS G 52 -23.33 15.86 54.29
C LYS G 52 -23.84 14.50 54.73
N SER G 53 -24.70 13.86 53.93
CA SER G 53 -25.35 12.64 54.35
C SER G 53 -25.19 11.41 53.48
N ILE G 54 -24.40 11.50 52.41
CA ILE G 54 -24.25 10.35 51.52
C ILE G 54 -22.79 9.96 51.42
N ASN G 55 -22.51 8.68 51.71
CA ASN G 55 -21.20 8.07 51.62
C ASN G 55 -20.89 7.86 50.14
N SER G 56 -19.68 8.17 49.71
CA SER G 56 -19.29 7.97 48.33
C SER G 56 -18.04 7.08 48.28
N ASP G 57 -18.06 6.09 47.38
CA ASP G 57 -16.93 5.21 47.10
C ASP G 57 -16.76 5.07 45.59
N LEU G 58 -15.53 4.83 45.14
CA LEU G 58 -15.24 4.68 43.72
C LEU G 58 -14.37 3.46 43.57
N TYR G 59 -14.75 2.55 42.67
CA TYR G 59 -14.01 1.31 42.41
C TYR G 59 -14.06 0.94 40.96
N SER G 60 -13.03 0.25 40.49
CA SER G 60 -13.00 -0.34 39.16
C SER G 60 -14.10 -1.41 39.22
N ALA G 61 -14.76 -1.68 38.10
CA ALA G 61 -15.92 -2.60 38.09
C ALA G 61 -15.75 -3.96 38.70
N ASN G 62 -14.68 -4.68 38.36
CA ASN G 62 -14.48 -6.02 38.87
C ASN G 62 -14.03 -5.97 40.35
N GLU G 63 -13.33 -4.90 40.73
CA GLU G 63 -12.97 -4.70 42.14
C GLU G 63 -14.26 -4.54 42.95
N PHE G 64 -15.17 -3.70 42.45
CA PHE G 64 -16.48 -3.48 43.09
C PHE G 64 -17.24 -4.76 43.36
N ILE G 65 -17.37 -5.61 42.32
CA ILE G 65 -18.09 -6.88 42.45
C ILE G 65 -17.43 -7.82 43.48
N GLN G 66 -16.12 -8.00 43.35
CA GLN G 66 -15.42 -8.93 44.25
C GLN G 66 -15.22 -8.37 45.64
N ARG G 67 -14.95 -7.07 45.76
CA ARG G 67 -14.83 -6.48 47.09
C ARG G 67 -16.20 -6.58 47.79
N ASN G 68 -17.28 -6.53 47.00
CA ASN G 68 -18.64 -6.70 47.51
C ASN G 68 -18.89 -5.89 48.79
N PRO G 69 -18.92 -4.56 48.67
CA PRO G 69 -19.07 -3.78 49.92
C PRO G 69 -20.32 -4.15 50.69
N VAL G 70 -20.17 -4.35 51.99
CA VAL G 70 -21.32 -4.77 52.80
C VAL G 70 -22.40 -3.68 52.88
N GLN G 71 -22.05 -2.43 52.63
CA GLN G 71 -23.03 -1.35 52.66
C GLN G 71 -23.79 -1.20 51.32
N LEU G 72 -23.52 -2.06 50.33
CA LEU G 72 -24.22 -2.04 49.06
C LEU G 72 -25.60 -2.66 49.26
N GLY G 73 -26.66 -1.94 48.92
CA GLY G 73 -28.01 -2.47 49.07
C GLY G 73 -29.08 -1.54 48.57
N GLU G 74 -30.24 -1.63 49.21
CA GLU G 74 -31.42 -0.84 48.82
C GLU G 74 -31.30 0.64 48.98
N LYS G 75 -30.40 1.10 49.84
CA LYS G 75 -30.21 2.52 50.03
C LYS G 75 -29.01 3.05 49.22
N SER G 76 -28.55 2.25 48.28
CA SER G 76 -27.42 2.62 47.44
C SER G 76 -27.83 3.10 46.04
N LEU G 77 -27.02 4.03 45.52
CA LEU G 77 -27.12 4.51 44.17
C LEU G 77 -25.78 4.12 43.52
N VAL G 78 -25.82 3.44 42.37
CA VAL G 78 -24.61 3.01 41.65
C VAL G 78 -24.64 3.71 40.31
N ILE G 79 -23.59 4.47 40.03
CA ILE G 79 -23.48 5.20 38.79
C ILE G 79 -22.40 4.48 37.98
N LEU G 80 -22.77 4.00 36.79
CA LEU G 80 -21.85 3.27 35.94
C LEU G 80 -21.62 3.97 34.61
N CYS G 81 -20.51 3.67 33.97
CA CYS G 81 -20.23 4.27 32.66
C CYS G 81 -19.41 3.32 31.80
N SER G 82 -19.80 3.23 30.55
CA SER G 82 -19.09 2.45 29.50
C SER G 82 -19.46 3.09 28.17
N HIS G 83 -18.46 3.47 27.39
CA HIS G 83 -18.75 4.14 26.12
C HIS G 83 -19.53 3.23 25.16
N SER G 84 -18.99 2.05 24.91
CA SER G 84 -19.64 1.09 24.02
C SER G 84 -20.84 0.42 24.69
N GLY G 85 -20.81 0.36 26.02
CA GLY G 85 -21.86 -0.30 26.79
C GLY G 85 -21.62 -1.83 26.80
N ASN G 86 -20.50 -2.27 26.25
CA ASN G 86 -20.18 -3.70 26.18
C ASN G 86 -19.17 -4.19 27.23
N THR G 87 -18.47 -3.26 27.90
CA THR G 87 -17.41 -3.63 28.87
C THR G 87 -17.98 -4.69 29.81
N PRO G 88 -17.50 -5.96 29.70
CA PRO G 88 -18.19 -7.02 30.48
C PRO G 88 -18.24 -6.81 31.99
N GLU G 89 -17.16 -6.32 32.57
CA GLU G 89 -17.13 -6.09 34.01
C GLU G 89 -18.14 -5.03 34.46
N THR G 90 -18.30 -3.99 33.66
CA THR G 90 -19.23 -2.92 34.01
C THR G 90 -20.67 -3.40 33.88
N VAL G 91 -20.93 -4.20 32.83
CA VAL G 91 -22.26 -4.76 32.62
C VAL G 91 -22.63 -5.64 33.81
N LYS G 92 -21.68 -6.51 34.17
CA LYS G 92 -21.86 -7.42 35.29
C LYS G 92 -22.02 -6.66 36.61
N ALA G 93 -21.29 -5.55 36.77
CA ALA G 93 -21.40 -4.72 37.99
C ALA G 93 -22.81 -4.07 38.10
N ALA G 94 -23.40 -3.70 36.97
CA ALA G 94 -24.77 -3.17 36.96
C ALA G 94 -25.75 -4.22 37.46
N ALA G 95 -25.66 -5.43 36.89
CA ALA G 95 -26.52 -6.54 37.27
C ALA G 95 -26.34 -6.93 38.73
N PHE G 96 -25.09 -6.94 39.17
CA PHE G 96 -24.73 -7.25 40.55
C PHE G 96 -25.36 -6.23 41.51
N ALA G 97 -25.20 -4.95 41.23
CA ALA G 97 -25.78 -3.89 42.06
C ALA G 97 -27.31 -3.97 42.06
N ARG G 98 -27.88 -4.19 40.88
CA ARG G 98 -29.34 -4.24 40.76
C ARG G 98 -29.91 -5.42 41.52
N GLY G 99 -29.21 -6.56 41.46
CA GLY G 99 -29.56 -7.76 42.20
C GLY G 99 -29.57 -7.58 43.72
N LYS G 100 -28.77 -6.64 44.22
CA LYS G 100 -28.71 -6.26 45.63
C LYS G 100 -29.79 -5.22 46.02
N GLY G 101 -30.59 -4.75 45.07
CA GLY G 101 -31.64 -3.78 45.37
C GLY G 101 -31.21 -2.35 45.17
N ALA G 102 -29.99 -2.14 44.68
CA ALA G 102 -29.47 -0.79 44.49
C ALA G 102 -30.11 -0.11 43.27
N LEU G 103 -30.18 1.23 43.33
CA LEU G 103 -30.68 2.07 42.25
C LEU G 103 -29.46 2.21 41.34
N THR G 104 -29.65 1.94 40.06
CA THR G 104 -28.56 2.02 39.09
C THR G 104 -28.86 2.97 37.95
N ILE G 105 -27.85 3.72 37.56
CA ILE G 105 -27.96 4.61 36.40
C ILE G 105 -26.67 4.41 35.64
N ALA G 106 -26.79 4.11 34.35
CA ALA G 106 -25.61 3.91 33.53
C ALA G 106 -25.54 4.93 32.44
N MSE G 107 -24.32 5.39 32.17
N MSE G 107 -24.32 5.37 32.15
CA MSE G 107 -24.07 6.29 31.08
CA MSE G 107 -24.06 6.32 31.12
C MSE G 107 -23.42 5.46 30.00
C MSE G 107 -23.34 5.57 30.00
O MSE G 107 -22.61 4.57 30.29
O MSE G 107 -22.38 4.84 30.27
CB MSE G 107 -23.08 7.38 31.44
CB MSE G 107 -23.19 7.44 31.69
CG MSE G 107 -23.54 8.32 32.48
CG MSE G 107 -23.44 8.75 31.06
SE MSE G 107 -22.07 9.43 32.91
SE MSE G 107 -22.39 10.16 31.83
CE MSE G 107 -21.55 9.99 31.12
CE MSE G 107 -22.74 9.86 33.66
N THR G 108 -23.79 5.74 28.77
CA THR G 108 -23.20 5.03 27.63
C THR G 108 -23.46 5.84 26.37
N PHE G 109 -22.65 5.61 25.33
CA PHE G 109 -22.89 6.26 24.06
C PHE G 109 -23.86 5.40 23.27
N LYS G 110 -23.98 4.13 23.67
CA LYS G 110 -24.80 3.18 22.95
C LYS G 110 -26.04 2.70 23.73
N PRO G 111 -27.24 3.12 23.29
CA PRO G 111 -28.50 2.86 23.99
C PRO G 111 -29.02 1.43 23.94
N GLU G 112 -28.60 0.68 22.91
CA GLU G 112 -29.03 -0.71 22.77
C GLU G 112 -28.00 -1.69 23.34
N SER G 113 -27.04 -1.17 24.10
CA SER G 113 -25.96 -2.03 24.59
C SER G 113 -26.37 -2.91 25.80
N PRO G 114 -25.56 -3.94 26.11
CA PRO G 114 -25.85 -4.76 27.28
C PRO G 114 -25.87 -3.96 28.60
N LEU G 115 -25.02 -2.95 28.76
CA LEU G 115 -25.03 -2.13 29.97
C LEU G 115 -26.38 -1.43 30.11
N ALA G 116 -26.86 -0.85 29.01
CA ALA G 116 -28.13 -0.16 28.93
C ALA G 116 -29.27 -1.12 29.28
N GLN G 117 -29.14 -2.38 28.90
CA GLN G 117 -30.15 -3.36 29.26
C GLN G 117 -30.15 -3.69 30.74
N GLU G 118 -28.98 -3.76 31.36
CA GLU G 118 -28.92 -4.15 32.78
C GLU G 118 -29.25 -3.03 33.75
N ALA G 119 -28.90 -1.80 33.40
CA ALA G 119 -29.12 -0.65 34.27
C ALA G 119 -30.55 -0.22 34.30
N GLN G 120 -31.02 0.22 35.46
CA GLN G 120 -32.40 0.63 35.58
C GLN G 120 -32.63 1.91 34.79
N TYR G 121 -31.74 2.88 34.96
CA TYR G 121 -31.81 4.15 34.27
C TYR G 121 -30.63 4.25 33.35
N VAL G 122 -30.81 4.86 32.19
CA VAL G 122 -29.73 5.01 31.21
C VAL G 122 -29.74 6.46 30.72
N ALA G 123 -28.55 7.06 30.68
CA ALA G 123 -28.37 8.43 30.21
C ALA G 123 -27.27 8.39 29.16
N GLN G 124 -27.57 8.85 27.97
N GLN G 124 -27.57 8.91 27.97
CA GLN G 124 -26.57 8.84 26.93
CA GLN G 124 -26.66 8.88 26.85
C GLN G 124 -25.89 10.19 26.94
C GLN G 124 -25.99 10.24 26.61
N TYR G 125 -24.67 10.22 26.41
CA TYR G 125 -23.93 11.44 26.25
C TYR G 125 -23.53 11.59 24.77
N ASP G 126 -23.12 12.82 24.41
CA ASP G 126 -22.66 13.10 23.07
C ASP G 126 -21.16 12.96 23.08
N TRP G 127 -20.62 12.67 21.90
CA TRP G 127 -19.24 12.39 21.73
C TRP G 127 -18.77 12.87 20.35
N GLY G 128 -17.48 13.19 20.22
CA GLY G 128 -16.92 13.60 18.94
C GLY G 128 -16.70 15.09 18.84
N ASP G 129 -16.23 15.50 17.66
CA ASP G 129 -15.93 16.91 17.36
C ASP G 129 -17.00 17.89 17.68
N GLU G 130 -18.23 17.53 17.40
CA GLU G 130 -19.34 18.46 17.57
C GLU G 130 -19.98 18.50 18.97
N ALA G 131 -19.60 17.59 19.86
CA ALA G 131 -20.20 17.54 21.20
C ALA G 131 -19.82 18.77 22.03
N LEU G 132 -20.81 19.36 22.72
CA LEU G 132 -20.54 20.49 23.58
C LEU G 132 -20.33 19.96 25.02
N ALA G 133 -19.47 20.62 25.78
CA ALA G 133 -19.08 20.20 27.13
C ALA G 133 -20.21 19.70 28.00
N ILE G 134 -21.28 20.47 28.08
CA ILE G 134 -22.41 20.14 28.93
C ILE G 134 -23.04 18.77 28.58
N ASN G 135 -22.90 18.35 27.31
CA ASN G 135 -23.48 17.12 26.80
C ASN G 135 -22.51 15.95 26.68
N THR G 136 -21.25 16.14 27.06
CA THR G 136 -20.23 15.11 26.99
C THR G 136 -20.40 14.18 28.17
N ASN G 137 -19.63 13.10 28.20
CA ASN G 137 -19.65 12.19 29.31
C ASN G 137 -19.42 12.93 30.65
N TYR G 138 -18.41 13.78 30.75
CA TYR G 138 -18.18 14.59 31.97
C TYR G 138 -19.37 15.50 32.33
N GLY G 139 -20.01 16.04 31.31
CA GLY G 139 -21.11 16.94 31.50
C GLY G 139 -22.33 16.23 32.05
N VAL G 140 -22.66 15.10 31.44
CA VAL G 140 -23.82 14.30 31.85
C VAL G 140 -23.57 13.76 33.24
N LEU G 141 -22.35 13.34 33.53
CA LEU G 141 -22.04 12.84 34.87
C LEU G 141 -22.30 13.90 35.93
N TYR G 142 -21.85 15.13 35.68
CA TYR G 142 -22.14 16.21 36.62
C TYR G 142 -23.63 16.58 36.71
N GLN G 143 -24.38 16.42 35.63
CA GLN G 143 -25.82 16.66 35.69
C GLN G 143 -26.41 15.69 36.71
N ILE G 144 -26.00 14.44 36.62
CA ILE G 144 -26.47 13.42 37.54
C ILE G 144 -26.04 13.69 38.97
N VAL G 145 -24.76 14.04 39.12
CA VAL G 145 -24.14 14.24 40.45
C VAL G 145 -24.70 15.43 41.18
N PHE G 146 -24.64 16.59 40.55
CA PHE G 146 -25.19 17.80 41.21
C PHE G 146 -26.70 17.71 41.34
N GLY G 147 -27.35 17.03 40.39
CA GLY G 147 -28.77 16.81 40.42
C GLY G 147 -29.15 16.00 41.63
N THR G 148 -28.45 14.88 41.85
CA THR G 148 -28.66 14.00 42.99
C THR G 148 -28.52 14.73 44.35
N LEU G 149 -27.47 15.53 44.46
CA LEU G 149 -27.23 16.33 45.64
C LEU G 149 -28.34 17.33 45.86
N GLN G 150 -28.84 17.93 44.79
CA GLN G 150 -29.93 18.89 44.92
C GLN G 150 -31.23 18.22 45.35
N VAL G 151 -31.54 17.11 44.71
CA VAL G 151 -32.77 16.38 45.03
C VAL G 151 -32.77 15.76 46.41
N LEU G 152 -31.65 15.14 46.78
CA LEU G 152 -31.58 14.46 48.07
C LEU G 152 -31.17 15.31 49.25
N GLU G 153 -30.37 16.35 49.05
CA GLU G 153 -29.90 17.17 50.15
C GLU G 153 -30.18 18.65 50.02
N ASN G 154 -30.92 19.06 48.99
CA ASN G 154 -31.21 20.46 48.74
C ASN G 154 -29.92 21.27 48.58
N ASN G 155 -28.91 20.63 47.98
CA ASN G 155 -27.64 21.27 47.69
C ASN G 155 -27.98 22.44 46.80
N THR G 156 -27.29 23.54 47.01
CA THR G 156 -27.57 24.78 46.32
C THR G 156 -26.75 25.08 45.06
N LYS G 157 -25.83 24.21 44.68
CA LYS G 157 -24.93 24.51 43.56
C LYS G 157 -25.37 24.03 42.16
N PHE G 158 -26.50 23.34 42.09
CA PHE G 158 -27.01 22.80 40.83
C PHE G 158 -27.10 23.79 39.68
N GLU G 159 -27.79 24.92 39.93
CA GLU G 159 -27.94 25.93 38.90
C GLU G 159 -26.58 26.46 38.43
N GLN G 160 -25.63 26.74 39.32
CA GLN G 160 -24.29 27.25 38.92
C GLN G 160 -23.46 26.18 38.23
N ALA G 161 -23.67 24.91 38.58
CA ALA G 161 -22.97 23.78 37.93
C ALA G 161 -23.41 23.67 36.47
N ILE G 162 -24.72 23.72 36.26
CA ILE G 162 -25.30 23.62 34.94
C ILE G 162 -24.93 24.82 34.07
N GLU G 163 -25.07 26.01 34.65
CA GLU G 163 -24.68 27.23 33.93
C GLU G 163 -23.19 27.17 33.59
N GLY G 164 -22.40 26.66 34.53
CA GLY G 164 -20.95 26.51 34.37
C GLY G 164 -20.62 25.60 33.22
N LEU G 165 -21.27 24.43 33.18
CA LEU G 165 -21.10 23.46 32.09
C LEU G 165 -21.48 24.09 30.75
N ASP G 166 -22.56 24.86 30.72
CA ASP G 166 -23.00 25.51 29.49
C ASP G 166 -21.97 26.50 28.99
N GLN G 167 -21.37 27.23 29.92
CA GLN G 167 -20.31 28.21 29.60
C GLN G 167 -18.97 27.57 29.36
N LEU G 168 -18.82 26.31 29.73
CA LEU G 168 -17.51 25.65 29.63
C LEU G 168 -17.00 25.35 28.23
N GLN G 169 -17.91 25.19 27.25
CA GLN G 169 -17.48 24.92 25.88
C GLN G 169 -16.64 26.10 25.38
N ALA G 170 -17.06 27.34 25.66
CA ALA G 170 -16.27 28.52 25.29
C ALA G 170 -14.88 28.50 25.94
N VAL G 171 -14.80 27.98 27.16
CA VAL G 171 -13.50 27.86 27.87
C VAL G 171 -12.60 26.82 27.15
N TYR G 172 -13.20 25.69 26.73
CA TYR G 172 -12.49 24.68 25.95
C TYR G 172 -11.88 25.29 24.69
N GLU G 173 -12.70 26.01 23.93
N GLU G 173 -12.73 26.01 23.97
CA GLU G 173 -12.21 26.57 22.66
CA GLU G 173 -12.37 26.64 22.70
C GLU G 173 -11.09 27.57 22.88
C GLU G 173 -11.18 27.59 22.85
N LYS G 174 -11.27 28.48 23.83
CA LYS G 174 -10.20 29.43 24.11
C LYS G 174 -8.94 28.71 24.56
N ALA G 175 -9.10 27.70 25.43
CA ALA G 175 -7.93 26.97 25.96
C ALA G 175 -7.20 26.21 24.87
N LEU G 176 -7.94 25.55 24.00
CA LEU G 176 -7.35 24.80 22.87
C LEU G 176 -6.55 25.68 21.94
N LYS G 177 -7.09 26.86 21.65
CA LYS G 177 -6.45 27.80 20.79
C LYS G 177 -5.16 28.29 21.47
N GLN G 178 -5.24 28.63 22.74
CA GLN G 178 -4.04 29.13 23.43
C GLN G 178 -2.96 28.06 23.60
N GLU G 179 -3.35 26.79 23.62
CA GLU G 179 -2.39 25.69 23.82
C GLU G 179 -1.93 24.97 22.58
N ALA G 180 -2.40 25.41 21.39
CA ALA G 180 -2.06 24.73 20.14
C ALA G 180 -0.57 24.57 19.90
N ASP G 181 0.19 25.65 20.08
CA ASP G 181 1.64 25.55 19.86
C ASP G 181 2.29 24.67 20.92
N ASN G 182 1.87 24.81 22.17
CA ASN G 182 2.42 23.98 23.23
C ASN G 182 2.20 22.49 22.94
N ALA G 183 1.02 22.16 22.39
CA ALA G 183 0.72 20.76 22.05
C ALA G 183 1.72 20.27 21.02
N LYS G 184 2.01 21.08 20.02
CA LYS G 184 2.95 20.65 18.98
C LYS G 184 4.37 20.52 19.55
N GLN G 185 4.75 21.44 20.41
CA GLN G 185 6.07 21.43 21.05
C GLN G 185 6.22 20.18 21.92
N PHE G 186 5.13 19.83 22.61
CA PHE G 186 5.12 18.66 23.45
C PHE G 186 5.38 17.41 22.59
N ALA G 187 4.65 17.31 21.47
CA ALA G 187 4.80 16.16 20.57
C ALA G 187 6.21 16.00 20.09
N LYS G 188 6.81 17.12 19.67
CA LYS G 188 8.16 17.12 19.15
C LYS G 188 9.15 16.71 20.24
N ALA G 189 8.98 17.26 21.43
CA ALA G 189 9.87 16.99 22.56
C ALA G 189 9.74 15.57 23.11
N HIS G 190 8.58 14.93 22.94
CA HIS G 190 8.37 13.60 23.49
C HIS G 190 8.23 12.47 22.49
N GLU G 191 8.62 12.74 21.24
CA GLU G 191 8.56 11.74 20.18
C GLU G 191 9.25 10.42 20.56
N LYS G 192 10.43 10.50 21.19
CA LYS G 192 11.19 9.31 21.53
C LYS G 192 11.34 9.02 23.02
N GLU G 193 10.57 9.71 23.86
CA GLU G 193 10.65 9.47 25.31
C GLU G 193 9.93 8.15 25.61
N SER G 194 10.61 7.27 26.32
CA SER G 194 10.03 5.98 26.65
C SER G 194 9.12 6.02 27.88
N ILE G 195 9.33 6.97 28.79
CA ILE G 195 8.48 7.12 29.97
C ILE G 195 8.12 8.60 30.17
N ILE G 196 6.87 8.86 30.50
CA ILE G 196 6.39 10.23 30.78
C ILE G 196 5.46 10.12 32.00
N TYR G 197 5.82 10.77 33.09
CA TYR G 197 4.97 10.74 34.28
C TYR G 197 3.92 11.83 34.18
N THR G 198 2.84 11.68 34.93
CA THR G 198 1.82 12.73 35.06
C THR G 198 1.68 12.96 36.55
N MSE G 199 1.14 14.12 36.92
CA MSE G 199 0.95 14.43 38.30
C MSE G 199 -0.14 15.47 38.51
O MSE G 199 -0.21 16.46 37.80
CB MSE G 199 2.27 14.96 38.89
CG MSE G 199 2.23 15.12 40.38
SE MSE G 199 3.97 15.18 41.19
CE MSE G 199 4.70 13.84 40.50
N ALA G 200 -0.95 15.25 39.55
CA ALA G 200 -2.04 16.18 39.91
C ALA G 200 -2.58 15.75 41.26
N SER G 201 -3.54 16.50 41.76
CA SER G 201 -4.21 16.20 43.03
C SER G 201 -5.68 16.55 42.96
N GLY G 202 -6.40 16.31 44.05
CA GLY G 202 -7.83 16.69 44.16
C GLY G 202 -8.70 16.20 43.06
N ALA G 203 -9.52 17.10 42.54
CA ALA G 203 -10.45 16.79 41.45
C ALA G 203 -9.79 16.54 40.12
N ASN G 204 -8.48 16.78 40.04
CA ASN G 204 -7.71 16.66 38.81
C ASN G 204 -6.93 15.40 38.70
N TYR G 205 -6.90 14.62 39.77
CA TYR G 205 -6.10 13.36 39.74
C TYR G 205 -6.55 12.36 38.67
N GLY G 206 -7.86 12.22 38.47
CA GLY G 206 -8.37 11.34 37.43
C GLY G 206 -7.93 11.69 36.04
N VAL G 207 -7.80 12.97 35.78
CA VAL G 207 -7.33 13.46 34.47
C VAL G 207 -5.90 12.98 34.22
N ALA G 208 -5.06 13.06 35.25
CA ALA G 208 -3.68 12.59 35.16
C ALA G 208 -3.65 11.05 35.02
N TYR G 209 -4.46 10.38 35.83
CA TYR G 209 -4.55 8.95 35.77
C TYR G 209 -4.94 8.48 34.36
N SER G 210 -6.01 9.04 33.82
CA SER G 210 -6.48 8.68 32.48
C SER G 210 -5.43 8.96 31.40
N TYR G 211 -4.76 10.10 31.52
CA TYR G 211 -3.71 10.41 30.53
C TYR G 211 -2.59 9.34 30.58
N SER G 212 -2.27 8.90 31.79
CA SER G 212 -1.25 7.86 31.95
C SER G 212 -1.69 6.51 31.44
N ILE G 213 -2.81 5.98 31.94
CA ILE G 213 -3.21 4.63 31.53
C ILE G 213 -3.87 4.51 30.15
N CYS G 214 -4.56 5.56 29.72
CA CYS G 214 -5.25 5.54 28.41
C CYS G 214 -4.43 6.14 27.27
N ILE G 215 -4.10 7.42 27.34
CA ILE G 215 -3.38 7.99 26.24
C ILE G 215 -1.96 7.44 26.12
N LEU G 216 -1.22 7.46 27.22
CA LEU G 216 0.17 7.06 27.12
C LEU G 216 0.37 5.56 27.02
N MSE G 217 -0.06 4.81 28.01
CA MSE G 217 0.17 3.36 27.96
C MSE G 217 -0.67 2.67 26.86
O MSE G 217 -0.11 2.05 25.97
CB MSE G 217 -0.12 2.71 29.33
CG MSE G 217 0.87 3.17 30.39
SE MSE G 217 0.50 2.36 32.08
CE MSE G 217 1.22 0.86 31.74
N GLU G 218 -1.98 2.84 26.91
CA GLU G 218 -2.87 2.16 25.99
C GLU G 218 -2.73 2.59 24.54
N MSE G 219 -2.79 3.89 24.33
CA MSE G 219 -2.82 4.42 22.97
C MSE G 219 -1.51 4.86 22.35
O MSE G 219 -1.49 5.25 21.18
CB MSE G 219 -3.83 5.53 22.94
CG MSE G 219 -5.20 5.09 23.48
SE MSE G 219 -6.45 6.57 23.25
CE MSE G 219 -7.66 6.25 24.66
N GLN G 220 -0.42 4.84 23.10
CA GLN G 220 0.91 5.19 22.57
C GLN G 220 2.03 4.21 22.95
N TRP G 221 1.74 3.28 23.86
CA TRP G 221 2.73 2.33 24.39
C TRP G 221 3.93 3.07 24.97
N ILE G 222 3.63 4.16 25.70
CA ILE G 222 4.61 4.94 26.40
C ILE G 222 4.39 4.56 27.89
N HIS G 223 5.47 4.29 28.61
CA HIS G 223 5.36 3.99 30.04
C HIS G 223 4.89 5.24 30.81
N SER G 224 4.04 5.06 31.82
CA SER G 224 3.58 6.21 32.55
C SER G 224 3.14 5.77 33.96
N HIS G 225 2.82 6.76 34.77
CA HIS G 225 2.41 6.58 36.17
C HIS G 225 1.88 7.93 36.57
N ALA G 226 0.67 8.00 37.12
CA ALA G 226 0.08 9.26 37.61
C ALA G 226 0.40 9.40 39.09
N ILE G 227 1.32 10.32 39.41
CA ILE G 227 1.72 10.55 40.80
C ILE G 227 0.77 11.55 41.44
N HIS G 228 0.26 11.23 42.63
CA HIS G 228 -0.55 12.18 43.35
C HIS G 228 0.41 13.25 43.90
N ALA G 229 0.07 14.52 43.67
CA ALA G 229 0.95 15.65 44.03
C ALA G 229 1.38 15.68 45.50
N GLY G 230 0.52 15.24 46.40
CA GLY G 230 0.86 15.18 47.82
C GLY G 230 1.85 14.01 48.09
N GLU G 231 1.48 12.84 47.60
CA GLU G 231 2.29 11.64 47.72
C GLU G 231 3.71 11.78 47.17
N TYR G 232 3.85 12.63 46.17
CA TYR G 232 5.12 12.89 45.48
C TYR G 232 6.28 13.09 46.43
N PHE G 233 6.07 13.89 47.47
CA PHE G 233 7.13 14.20 48.41
C PHE G 233 7.42 13.14 49.45
N HIS G 234 6.84 11.95 49.29
CA HIS G 234 7.07 10.89 50.25
C HIS G 234 7.58 9.65 49.58
N GLY G 235 8.27 9.87 48.46
CA GLY G 235 8.92 8.80 47.75
C GLY G 235 9.19 9.01 46.27
N PRO G 236 8.12 9.13 45.48
CA PRO G 236 8.27 9.32 44.04
C PRO G 236 9.20 10.44 43.59
N PHE G 237 9.22 11.57 44.28
CA PHE G 237 10.09 12.68 43.85
C PHE G 237 11.57 12.31 43.69
N GLU G 238 12.04 11.27 44.39
CA GLU G 238 13.43 10.81 44.24
C GLU G 238 13.78 10.44 42.81
N ILE G 239 12.79 10.07 42.01
CA ILE G 239 13.02 9.67 40.62
C ILE G 239 13.33 10.83 39.67
N ILE G 240 12.95 12.06 40.02
CA ILE G 240 13.13 13.16 39.08
C ILE G 240 14.59 13.61 38.99
N ASP G 241 14.97 13.94 37.76
CA ASP G 241 16.25 14.51 37.44
C ASP G 241 15.96 15.28 36.15
N GLU G 242 16.97 15.90 35.58
CA GLU G 242 16.76 16.75 34.40
C GLU G 242 16.23 16.02 33.15
N SER G 243 16.40 14.70 33.08
CA SER G 243 15.97 13.91 31.90
C SER G 243 14.62 13.21 32.03
N VAL G 244 13.98 13.27 33.19
CA VAL G 244 12.73 12.56 33.36
C VAL G 244 11.52 13.45 33.04
N PRO G 245 10.73 13.08 32.00
CA PRO G 245 9.57 13.91 31.63
C PRO G 245 8.39 13.81 32.59
N PHE G 246 7.86 14.97 33.00
CA PHE G 246 6.68 15.07 33.86
C PHE G 246 5.66 16.01 33.27
N ILE G 247 4.40 15.56 33.22
CA ILE G 247 3.28 16.39 32.81
C ILE G 247 2.67 16.76 34.15
N ILE G 248 2.57 18.05 34.46
CA ILE G 248 2.06 18.50 35.74
C ILE G 248 0.84 19.32 35.55
N LEU G 249 -0.24 18.93 36.23
CA LEU G 249 -1.49 19.64 36.12
C LEU G 249 -1.78 20.47 37.40
N LEU G 250 -2.22 21.70 37.22
CA LEU G 250 -2.60 22.54 38.35
C LEU G 250 -4.05 23.00 38.11
N GLY G 251 -4.95 22.65 39.03
CA GLY G 251 -6.35 22.98 38.89
C GLY G 251 -6.75 24.19 39.70
N LEU G 252 -8.04 24.31 39.94
CA LEU G 252 -8.58 25.45 40.67
C LEU G 252 -9.31 25.02 41.91
N ASP G 253 -9.11 23.78 42.34
CA ASP G 253 -9.79 23.33 43.55
C ASP G 253 -8.93 23.62 44.77
N GLU G 254 -9.44 23.20 45.92
CA GLU G 254 -8.83 23.42 47.19
C GLU G 254 -7.45 22.81 47.32
N THR G 255 -7.14 21.80 46.51
CA THR G 255 -5.85 21.10 46.58
C THR G 255 -4.76 21.72 45.70
N ARG G 256 -5.05 22.82 45.02
CA ARG G 256 -4.04 23.44 44.20
C ARG G 256 -2.69 23.66 44.91
N PRO G 257 -2.68 24.03 46.21
CA PRO G 257 -1.35 24.19 46.86
C PRO G 257 -0.45 22.95 46.76
N LEU G 258 -1.05 21.77 46.76
CA LEU G 258 -0.27 20.55 46.61
C LEU G 258 0.42 20.52 45.26
N GLU G 259 -0.30 20.90 44.22
CA GLU G 259 0.20 20.92 42.84
C GLU G 259 1.27 22.00 42.69
N GLU G 260 1.03 23.15 43.30
CA GLU G 260 1.99 24.25 43.31
C GLU G 260 3.32 23.83 43.97
N ARG G 261 3.22 23.15 45.10
CA ARG G 261 4.40 22.70 45.83
C ARG G 261 5.21 21.71 44.97
N ALA G 262 4.49 20.79 44.32
CA ALA G 262 5.11 19.80 43.45
C ALA G 262 5.78 20.45 42.28
N LEU G 263 5.10 21.42 41.68
CA LEU G 263 5.69 22.13 40.54
C LEU G 263 6.96 22.89 40.93
N THR G 264 6.93 23.57 42.07
CA THR G 264 8.06 24.36 42.56
C THR G 264 9.30 23.50 42.69
N PHE G 265 9.15 22.32 43.28
CA PHE G 265 10.26 21.36 43.42
C PHE G 265 10.74 20.79 42.08
N SER G 266 9.78 20.41 41.23
CA SER G 266 10.10 19.84 39.94
C SER G 266 10.86 20.83 39.03
N LYS G 267 10.51 22.12 39.08
CA LYS G 267 11.26 23.10 38.27
C LYS G 267 12.73 23.24 38.70
N LYS G 268 12.98 22.98 39.96
CA LYS G 268 14.30 23.10 40.52
C LYS G 268 15.17 21.89 40.20
N TYR G 269 14.62 20.68 40.33
CA TYR G 269 15.39 19.45 40.10
C TYR G 269 15.09 18.71 38.80
N GLY G 270 14.04 19.10 38.10
CA GLY G 270 13.70 18.48 36.83
C GLY G 270 13.92 19.53 35.79
N LYS G 271 13.60 19.23 34.55
CA LYS G 271 13.74 20.15 33.41
C LYS G 271 12.72 19.86 32.30
N LYS G 272 12.46 18.57 32.01
CA LYS G 272 11.52 18.18 30.97
C LYS G 272 10.12 18.20 31.54
N LEU G 273 9.62 19.39 31.84
CA LEU G 273 8.31 19.57 32.44
C LEU G 273 7.32 20.13 31.44
N THR G 274 6.12 19.58 31.45
CA THR G 274 5.03 20.05 30.61
C THR G 274 3.99 20.44 31.62
N VAL G 275 3.74 21.73 31.73
CA VAL G 275 2.81 22.23 32.72
C VAL G 275 1.50 22.73 32.10
N LEU G 276 0.38 22.22 32.60
CA LEU G 276 -0.94 22.69 32.22
C LEU G 276 -1.56 23.28 33.45
N ASP G 277 -1.74 24.60 33.42
CA ASP G 277 -2.29 25.28 34.58
C ASP G 277 -3.63 25.91 34.21
N ALA G 278 -4.67 25.43 34.90
CA ALA G 278 -6.05 25.90 34.70
C ALA G 278 -6.19 27.40 34.97
N ALA G 279 -5.34 27.93 35.84
CA ALA G 279 -5.35 29.35 36.14
C ALA G 279 -5.01 30.20 34.91
N SER G 280 -4.44 29.58 33.88
CA SER G 280 -4.12 30.29 32.63
C SER G 280 -5.34 30.31 31.67
N TYR G 281 -6.42 29.61 32.01
CA TYR G 281 -7.60 29.60 31.16
C TYR G 281 -8.63 30.63 31.70
N ASP G 282 -9.67 30.89 30.92
CA ASP G 282 -10.66 31.91 31.25
C ASP G 282 -11.95 31.37 31.89
N PHE G 283 -12.00 31.42 33.20
CA PHE G 283 -13.16 30.95 33.97
C PHE G 283 -13.98 32.10 34.49
N THR G 284 -13.84 33.28 33.86
CA THR G 284 -14.57 34.42 34.39
C THR G 284 -16.09 34.29 34.29
N ALA G 285 -16.60 33.46 33.37
CA ALA G 285 -18.06 33.25 33.23
C ALA G 285 -18.54 32.09 34.14
N ILE G 286 -17.63 31.47 34.86
CA ILE G 286 -17.98 30.36 35.74
C ILE G 286 -18.04 30.82 37.18
N ASP G 287 -19.05 30.37 37.90
CA ASP G 287 -19.21 30.75 39.30
C ASP G 287 -18.10 30.13 40.18
N ASP G 288 -17.55 30.94 41.09
CA ASP G 288 -16.50 30.51 42.00
C ASP G 288 -16.86 29.28 42.76
N SER G 289 -18.16 29.10 43.03
CA SER G 289 -18.65 27.93 43.77
C SER G 289 -18.42 26.59 43.06
N VAL G 290 -18.19 26.61 41.75
CA VAL G 290 -17.96 25.38 41.00
C VAL G 290 -16.74 25.37 40.10
N LYS G 291 -15.97 26.48 40.01
CA LYS G 291 -14.84 26.48 39.06
C LYS G 291 -13.80 25.37 39.38
N GLY G 292 -13.60 25.03 40.64
CA GLY G 292 -12.65 23.97 40.99
C GLY G 292 -13.12 22.61 40.51
N TYR G 293 -14.42 22.43 40.46
CA TYR G 293 -15.00 21.20 40.01
C TYR G 293 -14.99 21.08 38.49
N LEU G 294 -15.03 22.22 37.77
CA LEU G 294 -15.03 22.24 36.29
C LEU G 294 -13.64 22.30 35.63
N ALA G 295 -12.66 22.79 36.35
CA ALA G 295 -11.30 22.89 35.83
C ALA G 295 -10.73 21.57 35.27
N PRO G 296 -10.94 20.43 35.94
CA PRO G 296 -10.44 19.18 35.38
C PRO G 296 -10.96 18.87 33.97
N LEU G 297 -12.21 19.23 33.70
CA LEU G 297 -12.83 19.01 32.38
C LEU G 297 -12.03 19.78 31.31
N VAL G 298 -11.63 21.00 31.63
CA VAL G 298 -10.87 21.80 30.70
C VAL G 298 -9.47 21.23 30.54
N LEU G 299 -8.82 20.86 31.64
CA LEU G 299 -7.48 20.26 31.58
C LEU G 299 -7.47 18.99 30.71
N ASN G 300 -8.48 18.16 30.90
CA ASN G 300 -8.62 16.97 30.12
C ASN G 300 -8.81 17.23 28.62
N ARG G 301 -9.63 18.22 28.30
CA ARG G 301 -9.84 18.56 26.89
C ARG G 301 -8.53 19.05 26.25
N VAL G 302 -7.77 19.89 26.95
CA VAL G 302 -6.51 20.40 26.44
C VAL G 302 -5.57 19.23 26.20
N LEU G 303 -5.49 18.31 27.16
CA LEU G 303 -4.63 17.14 27.04
C LEU G 303 -4.94 16.28 25.82
N ARG G 304 -6.20 16.24 25.42
CA ARG G 304 -6.50 15.47 24.22
C ARG G 304 -5.81 16.05 22.99
N SER G 305 -5.66 17.39 22.90
CA SER G 305 -4.98 18.01 21.76
C SER G 305 -3.49 17.69 21.80
N TYR G 306 -2.93 17.50 23.01
CA TYR G 306 -1.54 17.11 23.17
C TYR G 306 -1.36 15.70 22.65
N ALA G 307 -2.30 14.85 23.01
CA ALA G 307 -2.34 13.45 22.58
C ALA G 307 -2.36 13.32 21.08
N ASP G 308 -3.23 14.09 20.44
CA ASP G 308 -3.34 14.08 18.99
C ASP G 308 -2.04 14.43 18.32
N GLU G 309 -1.38 15.48 18.80
CA GLU G 309 -0.10 15.88 18.23
C GLU G 309 0.97 14.84 18.46
N LEU G 310 0.98 14.25 19.65
CA LEU G 310 1.97 13.22 19.99
C LEU G 310 1.81 12.02 19.04
N ALA G 311 0.56 11.58 18.87
CA ALA G 311 0.24 10.41 18.00
C ALA G 311 0.70 10.62 16.56
N GLU G 312 0.48 11.83 16.06
CA GLU G 312 0.91 12.18 14.74
C GLU G 312 2.44 12.14 14.66
N GLU G 313 3.10 12.81 15.61
CA GLU G 313 4.56 12.88 15.61
C GLU G 313 5.24 11.50 15.73
N ARG G 314 4.62 10.60 16.47
CA ARG G 314 5.16 9.23 16.68
C ARG G 314 4.71 8.19 15.66
N ASN G 315 3.81 8.60 14.74
CA ASN G 315 3.25 7.73 13.69
C ASN G 315 2.61 6.56 14.35
N HIS G 316 1.87 6.86 15.43
CA HIS G 316 1.23 5.85 16.23
C HIS G 316 -0.20 6.32 16.49
N PRO G 317 -1.13 5.95 15.60
CA PRO G 317 -2.49 6.40 15.82
C PRO G 317 -3.05 5.99 17.16
N LEU G 318 -3.84 6.90 17.74
CA LEU G 318 -4.45 6.64 19.05
C LEU G 318 -5.37 5.44 19.02
N SER G 319 -5.87 5.08 17.85
CA SER G 319 -6.77 3.93 17.71
C SER G 319 -6.02 2.58 17.62
N HIS G 320 -4.69 2.61 17.53
CA HIS G 320 -3.91 1.39 17.40
C HIS G 320 -3.88 0.58 18.70
N ARG G 321 -3.98 -0.73 18.56
CA ARG G 321 -3.95 -1.66 19.69
C ARG G 321 -3.30 -2.92 19.22
N ARG G 322 -2.70 -3.67 20.14
CA ARG G 322 -2.17 -4.98 19.82
C ARG G 322 -2.96 -6.06 20.57
N TYR G 323 -3.66 -5.69 21.67
CA TYR G 323 -4.43 -6.68 22.46
C TYR G 323 -5.91 -6.34 22.51
N MSE G 324 -6.25 -5.07 22.83
CA MSE G 324 -7.63 -4.65 22.91
C MSE G 324 -8.32 -4.80 21.57
O MSE G 324 -7.84 -4.32 20.53
CB MSE G 324 -7.78 -3.21 23.38
CG MSE G 324 -9.21 -2.87 23.73
SE MSE G 324 -9.35 -1.10 24.30
CE MSE G 324 -8.36 -1.27 25.91
N TRP G 325 -9.45 -5.52 21.65
CA TRP G 325 -10.28 -5.85 20.51
C TRP G 325 -9.59 -6.81 19.54
N LYS G 326 -8.41 -7.35 19.85
CA LYS G 326 -7.70 -8.20 18.91
C LYS G 326 -7.45 -9.62 19.40
N VAL G 327 -7.24 -9.83 20.73
CA VAL G 327 -6.97 -11.17 21.32
C VAL G 327 -7.95 -11.41 22.46
N GLU G 328 -7.99 -12.64 22.96
CA GLU G 328 -8.91 -13.01 24.05
C GLU G 328 -8.18 -12.78 25.38
N TYR G 329 -8.93 -12.32 26.40
CA TYR G 329 -8.32 -12.03 27.71
C TYR G 329 -9.32 -11.97 28.89
N SER H 3 -10.49 -12.30 75.67
CA SER H 3 -9.70 -12.24 76.96
C SER H 3 -8.21 -12.49 76.69
N GLN H 4 -7.89 -13.63 76.08
CA GLN H 4 -6.51 -13.98 75.75
C GLN H 4 -6.03 -13.25 74.48
N ALA H 5 -6.97 -12.83 73.62
CA ALA H 5 -6.66 -12.08 72.41
C ALA H 5 -6.41 -10.66 72.85
N THR H 6 -7.40 -10.11 73.55
CA THR H 6 -7.29 -8.75 74.11
C THR H 6 -5.97 -8.60 74.94
N ALA H 7 -5.47 -9.68 75.53
CA ALA H 7 -4.22 -9.67 76.29
C ALA H 7 -3.00 -9.40 75.39
N LYS H 8 -3.12 -9.72 74.11
CA LYS H 8 -2.03 -9.53 73.13
C LYS H 8 -2.06 -8.13 72.49
N VAL H 9 -3.12 -7.37 72.76
CA VAL H 9 -3.28 -6.05 72.22
C VAL H 9 -2.39 -5.00 72.90
N ASN H 10 -1.78 -4.15 72.08
CA ASN H 10 -0.97 -3.04 72.54
C ASN H 10 -1.76 -2.30 73.65
N ARG H 11 -1.12 -2.06 74.80
CA ARG H 11 -1.84 -1.43 75.93
C ARG H 11 -2.45 -0.08 75.59
N GLU H 12 -1.78 0.70 74.76
CA GLU H 12 -2.31 2.00 74.40
C GLU H 12 -3.57 1.82 73.53
N VAL H 13 -3.55 0.82 72.64
CA VAL H 13 -4.70 0.51 71.81
C VAL H 13 -5.85 0.01 72.71
N GLN H 14 -5.54 -0.81 73.69
CA GLN H 14 -6.58 -1.26 74.62
C GLN H 14 -7.27 -0.07 75.32
N ALA H 15 -6.50 0.89 75.79
CA ALA H 15 -7.07 2.07 76.47
C ALA H 15 -7.99 2.83 75.53
N PHE H 16 -7.53 2.95 74.29
CA PHE H 16 -8.32 3.60 73.25
C PHE H 16 -9.66 2.89 73.03
N LEU H 17 -9.61 1.56 72.93
CA LEU H 17 -10.80 0.74 72.70
C LEU H 17 -11.76 0.81 73.87
N GLN H 18 -11.21 0.88 75.07
CA GLN H 18 -12.01 1.02 76.26
C GLN H 18 -12.76 2.35 76.23
N ASP H 19 -12.05 3.41 75.90
CA ASP H 19 -12.67 4.74 75.82
C ASP H 19 -13.68 4.86 74.68
N LEU H 20 -13.44 4.11 73.61
CA LEU H 20 -14.30 4.13 72.41
C LEU H 20 -15.69 3.59 72.66
N LYS H 21 -15.82 2.66 73.59
CA LYS H 21 -17.10 2.08 73.89
C LYS H 21 -18.17 3.15 74.20
N GLY H 22 -19.29 3.04 73.50
CA GLY H 22 -20.43 3.94 73.67
C GLY H 22 -20.38 5.20 72.84
N LYS H 23 -19.26 5.44 72.16
CA LYS H 23 -19.15 6.62 71.33
C LYS H 23 -19.87 6.48 69.99
N THR H 24 -20.27 7.63 69.45
CA THR H 24 -20.99 7.76 68.19
C THR H 24 -19.99 8.13 67.12
N ILE H 25 -19.60 7.13 66.32
CA ILE H 25 -18.65 7.30 65.22
C ILE H 25 -19.36 6.83 63.97
N ASP H 26 -19.44 7.68 62.94
CA ASP H 26 -20.05 7.27 61.68
C ASP H 26 -19.10 7.32 60.49
N HIS H 27 -17.85 7.69 60.70
CA HIS H 27 -16.93 7.80 59.58
C HIS H 27 -15.53 7.60 60.08
N VAL H 28 -14.73 6.85 59.33
N VAL H 28 -14.73 6.82 59.36
CA VAL H 28 -13.34 6.63 59.68
CA VAL H 28 -13.31 6.66 59.71
C VAL H 28 -12.47 7.17 58.53
C VAL H 28 -12.49 7.20 58.54
N PHE H 29 -11.43 7.92 58.85
CA PHE H 29 -10.53 8.49 57.84
C PHE H 29 -9.13 7.93 58.07
N PHE H 30 -8.54 7.29 57.04
CA PHE H 30 -7.19 6.74 57.11
C PHE H 30 -6.29 7.77 56.47
N VAL H 31 -5.48 8.46 57.28
CA VAL H 31 -4.70 9.61 56.82
C VAL H 31 -3.23 9.50 57.14
N ALA H 32 -2.40 9.51 56.11
CA ALA H 32 -0.96 9.37 56.25
C ALA H 32 -0.35 9.72 54.90
N CYS H 33 0.97 9.58 54.82
CA CYS H 33 1.72 9.88 53.59
C CYS H 33 2.59 8.71 53.13
N GLY H 34 2.67 8.55 51.79
CA GLY H 34 3.50 7.57 51.16
C GLY H 34 3.34 6.16 51.70
N GLY H 35 4.45 5.58 52.13
CA GLY H 35 4.48 4.24 52.69
C GLY H 35 3.54 4.01 53.87
N SER H 36 3.38 5.04 54.68
CA SER H 36 2.46 4.98 55.81
C SER H 36 1.00 5.04 55.37
N SER H 37 0.71 5.63 54.21
CA SER H 37 -0.63 5.64 53.65
C SER H 37 -0.87 4.26 53.05
N ALA H 38 0.15 3.72 52.40
CA ALA H 38 0.05 2.43 51.72
C ALA H 38 -0.36 1.30 52.66
N ILE H 39 0.17 1.31 53.88
CA ILE H 39 -0.15 0.29 54.85
C ILE H 39 -1.62 0.29 55.27
N MSE H 40 -2.35 1.35 54.96
CA MSE H 40 -3.77 1.47 55.37
C MSE H 40 -4.73 0.97 54.33
O MSE H 40 -5.94 0.89 54.59
CB MSE H 40 -4.06 2.92 55.77
CG MSE H 40 -3.38 3.36 57.11
SE MSE H 40 -3.67 5.22 57.23
CE MSE H 40 -2.51 5.60 58.66
N TYR H 41 -4.22 0.60 53.14
CA TYR H 41 -5.11 0.11 52.06
C TYR H 41 -5.86 -1.17 52.46
N PRO H 42 -5.20 -2.12 53.13
CA PRO H 42 -5.88 -3.34 53.59
C PRO H 42 -6.97 -3.02 54.62
N SER H 43 -6.73 -2.03 55.46
CA SER H 43 -7.73 -1.61 56.46
C SER H 43 -8.98 -0.99 55.82
N LYS H 44 -8.82 -0.25 54.72
CA LYS H 44 -9.98 0.27 53.96
C LYS H 44 -10.74 -0.95 53.36
N TYR H 45 -10.00 -1.96 52.87
CA TYR H 45 -10.63 -3.16 52.33
C TYR H 45 -11.44 -3.88 53.45
N VAL H 46 -10.86 -3.99 54.64
CA VAL H 46 -11.54 -4.61 55.79
C VAL H 46 -12.83 -3.86 56.13
N PHE H 47 -12.75 -2.55 56.23
CA PHE H 47 -13.96 -1.75 56.50
C PHE H 47 -15.02 -1.95 55.44
N ASP H 48 -14.60 -1.97 54.16
CA ASP H 48 -15.56 -2.17 53.06
C ASP H 48 -16.27 -3.51 53.14
N ARG H 49 -15.58 -4.54 53.58
CA ARG H 49 -16.16 -5.87 53.72
C ARG H 49 -16.85 -6.12 55.06
N GLU H 50 -16.49 -5.38 56.10
CA GLU H 50 -16.99 -5.64 57.46
C GLU H 50 -17.91 -4.61 58.09
N SER H 51 -17.74 -3.34 57.76
CA SER H 51 -18.51 -2.32 58.44
C SER H 51 -19.88 -2.08 57.83
N LYS H 52 -20.92 -2.27 58.61
CA LYS H 52 -22.26 -1.98 58.10
C LYS H 52 -22.68 -0.55 58.38
N SER H 53 -22.06 0.12 59.35
CA SER H 53 -22.48 1.48 59.74
C SER H 53 -21.45 2.62 59.69
N ILE H 54 -20.21 2.32 59.37
CA ILE H 54 -19.19 3.34 59.38
C ILE H 54 -18.60 3.53 57.98
N ASN H 55 -18.66 4.76 57.52
CA ASN H 55 -18.12 5.18 56.23
C ASN H 55 -16.61 5.25 56.37
N SER H 56 -15.85 4.77 55.39
CA SER H 56 -14.40 4.79 55.46
C SER H 56 -13.87 5.48 54.24
N ASP H 57 -12.89 6.36 54.44
CA ASP H 57 -12.21 7.03 53.34
C ASP H 57 -10.72 7.01 53.63
N LEU H 58 -9.89 7.10 52.59
CA LEU H 58 -8.45 7.06 52.75
C LEU H 58 -7.85 8.14 51.89
N TYR H 59 -6.98 8.98 52.45
CA TYR H 59 -6.37 10.07 51.71
C TYR H 59 -4.94 10.28 52.17
N SER H 60 -4.11 10.83 51.28
CA SER H 60 -2.80 11.27 51.61
C SER H 60 -3.06 12.44 52.55
N ALA H 61 -2.18 12.71 53.51
CA ALA H 61 -2.39 13.74 54.51
C ALA H 61 -2.71 15.17 54.00
N ASN H 62 -1.95 15.69 53.03
CA ASN H 62 -2.25 17.01 52.58
C ASN H 62 -3.55 17.05 51.74
N GLU H 63 -3.85 15.96 51.04
CA GLU H 63 -5.11 15.86 50.28
C GLU H 63 -6.28 15.92 51.26
N PHE H 64 -6.17 15.17 52.35
CA PHE H 64 -7.20 15.19 53.42
C PHE H 64 -7.48 16.62 53.93
N ILE H 65 -6.43 17.36 54.24
CA ILE H 65 -6.59 18.70 54.77
C ILE H 65 -7.23 19.62 53.76
N GLN H 66 -6.74 19.62 52.53
CA GLN H 66 -7.24 20.55 51.50
C GLN H 66 -8.60 20.14 50.95
N ARG H 67 -8.80 18.83 50.74
CA ARG H 67 -10.09 18.36 50.28
C ARG H 67 -11.15 18.66 51.31
N ASN H 68 -10.74 18.67 52.58
CA ASN H 68 -11.61 19.04 53.71
C ASN H 68 -12.99 18.40 53.63
N PRO H 69 -13.07 17.07 53.78
CA PRO H 69 -14.35 16.41 53.65
C PRO H 69 -15.42 17.03 54.55
N VAL H 70 -16.57 17.32 53.96
CA VAL H 70 -17.68 17.98 54.68
C VAL H 70 -18.18 17.08 55.81
N GLN H 71 -18.00 15.77 55.70
CA GLN H 71 -18.40 14.85 56.74
C GLN H 71 -17.42 14.68 57.91
N LEU H 72 -16.27 15.36 57.86
CA LEU H 72 -15.27 15.28 58.93
C LEU H 72 -15.74 16.12 60.07
N GLY H 73 -15.85 15.52 61.28
CA GLY H 73 -16.30 16.27 62.44
C GLY H 73 -16.33 15.47 63.73
N GLU H 74 -17.30 15.80 64.59
CA GLU H 74 -17.43 15.15 65.91
C GLU H 74 -17.78 13.66 65.93
N LYS H 75 -18.29 13.13 64.83
CA LYS H 75 -18.61 11.71 64.72
C LYS H 75 -17.57 10.97 63.86
N SER H 76 -16.41 11.58 63.66
CA SER H 76 -15.36 10.99 62.87
C SER H 76 -14.24 10.44 63.75
N LEU H 77 -13.60 9.38 63.26
CA LEU H 77 -12.42 8.79 63.85
C LEU H 77 -11.37 8.95 62.77
N VAL H 78 -10.21 9.48 63.10
CA VAL H 78 -9.15 9.66 62.12
C VAL H 78 -7.93 8.88 62.62
N ILE H 79 -7.41 7.98 61.79
CA ILE H 79 -6.30 7.11 62.12
C ILE H 79 -5.13 7.57 61.30
N LEU H 80 -4.07 8.00 61.99
CA LEU H 80 -2.88 8.55 61.33
C LEU H 80 -1.65 7.72 61.61
N CYS H 81 -0.66 7.79 60.72
CA CYS H 81 0.55 7.07 60.89
C CYS H 81 1.76 7.80 60.28
N SER H 82 2.87 7.83 61.03
CA SER H 82 4.12 8.42 60.60
C SER H 82 5.19 7.70 61.38
N HIS H 83 6.17 7.15 60.70
CA HIS H 83 7.21 6.40 61.36
C HIS H 83 8.02 7.27 62.36
N SER H 84 8.58 8.36 61.85
CA SER H 84 9.35 9.27 62.67
C SER H 84 8.43 10.10 63.57
N GLY H 85 7.20 10.32 63.12
CA GLY H 85 6.24 11.15 63.83
C GLY H 85 6.47 12.62 63.52
N ASN H 86 7.35 12.90 62.56
CA ASN H 86 7.69 14.26 62.16
C ASN H 86 7.09 14.72 60.85
N THR H 87 6.58 13.79 60.02
CA THR H 87 6.03 14.09 58.69
C THR H 87 5.08 15.27 58.84
N PRO H 88 5.48 16.43 58.34
CA PRO H 88 4.71 17.61 58.64
C PRO H 88 3.25 17.57 58.24
N GLU H 89 2.95 17.01 57.06
CA GLU H 89 1.58 16.96 56.59
C GLU H 89 0.69 16.10 57.49
N THR H 90 1.24 15.01 57.98
CA THR H 90 0.51 14.13 58.86
C THR H 90 0.27 14.78 60.23
N VAL H 91 1.28 15.49 60.75
CA VAL H 91 1.17 16.19 62.01
C VAL H 91 0.08 17.25 61.90
N LYS H 92 0.11 18.01 60.82
CA LYS H 92 -0.90 19.03 60.55
C LYS H 92 -2.30 18.40 60.40
N ALA H 93 -2.38 17.23 59.74
CA ALA H 93 -3.63 16.53 59.52
C ALA H 93 -4.24 16.13 60.88
N ALA H 94 -3.39 15.72 61.84
CA ALA H 94 -3.87 15.32 63.17
C ALA H 94 -4.45 16.54 63.89
N ALA H 95 -3.74 17.66 63.83
CA ALA H 95 -4.20 18.93 64.42
C ALA H 95 -5.49 19.41 63.76
N PHE H 96 -5.56 19.32 62.43
CA PHE H 96 -6.73 19.70 61.66
C PHE H 96 -7.97 18.88 62.06
N ALA H 97 -7.82 17.56 62.07
CA ALA H 97 -8.92 16.70 62.46
C ALA H 97 -9.35 16.95 63.89
N ARG H 98 -8.39 17.06 64.79
CA ARG H 98 -8.72 17.23 66.21
C ARG H 98 -9.44 18.61 66.41
N GLY H 99 -9.03 19.63 65.67
CA GLY H 99 -9.68 20.97 65.72
C GLY H 99 -11.14 20.91 65.25
N LYS H 100 -11.47 19.95 64.40
CA LYS H 100 -12.83 19.75 63.90
C LYS H 100 -13.68 18.88 64.84
N GLY H 101 -13.13 18.46 65.97
CA GLY H 101 -13.86 17.62 66.92
C GLY H 101 -13.73 16.12 66.73
N ALA H 102 -12.90 15.71 65.76
CA ALA H 102 -12.69 14.31 65.49
C ALA H 102 -11.89 13.61 66.58
N LEU H 103 -12.15 12.30 66.75
CA LEU H 103 -11.38 11.44 67.63
C LEU H 103 -10.15 11.04 66.80
N THR H 104 -8.95 11.27 67.33
CA THR H 104 -7.74 10.99 66.61
C THR H 104 -6.85 9.98 67.34
N ILE H 105 -6.30 9.03 66.57
CA ILE H 105 -5.35 8.02 67.07
C ILE H 105 -4.22 7.98 66.06
N ALA H 106 -3.01 8.20 66.55
CA ALA H 106 -1.82 8.17 65.72
C ALA H 106 -0.95 6.99 66.11
N MSE H 107 -0.30 6.41 65.11
N MSE H 107 -0.30 6.43 65.09
CA MSE H 107 0.64 5.32 65.33
CA MSE H 107 0.60 5.32 65.21
C MSE H 107 1.98 5.79 64.78
C MSE H 107 1.98 5.83 64.78
O MSE H 107 2.05 6.44 63.74
O MSE H 107 2.09 6.56 63.80
CB MSE H 107 0.14 4.00 64.74
CB MSE H 107 0.08 4.20 64.31
CG MSE H 107 -0.66 4.13 63.48
CG MSE H 107 0.60 2.83 64.61
SE MSE H 107 -1.33 2.44 62.83
SE MSE H 107 -0.16 1.40 63.52
CE MSE H 107 0.38 1.62 62.22
CE MSE H 107 -1.88 1.74 63.93
N THR H 108 3.02 5.52 65.55
CA THR H 108 4.36 5.94 65.22
C THR H 108 5.40 5.04 65.88
N PHE H 109 6.65 5.20 65.44
CA PHE H 109 7.75 4.48 66.04
C PHE H 109 8.34 5.39 67.13
N LYS H 110 7.98 6.68 67.13
CA LYS H 110 8.52 7.64 68.11
C LYS H 110 7.45 8.38 68.95
N PRO H 111 7.23 7.90 70.19
CA PRO H 111 6.22 8.50 71.06
C PRO H 111 6.44 9.95 71.56
N GLU H 112 7.63 10.55 71.44
CA GLU H 112 7.82 11.96 71.86
C GLU H 112 7.78 12.89 70.64
N SER H 113 7.28 12.37 69.52
CA SER H 113 7.22 13.13 68.26
C SER H 113 6.08 14.13 68.19
N PRO H 114 6.19 15.13 67.28
CA PRO H 114 5.13 16.11 67.08
C PRO H 114 3.76 15.46 66.76
N LEU H 115 3.75 14.36 66.00
CA LEU H 115 2.46 13.69 65.69
C LEU H 115 1.85 13.21 66.99
N ALA H 116 2.67 12.58 67.83
CA ALA H 116 2.18 12.08 69.14
C ALA H 116 1.61 13.22 69.96
N GLN H 117 2.23 14.38 69.88
CA GLN H 117 1.76 15.54 70.62
C GLN H 117 0.40 16.01 70.14
N GLU H 118 0.16 15.99 68.82
CA GLU H 118 -1.11 16.49 68.29
C GLU H 118 -2.29 15.51 68.43
N ALA H 119 -2.02 14.21 68.32
CA ALA H 119 -3.05 13.19 68.40
C ALA H 119 -3.56 12.97 69.80
N GLN H 120 -4.83 12.63 69.92
CA GLN H 120 -5.40 12.38 71.25
C GLN H 120 -4.94 11.08 71.82
N TYR H 121 -4.88 10.05 70.97
CA TYR H 121 -4.39 8.71 71.36
C TYR H 121 -3.17 8.41 70.51
N VAL H 122 -2.21 7.73 71.12
CA VAL H 122 -0.96 7.36 70.43
C VAL H 122 -0.59 5.91 70.70
N ALA H 123 -0.32 5.16 69.66
CA ALA H 123 0.06 3.77 69.75
C ALA H 123 1.45 3.60 69.12
N GLN H 124 2.41 3.03 69.84
CA GLN H 124 3.74 2.81 69.23
C GLN H 124 3.76 1.41 68.66
N TYR H 125 4.46 1.22 67.56
CA TYR H 125 4.63 -0.10 66.97
C TYR H 125 6.12 -0.43 66.99
N ASP H 126 6.42 -1.72 66.85
CA ASP H 126 7.81 -2.22 66.83
C ASP H 126 8.29 -2.24 65.41
N TRP H 127 9.58 -2.12 65.26
CA TRP H 127 10.19 -2.07 63.96
C TRP H 127 11.60 -2.62 64.02
N GLY H 128 12.04 -3.26 62.96
CA GLY H 128 13.39 -3.84 62.93
C GLY H 128 13.37 -5.35 62.88
N ASP H 129 14.56 -5.94 62.83
CA ASP H 129 14.75 -7.39 62.72
C ASP H 129 14.07 -8.22 63.80
N GLU H 130 13.96 -7.69 65.00
CA GLU H 130 13.30 -8.45 66.08
C GLU H 130 11.78 -8.24 66.20
N ALA H 131 11.22 -7.29 65.45
CA ALA H 131 9.79 -7.02 65.56
C ALA H 131 8.94 -8.23 65.12
N LEU H 132 7.92 -8.58 65.90
CA LEU H 132 7.02 -9.66 65.61
C LEU H 132 5.85 -9.06 64.83
N ALA H 133 5.32 -9.80 63.85
CA ALA H 133 4.22 -9.31 62.99
C ALA H 133 3.09 -8.58 63.74
N ILE H 134 2.61 -9.20 64.81
CA ILE H 134 1.51 -8.62 65.57
C ILE H 134 1.79 -7.21 66.11
N ASN H 135 3.07 -6.90 66.34
CA ASN H 135 3.51 -5.62 66.91
C ASN H 135 4.02 -4.59 65.92
N THR H 136 4.06 -4.95 64.64
CA THR H 136 4.50 -4.07 63.58
C THR H 136 3.43 -3.04 63.26
N ASN H 137 3.80 -2.10 62.41
CA ASN H 137 2.88 -1.08 61.95
C ASN H 137 1.58 -1.72 61.41
N TYR H 138 1.71 -2.71 60.54
CA TYR H 138 0.52 -3.41 60.04
C TYR H 138 -0.27 -4.11 61.15
N GLY H 139 0.42 -4.68 62.12
CA GLY H 139 -0.21 -5.40 63.24
C GLY H 139 -0.99 -4.48 64.15
N VAL H 140 -0.34 -3.40 64.56
CA VAL H 140 -0.98 -2.42 65.43
C VAL H 140 -2.18 -1.80 64.74
N LEU H 141 -2.05 -1.48 63.46
CA LEU H 141 -3.14 -0.90 62.71
C LEU H 141 -4.34 -1.84 62.69
N TYR H 142 -4.12 -3.14 62.47
CA TYR H 142 -5.22 -4.09 62.52
C TYR H 142 -5.84 -4.23 63.92
N GLN H 143 -5.04 -4.08 64.97
CA GLN H 143 -5.56 -4.12 66.33
C GLN H 143 -6.58 -2.99 66.50
N ILE H 144 -6.21 -1.82 66.00
CA ILE H 144 -7.07 -0.67 66.05
C ILE H 144 -8.33 -0.85 65.22
N VAL H 145 -8.15 -1.34 63.99
CA VAL H 145 -9.22 -1.53 63.00
C VAL H 145 -10.22 -2.60 63.41
N PHE H 146 -9.76 -3.81 63.69
CA PHE H 146 -10.70 -4.85 64.12
C PHE H 146 -11.29 -4.53 65.50
N GLY H 147 -10.50 -3.88 66.35
CA GLY H 147 -10.97 -3.50 67.68
C GLY H 147 -12.10 -2.50 67.54
N THR H 148 -11.93 -1.50 66.64
CA THR H 148 -12.95 -0.47 66.39
C THR H 148 -14.27 -1.09 65.94
N LEU H 149 -14.16 -2.03 65.01
CA LEU H 149 -15.32 -2.73 64.49
C LEU H 149 -15.97 -3.60 65.57
N GLN H 150 -15.19 -4.24 66.44
CA GLN H 150 -15.76 -5.04 67.54
C GLN H 150 -16.48 -4.13 68.53
N VAL H 151 -15.82 -3.06 68.98
CA VAL H 151 -16.41 -2.15 69.97
C VAL H 151 -17.67 -1.41 69.47
N LEU H 152 -17.59 -0.88 68.27
CA LEU H 152 -18.67 -0.09 67.72
C LEU H 152 -19.78 -0.89 67.01
N GLU H 153 -19.45 -2.06 66.46
CA GLU H 153 -20.44 -2.83 65.72
C GLU H 153 -20.58 -4.28 66.13
N ASN H 154 -19.96 -4.69 67.24
CA ASN H 154 -20.01 -6.07 67.67
C ASN H 154 -19.52 -7.01 66.60
N ASN H 155 -18.57 -6.55 65.81
CA ASN H 155 -17.97 -7.35 64.74
C ASN H 155 -17.34 -8.54 65.42
N THR H 156 -17.52 -9.73 64.83
CA THR H 156 -17.07 -10.98 65.42
C THR H 156 -15.69 -11.48 65.03
N LYS H 157 -14.97 -10.77 64.19
CA LYS H 157 -13.67 -11.28 63.73
C LYS H 157 -12.45 -10.92 64.56
N PHE H 158 -12.63 -10.08 65.57
CA PHE H 158 -11.51 -9.60 66.37
C PHE H 158 -10.57 -10.68 66.93
N GLU H 159 -11.11 -11.72 67.57
CA GLU H 159 -10.25 -12.77 68.12
C GLU H 159 -9.47 -13.50 67.03
N GLN H 160 -10.11 -13.82 65.89
CA GLN H 160 -9.38 -14.54 64.84
C GLN H 160 -8.33 -13.61 64.18
N ALA H 161 -8.62 -12.31 64.14
CA ALA H 161 -7.68 -11.32 63.60
C ALA H 161 -6.43 -11.26 64.46
N ILE H 162 -6.63 -11.16 65.77
CA ILE H 162 -5.53 -11.09 66.73
C ILE H 162 -4.75 -12.40 66.79
N GLU H 163 -5.45 -13.51 66.85
CA GLU H 163 -4.80 -14.81 66.88
C GLU H 163 -4.05 -15.01 65.56
N GLY H 164 -4.61 -14.53 64.46
CA GLY H 164 -3.99 -14.62 63.13
C GLY H 164 -2.68 -13.85 63.08
N LEU H 165 -2.70 -12.64 63.61
CA LEU H 165 -1.49 -11.81 63.69
C LEU H 165 -0.43 -12.50 64.55
N ASP H 166 -0.87 -13.13 65.63
CA ASP H 166 0.09 -13.81 66.50
C ASP H 166 0.79 -14.94 65.76
N GLN H 167 0.01 -15.69 64.99
CA GLN H 167 0.52 -16.82 64.20
C GLN H 167 1.25 -16.39 62.93
N LEU H 168 1.07 -15.15 62.51
CA LEU H 168 1.61 -14.67 61.23
C LEU H 168 3.13 -14.57 61.20
N GLN H 169 3.78 -14.41 62.36
CA GLN H 169 5.24 -14.31 62.39
C GLN H 169 5.85 -15.63 61.87
N ALA H 170 5.27 -16.75 62.26
CA ALA H 170 5.77 -18.04 61.76
C ALA H 170 5.58 -18.16 60.26
N VAL H 171 4.50 -17.58 59.73
CA VAL H 171 4.26 -17.57 58.28
C VAL H 171 5.35 -16.72 57.60
N TYR H 172 5.64 -15.55 58.17
CA TYR H 172 6.70 -14.67 57.66
C TYR H 172 8.00 -15.42 57.49
N GLU H 173 8.41 -16.15 58.55
CA GLU H 173 9.70 -16.87 58.54
C GLU H 173 9.74 -17.97 57.49
N LYS H 174 8.67 -18.78 57.42
CA LYS H 174 8.59 -19.85 56.43
C LYS H 174 8.57 -19.29 55.03
N ALA H 175 7.78 -18.24 54.81
CA ALA H 175 7.66 -17.64 53.49
C ALA H 175 9.01 -17.07 53.06
N LEU H 176 9.72 -16.40 53.97
CA LEU H 176 11.03 -15.84 53.67
C LEU H 176 12.04 -16.91 53.25
N LYS H 177 12.04 -18.03 53.97
CA LYS H 177 12.96 -19.10 53.66
C LYS H 177 12.62 -19.69 52.33
N GLN H 178 11.33 -19.90 52.06
CA GLN H 178 10.98 -20.52 50.78
C GLN H 178 11.21 -19.60 49.58
N GLU H 179 11.26 -18.29 49.82
CA GLU H 179 11.44 -17.32 48.76
C GLU H 179 12.87 -16.77 48.60
N ALA H 180 13.79 -17.21 49.46
CA ALA H 180 15.18 -16.72 49.47
C ALA H 180 15.90 -16.79 48.11
N ASP H 181 15.81 -17.94 47.43
CA ASP H 181 16.44 -18.06 46.11
C ASP H 181 15.78 -17.19 45.09
N ASN H 182 14.44 -17.13 45.13
CA ASN H 182 13.71 -16.28 44.23
C ASN H 182 14.09 -14.80 44.38
N ALA H 183 14.31 -14.38 45.61
CA ALA H 183 14.73 -13.00 45.90
C ALA H 183 16.07 -12.73 45.20
N LYS H 184 17.01 -13.67 45.32
CA LYS H 184 18.33 -13.52 44.69
C LYS H 184 18.23 -13.44 43.17
N GLN H 185 17.39 -14.31 42.63
CA GLN H 185 17.16 -14.39 41.19
C GLN H 185 16.53 -13.08 40.67
N PHE H 186 15.58 -12.53 41.44
CA PHE H 186 14.96 -11.29 41.07
C PHE H 186 16.02 -10.20 40.98
N ALA H 187 16.90 -10.14 41.98
CA ALA H 187 17.96 -9.14 42.01
C ALA H 187 18.85 -9.26 40.77
N LYS H 188 19.29 -10.48 40.48
CA LYS H 188 20.16 -10.71 39.33
C LYS H 188 19.51 -10.34 38.02
N ALA H 189 18.24 -10.71 37.88
CA ALA H 189 17.49 -10.41 36.66
C ALA H 189 17.07 -8.97 36.49
N HIS H 190 17.05 -8.17 37.56
CA HIS H 190 16.62 -6.79 37.50
C HIS H 190 17.66 -5.74 37.79
N GLU H 191 18.92 -6.16 37.85
CA GLU H 191 20.05 -5.31 38.12
C GLU H 191 20.05 -4.04 37.27
N LYS H 192 19.78 -4.19 35.97
CA LYS H 192 19.83 -3.08 35.03
C LYS H 192 18.48 -2.68 34.40
N GLU H 193 17.37 -3.15 34.96
CA GLU H 193 16.06 -2.83 34.41
C GLU H 193 15.70 -1.40 34.86
N SER H 194 15.39 -0.53 33.91
CA SER H 194 15.06 0.85 34.23
C SER H 194 13.64 1.05 34.75
N ILE H 195 12.73 0.15 34.40
CA ILE H 195 11.33 0.21 34.84
C ILE H 195 10.84 -1.18 35.22
N ILE H 196 10.14 -1.24 36.35
CA ILE H 196 9.55 -2.47 36.85
C ILE H 196 8.14 -2.16 37.35
N TYR H 197 7.13 -2.77 36.74
CA TYR H 197 5.76 -2.53 37.14
C TYR H 197 5.38 -3.47 38.28
N THR H 198 4.38 -3.07 39.07
CA THR H 198 3.83 -3.97 40.09
C THR H 198 2.31 -4.02 39.78
N MSE H 199 1.66 -5.04 40.28
CA MSE H 199 0.25 -5.22 40.04
C MSE H 199 -0.39 -6.11 41.10
O MSE H 199 0.19 -7.11 41.50
CB MSE H 199 0.06 -5.85 38.65
CG MSE H 199 -1.41 -6.12 38.27
SE MSE H 199 -1.55 -6.16 36.27
CE MSE H 199 -0.51 -7.66 35.90
N ALA H 200 -1.59 -5.70 41.51
CA ALA H 200 -2.33 -6.37 42.54
C ALA H 200 -3.73 -5.77 42.60
N SER H 201 -4.61 -6.35 43.42
CA SER H 201 -5.97 -5.81 43.61
C SER H 201 -6.38 -6.01 45.08
N GLY H 202 -7.58 -5.55 45.40
CA GLY H 202 -8.15 -5.71 46.72
C GLY H 202 -7.25 -5.22 47.84
N ALA H 203 -7.13 -6.05 48.86
CA ALA H 203 -6.36 -5.75 50.04
C ALA H 203 -4.86 -5.77 49.80
N ASN H 204 -4.43 -6.20 48.61
CA ASN H 204 -3.02 -6.30 48.27
C ASN H 204 -2.51 -5.13 47.46
N TYR H 205 -3.40 -4.24 47.05
CA TYR H 205 -3.03 -3.14 46.19
C TYR H 205 -2.03 -2.18 46.84
N GLY H 206 -2.23 -1.88 48.13
CA GLY H 206 -1.29 -1.00 48.88
C GLY H 206 0.13 -1.56 48.91
N VAL H 207 0.24 -2.89 48.93
CA VAL H 207 1.58 -3.55 48.95
C VAL H 207 2.29 -3.26 47.61
N ALA H 208 1.56 -3.35 46.51
CA ALA H 208 2.12 -3.07 45.22
C ALA H 208 2.46 -1.61 45.14
N TYR H 209 1.56 -0.74 45.56
CA TYR H 209 1.79 0.71 45.52
C TYR H 209 3.06 1.11 46.30
N SER H 210 3.19 0.61 47.51
CA SER H 210 4.35 0.89 48.33
C SER H 210 5.66 0.39 47.70
N TYR H 211 5.60 -0.79 47.11
CA TYR H 211 6.77 -1.34 46.46
C TYR H 211 7.16 -0.45 45.30
N SER H 212 6.18 0.06 44.57
CA SER H 212 6.47 0.97 43.47
C SER H 212 7.00 2.30 43.91
N ILE H 213 6.25 2.99 44.80
CA ILE H 213 6.68 4.34 45.18
C ILE H 213 7.82 4.43 46.18
N CYS H 214 7.88 3.47 47.10
CA CYS H 214 8.94 3.48 48.11
C CYS H 214 10.17 2.65 47.74
N ILE H 215 10.02 1.37 47.55
CA ILE H 215 11.20 0.56 47.27
C ILE H 215 11.82 0.92 45.93
N LEU H 216 11.01 0.87 44.89
CA LEU H 216 11.59 1.10 43.54
C LEU H 216 11.91 2.52 43.24
N MSE H 217 10.92 3.37 43.28
CA MSE H 217 11.17 4.77 42.97
C MSE H 217 12.08 5.50 44.01
O MSE H 217 13.19 5.97 43.68
CB MSE H 217 9.84 5.51 42.71
CG MSE H 217 9.08 4.99 41.42
SE MSE H 217 7.47 6.00 41.22
CE MSE H 217 8.29 7.49 40.36
N GLU H 218 11.64 5.57 45.25
CA GLU H 218 12.36 6.25 46.32
C GLU H 218 13.72 5.67 46.67
N MSE H 219 13.73 4.36 46.90
CA MSE H 219 14.93 3.69 47.39
C MSE H 219 15.84 3.04 46.38
O MSE H 219 16.89 2.53 46.75
CB MSE H 219 14.49 2.66 48.43
CG MSE H 219 13.69 3.29 49.53
SE MSE H 219 13.27 1.94 50.88
CE MSE H 219 11.68 2.79 51.71
N GLN H 220 15.44 3.00 45.10
CA GLN H 220 16.29 2.42 44.05
C GLN H 220 16.39 3.27 42.79
N TRP H 221 15.58 4.31 42.70
CA TRP H 221 15.51 5.17 41.52
C TRP H 221 15.20 4.35 40.28
N ILE H 222 14.28 3.41 40.44
CA ILE H 222 13.79 2.56 39.37
C ILE H 222 12.35 3.02 39.07
N HIS H 223 12.06 3.31 37.81
CA HIS H 223 10.73 3.71 37.43
C HIS H 223 9.73 2.64 37.77
N SER H 224 8.54 2.99 38.23
CA SER H 224 7.52 1.98 38.52
C SER H 224 6.13 2.59 38.41
N HIS H 225 5.14 1.72 38.57
CA HIS H 225 3.72 2.10 38.51
C HIS H 225 3.03 0.87 39.04
N ALA H 226 2.13 1.02 40.03
CA ALA H 226 1.35 -0.11 40.58
C ALA H 226 0.04 -0.12 39.83
N ILE H 227 -0.12 -1.11 38.97
CA ILE H 227 -1.33 -1.25 38.16
C ILE H 227 -2.36 -2.03 38.92
N HIS H 228 -3.58 -1.52 39.03
CA HIS H 228 -4.64 -2.30 39.70
C HIS H 228 -4.99 -3.44 38.73
N ALA H 229 -5.02 -4.67 39.22
CA ALA H 229 -5.24 -5.84 38.36
C ALA H 229 -6.55 -5.86 37.53
N GLY H 230 -7.60 -5.23 38.01
CA GLY H 230 -8.84 -5.06 37.22
C GLY H 230 -8.64 -4.03 36.11
N GLU H 231 -8.12 -2.85 36.49
CA GLU H 231 -7.84 -1.74 35.57
C GLU H 231 -6.91 -2.13 34.41
N TYR H 232 -5.99 -3.06 34.68
CA TYR H 232 -5.00 -3.57 33.70
C TYR H 232 -5.61 -3.84 32.32
N PHE H 233 -6.78 -4.48 32.29
CA PHE H 233 -7.43 -4.84 31.01
C PHE H 233 -8.16 -3.72 30.28
N HIS H 234 -8.02 -2.50 30.80
CA HIS H 234 -8.69 -1.35 30.24
C HIS H 234 -7.70 -0.27 29.82
N GLY H 235 -6.50 -0.73 29.50
CA GLY H 235 -5.52 0.16 28.97
C GLY H 235 -4.09 -0.22 29.19
N PRO H 236 -3.67 -0.28 30.46
CA PRO H 236 -2.30 -0.57 30.79
C PRO H 236 -1.69 -1.82 30.15
N PHE H 237 -2.48 -2.89 30.02
CA PHE H 237 -1.99 -4.16 29.44
C PHE H 237 -1.38 -4.04 28.04
N GLU H 238 -1.72 -2.97 27.31
CA GLU H 238 -1.11 -2.72 25.98
C GLU H 238 0.38 -2.51 26.08
N ILE H 239 0.88 -2.12 27.25
CA ILE H 239 2.30 -1.88 27.41
C ILE H 239 3.12 -3.19 27.51
N ILE H 240 2.48 -4.31 27.83
CA ILE H 240 3.30 -5.50 28.03
C ILE H 240 3.80 -6.16 26.77
N ASP H 241 5.04 -6.62 26.86
CA ASP H 241 5.67 -7.45 25.83
C ASP H 241 6.68 -8.29 26.58
N GLU H 242 7.45 -9.11 25.89
CA GLU H 242 8.34 -9.99 26.63
C GLU H 242 9.47 -9.33 27.41
N SER H 243 9.79 -8.07 27.12
CA SER H 243 10.87 -7.37 27.79
C SER H 243 10.47 -6.49 28.98
N VAL H 244 9.16 -6.26 29.20
CA VAL H 244 8.68 -5.38 30.25
C VAL H 244 8.53 -6.15 31.58
N PRO H 245 9.36 -5.79 32.59
CA PRO H 245 9.19 -6.51 33.86
C PRO H 245 7.92 -6.14 34.65
N PHE H 246 7.28 -7.18 35.18
CA PHE H 246 6.11 -7.03 36.03
C PHE H 246 6.23 -7.88 37.27
N ILE H 247 5.99 -7.28 38.44
CA ILE H 247 5.92 -8.00 39.70
C ILE H 247 4.41 -8.15 39.94
N ILE H 248 3.90 -9.38 40.02
CA ILE H 248 2.48 -9.63 40.17
C ILE H 248 2.20 -10.31 41.48
N LEU H 249 1.30 -9.70 42.27
CA LEU H 249 0.94 -10.27 43.55
C LEU H 249 -0.44 -10.94 43.50
N LEU H 250 -0.53 -12.14 44.06
CA LEU H 250 -1.82 -12.82 44.17
C LEU H 250 -2.08 -13.08 45.65
N GLY H 251 -3.19 -12.55 46.14
CA GLY H 251 -3.52 -12.67 47.53
C GLY H 251 -4.52 -13.75 47.79
N LEU H 252 -5.16 -13.65 48.94
CA LEU H 252 -6.14 -14.65 49.36
C LEU H 252 -7.50 -14.02 49.62
N ASP H 253 -7.71 -12.79 49.16
CA ASP H 253 -8.97 -12.11 49.37
C ASP H 253 -9.92 -12.41 48.20
N GLU H 254 -11.10 -11.80 48.28
CA GLU H 254 -12.15 -12.01 47.32
C GLU H 254 -11.80 -11.54 45.91
N THR H 255 -10.81 -10.66 45.77
CA THR H 255 -10.40 -10.14 44.50
C THR H 255 -9.27 -10.92 43.82
N ARG H 256 -8.89 -12.07 44.38
CA ARG H 256 -7.85 -12.88 43.79
C ARG H 256 -8.13 -13.20 42.31
N PRO H 257 -9.40 -13.46 41.92
CA PRO H 257 -9.64 -13.73 40.50
C PRO H 257 -9.17 -12.59 39.54
N LEU H 258 -9.14 -11.34 40.02
CA LEU H 258 -8.66 -10.25 39.17
C LEU H 258 -7.18 -10.42 38.92
N GLU H 259 -6.47 -10.82 39.96
CA GLU H 259 -5.00 -11.07 39.93
C GLU H 259 -4.68 -12.24 39.05
N GLU H 260 -5.42 -13.33 39.21
CA GLU H 260 -5.26 -14.50 38.39
C GLU H 260 -5.48 -14.19 36.89
N ARG H 261 -6.50 -13.40 36.59
CA ARG H 261 -6.81 -13.04 35.23
C ARG H 261 -5.64 -12.26 34.64
N ALA H 262 -5.12 -11.30 35.41
CA ALA H 262 -3.97 -10.49 34.99
C ALA H 262 -2.72 -11.32 34.79
N LEU H 263 -2.49 -12.29 35.67
CA LEU H 263 -1.34 -13.16 35.53
C LEU H 263 -1.47 -14.01 34.24
N THR H 264 -2.65 -14.59 34.04
CA THR H 264 -2.88 -15.43 32.86
C THR H 264 -2.53 -14.71 31.57
N PHE H 265 -2.99 -13.47 31.45
CA PHE H 265 -2.69 -12.70 30.25
C PHE H 265 -1.21 -12.37 30.15
N SER H 266 -0.60 -11.99 31.29
CA SER H 266 0.80 -11.62 31.30
C SER H 266 1.73 -12.79 30.97
N LYS H 267 1.35 -14.01 31.38
CA LYS H 267 2.18 -15.18 31.04
C LYS H 267 2.22 -15.45 29.56
N LYS H 268 1.12 -15.12 28.90
CA LYS H 268 1.03 -15.33 27.45
C LYS H 268 1.74 -14.25 26.64
N TYR H 269 1.58 -12.99 27.00
CA TYR H 269 2.19 -11.92 26.20
C TYR H 269 3.43 -11.27 26.81
N GLY H 270 3.70 -11.53 28.08
CA GLY H 270 4.87 -11.02 28.73
C GLY H 270 5.79 -12.18 28.97
N LYS H 271 6.85 -11.94 29.73
CA LYS H 271 7.80 -13.01 30.03
C LYS H 271 8.60 -12.72 31.30
N LYS H 272 9.03 -11.48 31.50
CA LYS H 272 9.85 -11.11 32.66
C LYS H 272 8.92 -10.83 33.83
N LEU H 273 8.34 -11.91 34.32
CA LEU H 273 7.36 -11.84 35.39
C LEU H 273 7.93 -12.35 36.69
N THR H 274 7.67 -11.63 37.77
CA THR H 274 8.09 -12.02 39.11
C THR H 274 6.78 -12.16 39.85
N VAL H 275 6.40 -13.40 40.13
CA VAL H 275 5.12 -13.69 40.75
C VAL H 275 5.22 -14.11 42.22
N LEU H 276 4.47 -13.42 43.07
CA LEU H 276 4.42 -13.78 44.48
C LEU H 276 2.98 -14.14 44.75
N ASP H 277 2.76 -15.41 45.02
CA ASP H 277 1.45 -15.93 45.25
C ASP H 277 1.33 -16.38 46.70
N ALA H 278 0.47 -15.69 47.44
CA ALA H 278 0.22 -16.01 48.84
C ALA H 278 -0.28 -17.45 49.02
N ALA H 279 -0.97 -17.99 48.01
CA ALA H 279 -1.44 -19.36 48.08
C ALA H 279 -0.28 -20.36 48.24
N SER H 280 0.94 -19.95 47.89
CA SER H 280 2.09 -20.83 48.04
C SER H 280 2.66 -20.83 49.49
N TYR H 281 2.17 -19.95 50.38
CA TYR H 281 2.64 -19.92 51.78
C TYR H 281 1.69 -20.72 52.63
N ASP H 282 2.08 -20.97 53.88
CA ASP H 282 1.27 -21.82 54.79
C ASP H 282 0.44 -20.99 55.77
N PHE H 283 -0.86 -20.87 55.48
CA PHE H 283 -1.83 -20.15 56.30
C PHE H 283 -2.73 -21.09 57.05
N THR H 284 -2.30 -22.33 57.23
CA THR H 284 -3.18 -23.29 57.92
C THR H 284 -3.50 -22.92 59.35
N ALA H 285 -2.63 -22.15 60.01
CA ALA H 285 -2.87 -21.72 61.40
C ALA H 285 -3.72 -20.44 61.46
N ILE H 286 -4.07 -19.89 60.31
CA ILE H 286 -4.84 -18.68 60.21
C ILE H 286 -6.27 -19.01 59.85
N ASP H 287 -7.24 -18.40 60.55
CA ASP H 287 -8.65 -18.70 60.28
C ASP H 287 -9.04 -18.18 58.89
N ASP H 288 -9.87 -18.94 58.19
CA ASP H 288 -10.30 -18.55 56.84
C ASP H 288 -11.06 -17.22 56.85
N SER H 289 -11.68 -16.84 57.97
CA SER H 289 -12.40 -15.55 58.06
C SER H 289 -11.49 -14.31 57.92
N VAL H 290 -10.20 -14.47 58.15
CA VAL H 290 -9.26 -13.35 58.07
C VAL H 290 -8.03 -13.60 57.23
N LYS H 291 -7.85 -14.77 56.63
CA LYS H 291 -6.57 -14.94 55.94
C LYS H 291 -6.43 -14.03 54.70
N GLY H 292 -7.54 -13.62 54.07
CA GLY H 292 -7.49 -12.69 52.95
C GLY H 292 -7.01 -11.32 53.40
N TYR H 293 -7.34 -10.98 54.65
CA TYR H 293 -6.93 -9.71 55.20
C TYR H 293 -5.47 -9.75 55.67
N LEU H 294 -4.97 -10.92 56.04
CA LEU H 294 -3.59 -11.05 56.53
C LEU H 294 -2.52 -11.34 55.47
N ALA H 295 -2.93 -11.94 54.35
CA ALA H 295 -2.01 -12.26 53.26
C ALA H 295 -1.20 -11.07 52.74
N PRO H 296 -1.80 -9.88 52.62
CA PRO H 296 -0.99 -8.75 52.18
C PRO H 296 0.26 -8.49 53.08
N LEU H 297 0.13 -8.76 54.37
CA LEU H 297 1.22 -8.53 55.35
C LEU H 297 2.39 -9.48 55.05
N VAL H 298 2.07 -10.72 54.70
CA VAL H 298 3.10 -11.70 54.33
C VAL H 298 3.73 -11.32 52.99
N LEU H 299 2.90 -10.99 51.99
CA LEU H 299 3.44 -10.55 50.68
C LEU H 299 4.39 -9.36 50.85
N ASN H 300 3.99 -8.42 51.68
CA ASN H 300 4.80 -7.23 51.92
C ASN H 300 6.16 -7.62 52.57
N ARG H 301 6.11 -8.55 53.52
CA ARG H 301 7.33 -8.99 54.20
C ARG H 301 8.29 -9.69 53.24
N VAL H 302 7.75 -10.55 52.38
CA VAL H 302 8.57 -11.26 51.38
C VAL H 302 9.20 -10.30 50.41
N LEU H 303 8.42 -9.32 49.97
CA LEU H 303 8.92 -8.30 49.05
C LEU H 303 10.12 -7.52 49.62
N ARG H 304 10.18 -7.33 50.94
N ARG H 304 10.18 -7.33 50.94
CA ARG H 304 11.33 -6.60 51.51
CA ARG H 304 11.33 -6.63 51.52
C ARG H 304 12.61 -7.43 51.35
C ARG H 304 12.60 -7.44 51.27
N SER H 305 12.50 -8.77 51.32
CA SER H 305 13.67 -9.61 51.09
C SER H 305 14.14 -9.47 49.62
N TYR H 306 13.20 -9.23 48.71
CA TYR H 306 13.51 -9.01 47.30
C TYR H 306 14.24 -7.66 47.15
N ALA H 307 13.73 -6.64 47.86
CA ALA H 307 14.31 -5.31 47.87
C ALA H 307 15.76 -5.34 48.35
N ASP H 308 16.00 -6.04 49.46
CA ASP H 308 17.33 -6.18 50.04
C ASP H 308 18.32 -6.75 49.04
N GLU H 309 17.93 -7.82 48.37
CA GLU H 309 18.80 -8.44 47.36
C GLU H 309 19.01 -7.50 46.17
N LEU H 310 17.95 -6.83 45.73
CA LEU H 310 18.07 -5.92 44.60
C LEU H 310 19.05 -4.77 44.91
N ALA H 311 18.93 -4.20 46.11
CA ALA H 311 19.78 -3.08 46.57
C ALA H 311 21.25 -3.49 46.54
N GLU H 312 21.52 -4.68 47.05
CA GLU H 312 22.87 -5.20 47.09
C GLU H 312 23.42 -5.43 45.66
N GLU H 313 22.62 -6.09 44.85
CA GLU H 313 23.03 -6.36 43.46
C GLU H 313 23.28 -5.08 42.66
N ARG H 314 22.43 -4.08 42.82
CA ARG H 314 22.60 -2.83 42.10
C ARG H 314 23.60 -1.87 42.76
N ASN H 315 24.14 -2.25 43.93
CA ASN H 315 25.05 -1.40 44.72
C ASN H 315 24.38 -0.02 44.93
N HIS H 316 23.13 -0.05 45.41
CA HIS H 316 22.35 1.15 45.66
C HIS H 316 21.61 0.89 46.95
N PRO H 317 22.18 1.30 48.11
CA PRO H 317 21.55 1.05 49.40
C PRO H 317 20.13 1.60 49.48
N LEU H 318 19.25 0.86 50.14
CA LEU H 318 17.85 1.31 50.34
C LEU H 318 17.76 2.63 51.14
N SER H 319 18.80 2.94 51.95
CA SER H 319 18.85 4.16 52.74
C SER H 319 19.26 5.37 51.95
N HIS H 320 19.74 5.19 50.73
CA HIS H 320 20.19 6.31 49.95
C HIS H 320 19.06 7.23 49.41
N ARG H 321 19.30 8.54 49.42
CA ARG H 321 18.40 9.57 48.93
C ARG H 321 19.22 10.72 48.35
N ARG H 322 18.63 11.45 47.42
CA ARG H 322 19.26 12.64 46.87
C ARG H 322 18.45 13.87 47.28
N TYR H 323 17.18 13.70 47.66
CA TYR H 323 16.32 14.84 48.06
C TYR H 323 15.77 14.73 49.46
N MSE H 324 15.12 13.61 49.77
CA MSE H 324 14.57 13.40 51.11
C MSE H 324 15.69 13.54 52.13
O MSE H 324 16.78 12.97 51.97
CB MSE H 324 13.88 12.06 51.24
CG MSE H 324 13.11 11.88 52.54
SE MSE H 324 12.36 10.07 52.57
CE MSE H 324 11.65 10.14 50.76
N TRP H 325 15.40 14.36 53.15
CA TRP H 325 16.31 14.69 54.23
C TRP H 325 17.54 15.53 53.83
N LYS H 326 17.67 15.88 52.56
CA LYS H 326 18.86 16.60 52.11
C LYS H 326 18.59 18.02 51.61
N VAL H 327 17.44 18.24 50.95
CA VAL H 327 17.09 19.55 50.39
C VAL H 327 15.76 20.03 50.95
N GLU H 328 15.47 21.30 50.72
CA GLU H 328 14.24 21.92 51.17
C GLU H 328 13.16 21.73 50.10
N TYR H 329 11.94 21.42 50.51
CA TYR H 329 10.87 21.21 49.54
C TYR H 329 9.46 21.34 50.12
CAC FLC I . -18.77 12.41 7.47
CA FLC I . -20.17 12.02 7.89
CB FLC I . -20.30 11.15 9.16
CBC FLC I . -19.40 9.93 9.14
CG FLC I . -21.73 10.62 9.36
CGC FLC I . -22.27 9.71 8.25
OA1 FLC I . -17.82 12.05 8.22
OA2 FLC I . -18.65 13.07 6.38
OB1 FLC I . -18.88 9.57 10.24
OB2 FLC I . -19.21 9.37 8.04
OG1 FLC I . -22.14 8.46 8.29
OG2 FLC I . -22.83 10.25 7.27
OHB FLC I . -19.87 11.92 10.29
C1 GOL J . -24.59 14.72 7.07
O1 GOL J . -24.77 14.06 5.87
C2 GOL J . -23.35 14.14 7.68
O2 GOL J . -23.27 12.79 7.30
C3 GOL J . -23.42 14.38 9.18
O3 GOL J . -24.14 15.57 9.38
CAC FLC K . 8.79 11.63 54.61
CA FLC K . 9.89 11.09 55.50
CB FLC K . 9.33 10.73 56.88
CBC FLC K . 10.50 10.60 57.80
CG FLC K . 8.51 9.42 56.83
CGC FLC K . 7.94 9.01 58.18
OA1 FLC K . 8.13 10.82 53.91
OA2 FLC K . 8.60 12.87 54.63
OB1 FLC K . 10.54 11.33 58.83
OB2 FLC K . 11.37 9.74 57.51
OG1 FLC K . 8.68 9.13 59.17
OG2 FLC K . 6.77 8.57 58.25
OHB FLC K . 8.53 11.81 57.37
C1 GOL L . 11.17 -2.81 68.79
O1 GOL L . 10.89 -2.23 67.54
C2 GOL L . 11.18 -4.33 68.71
O2 GOL L . 11.75 -4.67 67.47
C3 GOL L . 11.97 -4.92 69.88
O3 GOL L . 11.42 -6.16 70.28
#